data_8DSX
#
_entry.id   8DSX
#
_entity_poly.entity_id   1
_entity_poly.type   'polypeptide(L)'
_entity_poly.pdbx_seq_one_letter_code
;HHHHHHMSNEVREDGNQFLVVRHPGKTPVIKHCTGDLEEFLRQLIEQDPLVTIDIITHRYYGVGGQWVQDAGEYLHMMSD
AGIRIKGEIETAV
;
_entity_poly.pdbx_strand_id   A,B
#
# COMPACT_ATOMS: atom_id res chain seq x y z
N ASN A 16 -3.62 11.90 3.55
CA ASN A 16 -2.54 11.95 4.52
C ASN A 16 -2.76 10.94 5.65
N GLN A 17 -4.02 10.81 6.07
CA GLN A 17 -4.37 9.89 7.16
C GLN A 17 -4.71 8.51 6.60
N PHE A 18 -4.68 8.38 5.28
CA PHE A 18 -4.93 7.09 4.64
C PHE A 18 -3.61 6.44 4.23
N LEU A 19 -2.94 5.82 5.20
CA LEU A 19 -1.66 5.17 4.95
C LEU A 19 -1.71 3.69 5.33
N VAL A 20 -1.05 2.86 4.54
CA VAL A 20 -1.08 1.42 4.76
C VAL A 20 0.29 0.90 5.19
N VAL A 21 0.32 0.19 6.31
CA VAL A 21 1.58 -0.24 6.91
C VAL A 21 1.73 -1.76 6.87
N ARG A 22 2.83 -2.22 6.29
CA ARG A 22 2.93 -3.61 5.87
C ARG A 22 3.89 -4.38 6.78
N HIS A 23 3.35 -5.31 7.56
CA HIS A 23 4.16 -6.11 8.48
C HIS A 23 4.56 -7.44 7.85
N PRO A 24 5.85 -7.79 7.97
CA PRO A 24 6.38 -9.04 7.42
C PRO A 24 5.83 -10.27 8.14
N GLY A 25 5.53 -11.31 7.37
CA GLY A 25 4.96 -12.52 7.95
C GLY A 25 3.47 -12.39 8.18
N LYS A 26 2.93 -11.18 8.00
CA LYS A 26 1.53 -10.92 8.24
C LYS A 26 0.87 -10.26 7.03
N THR A 27 -0.35 -9.79 7.21
CA THR A 27 -1.01 -8.95 6.21
C THR A 27 -1.04 -7.49 6.65
N PRO A 28 -1.01 -6.58 5.66
CA PRO A 28 -0.93 -5.13 5.93
C PRO A 28 -2.20 -4.60 6.58
N VAL A 29 -2.07 -3.51 7.32
CA VAL A 29 -3.21 -2.79 7.86
C VAL A 29 -3.15 -1.32 7.52
N ILE A 30 -4.31 -0.65 7.54
CA ILE A 30 -4.37 0.78 7.25
C ILE A 30 -4.62 1.57 8.53
N LYS A 31 -3.79 2.58 8.77
CA LYS A 31 -3.65 3.16 10.09
C LYS A 31 -3.89 4.67 10.06
N HIS A 32 -4.57 5.17 11.08
CA HIS A 32 -4.73 6.61 11.26
C HIS A 32 -3.81 7.14 12.35
N CYS A 33 -3.29 8.35 12.14
CA CYS A 33 -2.35 8.94 13.08
C CYS A 33 -3.04 9.29 14.40
N THR A 34 -2.35 9.03 15.51
CA THR A 34 -2.91 9.31 16.83
C THR A 34 -2.17 10.47 17.49
N GLY A 35 -1.40 11.21 16.70
CA GLY A 35 -0.59 12.29 17.25
C GLY A 35 0.15 13.06 16.17
N ASP A 36 1.43 13.31 16.41
CA ASP A 36 2.29 13.93 15.40
C ASP A 36 2.55 12.96 14.24
N LEU A 37 2.28 13.41 13.03
CA LEU A 37 2.29 12.53 11.86
C LEU A 37 3.68 11.98 11.62
N GLU A 38 4.69 12.84 11.69
CA GLU A 38 6.08 12.43 11.51
C GLU A 38 6.46 11.37 12.53
N GLU A 39 6.09 11.60 13.79
CA GLU A 39 6.37 10.66 14.86
C GLU A 39 5.68 9.32 14.59
N PHE A 40 4.44 9.39 14.10
CA PHE A 40 3.63 8.19 13.91
C PHE A 40 4.29 7.25 12.90
N LEU A 41 4.73 7.80 11.78
CA LEU A 41 5.41 7.02 10.76
C LEU A 41 6.75 6.49 11.30
N ARG A 42 7.48 7.36 12.00
CA ARG A 42 8.74 6.96 12.61
C ARG A 42 8.53 5.83 13.61
N GLN A 43 7.47 5.94 14.41
CA GLN A 43 7.19 4.96 15.44
C GLN A 43 6.94 3.58 14.85
N LEU A 44 6.19 3.54 13.76
CA LEU A 44 5.95 2.29 13.04
C LEU A 44 7.26 1.72 12.51
N ILE A 45 8.11 2.58 11.97
CA ILE A 45 9.40 2.16 11.44
C ILE A 45 10.32 1.68 12.55
N GLU A 46 10.35 2.43 13.65
CA GLU A 46 11.28 2.15 14.74
C GLU A 46 10.95 0.81 15.41
N GLN A 47 9.66 0.56 15.59
CA GLN A 47 9.21 -0.68 16.23
C GLN A 47 9.29 -1.84 15.25
N ASP A 48 9.08 -1.56 13.97
CA ASP A 48 9.23 -2.57 12.92
C ASP A 48 10.00 -2.00 11.74
N PRO A 49 11.34 -2.13 11.80
CA PRO A 49 12.23 -1.57 10.77
C PRO A 49 12.10 -2.28 9.44
N LEU A 50 11.36 -3.39 9.43
CA LEU A 50 11.11 -4.13 8.20
C LEU A 50 9.79 -3.69 7.56
N VAL A 51 9.08 -2.79 8.23
CA VAL A 51 7.72 -2.43 7.83
C VAL A 51 7.74 -1.44 6.67
N THR A 52 6.81 -1.63 5.74
CA THR A 52 6.65 -0.70 4.63
C THR A 52 5.37 0.12 4.77
N ILE A 53 5.48 1.44 4.60
CA ILE A 53 4.33 2.32 4.67
C ILE A 53 4.11 3.04 3.35
N ASP A 54 2.90 2.94 2.81
CA ASP A 54 2.49 3.75 1.68
C ASP A 54 1.40 4.74 2.10
N ILE A 55 1.58 6.01 1.76
CA ILE A 55 0.63 7.05 2.14
C ILE A 55 -0.21 7.47 0.93
N ILE A 56 -1.52 7.34 1.07
CA ILE A 56 -2.42 7.42 -0.08
C ILE A 56 -3.29 8.67 -0.02
N THR A 57 -3.36 9.39 -1.13
CA THR A 57 -4.21 10.58 -1.21
C THR A 57 -5.00 10.58 -2.52
N HIS A 58 -5.66 11.71 -2.79
CA HIS A 58 -6.49 11.83 -3.98
C HIS A 58 -6.13 13.08 -4.79
N ARG A 59 -6.26 13.00 -6.10
CA ARG A 59 -5.92 14.11 -6.98
C ARG A 59 -6.95 14.27 -8.08
N TYR A 60 -6.91 15.41 -8.77
CA TYR A 60 -7.77 15.65 -9.91
C TYR A 60 -7.49 14.64 -11.02
N TYR A 61 -6.22 14.31 -11.21
CA TYR A 61 -5.81 13.36 -12.24
C TYR A 61 -5.03 12.20 -11.64
N GLY A 62 -3.88 12.51 -11.04
CA GLY A 62 -3.10 11.51 -10.35
C GLY A 62 -2.94 10.23 -11.17
N VAL A 63 -3.16 9.10 -10.53
CA VAL A 63 -3.19 7.82 -11.24
C VAL A 63 -4.55 7.14 -11.10
N GLY A 64 -5.47 7.49 -12.00
CA GLY A 64 -6.84 7.04 -11.85
C GLY A 64 -7.61 7.87 -10.85
N GLY A 65 -7.20 9.12 -10.66
CA GLY A 65 -7.87 9.99 -9.71
C GLY A 65 -7.32 9.84 -8.30
N GLN A 66 -6.27 9.04 -8.16
CA GLN A 66 -5.69 8.78 -6.85
C GLN A 66 -4.17 8.68 -6.94
N TRP A 67 -3.50 8.97 -5.84
CA TRP A 67 -2.04 8.97 -5.81
C TRP A 67 -1.52 8.44 -4.47
N VAL A 68 -0.31 7.88 -4.49
CA VAL A 68 0.31 7.36 -3.28
C VAL A 68 1.79 7.72 -3.21
N GLN A 69 2.26 7.98 -2.00
CA GLN A 69 3.64 8.40 -1.80
C GLN A 69 4.37 7.49 -0.81
N ASP A 70 5.61 7.13 -1.14
CA ASP A 70 6.45 6.38 -0.21
C ASP A 70 6.69 7.18 1.07
N ALA A 71 6.39 6.56 2.21
CA ALA A 71 6.47 7.24 3.49
C ALA A 71 7.88 7.77 3.75
N GLY A 72 8.87 7.07 3.22
CA GLY A 72 10.26 7.50 3.36
C GLY A 72 10.51 8.83 2.66
N GLU A 73 9.98 8.98 1.46
CA GLU A 73 9.99 10.26 0.77
C GLU A 73 9.11 11.28 1.50
N TYR A 74 7.99 10.81 2.02
CA TYR A 74 7.04 11.69 2.69
C TYR A 74 7.66 12.30 3.94
N LEU A 75 8.28 11.47 4.76
CA LEU A 75 8.86 11.91 6.03
C LEU A 75 9.97 12.93 5.78
N HIS A 76 10.76 12.71 4.74
CA HIS A 76 11.85 13.62 4.40
C HIS A 76 11.31 14.86 3.70
N MET A 77 10.27 14.68 2.90
CA MET A 77 9.66 15.80 2.18
C MET A 77 9.32 16.94 3.13
N MET A 78 8.90 16.59 4.34
CA MET A 78 8.40 17.57 5.29
C MET A 78 9.54 18.22 6.06
N SER A 79 10.77 17.78 5.77
CA SER A 79 11.94 18.27 6.50
C SER A 79 12.87 19.06 5.58
N ASP A 80 13.24 18.44 4.45
CA ASP A 80 14.30 18.97 3.61
C ASP A 80 13.87 18.95 2.15
N ASN B 16 -11.14 -4.45 -4.85
CA ASN B 16 -10.41 -5.41 -5.67
C ASN B 16 -9.58 -4.70 -6.73
N GLN B 17 -10.15 -3.66 -7.32
CA GLN B 17 -9.47 -2.91 -8.37
C GLN B 17 -8.63 -1.77 -7.78
N PHE B 18 -8.70 -1.63 -6.47
CA PHE B 18 -7.90 -0.62 -5.77
C PHE B 18 -6.67 -1.25 -5.14
N LEU B 19 -5.65 -1.49 -5.95
CA LEU B 19 -4.42 -2.10 -5.49
C LEU B 19 -3.22 -1.22 -5.77
N VAL B 20 -2.27 -1.19 -4.84
CA VAL B 20 -1.10 -0.32 -4.96
C VAL B 20 0.17 -1.14 -5.15
N VAL B 21 0.92 -0.82 -6.21
CA VAL B 21 2.08 -1.60 -6.59
C VAL B 21 3.37 -0.82 -6.42
N ARG B 22 4.30 -1.38 -5.66
CA ARG B 22 5.42 -0.60 -5.14
C ARG B 22 6.72 -0.98 -5.85
N HIS B 23 7.27 -0.05 -6.62
CA HIS B 23 8.50 -0.28 -7.36
C HIS B 23 9.70 0.24 -6.58
N PRO B 24 10.76 -0.59 -6.51
CA PRO B 24 11.99 -0.23 -5.81
C PRO B 24 12.75 0.89 -6.51
N GLY B 25 13.30 1.80 -5.72
CA GLY B 25 14.01 2.94 -6.27
C GLY B 25 13.07 4.04 -6.73
N LYS B 26 11.77 3.76 -6.71
CA LYS B 26 10.78 4.71 -7.16
C LYS B 26 9.69 4.92 -6.11
N THR B 27 8.63 5.61 -6.48
CA THR B 27 7.44 5.71 -5.64
C THR B 27 6.31 4.83 -6.18
N PRO B 28 5.46 4.33 -5.27
CA PRO B 28 4.39 3.39 -5.62
C PRO B 28 3.30 4.04 -6.48
N VAL B 29 2.62 3.23 -7.29
CA VAL B 29 1.46 3.69 -8.01
C VAL B 29 0.25 2.78 -7.77
N ILE B 30 -0.94 3.30 -8.00
CA ILE B 30 -2.16 2.53 -7.83
C ILE B 30 -2.77 2.17 -9.17
N LYS B 31 -3.05 0.87 -9.36
CA LYS B 31 -3.25 0.32 -10.70
C LYS B 31 -4.60 -0.38 -10.81
N HIS B 32 -5.26 -0.21 -11.95
CA HIS B 32 -6.48 -0.95 -12.24
C HIS B 32 -6.21 -2.08 -13.23
N CYS B 33 -6.90 -3.21 -13.04
CA CYS B 33 -6.70 -4.37 -13.88
C CYS B 33 -7.19 -4.12 -15.30
N THR B 34 -6.43 -4.59 -16.28
CA THR B 34 -6.80 -4.42 -17.69
C THR B 34 -7.20 -5.74 -18.32
N GLY B 35 -7.45 -6.75 -17.48
CA GLY B 35 -7.77 -8.06 -17.98
C GLY B 35 -8.10 -9.04 -16.87
N ASP B 36 -7.52 -10.24 -16.95
CA ASP B 36 -7.65 -11.22 -15.88
C ASP B 36 -6.88 -10.77 -14.63
N LEU B 37 -7.58 -10.73 -13.50
CA LEU B 37 -7.03 -10.14 -12.29
C LEU B 37 -5.80 -10.91 -11.81
N GLU B 38 -5.90 -12.23 -11.80
CA GLU B 38 -4.78 -13.08 -11.40
C GLU B 38 -3.57 -12.83 -12.29
N GLU B 39 -3.80 -12.75 -13.59
CA GLU B 39 -2.73 -12.49 -14.54
C GLU B 39 -2.10 -11.12 -14.28
N PHE B 40 -2.95 -10.14 -13.98
CA PHE B 40 -2.49 -8.76 -13.81
C PHE B 40 -1.49 -8.66 -12.66
N LEU B 41 -1.84 -9.26 -11.52
CA LEU B 41 -0.95 -9.28 -10.37
C LEU B 41 0.32 -10.06 -10.68
N ARG B 42 0.16 -11.21 -11.34
CA ARG B 42 1.30 -12.04 -11.73
C ARG B 42 2.22 -11.26 -12.68
N GLN B 43 1.62 -10.52 -13.60
CA GLN B 43 2.39 -9.79 -14.60
C GLN B 43 3.26 -8.73 -13.96
N LEU B 44 2.70 -8.03 -12.98
CA LEU B 44 3.47 -7.04 -12.21
C LEU B 44 4.62 -7.71 -11.47
N ILE B 45 4.33 -8.87 -10.87
CA ILE B 45 5.35 -9.61 -10.13
C ILE B 45 6.43 -10.14 -11.08
N GLU B 46 6.01 -10.69 -12.22
CA GLU B 46 6.92 -11.34 -13.14
C GLU B 46 7.90 -10.33 -13.75
N GLN B 47 7.37 -9.16 -14.09
CA GLN B 47 8.19 -8.11 -14.70
C GLN B 47 9.03 -7.40 -13.64
N ASP B 48 8.50 -7.31 -12.43
CA ASP B 48 9.24 -6.76 -11.30
C ASP B 48 9.08 -7.64 -10.07
N PRO B 49 9.97 -8.63 -9.92
CA PRO B 49 9.90 -9.60 -8.82
C PRO B 49 10.21 -8.98 -7.47
N LEU B 50 10.66 -7.73 -7.49
CA LEU B 50 10.93 -6.99 -6.26
C LEU B 50 9.72 -6.16 -5.84
N VAL B 51 8.68 -6.18 -6.66
CA VAL B 51 7.55 -5.29 -6.48
C VAL B 51 6.59 -5.80 -5.41
N THR B 52 6.07 -4.88 -4.61
CA THR B 52 5.08 -5.23 -3.59
C THR B 52 3.70 -4.70 -3.97
N ILE B 53 2.70 -5.56 -3.88
CA ILE B 53 1.33 -5.18 -4.17
C ILE B 53 0.43 -5.34 -2.95
N ASP B 54 -0.25 -4.26 -2.58
CA ASP B 54 -1.32 -4.35 -1.58
C ASP B 54 -2.68 -4.09 -2.21
N ILE B 55 -3.63 -4.98 -1.94
CA ILE B 55 -4.96 -4.86 -2.51
C ILE B 55 -5.97 -4.36 -1.48
N ILE B 56 -6.61 -3.23 -1.78
CA ILE B 56 -7.35 -2.48 -0.78
C ILE B 56 -8.86 -2.53 -1.05
N THR B 57 -9.63 -2.83 -0.02
CA THR B 57 -11.09 -2.86 -0.13
C THR B 57 -11.74 -2.14 1.05
N HIS B 58 -13.06 -2.27 1.15
CA HIS B 58 -13.81 -1.58 2.20
C HIS B 58 -14.70 -2.56 2.95
N ARG B 59 -14.90 -2.30 4.24
CA ARG B 59 -15.71 -3.19 5.07
C ARG B 59 -16.60 -2.38 6.01
N TYR B 60 -17.58 -3.05 6.61
CA TYR B 60 -18.43 -2.42 7.61
C TYR B 60 -17.61 -1.97 8.81
N TYR B 61 -16.64 -2.78 9.20
CA TYR B 61 -15.78 -2.46 10.33
C TYR B 61 -14.31 -2.44 9.93
N GLY B 62 -13.82 -3.58 9.48
CA GLY B 62 -12.45 -3.66 8.98
C GLY B 62 -11.46 -2.97 9.89
N VAL B 63 -10.59 -2.14 9.32
CA VAL B 63 -9.68 -1.32 10.11
C VAL B 63 -9.91 0.15 9.83
N GLY B 64 -10.85 0.75 10.56
CA GLY B 64 -11.28 2.11 10.26
C GLY B 64 -12.26 2.17 9.10
N GLY B 65 -12.98 1.07 8.88
CA GLY B 65 -13.93 1.02 7.80
C GLY B 65 -13.30 0.58 6.49
N GLN B 66 -12.04 0.20 6.54
CA GLN B 66 -11.30 -0.20 5.35
C GLN B 66 -10.34 -1.35 5.66
N TRP B 67 -10.02 -2.14 4.65
CA TRP B 67 -9.17 -3.31 4.83
C TRP B 67 -8.27 -3.51 3.62
N VAL B 68 -7.11 -4.14 3.84
CA VAL B 68 -6.16 -4.40 2.76
C VAL B 68 -5.57 -5.80 2.88
N GLN B 69 -5.33 -6.43 1.73
CA GLN B 69 -4.84 -7.80 1.69
C GLN B 69 -3.55 -7.90 0.89
N ASP B 70 -2.59 -8.65 1.40
CA ASP B 70 -1.37 -8.95 0.66
C ASP B 70 -1.68 -9.71 -0.62
N ALA B 71 -1.20 -9.18 -1.75
CA ALA B 71 -1.53 -9.75 -3.06
C ALA B 71 -1.08 -11.20 -3.16
N GLY B 72 -0.02 -11.53 -2.44
CA GLY B 72 0.46 -12.91 -2.41
C GLY B 72 -0.54 -13.86 -1.79
N GLU B 73 -1.14 -13.44 -0.68
CA GLU B 73 -2.26 -14.16 -0.10
C GLU B 73 -3.48 -14.12 -1.01
N TYR B 74 -3.70 -12.97 -1.64
CA TYR B 74 -4.85 -12.78 -2.50
C TYR B 74 -4.81 -13.74 -3.70
N LEU B 75 -3.66 -13.80 -4.35
CA LEU B 75 -3.51 -14.61 -5.55
C LEU B 75 -3.72 -16.09 -5.23
N HIS B 76 -3.21 -16.52 -4.08
CA HIS B 76 -3.36 -17.91 -3.66
C HIS B 76 -4.77 -18.17 -3.13
N MET B 77 -5.34 -17.17 -2.47
CA MET B 77 -6.68 -17.29 -1.92
C MET B 77 -7.67 -17.76 -2.98
N MET B 78 -7.45 -17.32 -4.21
CA MET B 78 -8.40 -17.57 -5.29
C MET B 78 -8.14 -18.92 -5.94
N SER B 79 -7.13 -19.63 -5.46
CA SER B 79 -6.74 -20.90 -6.04
C SER B 79 -6.95 -22.04 -5.05
N ASP B 80 -6.39 -21.90 -3.85
CA ASP B 80 -6.32 -23.00 -2.91
C ASP B 80 -6.74 -22.55 -1.51
N ASN A 16 -9.45 12.12 3.03
CA ASN A 16 -9.03 11.66 4.35
C ASN A 16 -7.67 10.98 4.28
N GLN A 17 -6.93 11.05 5.38
CA GLN A 17 -5.62 10.43 5.46
C GLN A 17 -5.72 8.90 5.29
N PHE A 18 -4.80 8.33 4.51
CA PHE A 18 -4.83 6.90 4.22
C PHE A 18 -3.43 6.32 4.23
N LEU A 19 -3.14 5.51 5.23
CA LEU A 19 -1.82 4.91 5.38
C LEU A 19 -1.90 3.39 5.28
N VAL A 20 -0.90 2.79 4.63
CA VAL A 20 -0.79 1.33 4.57
C VAL A 20 0.44 0.84 5.31
N VAL A 21 0.22 -0.02 6.30
CA VAL A 21 1.28 -0.43 7.22
C VAL A 21 1.59 -1.92 7.08
N ARG A 22 2.86 -2.23 6.86
CA ARG A 22 3.26 -3.61 6.61
C ARG A 22 3.92 -4.21 7.85
N HIS A 23 3.25 -5.19 8.45
CA HIS A 23 3.71 -5.77 9.71
C HIS A 23 4.54 -7.02 9.47
N PRO A 24 5.69 -7.13 10.16
CA PRO A 24 6.66 -8.20 9.93
C PRO A 24 6.23 -9.52 10.56
N GLY A 25 5.35 -10.23 9.87
CA GLY A 25 4.90 -11.53 10.35
C GLY A 25 3.39 -11.68 10.27
N LYS A 26 2.70 -10.60 9.92
CA LYS A 26 1.25 -10.63 9.77
C LYS A 26 0.84 -10.19 8.37
N THR A 27 -0.41 -9.75 8.24
CA THR A 27 -0.85 -9.06 7.03
C THR A 27 -0.93 -7.56 7.26
N PRO A 28 -0.70 -6.79 6.18
CA PRO A 28 -0.63 -5.33 6.25
C PRO A 28 -1.98 -4.70 6.59
N VAL A 29 -1.94 -3.55 7.25
CA VAL A 29 -3.14 -2.93 7.79
C VAL A 29 -3.29 -1.49 7.32
N ILE A 30 -4.51 -0.97 7.39
CA ILE A 30 -4.78 0.39 6.97
C ILE A 30 -4.99 1.31 8.17
N LYS A 31 -4.24 2.41 8.20
CA LYS A 31 -4.13 3.24 9.40
C LYS A 31 -4.36 4.71 9.08
N HIS A 32 -4.97 5.42 10.02
CA HIS A 32 -4.91 6.88 10.02
C HIS A 32 -4.50 7.40 11.39
N CYS A 33 -3.75 8.51 11.39
CA CYS A 33 -3.38 9.18 12.64
C CYS A 33 -4.46 10.18 13.06
N THR A 34 -4.38 10.63 14.30
CA THR A 34 -5.29 11.67 14.79
C THR A 34 -4.54 12.96 15.09
N GLY A 35 -3.22 12.87 15.14
CA GLY A 35 -2.40 14.04 15.44
C GLY A 35 -1.48 14.40 14.29
N ASP A 36 -0.23 14.72 14.62
CA ASP A 36 0.78 15.01 13.60
C ASP A 36 1.27 13.72 12.94
N LEU A 37 1.17 13.65 11.62
CA LEU A 37 1.52 12.45 10.88
C LEU A 37 2.98 12.08 11.11
N GLU A 38 3.83 13.09 11.18
CA GLU A 38 5.27 12.86 11.36
C GLU A 38 5.54 12.04 12.62
N GLU A 39 4.86 12.39 13.70
CA GLU A 39 4.95 11.62 14.94
C GLU A 39 4.43 10.20 14.74
N PHE A 40 3.33 10.08 14.00
CA PHE A 40 2.71 8.79 13.75
C PHE A 40 3.66 7.86 13.00
N LEU A 41 4.24 8.37 11.93
CA LEU A 41 5.17 7.59 11.12
C LEU A 41 6.41 7.22 11.91
N ARG A 42 6.95 8.18 12.64
CA ARG A 42 8.12 7.95 13.48
C ARG A 42 7.83 6.88 14.53
N GLN A 43 6.66 6.95 15.13
CA GLN A 43 6.29 6.03 16.20
C GLN A 43 6.22 4.60 15.69
N LEU A 44 5.63 4.41 14.52
CA LEU A 44 5.58 3.11 13.88
C LEU A 44 6.98 2.59 13.56
N ILE A 45 7.83 3.48 13.06
CA ILE A 45 9.19 3.11 12.71
C ILE A 45 10.01 2.78 13.94
N GLU A 46 9.87 3.59 14.99
CA GLU A 46 10.67 3.43 16.20
C GLU A 46 10.31 2.14 16.91
N GLN A 47 9.01 1.84 16.98
CA GLN A 47 8.54 0.63 17.64
C GLN A 47 8.71 -0.59 16.75
N ASP A 48 8.57 -0.38 15.44
CA ASP A 48 8.74 -1.47 14.48
C ASP A 48 9.56 -1.00 13.28
N PRO A 49 10.89 -1.09 13.42
CA PRO A 49 11.82 -0.65 12.37
C PRO A 49 11.75 -1.52 11.13
N LEU A 50 11.02 -2.63 11.22
CA LEU A 50 10.85 -3.54 10.09
C LEU A 50 9.59 -3.20 9.32
N VAL A 51 8.84 -2.22 9.80
CA VAL A 51 7.54 -1.87 9.22
C VAL A 51 7.71 -1.03 7.97
N THR A 52 6.88 -1.29 6.96
CA THR A 52 6.81 -0.44 5.79
C THR A 52 5.50 0.35 5.77
N ILE A 53 5.62 1.66 5.54
CA ILE A 53 4.44 2.52 5.50
C ILE A 53 4.30 3.18 4.13
N ASP A 54 3.12 3.03 3.53
CA ASP A 54 2.78 3.75 2.31
C ASP A 54 1.76 4.85 2.60
N ILE A 55 2.06 6.06 2.11
CA ILE A 55 1.14 7.18 2.29
C ILE A 55 0.38 7.47 0.99
N ILE A 56 -0.95 7.34 1.06
CA ILE A 56 -1.77 7.32 -0.14
C ILE A 56 -2.67 8.53 -0.22
N THR A 57 -2.63 9.22 -1.36
CA THR A 57 -3.46 10.40 -1.57
C THR A 57 -3.89 10.52 -3.03
N HIS A 58 -5.03 11.16 -3.25
CA HIS A 58 -5.47 11.50 -4.60
C HIS A 58 -4.53 12.51 -5.26
N ARG A 59 -4.28 12.34 -6.54
CA ARG A 59 -3.37 13.23 -7.27
C ARG A 59 -3.85 13.42 -8.72
N TYR A 60 -3.97 14.67 -9.13
CA TYR A 60 -4.38 14.99 -10.49
C TYR A 60 -3.21 14.82 -11.47
N TYR A 61 -2.87 13.57 -11.75
CA TYR A 61 -1.67 13.27 -12.53
C TYR A 61 -1.81 11.94 -13.25
N GLY A 62 -1.18 11.84 -14.41
CA GLY A 62 -1.27 10.62 -15.20
C GLY A 62 -0.54 9.45 -14.56
N VAL A 63 -1.08 8.96 -13.45
CA VAL A 63 -0.53 7.79 -12.78
C VAL A 63 -1.62 6.81 -12.40
N GLY A 64 -2.84 7.09 -12.85
CA GLY A 64 -4.00 6.32 -12.41
C GLY A 64 -5.01 7.17 -11.65
N GLY A 65 -4.67 8.43 -11.44
CA GLY A 65 -5.57 9.33 -10.73
C GLY A 65 -5.23 9.45 -9.26
N GLN A 66 -4.43 8.54 -8.76
CA GLN A 66 -4.00 8.57 -7.36
C GLN A 66 -2.53 8.16 -7.24
N TRP A 67 -1.87 8.67 -6.20
CA TRP A 67 -0.44 8.46 -6.03
C TRP A 67 -0.10 8.10 -4.59
N VAL A 68 0.99 7.39 -4.39
CA VAL A 68 1.40 6.95 -3.07
C VAL A 68 2.91 7.08 -2.88
N GLN A 69 3.32 7.45 -1.68
CA GLN A 69 4.73 7.66 -1.38
C GLN A 69 5.16 6.84 -0.16
N ASP A 70 6.33 6.21 -0.25
CA ASP A 70 6.94 5.57 0.91
C ASP A 70 7.24 6.59 1.99
N ALA A 71 6.89 6.26 3.24
CA ALA A 71 6.99 7.20 4.35
C ALA A 71 8.42 7.68 4.53
N GLY A 72 9.37 6.83 4.14
CA GLY A 72 10.78 7.17 4.32
C GLY A 72 11.18 8.41 3.54
N GLU A 73 10.72 8.50 2.30
CA GLU A 73 10.87 9.72 1.52
C GLU A 73 10.05 10.86 2.12
N TYR A 74 8.84 10.54 2.58
CA TYR A 74 7.89 11.56 3.02
C TYR A 74 8.41 12.28 4.26
N LEU A 75 8.79 11.51 5.27
CA LEU A 75 9.24 12.08 6.54
C LEU A 75 10.51 12.91 6.34
N HIS A 76 11.40 12.43 5.48
CA HIS A 76 12.69 13.07 5.28
C HIS A 76 12.52 14.47 4.69
N MET A 77 11.56 14.61 3.80
CA MET A 77 11.29 15.89 3.15
C MET A 77 10.95 16.96 4.18
N MET A 78 10.50 16.52 5.35
CA MET A 78 10.03 17.44 6.38
C MET A 78 11.00 17.50 7.55
N SER A 79 12.06 16.68 7.48
CA SER A 79 12.95 16.49 8.61
C SER A 79 14.36 16.98 8.29
N ASP A 80 14.77 16.78 7.04
CA ASP A 80 16.14 17.08 6.62
C ASP A 80 16.22 18.48 6.03
N ASN B 16 -14.79 0.12 -5.16
CA ASN B 16 -13.99 -0.03 -6.37
C ASN B 16 -12.66 -0.72 -6.07
N GLN B 17 -12.14 -1.42 -7.06
CA GLN B 17 -10.86 -2.11 -6.90
C GLN B 17 -9.73 -1.11 -6.65
N PHE B 18 -8.85 -1.45 -5.71
CA PHE B 18 -7.76 -0.56 -5.32
C PHE B 18 -6.47 -1.33 -5.10
N LEU B 19 -5.50 -1.13 -5.99
CA LEU B 19 -4.24 -1.85 -5.91
C LEU B 19 -3.08 -0.87 -5.71
N VAL B 20 -2.11 -1.27 -4.90
CA VAL B 20 -0.89 -0.49 -4.72
C VAL B 20 0.33 -1.23 -5.25
N VAL B 21 1.03 -0.61 -6.19
CA VAL B 21 2.10 -1.28 -6.92
C VAL B 21 3.45 -0.63 -6.64
N ARG B 22 4.41 -1.43 -6.22
CA ARG B 22 5.71 -0.92 -5.82
C ARG B 22 6.76 -1.17 -6.91
N HIS B 23 7.23 -0.09 -7.53
CA HIS B 23 8.13 -0.21 -8.67
C HIS B 23 9.59 -0.11 -8.22
N PRO B 24 10.43 -1.01 -8.74
CA PRO B 24 11.83 -1.14 -8.31
C PRO B 24 12.72 -0.05 -8.89
N GLY B 25 12.68 1.13 -8.28
CA GLY B 25 13.52 2.23 -8.73
C GLY B 25 12.75 3.53 -8.85
N LYS B 26 11.44 3.46 -8.67
CA LYS B 26 10.60 4.65 -8.73
C LYS B 26 9.81 4.82 -7.44
N THR B 27 8.71 5.57 -7.50
CA THR B 27 7.73 5.60 -6.43
C THR B 27 6.51 4.74 -6.76
N PRO B 28 5.89 4.17 -5.72
CA PRO B 28 4.76 3.23 -5.88
C PRO B 28 3.53 3.92 -6.45
N VAL B 29 2.72 3.15 -7.18
CA VAL B 29 1.60 3.71 -7.93
C VAL B 29 0.29 3.00 -7.59
N ILE B 30 -0.83 3.66 -7.85
CA ILE B 30 -2.13 3.09 -7.57
C ILE B 30 -2.81 2.63 -8.86
N LYS B 31 -3.26 1.37 -8.86
CA LYS B 31 -3.68 0.72 -10.09
C LYS B 31 -5.04 0.04 -9.91
N HIS B 32 -5.84 0.03 -10.98
CA HIS B 32 -6.97 -0.88 -11.07
C HIS B 32 -6.97 -1.62 -12.40
N CYS B 33 -7.40 -2.88 -12.38
CA CYS B 33 -7.55 -3.65 -13.60
C CYS B 33 -8.92 -3.42 -14.23
N THR B 34 -9.07 -3.84 -15.48
CA THR B 34 -10.36 -3.76 -16.17
C THR B 34 -10.91 -5.16 -16.45
N GLY B 35 -10.06 -6.17 -16.31
CA GLY B 35 -10.48 -7.53 -16.57
C GLY B 35 -10.39 -8.41 -15.33
N ASP B 36 -9.87 -9.62 -15.50
CA ASP B 36 -9.65 -10.53 -14.38
C ASP B 36 -8.43 -10.11 -13.58
N LEU B 37 -8.62 -9.89 -12.27
CA LEU B 37 -7.56 -9.40 -11.41
C LEU B 37 -6.37 -10.37 -11.41
N GLU B 38 -6.67 -11.66 -11.44
CA GLU B 38 -5.63 -12.68 -11.40
C GLU B 38 -4.63 -12.50 -12.53
N GLU B 39 -5.16 -12.25 -13.73
CA GLU B 39 -4.31 -11.95 -14.88
C GLU B 39 -3.51 -10.67 -14.65
N PHE B 40 -4.16 -9.67 -14.07
CA PHE B 40 -3.53 -8.37 -13.83
C PHE B 40 -2.33 -8.53 -12.89
N LEU B 41 -2.55 -9.23 -11.78
CA LEU B 41 -1.49 -9.43 -10.79
C LEU B 41 -0.36 -10.27 -11.38
N ARG B 42 -0.72 -11.33 -12.09
CA ARG B 42 0.27 -12.18 -12.74
C ARG B 42 1.10 -11.39 -13.75
N GLN B 43 0.44 -10.53 -14.51
CA GLN B 43 1.11 -9.76 -15.55
C GLN B 43 2.15 -8.83 -14.95
N LEU B 44 1.79 -8.16 -13.86
CA LEU B 44 2.71 -7.29 -13.14
C LEU B 44 3.90 -8.08 -12.61
N ILE B 45 3.61 -9.25 -12.05
CA ILE B 45 4.65 -10.11 -11.48
C ILE B 45 5.57 -10.64 -12.58
N GLU B 46 4.98 -11.09 -13.67
CA GLU B 46 5.74 -11.72 -14.75
C GLU B 46 6.67 -10.70 -15.42
N GLN B 47 6.16 -9.50 -15.65
CA GLN B 47 6.94 -8.44 -16.29
C GLN B 47 7.89 -7.79 -15.29
N ASP B 48 7.47 -7.72 -14.04
CA ASP B 48 8.29 -7.14 -12.99
C ASP B 48 8.23 -7.98 -11.73
N PRO B 49 9.10 -9.01 -11.65
CA PRO B 49 9.15 -9.94 -10.53
C PRO B 49 9.63 -9.27 -9.24
N LEU B 50 10.11 -8.04 -9.36
CA LEU B 50 10.57 -7.29 -8.21
C LEU B 50 9.46 -6.41 -7.64
N VAL B 51 8.30 -6.43 -8.30
CA VAL B 51 7.19 -5.56 -7.92
C VAL B 51 6.43 -6.12 -6.73
N THR B 52 6.03 -5.22 -5.83
CA THR B 52 5.13 -5.59 -4.74
C THR B 52 3.74 -5.02 -4.96
N ILE B 53 2.73 -5.88 -4.81
CA ILE B 53 1.34 -5.45 -4.99
C ILE B 53 0.55 -5.61 -3.70
N ASP B 54 -0.11 -4.55 -3.26
CA ASP B 54 -1.05 -4.63 -2.16
C ASP B 54 -2.49 -4.48 -2.66
N ILE B 55 -3.36 -5.40 -2.22
CA ILE B 55 -4.77 -5.36 -2.61
C ILE B 55 -5.61 -4.83 -1.46
N ILE B 56 -6.27 -3.70 -1.70
CA ILE B 56 -6.91 -2.94 -0.61
C ILE B 56 -8.41 -2.93 -0.75
N THR B 57 -9.10 -3.30 0.33
CA THR B 57 -10.56 -3.33 0.33
C THR B 57 -11.11 -2.95 1.71
N HIS B 58 -12.33 -2.40 1.73
CA HIS B 58 -13.03 -2.16 2.98
C HIS B 58 -13.38 -3.47 3.67
N ARG B 59 -13.28 -3.48 5.00
CA ARG B 59 -13.56 -4.67 5.78
C ARG B 59 -14.19 -4.31 7.12
N TYR B 60 -15.32 -4.93 7.43
CA TYR B 60 -16.01 -4.69 8.70
C TYR B 60 -15.33 -5.46 9.83
N TYR B 61 -14.17 -4.98 10.25
CA TYR B 61 -13.34 -5.69 11.21
C TYR B 61 -12.45 -4.73 12.00
N GLY B 62 -12.16 -5.10 13.24
CA GLY B 62 -11.35 -4.24 14.09
C GLY B 62 -9.90 -4.18 13.64
N VAL B 63 -9.67 -3.54 12.50
CA VAL B 63 -8.32 -3.32 12.01
C VAL B 63 -8.12 -1.88 11.54
N GLY B 64 -9.12 -1.05 11.79
CA GLY B 64 -9.12 0.30 11.25
C GLY B 64 -10.28 0.55 10.31
N GLY B 65 -11.06 -0.49 10.04
CA GLY B 65 -12.21 -0.35 9.16
C GLY B 65 -11.91 -0.81 7.76
N GLN B 66 -10.63 -0.93 7.42
CA GLN B 66 -10.22 -1.40 6.12
C GLN B 66 -9.01 -2.33 6.22
N TRP B 67 -8.89 -3.24 5.26
CA TRP B 67 -7.86 -4.27 5.30
C TRP B 67 -7.18 -4.43 3.95
N VAL B 68 -5.93 -4.89 3.96
CA VAL B 68 -5.17 -5.04 2.74
C VAL B 68 -4.36 -6.35 2.75
N GLN B 69 -4.25 -6.98 1.59
CA GLN B 69 -3.56 -8.25 1.49
C GLN B 69 -2.49 -8.20 0.39
N ASP B 70 -1.31 -8.74 0.69
CA ASP B 70 -0.28 -8.94 -0.32
C ASP B 70 -0.76 -9.86 -1.43
N ALA B 71 -0.53 -9.46 -2.68
CA ALA B 71 -1.07 -10.19 -3.82
C ALA B 71 -0.58 -11.63 -3.84
N GLY B 72 0.59 -11.86 -3.26
CA GLY B 72 1.16 -13.20 -3.27
C GLY B 72 0.31 -14.20 -2.53
N GLU B 73 -0.22 -13.79 -1.38
CA GLU B 73 -1.22 -14.60 -0.67
C GLU B 73 -2.53 -14.66 -1.46
N TYR B 74 -2.90 -13.54 -2.06
CA TYR B 74 -4.20 -13.42 -2.70
C TYR B 74 -4.32 -14.35 -3.90
N LEU B 75 -3.33 -14.27 -4.79
CA LEU B 75 -3.35 -15.05 -6.02
C LEU B 75 -3.31 -16.55 -5.71
N HIS B 76 -2.52 -16.91 -4.70
CA HIS B 76 -2.31 -18.31 -4.37
C HIS B 76 -3.60 -18.97 -3.91
N MET B 77 -4.41 -18.21 -3.16
CA MET B 77 -5.68 -18.73 -2.65
C MET B 77 -6.59 -19.16 -3.79
N MET B 78 -6.33 -18.62 -4.98
CA MET B 78 -7.20 -18.86 -6.13
C MET B 78 -6.51 -19.77 -7.15
N SER B 79 -5.26 -20.12 -6.87
CA SER B 79 -4.42 -20.80 -7.86
C SER B 79 -4.03 -22.19 -7.37
N ASP B 80 -3.81 -22.31 -6.07
CA ASP B 80 -3.31 -23.56 -5.49
C ASP B 80 -4.46 -24.43 -4.99
N ASN A 16 -3.47 11.05 3.47
CA ASN A 16 -4.67 11.86 3.59
C ASN A 16 -5.89 10.98 3.82
N GLN A 17 -6.06 9.97 2.99
CA GLN A 17 -7.15 9.01 3.15
C GLN A 17 -6.77 7.94 4.17
N PHE A 18 -5.62 7.32 3.98
CA PHE A 18 -5.08 6.38 4.95
C PHE A 18 -3.63 6.04 4.63
N LEU A 19 -3.01 5.24 5.50
CA LEU A 19 -1.70 4.68 5.22
C LEU A 19 -1.70 3.17 5.40
N VAL A 20 -0.95 2.47 4.55
CA VAL A 20 -0.87 1.02 4.62
C VAL A 20 0.52 0.57 5.06
N VAL A 21 0.57 -0.23 6.13
CA VAL A 21 1.83 -0.65 6.72
C VAL A 21 2.07 -2.14 6.52
N ARG A 22 3.16 -2.48 5.84
CA ARG A 22 3.40 -3.85 5.42
C ARG A 22 4.48 -4.50 6.27
N HIS A 23 4.10 -5.55 7.00
CA HIS A 23 5.06 -6.30 7.80
C HIS A 23 5.63 -7.47 7.02
N PRO A 24 6.96 -7.48 6.85
CA PRO A 24 7.67 -8.56 6.16
C PRO A 24 7.33 -9.94 6.73
N GLY A 25 7.03 -10.88 5.83
CA GLY A 25 6.72 -12.23 6.27
C GLY A 25 5.27 -12.38 6.70
N LYS A 26 4.57 -11.26 6.82
CA LYS A 26 3.18 -11.26 7.25
C LYS A 26 2.28 -10.57 6.23
N THR A 27 1.08 -10.18 6.67
CA THR A 27 0.16 -9.46 5.82
C THR A 27 0.03 -8.01 6.24
N PRO A 28 -0.21 -7.12 5.26
CA PRO A 28 -0.29 -5.67 5.49
C PRO A 28 -1.55 -5.29 6.26
N VAL A 29 -1.48 -4.18 6.99
CA VAL A 29 -2.67 -3.58 7.57
C VAL A 29 -2.78 -2.11 7.20
N ILE A 30 -3.99 -1.57 7.29
CA ILE A 30 -4.22 -0.14 7.07
C ILE A 30 -4.51 0.58 8.38
N LYS A 31 -3.83 1.69 8.59
CA LYS A 31 -3.82 2.34 9.91
C LYS A 31 -4.29 3.78 9.79
N HIS A 32 -5.06 4.23 10.78
CA HIS A 32 -5.58 5.59 10.80
C HIS A 32 -5.07 6.35 12.02
N CYS A 33 -4.81 7.64 11.84
CA CYS A 33 -4.37 8.49 12.94
C CYS A 33 -4.78 9.95 12.70
N THR A 34 -4.59 10.78 13.71
CA THR A 34 -4.82 12.21 13.57
C THR A 34 -3.54 13.00 13.83
N GLY A 35 -3.59 14.31 13.55
CA GLY A 35 -2.43 15.14 13.74
C GLY A 35 -1.37 14.92 12.67
N ASP A 36 -0.11 15.14 13.03
CA ASP A 36 0.99 15.05 12.08
C ASP A 36 1.32 13.60 11.77
N LEU A 37 1.27 13.24 10.49
CA LEU A 37 1.49 11.86 10.07
C LEU A 37 2.88 11.38 10.48
N GLU A 38 3.87 12.26 10.35
CA GLU A 38 5.26 11.88 10.56
C GLU A 38 5.46 11.30 11.96
N GLU A 39 4.85 11.94 12.96
CA GLU A 39 4.98 11.49 14.34
C GLU A 39 4.43 10.08 14.51
N PHE A 40 3.28 9.82 13.88
CA PHE A 40 2.70 8.48 13.86
C PHE A 40 3.63 7.50 13.14
N LEU A 41 4.10 7.90 11.97
CA LEU A 41 4.96 7.05 11.15
C LEU A 41 6.28 6.79 11.86
N ARG A 42 6.86 7.84 12.45
CA ARG A 42 8.14 7.73 13.13
C ARG A 42 8.06 6.73 14.28
N GLN A 43 6.95 6.77 15.02
CA GLN A 43 6.74 5.84 16.11
C GLN A 43 6.64 4.40 15.60
N LEU A 44 5.92 4.22 14.50
CA LEU A 44 5.81 2.91 13.87
C LEU A 44 7.17 2.42 13.39
N ILE A 45 7.95 3.33 12.79
CA ILE A 45 9.25 2.98 12.25
C ILE A 45 10.23 2.60 13.36
N GLU A 46 10.21 3.38 14.45
CA GLU A 46 11.12 3.15 15.56
C GLU A 46 10.81 1.81 16.24
N GLN A 47 9.53 1.53 16.41
CA GLN A 47 9.11 0.30 17.08
C GLN A 47 9.17 -0.89 16.11
N ASP A 48 8.89 -0.62 14.84
CA ASP A 48 8.88 -1.67 13.83
C ASP A 48 9.68 -1.25 12.60
N PRO A 49 11.01 -1.33 12.71
CA PRO A 49 11.92 -0.83 11.67
C PRO A 49 11.89 -1.68 10.40
N LEU A 50 11.20 -2.82 10.48
CA LEU A 50 11.10 -3.71 9.34
C LEU A 50 9.91 -3.35 8.46
N VAL A 51 9.12 -2.38 8.91
CA VAL A 51 7.89 -2.01 8.21
C VAL A 51 8.18 -0.97 7.14
N THR A 52 7.48 -1.10 6.01
CA THR A 52 7.36 0.01 5.06
C THR A 52 5.95 0.60 5.09
N ILE A 53 5.87 1.92 5.12
CA ILE A 53 4.59 2.61 5.23
C ILE A 53 4.33 3.48 4.00
N ASP A 54 3.17 3.29 3.38
CA ASP A 54 2.76 4.11 2.24
C ASP A 54 1.60 5.02 2.62
N ILE A 55 1.69 6.28 2.21
CA ILE A 55 0.63 7.25 2.49
C ILE A 55 -0.27 7.43 1.28
N ILE A 56 -1.57 7.29 1.50
CA ILE A 56 -2.53 7.20 0.40
C ILE A 56 -3.42 8.44 0.35
N THR A 57 -3.52 9.03 -0.84
CA THR A 57 -4.42 10.15 -1.07
C THR A 57 -5.19 9.99 -2.38
N HIS A 58 -5.92 11.04 -2.77
CA HIS A 58 -6.69 11.02 -4.00
C HIS A 58 -6.19 12.08 -4.97
N ARG A 59 -6.00 11.68 -6.22
CA ARG A 59 -5.47 12.58 -7.24
C ARG A 59 -5.69 12.01 -8.64
N TYR A 60 -6.27 12.82 -9.51
CA TYR A 60 -6.48 12.43 -10.90
C TYR A 60 -5.21 12.61 -11.72
N TYR A 61 -4.38 13.56 -11.30
CA TYR A 61 -3.18 13.91 -12.06
C TYR A 61 -2.22 12.72 -12.14
N GLY A 62 -1.78 12.42 -13.36
CA GLY A 62 -0.73 11.44 -13.55
C GLY A 62 -1.22 10.02 -13.36
N VAL A 63 -1.57 9.67 -12.13
CA VAL A 63 -1.92 8.29 -11.80
C VAL A 63 -3.35 7.97 -12.25
N GLY A 64 -4.21 8.98 -12.23
CA GLY A 64 -5.52 8.85 -12.84
C GLY A 64 -6.54 8.25 -11.89
N GLY A 65 -6.46 8.64 -10.62
CA GLY A 65 -7.46 8.22 -9.65
C GLY A 65 -7.02 8.47 -8.23
N GLN A 66 -6.07 7.66 -7.75
CA GLN A 66 -5.57 7.80 -6.40
C GLN A 66 -4.05 7.64 -6.37
N TRP A 67 -3.41 8.27 -5.39
CA TRP A 67 -1.96 8.43 -5.40
C TRP A 67 -1.35 8.03 -4.06
N VAL A 68 -0.08 7.65 -4.09
CA VAL A 68 0.60 7.15 -2.89
C VAL A 68 1.97 7.79 -2.72
N GLN A 69 2.34 8.06 -1.48
CA GLN A 69 3.65 8.63 -1.18
C GLN A 69 4.41 7.75 -0.20
N ASP A 70 5.67 7.48 -0.49
CA ASP A 70 6.53 6.72 0.41
C ASP A 70 6.74 7.48 1.73
N ALA A 71 6.54 6.77 2.83
CA ALA A 71 6.75 7.37 4.15
C ALA A 71 8.18 7.86 4.32
N GLY A 72 9.12 7.17 3.68
CA GLY A 72 10.51 7.58 3.72
C GLY A 72 10.72 8.91 3.03
N GLU A 73 10.08 9.10 1.89
CA GLU A 73 10.09 10.39 1.20
C GLU A 73 9.37 11.45 2.01
N TYR A 74 8.27 11.06 2.65
CA TYR A 74 7.39 12.00 3.32
C TYR A 74 8.10 12.66 4.50
N LEU A 75 8.70 11.84 5.35
CA LEU A 75 9.47 12.35 6.49
C LEU A 75 10.68 13.14 6.02
N HIS A 76 11.32 12.67 4.95
CA HIS A 76 12.45 13.36 4.36
C HIS A 76 12.04 14.74 3.85
N MET A 77 10.93 14.78 3.10
CA MET A 77 10.43 16.04 2.55
C MET A 77 10.40 17.13 3.62
N MET A 78 10.06 16.74 4.84
CA MET A 78 9.84 17.72 5.91
C MET A 78 11.08 17.85 6.77
N SER A 79 11.89 16.79 6.83
CA SER A 79 13.04 16.75 7.73
C SER A 79 14.20 17.54 7.15
N ASP A 80 14.40 17.44 5.84
CA ASP A 80 15.59 17.99 5.20
C ASP A 80 15.21 19.15 4.27
N ASN B 16 -10.37 -4.06 -4.69
CA ASN B 16 -11.71 -3.59 -5.03
C ASN B 16 -11.70 -2.11 -5.37
N GLN B 17 -11.10 -1.31 -4.50
CA GLN B 17 -10.94 0.12 -4.75
C GLN B 17 -9.73 0.39 -5.62
N PHE B 18 -8.59 -0.16 -5.23
CA PHE B 18 -7.38 -0.08 -6.04
C PHE B 18 -6.30 -1.03 -5.51
N LEU B 19 -5.19 -1.11 -6.22
CA LEU B 19 -4.00 -1.81 -5.72
C LEU B 19 -2.77 -0.91 -5.80
N VAL B 20 -1.90 -1.03 -4.80
CA VAL B 20 -0.68 -0.24 -4.76
C VAL B 20 0.55 -1.12 -4.97
N VAL B 21 1.36 -0.75 -5.95
CA VAL B 21 2.52 -1.56 -6.33
C VAL B 21 3.83 -0.84 -6.00
N ARG B 22 4.64 -1.46 -5.15
CA ARG B 22 5.82 -0.80 -4.60
C ARG B 22 7.09 -1.35 -5.25
N HIS B 23 7.81 -0.47 -5.95
CA HIS B 23 9.08 -0.84 -6.56
C HIS B 23 10.24 -0.55 -5.62
N PRO B 24 11.01 -1.60 -5.27
CA PRO B 24 12.18 -1.46 -4.41
C PRO B 24 13.16 -0.42 -4.92
N GLY B 25 13.62 0.45 -4.02
CA GLY B 25 14.57 1.48 -4.39
C GLY B 25 13.91 2.69 -5.00
N LYS B 26 12.62 2.58 -5.30
CA LYS B 26 11.88 3.67 -5.93
C LYS B 26 10.66 4.03 -5.10
N THR B 27 9.71 4.73 -5.73
CA THR B 27 8.47 5.11 -5.05
C THR B 27 7.28 4.31 -5.60
N PRO B 28 6.31 4.04 -4.72
CA PRO B 28 5.14 3.23 -5.07
C PRO B 28 4.20 3.96 -6.02
N VAL B 29 3.45 3.18 -6.81
CA VAL B 29 2.36 3.73 -7.60
C VAL B 29 1.06 2.97 -7.34
N ILE B 30 -0.06 3.62 -7.64
CA ILE B 30 -1.36 2.97 -7.56
C ILE B 30 -1.92 2.67 -8.95
N LYS B 31 -2.39 1.44 -9.15
CA LYS B 31 -2.72 0.96 -10.48
C LYS B 31 -4.16 0.49 -10.54
N HIS B 32 -4.84 0.77 -11.66
CA HIS B 32 -6.23 0.37 -11.84
C HIS B 32 -6.37 -0.58 -13.02
N CYS B 33 -7.27 -1.55 -12.90
CA CYS B 33 -7.55 -2.48 -13.99
C CYS B 33 -8.97 -3.00 -13.91
N THR B 34 -9.40 -3.72 -14.94
CA THR B 34 -10.69 -4.38 -14.94
C THR B 34 -10.55 -5.89 -15.07
N GLY B 35 -11.65 -6.61 -14.89
CA GLY B 35 -11.61 -8.06 -14.97
C GLY B 35 -10.96 -8.70 -13.76
N ASP B 36 -10.36 -9.86 -13.96
CA ASP B 36 -9.77 -10.62 -12.85
C ASP B 36 -8.46 -9.99 -12.40
N LEU B 37 -8.38 -9.66 -11.12
CA LEU B 37 -7.20 -8.97 -10.57
C LEU B 37 -5.95 -9.83 -10.75
N GLU B 38 -6.10 -11.13 -10.55
CA GLU B 38 -4.96 -12.04 -10.54
C GLU B 38 -4.18 -11.95 -11.84
N GLU B 39 -4.91 -11.91 -12.96
CA GLU B 39 -4.29 -11.85 -14.28
C GLU B 39 -3.46 -10.57 -14.42
N PHE B 40 -4.01 -9.46 -13.95
CA PHE B 40 -3.28 -8.20 -13.91
C PHE B 40 -2.05 -8.30 -13.01
N LEU B 41 -2.26 -8.84 -11.80
CA LEU B 41 -1.19 -8.95 -10.82
C LEU B 41 -0.10 -9.91 -11.32
N ARG B 42 -0.52 -11.03 -11.88
CA ARG B 42 0.41 -12.04 -12.38
C ARG B 42 1.32 -11.46 -13.45
N GLN B 43 0.75 -10.66 -14.34
CA GLN B 43 1.51 -10.00 -15.39
C GLN B 43 2.53 -9.04 -14.79
N LEU B 44 2.10 -8.27 -13.80
CA LEU B 44 3.00 -7.36 -13.09
C LEU B 44 4.12 -8.12 -12.39
N ILE B 45 3.75 -9.24 -11.76
CA ILE B 45 4.72 -10.04 -11.02
C ILE B 45 5.76 -10.67 -11.95
N GLU B 46 5.28 -11.20 -13.08
CA GLU B 46 6.15 -11.87 -14.04
C GLU B 46 7.14 -10.87 -14.66
N GLN B 47 6.64 -9.69 -14.99
CA GLN B 47 7.47 -8.66 -15.62
C GLN B 47 8.32 -7.93 -14.58
N ASP B 48 7.76 -7.78 -13.37
CA ASP B 48 8.45 -7.08 -12.31
C ASP B 48 8.41 -7.88 -11.01
N PRO B 49 9.27 -8.90 -10.93
CA PRO B 49 9.25 -9.86 -9.80
C PRO B 49 9.74 -9.24 -8.50
N LEU B 50 10.25 -8.01 -8.60
CA LEU B 50 10.75 -7.31 -7.42
C LEU B 50 9.65 -6.52 -6.74
N VAL B 51 8.48 -6.50 -7.36
CA VAL B 51 7.36 -5.70 -6.87
C VAL B 51 6.55 -6.46 -5.84
N THR B 52 6.08 -5.76 -4.81
CA THR B 52 5.00 -6.25 -3.97
C THR B 52 3.71 -5.47 -4.23
N ILE B 53 2.61 -6.21 -4.38
CA ILE B 53 1.33 -5.59 -4.70
C ILE B 53 0.31 -5.82 -3.59
N ASP B 54 -0.31 -4.73 -3.13
CA ASP B 54 -1.35 -4.82 -2.12
C ASP B 54 -2.72 -4.46 -2.72
N ILE B 55 -3.73 -5.25 -2.39
CA ILE B 55 -5.08 -5.01 -2.88
C ILE B 55 -5.92 -4.31 -1.82
N ILE B 56 -6.54 -3.19 -2.21
CA ILE B 56 -7.18 -2.30 -1.25
C ILE B 56 -8.70 -2.33 -1.40
N THR B 57 -9.40 -2.51 -0.29
CA THR B 57 -10.85 -2.44 -0.27
C THR B 57 -11.35 -1.64 0.92
N HIS B 58 -12.67 -1.66 1.12
CA HIS B 58 -13.28 -0.93 2.24
C HIS B 58 -13.97 -1.90 3.19
N ARG B 59 -13.71 -1.73 4.49
CA ARG B 59 -14.26 -2.62 5.50
C ARG B 59 -14.13 -2.01 6.89
N TYR B 60 -15.25 -1.96 7.62
CA TYR B 60 -15.24 -1.46 8.99
C TYR B 60 -14.76 -2.54 9.96
N TYR B 61 -14.97 -3.79 9.60
CA TYR B 61 -14.66 -4.91 10.49
C TYR B 61 -13.17 -4.95 10.79
N GLY B 62 -12.84 -5.05 12.08
CA GLY B 62 -11.46 -5.28 12.47
C GLY B 62 -10.59 -4.05 12.32
N VAL B 63 -10.33 -3.65 11.08
CA VAL B 63 -9.39 -2.57 10.80
C VAL B 63 -10.03 -1.21 11.07
N GLY B 64 -11.34 -1.13 10.86
CA GLY B 64 -12.09 0.05 11.29
C GLY B 64 -12.07 1.14 10.25
N GLY B 65 -12.16 0.76 8.98
CA GLY B 65 -12.27 1.74 7.92
C GLY B 65 -12.02 1.14 6.55
N GLN B 66 -10.75 0.83 6.27
CA GLN B 66 -10.38 0.24 4.99
C GLN B 66 -9.36 -0.88 5.18
N TRP B 67 -9.35 -1.82 4.26
CA TRP B 67 -8.64 -3.08 4.47
C TRP B 67 -7.77 -3.43 3.26
N VAL B 68 -6.73 -4.22 3.48
CA VAL B 68 -5.77 -4.54 2.43
C VAL B 68 -5.47 -6.03 2.42
N GLN B 69 -5.29 -6.58 1.21
CA GLN B 69 -4.93 -7.99 1.06
C GLN B 69 -3.65 -8.13 0.25
N ASP B 70 -2.74 -8.96 0.75
CA ASP B 70 -1.51 -9.26 0.03
C ASP B 70 -1.81 -9.97 -1.28
N ALA B 71 -1.20 -9.47 -2.37
CA ALA B 71 -1.37 -10.07 -3.67
C ALA B 71 -0.90 -11.53 -3.68
N GLY B 72 0.11 -11.82 -2.88
CA GLY B 72 0.59 -13.19 -2.75
C GLY B 72 -0.45 -14.11 -2.13
N GLU B 73 -1.13 -13.62 -1.09
CA GLU B 73 -2.25 -14.34 -0.50
C GLU B 73 -3.40 -14.46 -1.49
N TYR B 74 -3.64 -13.39 -2.24
CA TYR B 74 -4.82 -13.30 -3.10
C TYR B 74 -4.77 -14.35 -4.21
N LEU B 75 -3.65 -14.40 -4.91
CA LEU B 75 -3.44 -15.39 -5.96
C LEU B 75 -3.44 -16.80 -5.38
N HIS B 76 -2.83 -16.95 -4.21
CA HIS B 76 -2.81 -18.24 -3.51
C HIS B 76 -4.22 -18.68 -3.16
N MET B 77 -5.00 -17.77 -2.59
CA MET B 77 -6.37 -18.08 -2.19
C MET B 77 -7.11 -18.79 -3.33
N MET B 78 -6.84 -18.36 -4.56
CA MET B 78 -7.59 -18.85 -5.71
C MET B 78 -6.85 -19.99 -6.41
N SER B 79 -5.54 -20.00 -6.27
CA SER B 79 -4.70 -20.95 -6.99
C SER B 79 -4.74 -22.32 -6.32
N ASP B 80 -4.71 -22.32 -4.99
CA ASP B 80 -4.56 -23.56 -4.24
C ASP B 80 -5.84 -23.88 -3.46
N ASN A 16 -10.58 9.91 0.35
CA ASN A 16 -10.05 9.73 1.70
C ASN A 16 -8.53 9.57 1.68
N GLN A 17 -7.93 9.63 2.86
CA GLN A 17 -6.48 9.46 2.98
C GLN A 17 -6.15 8.43 4.06
N PHE A 18 -5.10 7.65 3.81
CA PHE A 18 -4.61 6.70 4.80
C PHE A 18 -3.22 6.18 4.42
N LEU A 19 -2.63 5.38 5.31
CA LEU A 19 -1.30 4.84 5.07
C LEU A 19 -1.30 3.32 5.23
N VAL A 20 -0.49 2.64 4.42
CA VAL A 20 -0.38 1.19 4.49
C VAL A 20 0.94 0.77 5.11
N VAL A 21 0.85 0.02 6.22
CA VAL A 21 2.02 -0.32 7.00
C VAL A 21 2.25 -1.83 7.04
N ARG A 22 3.44 -2.26 6.64
CA ARG A 22 3.69 -3.67 6.37
C ARG A 22 4.53 -4.29 7.47
N HIS A 23 3.94 -5.25 8.19
CA HIS A 23 4.66 -5.97 9.24
C HIS A 23 5.27 -7.25 8.68
N PRO A 24 6.53 -7.52 9.06
CA PRO A 24 7.22 -8.76 8.68
C PRO A 24 6.65 -9.98 9.40
N GLY A 25 6.74 -11.14 8.76
CA GLY A 25 6.28 -12.37 9.38
C GLY A 25 4.77 -12.51 9.34
N LYS A 26 4.08 -11.50 9.86
CA LYS A 26 2.63 -11.46 9.80
C LYS A 26 2.15 -10.75 8.54
N THR A 27 0.92 -10.23 8.58
CA THR A 27 0.31 -9.60 7.41
C THR A 27 0.19 -8.09 7.61
N PRO A 28 0.19 -7.35 6.49
CA PRO A 28 0.12 -5.89 6.51
C PRO A 28 -1.24 -5.38 7.01
N VAL A 29 -1.23 -4.20 7.62
CA VAL A 29 -2.47 -3.57 8.07
C VAL A 29 -2.57 -2.14 7.56
N ILE A 30 -3.79 -1.62 7.52
CA ILE A 30 -4.02 -0.24 7.11
C ILE A 30 -4.37 0.64 8.31
N LYS A 31 -3.70 1.77 8.42
CA LYS A 31 -3.76 2.58 9.63
C LYS A 31 -4.18 4.02 9.30
N HIS A 32 -5.02 4.59 10.17
CA HIS A 32 -5.52 5.94 9.96
C HIS A 32 -4.96 6.90 11.00
N CYS A 33 -4.70 8.14 10.57
CA CYS A 33 -4.07 9.13 11.45
C CYS A 33 -4.76 10.49 11.30
N THR A 34 -5.04 11.13 12.43
CA THR A 34 -5.36 12.55 12.44
C THR A 34 -4.19 13.37 12.98
N GLY A 35 -4.28 14.68 12.79
CA GLY A 35 -3.19 15.55 13.20
C GLY A 35 -1.95 15.38 12.35
N ASP A 36 -0.78 15.49 12.96
CA ASP A 36 0.47 15.46 12.22
C ASP A 36 0.89 14.02 11.93
N LEU A 37 1.06 13.71 10.65
CA LEU A 37 1.49 12.38 10.23
C LEU A 37 2.88 12.05 10.79
N GLU A 38 3.75 13.06 10.82
CA GLU A 38 5.17 12.82 11.09
C GLU A 38 5.36 12.14 12.44
N GLU A 39 4.65 12.63 13.45
CA GLU A 39 4.70 12.04 14.78
C GLU A 39 4.18 10.60 14.76
N PHE A 40 3.07 10.39 14.06
CA PHE A 40 2.47 9.08 13.97
C PHE A 40 3.40 8.09 13.26
N LEU A 41 3.95 8.52 12.12
CA LEU A 41 4.82 7.67 11.33
C LEU A 41 6.09 7.32 12.09
N ARG A 42 6.67 8.31 12.75
CA ARG A 42 7.87 8.11 13.55
C ARG A 42 7.61 7.10 14.67
N GLN A 43 6.44 7.21 15.29
CA GLN A 43 6.07 6.32 16.38
C GLN A 43 6.00 4.87 15.91
N LEU A 44 5.40 4.67 14.73
CA LEU A 44 5.35 3.35 14.11
C LEU A 44 6.76 2.83 13.83
N ILE A 45 7.62 3.71 13.33
CA ILE A 45 8.98 3.34 13.00
C ILE A 45 9.78 3.00 14.25
N GLU A 46 9.62 3.81 15.29
CA GLU A 46 10.38 3.64 16.52
C GLU A 46 10.02 2.32 17.22
N GLN A 47 8.72 2.02 17.24
CA GLN A 47 8.24 0.80 17.87
C GLN A 47 8.40 -0.40 16.93
N ASP A 48 8.20 -0.16 15.64
CA ASP A 48 8.29 -1.22 14.65
C ASP A 48 9.13 -0.77 13.45
N PRO A 49 10.45 -0.82 13.61
CA PRO A 49 11.39 -0.26 12.63
C PRO A 49 11.49 -1.12 11.37
N LEU A 50 10.90 -2.30 11.41
CA LEU A 50 11.09 -3.30 10.36
C LEU A 50 10.04 -3.15 9.27
N VAL A 51 9.11 -2.23 9.48
CA VAL A 51 7.93 -2.12 8.62
C VAL A 51 8.19 -1.15 7.46
N THR A 52 7.44 -1.33 6.38
CA THR A 52 7.30 -0.29 5.37
C THR A 52 5.97 0.43 5.49
N ILE A 53 6.00 1.76 5.42
CA ILE A 53 4.78 2.55 5.44
C ILE A 53 4.59 3.30 4.12
N ASP A 54 3.45 3.08 3.48
CA ASP A 54 3.08 3.83 2.29
C ASP A 54 1.93 4.79 2.58
N ILE A 55 2.11 6.05 2.21
CA ILE A 55 1.09 7.07 2.45
C ILE A 55 0.31 7.36 1.17
N ILE A 56 -1.00 7.17 1.24
CA ILE A 56 -1.83 7.11 0.04
C ILE A 56 -2.78 8.30 -0.03
N THR A 57 -2.75 9.01 -1.16
CA THR A 57 -3.63 10.15 -1.37
C THR A 57 -4.01 10.29 -2.84
N HIS A 58 -4.63 11.42 -3.18
CA HIS A 58 -5.01 11.68 -4.56
C HIS A 58 -4.20 12.85 -5.14
N ARG A 59 -3.30 12.53 -6.06
CA ARG A 59 -2.45 13.54 -6.67
C ARG A 59 -2.00 13.12 -8.06
N TYR A 60 -2.15 14.01 -9.04
CA TYR A 60 -1.75 13.72 -10.41
C TYR A 60 -0.25 13.91 -10.60
N TYR A 61 0.52 13.02 -9.99
CA TYR A 61 1.98 13.12 -10.04
C TYR A 61 2.61 11.75 -10.27
N GLY A 62 3.31 11.62 -11.40
CA GLY A 62 3.89 10.34 -11.77
C GLY A 62 2.84 9.34 -12.24
N VAL A 63 1.91 9.00 -11.36
CA VAL A 63 0.78 8.15 -11.72
C VAL A 63 -0.55 8.85 -11.47
N GLY A 64 -1.45 8.77 -12.44
CA GLY A 64 -2.71 9.48 -12.33
C GLY A 64 -3.73 8.74 -11.50
N GLY A 65 -4.88 9.38 -11.27
CA GLY A 65 -5.94 8.73 -10.53
C GLY A 65 -5.71 8.77 -9.03
N GLN A 66 -4.67 8.07 -8.58
CA GLN A 66 -4.33 8.04 -7.16
C GLN A 66 -2.82 7.87 -6.97
N TRP A 67 -2.31 8.39 -5.86
CA TRP A 67 -0.87 8.53 -5.67
C TRP A 67 -0.45 7.99 -4.31
N VAL A 68 0.81 7.56 -4.22
CA VAL A 68 1.35 7.05 -2.96
C VAL A 68 2.76 7.58 -2.73
N GLN A 69 3.08 7.87 -1.47
CA GLN A 69 4.42 8.29 -1.09
C GLN A 69 4.93 7.47 0.09
N ASP A 70 6.16 6.97 -0.03
CA ASP A 70 6.82 6.27 1.07
C ASP A 70 7.03 7.21 2.25
N ALA A 71 6.76 6.70 3.46
CA ALA A 71 6.83 7.51 4.66
C ALA A 71 8.23 8.08 4.85
N GLY A 72 9.24 7.34 4.41
CA GLY A 72 10.60 7.83 4.48
C GLY A 72 10.84 9.03 3.61
N GLU A 73 10.30 8.99 2.38
CA GLU A 73 10.34 10.15 1.50
C GLU A 73 9.50 11.29 2.05
N TYR A 74 8.36 10.95 2.65
CA TYR A 74 7.48 11.95 3.24
C TYR A 74 8.16 12.66 4.41
N LEU A 75 8.68 11.87 5.34
CA LEU A 75 9.17 12.40 6.60
C LEU A 75 10.35 13.34 6.38
N HIS A 76 11.20 12.99 5.42
CA HIS A 76 12.44 13.73 5.19
C HIS A 76 12.15 15.16 4.77
N MET A 77 10.96 15.40 4.24
CA MET A 77 10.60 16.69 3.69
C MET A 77 10.77 17.79 4.74
N MET A 78 10.45 17.48 5.99
CA MET A 78 10.49 18.46 7.06
C MET A 78 11.91 18.90 7.36
N SER A 79 12.88 18.08 6.96
CA SER A 79 14.28 18.35 7.24
C SER A 79 15.00 18.85 5.99
N ASP A 80 14.23 19.11 4.94
CA ASP A 80 14.80 19.51 3.66
C ASP A 80 14.93 21.03 3.59
N ASN B 16 -14.05 2.52 -2.52
CA ASN B 16 -13.41 2.12 -3.76
C ASN B 16 -12.41 1.00 -3.52
N GLN B 17 -11.93 0.39 -4.61
CA GLN B 17 -10.93 -0.66 -4.52
C GLN B 17 -9.76 -0.40 -5.46
N PHE B 18 -8.56 -0.75 -5.02
CA PHE B 18 -7.37 -0.65 -5.86
C PHE B 18 -6.21 -1.42 -5.25
N LEU B 19 -5.10 -1.48 -5.98
CA LEU B 19 -3.92 -2.20 -5.53
C LEU B 19 -2.68 -1.30 -5.58
N VAL B 20 -1.78 -1.49 -4.62
CA VAL B 20 -0.55 -0.72 -4.56
C VAL B 20 0.65 -1.56 -4.98
N VAL B 21 1.35 -1.13 -6.03
CA VAL B 21 2.42 -1.92 -6.61
C VAL B 21 3.75 -1.20 -6.51
N ARG B 22 4.74 -1.86 -5.92
CA ARG B 22 5.97 -1.22 -5.51
C ARG B 22 7.12 -1.59 -6.45
N HIS B 23 7.64 -0.60 -7.17
CA HIS B 23 8.78 -0.82 -8.05
C HIS B 23 10.09 -0.49 -7.34
N PRO B 24 11.09 -1.37 -7.50
CA PRO B 24 12.43 -1.16 -6.96
C PRO B 24 13.17 -0.03 -7.66
N GLY B 25 14.06 0.64 -6.92
CA GLY B 25 14.86 1.69 -7.51
C GLY B 25 14.09 2.98 -7.69
N LYS B 26 12.95 2.90 -8.36
CA LYS B 26 12.06 4.05 -8.50
C LYS B 26 11.03 4.09 -7.38
N THR B 27 9.92 4.77 -7.63
CA THR B 27 8.89 4.96 -6.60
C THR B 27 7.65 4.14 -6.91
N PRO B 28 6.89 3.78 -5.88
CA PRO B 28 5.69 2.96 -6.01
C PRO B 28 4.56 3.70 -6.71
N VAL B 29 3.70 2.95 -7.41
CA VAL B 29 2.55 3.54 -8.06
C VAL B 29 1.26 2.80 -7.68
N ILE B 30 0.12 3.47 -7.85
CA ILE B 30 -1.17 2.86 -7.58
C ILE B 30 -1.91 2.53 -8.86
N LYS B 31 -2.41 1.30 -8.95
CA LYS B 31 -2.92 0.78 -10.22
C LYS B 31 -4.36 0.30 -10.06
N HIS B 32 -5.19 0.56 -11.06
CA HIS B 32 -6.59 0.17 -11.02
C HIS B 32 -6.88 -0.93 -12.03
N CYS B 33 -7.78 -1.84 -11.68
CA CYS B 33 -8.08 -2.98 -12.51
C CYS B 33 -9.59 -3.25 -12.56
N THR B 34 -10.10 -3.48 -13.76
CA THR B 34 -11.43 -4.07 -13.92
C THR B 34 -11.33 -5.54 -14.34
N GLY B 35 -12.46 -6.24 -14.27
CA GLY B 35 -12.46 -7.66 -14.58
C GLY B 35 -11.72 -8.48 -13.55
N ASP B 36 -11.03 -9.52 -14.00
CA ASP B 36 -10.38 -10.46 -13.09
C ASP B 36 -9.03 -9.92 -12.64
N LEU B 37 -8.86 -9.77 -11.33
CA LEU B 37 -7.60 -9.29 -10.77
C LEU B 37 -6.45 -10.25 -11.11
N GLU B 38 -6.74 -11.55 -11.08
CA GLU B 38 -5.69 -12.56 -11.13
C GLU B 38 -4.84 -12.40 -12.40
N GLU B 39 -5.52 -12.20 -13.52
CA GLU B 39 -4.82 -11.98 -14.79
C GLU B 39 -3.98 -10.71 -14.75
N PHE B 40 -4.56 -9.65 -14.19
CA PHE B 40 -3.87 -8.36 -14.08
C PHE B 40 -2.64 -8.48 -13.19
N LEU B 41 -2.82 -9.09 -12.03
CA LEU B 41 -1.74 -9.22 -11.05
C LEU B 41 -0.61 -10.09 -11.60
N ARG B 42 -0.97 -11.20 -12.25
CA ARG B 42 0.00 -12.08 -12.86
C ARG B 42 0.81 -11.35 -13.92
N GLN B 43 0.12 -10.53 -14.71
CA GLN B 43 0.78 -9.78 -15.77
C GLN B 43 1.83 -8.81 -15.21
N LEU B 44 1.47 -8.14 -14.13
CA LEU B 44 2.41 -7.27 -13.43
C LEU B 44 3.61 -8.06 -12.91
N ILE B 45 3.34 -9.25 -12.36
CA ILE B 45 4.39 -10.09 -11.82
C ILE B 45 5.31 -10.61 -12.92
N GLU B 46 4.70 -11.04 -14.04
CA GLU B 46 5.45 -11.64 -15.13
C GLU B 46 6.39 -10.61 -15.78
N GLN B 47 5.88 -9.39 -15.95
CA GLN B 47 6.67 -8.32 -16.56
C GLN B 47 7.58 -7.68 -15.52
N ASP B 48 7.10 -7.57 -14.30
CA ASP B 48 7.86 -6.93 -13.22
C ASP B 48 7.82 -7.78 -11.95
N PRO B 49 8.66 -8.83 -11.92
CA PRO B 49 8.63 -9.84 -10.86
C PRO B 49 9.19 -9.33 -9.55
N LEU B 50 9.80 -8.14 -9.60
CA LEU B 50 10.56 -7.63 -8.46
C LEU B 50 9.68 -6.80 -7.54
N VAL B 51 8.43 -6.62 -7.94
CA VAL B 51 7.53 -5.70 -7.25
C VAL B 51 6.75 -6.39 -6.15
N THR B 52 6.29 -5.60 -5.17
CA THR B 52 5.25 -6.05 -4.27
C THR B 52 3.91 -5.42 -4.62
N ILE B 53 2.86 -6.23 -4.64
CA ILE B 53 1.51 -5.73 -4.89
C ILE B 53 0.62 -5.92 -3.66
N ASP B 54 0.04 -4.84 -3.18
CA ASP B 54 -0.94 -4.91 -2.10
C ASP B 54 -2.35 -4.58 -2.62
N ILE B 55 -3.30 -5.46 -2.32
CA ILE B 55 -4.67 -5.26 -2.76
C ILE B 55 -5.54 -4.72 -1.64
N ILE B 56 -6.15 -3.56 -1.88
CA ILE B 56 -6.75 -2.78 -0.80
C ILE B 56 -8.27 -2.73 -0.94
N THR B 57 -8.97 -3.09 0.12
CA THR B 57 -10.43 -3.05 0.13
C THR B 57 -10.96 -2.73 1.51
N HIS B 58 -12.27 -2.89 1.69
CA HIS B 58 -12.90 -2.64 2.98
C HIS B 58 -13.44 -3.94 3.58
N ARG B 59 -12.79 -4.41 4.65
CA ARG B 59 -13.19 -5.66 5.29
C ARG B 59 -12.78 -5.65 6.76
N TYR B 60 -13.72 -6.00 7.63
CA TYR B 60 -13.45 -6.05 9.07
C TYR B 60 -12.74 -7.35 9.45
N TYR B 61 -11.49 -7.48 9.02
CA TYR B 61 -10.74 -8.70 9.27
C TYR B 61 -9.30 -8.37 9.68
N GLY B 62 -8.95 -8.77 10.90
CA GLY B 62 -7.64 -8.44 11.44
C GLY B 62 -7.52 -6.99 11.83
N VAL B 63 -7.67 -6.09 10.85
CA VAL B 63 -7.69 -4.66 11.12
C VAL B 63 -8.99 -4.04 10.63
N GLY B 64 -9.59 -3.20 11.47
CA GLY B 64 -10.89 -2.62 11.14
C GLY B 64 -10.77 -1.41 10.23
N GLY B 65 -11.91 -0.90 9.79
CA GLY B 65 -11.92 0.28 8.95
C GLY B 65 -11.60 -0.03 7.51
N GLN B 66 -10.38 -0.47 7.25
CA GLN B 66 -9.95 -0.83 5.90
C GLN B 66 -8.91 -1.95 5.94
N TRP B 67 -8.87 -2.74 4.88
CA TRP B 67 -8.13 -3.99 4.88
C TRP B 67 -7.26 -4.11 3.64
N VAL B 68 -6.16 -4.86 3.75
CA VAL B 68 -5.27 -5.08 2.62
C VAL B 68 -4.83 -6.54 2.54
N GLN B 69 -4.71 -7.06 1.33
CA GLN B 69 -4.20 -8.41 1.11
C GLN B 69 -3.08 -8.41 0.07
N ASP B 70 -1.98 -9.09 0.40
CA ASP B 70 -0.89 -9.27 -0.54
C ASP B 70 -1.34 -10.07 -1.76
N ALA B 71 -0.93 -9.64 -2.94
CA ALA B 71 -1.37 -10.27 -4.18
C ALA B 71 -0.98 -11.74 -4.22
N GLY B 72 0.13 -12.07 -3.59
CA GLY B 72 0.56 -13.45 -3.50
C GLY B 72 -0.39 -14.31 -2.68
N GLU B 73 -0.84 -13.77 -1.56
CA GLU B 73 -1.87 -14.42 -0.75
C GLU B 73 -3.19 -14.47 -1.50
N TYR B 74 -3.51 -13.40 -2.22
CA TYR B 74 -4.74 -13.34 -3.00
C TYR B 74 -4.74 -14.38 -4.11
N LEU B 75 -3.68 -14.39 -4.91
CA LEU B 75 -3.64 -15.19 -6.13
C LEU B 75 -3.73 -16.68 -5.79
N HIS B 76 -3.10 -17.09 -4.71
CA HIS B 76 -2.98 -18.50 -4.36
C HIS B 76 -4.36 -19.10 -4.08
N MET B 77 -5.32 -18.24 -3.74
CA MET B 77 -6.64 -18.69 -3.34
C MET B 77 -7.27 -19.56 -4.43
N MET B 78 -7.03 -19.20 -5.69
CA MET B 78 -7.66 -19.89 -6.81
C MET B 78 -7.13 -21.32 -6.94
N SER B 79 -5.97 -21.56 -6.35
CA SER B 79 -5.32 -22.87 -6.45
C SER B 79 -5.48 -23.65 -5.15
N ASP B 80 -6.28 -23.12 -4.24
CA ASP B 80 -6.45 -23.73 -2.93
C ASP B 80 -7.59 -24.74 -2.94
N ASN A 16 -10.31 11.12 1.14
CA ASN A 16 -9.73 10.59 2.37
C ASN A 16 -8.22 10.38 2.21
N GLN A 17 -7.51 10.32 3.34
CA GLN A 17 -6.09 10.02 3.33
C GLN A 17 -5.76 8.91 4.33
N PHE A 18 -4.83 8.05 3.95
CA PHE A 18 -4.48 6.89 4.78
C PHE A 18 -3.09 6.38 4.42
N LEU A 19 -2.52 5.56 5.30
CA LEU A 19 -1.22 4.95 5.05
C LEU A 19 -1.28 3.45 5.25
N VAL A 20 -0.53 2.71 4.43
CA VAL A 20 -0.48 1.26 4.53
C VAL A 20 0.87 0.79 5.09
N VAL A 21 0.82 0.03 6.18
CA VAL A 21 2.04 -0.38 6.87
C VAL A 21 2.25 -1.88 6.76
N ARG A 22 3.38 -2.27 6.16
CA ARG A 22 3.64 -3.67 5.86
C ARG A 22 4.55 -4.29 6.92
N HIS A 23 4.01 -5.26 7.66
CA HIS A 23 4.78 -5.94 8.71
C HIS A 23 5.55 -7.12 8.13
N PRO A 24 6.72 -7.39 8.72
CA PRO A 24 7.53 -8.57 8.37
C PRO A 24 6.87 -9.87 8.84
N GLY A 25 5.71 -10.19 8.27
CA GLY A 25 4.95 -11.34 8.72
C GLY A 25 3.46 -11.09 8.73
N LYS A 26 2.68 -12.17 8.71
CA LYS A 26 1.23 -12.05 8.64
C LYS A 26 0.80 -11.20 7.45
N THR A 27 -0.06 -10.23 7.71
CA THR A 27 -0.59 -9.38 6.66
C THR A 27 -0.38 -7.89 6.98
N PRO A 28 -0.26 -7.07 5.93
CA PRO A 28 -0.18 -5.61 6.08
C PRO A 28 -1.49 -5.01 6.57
N VAL A 29 -1.39 -3.85 7.21
CA VAL A 29 -2.57 -3.15 7.71
C VAL A 29 -2.58 -1.70 7.24
N ILE A 30 -3.76 -1.09 7.23
CA ILE A 30 -3.89 0.32 6.90
C ILE A 30 -4.25 1.14 8.13
N LYS A 31 -3.53 2.24 8.35
CA LYS A 31 -3.57 2.95 9.62
C LYS A 31 -3.93 4.41 9.41
N HIS A 32 -4.67 4.98 10.35
CA HIS A 32 -4.87 6.43 10.41
C HIS A 32 -4.20 7.01 11.65
N CYS A 33 -3.63 8.21 11.49
CA CYS A 33 -3.11 8.96 12.64
C CYS A 33 -4.21 9.79 13.28
N THR A 34 -3.99 10.21 14.53
CA THR A 34 -4.91 11.09 15.22
C THR A 34 -4.28 12.46 15.46
N GLY A 35 -2.95 12.50 15.45
CA GLY A 35 -2.25 13.77 15.62
C GLY A 35 -1.42 14.15 14.41
N ASP A 36 -0.20 14.60 14.65
CA ASP A 36 0.73 14.90 13.57
C ASP A 36 1.22 13.61 12.92
N LEU A 37 1.04 13.50 11.61
CA LEU A 37 1.35 12.28 10.88
C LEU A 37 2.82 11.91 11.02
N GLU A 38 3.68 12.93 10.98
CA GLU A 38 5.12 12.72 11.06
C GLU A 38 5.50 11.99 12.35
N GLU A 39 4.90 12.40 13.46
CA GLU A 39 5.08 11.71 14.73
C GLU A 39 4.53 10.28 14.64
N PHE A 40 3.40 10.14 13.98
CA PHE A 40 2.75 8.82 13.84
C PHE A 40 3.66 7.85 13.11
N LEU A 41 4.23 8.29 11.99
CA LEU A 41 5.12 7.46 11.19
C LEU A 41 6.38 7.11 11.98
N ARG A 42 6.95 8.10 12.65
CA ARG A 42 8.16 7.91 13.44
C ARG A 42 7.92 6.87 14.53
N GLN A 43 6.76 6.94 15.17
CA GLN A 43 6.41 6.00 16.24
C GLN A 43 6.34 4.58 15.71
N LEU A 44 5.73 4.41 14.54
CA LEU A 44 5.67 3.12 13.89
C LEU A 44 7.07 2.62 13.53
N ILE A 45 7.90 3.52 13.02
CA ILE A 45 9.26 3.18 12.62
C ILE A 45 10.10 2.81 13.83
N GLU A 46 9.99 3.60 14.90
CA GLU A 46 10.81 3.40 16.08
C GLU A 46 10.47 2.08 16.76
N GLN A 47 9.19 1.76 16.85
CA GLN A 47 8.74 0.55 17.49
C GLN A 47 8.88 -0.66 16.55
N ASP A 48 8.64 -0.42 15.26
CA ASP A 48 8.71 -1.48 14.27
C ASP A 48 9.51 -1.04 13.05
N PRO A 49 10.84 -1.05 13.18
CA PRO A 49 11.74 -0.53 12.15
C PRO A 49 11.77 -1.41 10.91
N LEU A 50 11.15 -2.58 10.99
CA LEU A 50 11.10 -3.50 9.87
C LEU A 50 9.89 -3.24 8.98
N VAL A 51 9.10 -2.24 9.36
CA VAL A 51 7.88 -1.92 8.64
C VAL A 51 8.16 -0.99 7.46
N THR A 52 7.46 -1.22 6.35
CA THR A 52 7.41 -0.24 5.27
C THR A 52 6.06 0.47 5.25
N ILE A 53 6.09 1.80 5.21
CA ILE A 53 4.86 2.59 5.20
C ILE A 53 4.75 3.41 3.92
N ASP A 54 3.62 3.24 3.23
CA ASP A 54 3.29 4.10 2.10
C ASP A 54 2.05 4.95 2.40
N ILE A 55 2.13 6.24 2.10
CA ILE A 55 1.05 7.17 2.41
C ILE A 55 0.22 7.49 1.17
N ILE A 56 -1.08 7.22 1.25
CA ILE A 56 -1.92 7.21 0.07
C ILE A 56 -2.93 8.35 0.10
N THR A 57 -2.97 9.13 -0.98
CA THR A 57 -3.82 10.30 -1.04
C THR A 57 -4.53 10.41 -2.39
N HIS A 58 -5.78 10.85 -2.36
CA HIS A 58 -6.53 11.10 -3.59
C HIS A 58 -7.33 12.40 -3.48
N ARG A 59 -6.73 13.41 -2.86
CA ARG A 59 -7.36 14.71 -2.74
C ARG A 59 -6.96 15.63 -3.90
N TYR A 60 -5.66 15.74 -4.13
CA TYR A 60 -5.15 16.64 -5.16
C TYR A 60 -4.20 15.91 -6.10
N TYR A 61 -4.18 14.59 -5.99
CA TYR A 61 -3.20 13.78 -6.72
C TYR A 61 -3.86 12.56 -7.35
N GLY A 62 -3.15 11.93 -8.27
CA GLY A 62 -3.59 10.63 -8.78
C GLY A 62 -2.67 10.09 -9.85
N VAL A 63 -2.51 8.77 -9.90
CA VAL A 63 -1.74 8.13 -10.95
C VAL A 63 -2.58 7.06 -11.66
N GLY A 64 -3.81 7.42 -12.01
CA GLY A 64 -4.77 6.41 -12.41
C GLY A 64 -5.97 6.35 -11.49
N GLY A 65 -6.09 7.34 -10.61
CA GLY A 65 -7.21 7.40 -9.68
C GLY A 65 -6.77 7.65 -8.25
N GLN A 66 -5.60 7.14 -7.90
CA GLN A 66 -5.02 7.42 -6.58
C GLN A 66 -3.51 7.60 -6.70
N TRP A 67 -2.93 8.31 -5.73
CA TRP A 67 -1.48 8.53 -5.71
C TRP A 67 -0.92 8.30 -4.32
N VAL A 68 0.36 7.91 -4.26
CA VAL A 68 0.96 7.45 -3.01
C VAL A 68 2.38 7.99 -2.86
N GLN A 69 2.76 8.30 -1.63
CA GLN A 69 4.12 8.73 -1.33
C GLN A 69 4.75 7.83 -0.27
N ASP A 70 5.99 7.42 -0.50
CA ASP A 70 6.74 6.65 0.49
C ASP A 70 6.93 7.46 1.77
N ALA A 71 6.65 6.84 2.91
CA ALA A 71 6.68 7.53 4.20
C ALA A 71 8.06 8.10 4.47
N GLY A 72 9.10 7.42 3.99
CA GLY A 72 10.46 7.92 4.12
C GLY A 72 10.67 9.20 3.34
N GLU A 73 10.13 9.24 2.12
CA GLU A 73 10.15 10.46 1.32
C GLU A 73 9.29 11.55 1.97
N TYR A 74 8.17 11.15 2.53
CA TYR A 74 7.27 12.08 3.19
C TYR A 74 7.93 12.72 4.41
N LEU A 75 8.46 11.87 5.29
CA LEU A 75 9.00 12.33 6.57
C LEU A 75 10.18 13.26 6.36
N HIS A 76 10.99 12.95 5.36
CA HIS A 76 12.27 13.65 5.17
C HIS A 76 12.06 15.00 4.49
N MET A 77 10.81 15.39 4.34
CA MET A 77 10.47 16.74 3.91
C MET A 77 10.86 17.76 4.97
N MET A 78 10.95 17.31 6.22
CA MET A 78 11.29 18.18 7.33
C MET A 78 12.78 18.52 7.33
N SER A 79 13.19 19.33 6.36
CA SER A 79 14.59 19.70 6.22
C SER A 79 14.80 21.19 6.50
N ASP A 80 14.03 22.02 5.80
CA ASP A 80 14.27 23.46 5.78
C ASP A 80 13.18 24.21 6.55
N ASN B 16 -14.74 1.53 -3.34
CA ASN B 16 -13.82 1.29 -4.43
C ASN B 16 -12.79 0.23 -4.06
N GLN B 17 -12.18 -0.38 -5.07
CA GLN B 17 -11.10 -1.34 -4.85
C GLN B 17 -9.90 -1.01 -5.70
N PHE B 18 -8.71 -1.22 -5.14
CA PHE B 18 -7.46 -0.87 -5.83
C PHE B 18 -6.29 -1.64 -5.25
N LEU B 19 -5.18 -1.67 -5.98
CA LEU B 19 -3.96 -2.33 -5.51
C LEU B 19 -2.77 -1.40 -5.61
N VAL B 20 -1.85 -1.51 -4.65
CA VAL B 20 -0.65 -0.69 -4.63
C VAL B 20 0.58 -1.53 -4.96
N VAL B 21 1.31 -1.11 -5.99
CA VAL B 21 2.45 -1.89 -6.48
C VAL B 21 3.76 -1.15 -6.22
N ARG B 22 4.64 -1.78 -5.46
CA ARG B 22 5.88 -1.13 -5.03
C ARG B 22 7.05 -1.57 -5.90
N HIS B 23 7.62 -0.61 -6.64
CA HIS B 23 8.75 -0.90 -7.52
C HIS B 23 10.07 -0.76 -6.76
N PRO B 24 11.05 -1.58 -7.15
CA PRO B 24 12.42 -1.49 -6.61
C PRO B 24 13.14 -0.23 -7.08
N GLY B 25 12.63 0.92 -6.65
CA GLY B 25 13.18 2.18 -7.12
C GLY B 25 12.11 3.23 -7.36
N LYS B 26 12.51 4.50 -7.38
CA LYS B 26 11.56 5.61 -7.52
C LYS B 26 10.47 5.51 -6.47
N THR B 27 9.22 5.60 -6.90
CA THR B 27 8.08 5.59 -5.99
C THR B 27 7.07 4.52 -6.39
N PRO B 28 6.32 4.01 -5.40
CA PRO B 28 5.24 3.06 -5.63
C PRO B 28 4.05 3.71 -6.34
N VAL B 29 3.27 2.90 -7.05
CA VAL B 29 2.09 3.39 -7.75
C VAL B 29 0.86 2.57 -7.39
N ILE B 30 -0.31 3.15 -7.59
CA ILE B 30 -1.57 2.43 -7.38
C ILE B 30 -2.26 2.15 -8.71
N LYS B 31 -2.69 0.91 -8.89
CA LYS B 31 -3.10 0.42 -10.21
C LYS B 31 -4.51 -0.15 -10.14
N HIS B 32 -5.27 0.03 -11.23
CA HIS B 32 -6.53 -0.68 -11.41
C HIS B 32 -6.43 -1.64 -12.59
N CYS B 33 -7.07 -2.80 -12.44
CA CYS B 33 -7.22 -3.74 -13.55
C CYS B 33 -8.44 -3.40 -14.40
N THR B 34 -8.46 -3.93 -15.62
CA THR B 34 -9.61 -3.75 -16.49
C THR B 34 -10.31 -5.09 -16.75
N GLY B 35 -9.58 -6.18 -16.55
CA GLY B 35 -10.15 -7.50 -16.72
C GLY B 35 -10.13 -8.31 -15.42
N ASP B 36 -9.75 -9.57 -15.53
CA ASP B 36 -9.59 -10.43 -14.34
C ASP B 36 -8.36 -10.01 -13.54
N LEU B 37 -8.57 -9.70 -12.27
CA LEU B 37 -7.51 -9.16 -11.43
C LEU B 37 -6.34 -10.14 -11.33
N GLU B 38 -6.66 -11.42 -11.25
CA GLU B 38 -5.63 -12.46 -11.11
C GLU B 38 -4.65 -12.40 -12.27
N GLU B 39 -5.18 -12.27 -13.49
CA GLU B 39 -4.35 -12.08 -14.67
C GLU B 39 -3.53 -10.79 -14.56
N PHE B 40 -4.17 -9.74 -14.05
CA PHE B 40 -3.52 -8.44 -13.91
C PHE B 40 -2.30 -8.53 -13.00
N LEU B 41 -2.50 -9.17 -11.84
CA LEU B 41 -1.41 -9.33 -10.88
C LEU B 41 -0.29 -10.19 -11.43
N ARG B 42 -0.67 -11.28 -12.10
CA ARG B 42 0.31 -12.19 -12.70
C ARG B 42 1.15 -11.46 -13.74
N GLN B 43 0.52 -10.61 -14.53
CA GLN B 43 1.21 -9.85 -15.57
C GLN B 43 2.23 -8.91 -14.95
N LEU B 44 1.84 -8.24 -13.88
CA LEU B 44 2.76 -7.36 -13.14
C LEU B 44 3.92 -8.17 -12.56
N ILE B 45 3.61 -9.34 -12.01
CA ILE B 45 4.62 -10.18 -11.39
C ILE B 45 5.59 -10.73 -12.45
N GLU B 46 5.04 -11.18 -13.57
CA GLU B 46 5.84 -11.80 -14.61
C GLU B 46 6.80 -10.80 -15.24
N GLN B 47 6.30 -9.59 -15.48
CA GLN B 47 7.11 -8.54 -16.09
C GLN B 47 8.01 -7.88 -15.06
N ASP B 48 7.51 -7.74 -13.84
CA ASP B 48 8.25 -7.08 -12.78
C ASP B 48 8.21 -7.90 -11.49
N PRO B 49 9.01 -8.97 -11.44
CA PRO B 49 8.98 -9.93 -10.33
C PRO B 49 9.52 -9.35 -9.03
N LEU B 50 10.10 -8.15 -9.12
CA LEU B 50 10.66 -7.48 -7.96
C LEU B 50 9.62 -6.61 -7.27
N VAL B 51 8.41 -6.60 -7.82
CA VAL B 51 7.34 -5.76 -7.30
C VAL B 51 6.60 -6.46 -6.16
N THR B 52 6.22 -5.69 -5.15
CA THR B 52 5.25 -6.15 -4.16
C THR B 52 3.89 -5.49 -4.37
N ILE B 53 2.84 -6.31 -4.43
CA ILE B 53 1.50 -5.81 -4.64
C ILE B 53 0.59 -6.09 -3.45
N ASP B 54 -0.03 -5.06 -2.91
CA ASP B 54 -1.07 -5.23 -1.90
C ASP B 54 -2.42 -4.76 -2.44
N ILE B 55 -3.45 -5.57 -2.21
CA ILE B 55 -4.78 -5.28 -2.74
C ILE B 55 -5.69 -4.72 -1.66
N ILE B 56 -6.23 -3.54 -1.90
CA ILE B 56 -6.87 -2.76 -0.84
C ILE B 56 -8.37 -2.64 -1.09
N THR B 57 -9.17 -3.00 -0.09
CA THR B 57 -10.62 -3.01 -0.23
C THR B 57 -11.30 -2.42 0.99
N HIS B 58 -12.38 -1.67 0.77
CA HIS B 58 -13.19 -1.15 1.85
C HIS B 58 -14.67 -1.28 1.53
N ARG B 59 -15.05 -2.42 0.94
CA ARG B 59 -16.45 -2.70 0.65
C ARG B 59 -17.10 -3.47 1.77
N TYR B 60 -16.47 -4.57 2.18
CA TYR B 60 -17.03 -5.44 3.20
C TYR B 60 -16.03 -5.70 4.32
N TYR B 61 -14.94 -4.94 4.30
CA TYR B 61 -13.82 -5.19 5.21
C TYR B 61 -13.33 -3.88 5.83
N GLY B 62 -12.53 -4.01 6.90
CA GLY B 62 -11.82 -2.86 7.42
C GLY B 62 -11.00 -3.20 8.66
N VAL B 63 -9.86 -2.53 8.81
CA VAL B 63 -9.04 -2.68 10.01
C VAL B 63 -8.78 -1.33 10.66
N GLY B 64 -9.83 -0.53 10.80
CA GLY B 64 -9.65 0.87 11.14
C GLY B 64 -10.17 1.79 10.06
N GLY B 65 -10.91 1.23 9.10
CA GLY B 65 -11.47 2.03 8.03
C GLY B 65 -11.23 1.44 6.67
N GLN B 66 -10.08 0.77 6.51
CA GLN B 66 -9.78 0.05 5.28
C GLN B 66 -9.06 -1.26 5.59
N TRP B 67 -9.15 -2.21 4.67
CA TRP B 67 -8.49 -3.50 4.83
C TRP B 67 -7.76 -3.91 3.54
N VAL B 68 -6.71 -4.70 3.70
CA VAL B 68 -5.81 -5.00 2.58
C VAL B 68 -5.40 -6.47 2.59
N GLN B 69 -5.26 -7.05 1.41
CA GLN B 69 -4.75 -8.41 1.27
C GLN B 69 -3.52 -8.44 0.38
N ASP B 70 -2.50 -9.18 0.80
CA ASP B 70 -1.32 -9.39 -0.01
C ASP B 70 -1.68 -10.12 -1.31
N ALA B 71 -1.18 -9.60 -2.43
CA ALA B 71 -1.53 -10.13 -3.74
C ALA B 71 -1.15 -11.60 -3.86
N GLY B 72 -0.06 -11.97 -3.20
CA GLY B 72 0.35 -13.37 -3.17
C GLY B 72 -0.66 -14.25 -2.46
N GLU B 73 -1.18 -13.77 -1.33
CA GLU B 73 -2.26 -14.45 -0.63
C GLU B 73 -3.54 -14.46 -1.46
N TYR B 74 -3.79 -13.35 -2.15
CA TYR B 74 -4.97 -13.24 -2.99
C TYR B 74 -4.91 -14.23 -4.15
N LEU B 75 -3.81 -14.21 -4.89
CA LEU B 75 -3.69 -15.00 -6.11
C LEU B 75 -3.78 -16.50 -5.80
N HIS B 76 -3.19 -16.89 -4.68
CA HIS B 76 -3.02 -18.31 -4.35
C HIS B 76 -4.32 -18.89 -3.81
N MET B 77 -5.39 -18.12 -3.87
CA MET B 77 -6.72 -18.63 -3.58
C MET B 77 -7.17 -19.63 -4.65
N MET B 78 -6.58 -19.52 -5.84
CA MET B 78 -6.93 -20.39 -6.95
C MET B 78 -6.33 -21.78 -6.76
N SER B 79 -6.87 -22.53 -5.80
CA SER B 79 -6.36 -23.86 -5.49
C SER B 79 -7.40 -24.93 -5.84
N ASP B 80 -8.61 -24.75 -5.32
CA ASP B 80 -9.61 -25.81 -5.37
C ASP B 80 -10.74 -25.43 -6.33
N ASN A 16 -8.75 13.17 0.96
CA ASN A 16 -8.71 11.97 1.79
C ASN A 16 -7.32 11.34 1.76
N GLN A 17 -6.82 10.96 2.94
CA GLN A 17 -5.50 10.36 3.06
C GLN A 17 -5.55 9.13 3.96
N PHE A 18 -4.74 8.13 3.62
CA PHE A 18 -4.56 6.97 4.48
C PHE A 18 -3.25 6.25 4.17
N LEU A 19 -2.68 5.61 5.19
CA LEU A 19 -1.35 5.02 5.06
C LEU A 19 -1.37 3.54 5.41
N VAL A 20 -0.59 2.75 4.69
CA VAL A 20 -0.53 1.32 4.91
C VAL A 20 0.83 0.90 5.47
N VAL A 21 0.82 0.20 6.60
CA VAL A 21 2.05 -0.15 7.30
C VAL A 21 2.27 -1.66 7.32
N ARG A 22 3.43 -2.10 6.85
CA ARG A 22 3.69 -3.52 6.66
C ARG A 22 4.66 -4.04 7.71
N HIS A 23 4.18 -4.94 8.55
CA HIS A 23 5.03 -5.61 9.53
C HIS A 23 5.57 -6.93 8.98
N PRO A 24 6.85 -7.19 9.23
CA PRO A 24 7.51 -8.42 8.77
C PRO A 24 6.96 -9.67 9.44
N GLY A 25 6.77 -10.73 8.66
CA GLY A 25 6.21 -11.96 9.19
C GLY A 25 4.70 -11.90 9.29
N LYS A 26 4.13 -10.74 8.99
CA LYS A 26 2.69 -10.54 9.10
C LYS A 26 2.11 -10.02 7.79
N THR A 27 0.82 -9.67 7.81
CA THR A 27 0.20 -8.98 6.70
C THR A 27 -0.01 -7.50 7.01
N PRO A 28 0.03 -6.66 5.96
CA PRO A 28 -0.03 -5.21 6.12
C PRO A 28 -1.40 -4.73 6.59
N VAL A 29 -1.41 -3.62 7.33
CA VAL A 29 -2.66 -3.00 7.74
C VAL A 29 -2.66 -1.51 7.39
N ILE A 30 -3.86 -0.94 7.30
CA ILE A 30 -4.00 0.49 7.04
C ILE A 30 -4.43 1.24 8.29
N LYS A 31 -3.70 2.30 8.63
CA LYS A 31 -3.75 2.88 9.96
C LYS A 31 -4.12 4.37 9.90
N HIS A 32 -4.96 4.80 10.84
CA HIS A 32 -5.42 6.18 10.87
C HIS A 32 -5.01 6.85 12.18
N CYS A 33 -4.71 8.14 12.11
CA CYS A 33 -4.41 8.92 13.31
C CYS A 33 -5.11 10.28 13.26
N THR A 34 -5.16 10.94 14.41
CA THR A 34 -5.79 12.26 14.50
C THR A 34 -4.77 13.34 14.83
N GLY A 35 -3.59 12.91 15.25
CA GLY A 35 -2.52 13.86 15.56
C GLY A 35 -1.60 14.10 14.37
N ASP A 36 -0.37 14.51 14.65
CA ASP A 36 0.60 14.79 13.61
C ASP A 36 0.99 13.51 12.87
N LEU A 37 0.80 13.51 11.56
CA LEU A 37 0.98 12.30 10.77
C LEU A 37 2.43 11.82 10.82
N GLU A 38 3.36 12.77 10.72
CA GLU A 38 4.78 12.43 10.74
C GLU A 38 5.16 11.70 12.03
N GLU A 39 4.66 12.21 13.15
CA GLU A 39 4.93 11.59 14.45
C GLU A 39 4.40 10.16 14.49
N PHE A 40 3.22 9.95 13.91
CA PHE A 40 2.62 8.62 13.86
C PHE A 40 3.53 7.63 13.14
N LEU A 41 4.04 8.04 11.99
CA LEU A 41 4.92 7.19 11.19
C LEU A 41 6.21 6.88 11.95
N ARG A 42 6.78 7.91 12.57
CA ARG A 42 8.00 7.75 13.35
C ARG A 42 7.80 6.75 14.48
N GLN A 43 6.65 6.82 15.13
CA GLN A 43 6.34 5.92 16.24
C GLN A 43 6.27 4.48 15.76
N LEU A 44 5.64 4.27 14.61
CA LEU A 44 5.59 2.94 14.00
C LEU A 44 6.99 2.44 13.67
N ILE A 45 7.81 3.34 13.13
CA ILE A 45 9.19 2.99 12.80
C ILE A 45 10.00 2.69 14.05
N GLU A 46 9.81 3.51 15.07
CA GLU A 46 10.59 3.39 16.30
C GLU A 46 10.33 2.04 16.98
N GLN A 47 9.07 1.63 17.00
CA GLN A 47 8.70 0.37 17.63
C GLN A 47 9.02 -0.82 16.72
N ASP A 48 8.84 -0.62 15.42
CA ASP A 48 9.21 -1.63 14.43
C ASP A 48 9.89 -0.99 13.22
N PRO A 49 11.23 -0.90 13.26
CA PRO A 49 12.01 -0.21 12.24
C PRO A 49 12.04 -0.97 10.91
N LEU A 50 11.48 -2.18 10.92
CA LEU A 50 11.57 -3.06 9.76
C LEU A 50 10.38 -2.86 8.84
N VAL A 51 9.41 -2.06 9.29
CA VAL A 51 8.18 -1.85 8.53
C VAL A 51 8.45 -1.03 7.27
N THR A 52 7.63 -1.26 6.24
CA THR A 52 7.46 -0.27 5.18
C THR A 52 6.08 0.37 5.26
N ILE A 53 6.06 1.71 5.25
CA ILE A 53 4.80 2.44 5.27
C ILE A 53 4.63 3.28 4.00
N ASP A 54 3.50 3.09 3.33
CA ASP A 54 3.16 3.90 2.16
C ASP A 54 1.95 4.78 2.43
N ILE A 55 2.06 6.06 2.10
CA ILE A 55 1.00 7.02 2.38
C ILE A 55 0.20 7.34 1.13
N ILE A 56 -1.11 7.09 1.18
CA ILE A 56 -1.94 7.10 -0.02
C ILE A 56 -2.91 8.28 0.00
N THR A 57 -2.91 9.06 -1.08
CA THR A 57 -3.72 10.27 -1.15
C THR A 57 -4.73 10.18 -2.28
N HIS A 58 -5.96 10.61 -2.01
CA HIS A 58 -6.99 10.71 -3.04
C HIS A 58 -7.59 12.11 -3.09
N ARG A 59 -7.72 12.65 -4.29
CA ARG A 59 -8.20 14.02 -4.46
C ARG A 59 -8.86 14.20 -5.83
N TYR A 60 -9.68 15.23 -5.95
CA TYR A 60 -10.37 15.52 -7.21
C TYR A 60 -9.36 15.66 -8.36
N TYR A 61 -8.22 16.26 -8.06
CA TYR A 61 -7.19 16.49 -9.06
C TYR A 61 -5.89 15.80 -8.70
N GLY A 62 -5.23 15.22 -9.70
CA GLY A 62 -3.99 14.51 -9.45
C GLY A 62 -3.54 13.70 -10.65
N VAL A 63 -2.66 12.73 -10.42
CA VAL A 63 -2.08 11.95 -11.50
C VAL A 63 -3.08 10.94 -12.04
N GLY A 64 -4.03 10.55 -11.20
CA GLY A 64 -4.95 9.48 -11.55
C GLY A 64 -5.96 9.19 -10.46
N GLY A 65 -6.37 7.93 -10.36
CA GLY A 65 -7.32 7.53 -9.33
C GLY A 65 -6.79 7.79 -7.93
N GLN A 66 -5.66 7.16 -7.61
CA GLN A 66 -4.98 7.43 -6.35
C GLN A 66 -3.45 7.43 -6.54
N TRP A 67 -2.75 8.15 -5.67
CA TRP A 67 -1.30 8.19 -5.72
C TRP A 67 -0.70 8.10 -4.32
N VAL A 68 0.53 7.61 -4.23
CA VAL A 68 1.08 7.15 -2.96
C VAL A 68 2.54 7.59 -2.80
N GLN A 69 2.92 7.93 -1.58
CA GLN A 69 4.30 8.29 -1.29
C GLN A 69 4.83 7.48 -0.11
N ASP A 70 6.06 6.98 -0.24
CA ASP A 70 6.72 6.28 0.85
C ASP A 70 6.91 7.18 2.06
N ALA A 71 6.66 6.65 3.24
CA ALA A 71 6.71 7.44 4.47
C ALA A 71 8.10 8.04 4.68
N GLY A 72 9.12 7.36 4.16
CA GLY A 72 10.48 7.85 4.29
C GLY A 72 10.69 9.17 3.59
N GLU A 73 10.14 9.29 2.38
CA GLU A 73 10.16 10.56 1.67
C GLU A 73 9.29 11.60 2.38
N TYR A 74 8.18 11.14 2.95
CA TYR A 74 7.21 12.03 3.57
C TYR A 74 7.82 12.77 4.77
N LEU A 75 8.48 12.01 5.64
CA LEU A 75 9.17 12.59 6.79
C LEU A 75 10.29 13.50 6.33
N HIS A 76 11.00 13.09 5.28
CA HIS A 76 12.09 13.90 4.72
C HIS A 76 11.54 15.16 4.07
N MET A 77 10.32 15.07 3.55
CA MET A 77 9.69 16.21 2.88
C MET A 77 9.58 17.41 3.83
N MET A 78 9.64 17.13 5.13
CA MET A 78 9.51 18.17 6.14
C MET A 78 10.61 19.23 5.96
N SER A 79 11.72 18.83 5.35
CA SER A 79 12.87 19.72 5.22
C SER A 79 12.94 20.33 3.83
N ASP A 80 11.88 20.12 3.05
CA ASP A 80 11.83 20.63 1.69
C ASP A 80 11.75 22.16 1.68
N ASN B 16 -15.52 -0.92 -3.09
CA ASN B 16 -14.41 -0.30 -3.82
C ASN B 16 -13.10 -1.04 -3.56
N GLN B 17 -12.34 -1.29 -4.62
CA GLN B 17 -11.07 -1.99 -4.51
C GLN B 17 -9.98 -1.29 -5.33
N PHE B 18 -8.76 -1.31 -4.81
CA PHE B 18 -7.61 -0.82 -5.55
C PHE B 18 -6.32 -1.42 -5.01
N LEU B 19 -5.33 -1.57 -5.89
CA LEU B 19 -4.10 -2.27 -5.54
C LEU B 19 -2.88 -1.39 -5.79
N VAL B 20 -1.88 -1.50 -4.90
CA VAL B 20 -0.68 -0.71 -5.02
C VAL B 20 0.53 -1.59 -5.35
N VAL B 21 1.24 -1.24 -6.42
CA VAL B 21 2.34 -2.06 -6.91
C VAL B 21 3.67 -1.34 -6.80
N ARG B 22 4.63 -1.97 -6.14
CA ARG B 22 5.89 -1.32 -5.81
C ARG B 22 7.03 -1.86 -6.67
N HIS B 23 7.59 -0.99 -7.51
CA HIS B 23 8.75 -1.35 -8.32
C HIS B 23 10.04 -0.95 -7.61
N PRO B 24 11.04 -1.85 -7.65
CA PRO B 24 12.35 -1.61 -7.02
C PRO B 24 13.11 -0.47 -7.68
N GLY B 25 13.74 0.37 -6.86
CA GLY B 25 14.46 1.51 -7.38
C GLY B 25 13.55 2.68 -7.68
N LYS B 26 12.25 2.47 -7.56
CA LYS B 26 11.27 3.49 -7.87
C LYS B 26 10.33 3.74 -6.69
N THR B 27 9.31 4.55 -6.93
CA THR B 27 8.23 4.72 -5.95
C THR B 27 6.97 3.99 -6.39
N PRO B 28 6.18 3.53 -5.42
CA PRO B 28 5.00 2.69 -5.68
C PRO B 28 3.88 3.47 -6.38
N VAL B 29 3.10 2.77 -7.19
CA VAL B 29 1.92 3.37 -7.80
C VAL B 29 0.69 2.51 -7.57
N ILE B 30 -0.50 3.13 -7.69
CA ILE B 30 -1.75 2.41 -7.55
C ILE B 30 -2.43 2.22 -8.90
N LYS B 31 -2.80 0.97 -9.20
CA LYS B 31 -3.11 0.58 -10.56
C LYS B 31 -4.52 0.01 -10.66
N HIS B 32 -5.23 0.34 -11.74
CA HIS B 32 -6.59 -0.12 -11.93
C HIS B 32 -6.71 -0.93 -13.21
N CYS B 33 -7.57 -1.94 -13.19
CA CYS B 33 -7.85 -2.74 -14.38
C CYS B 33 -9.35 -2.98 -14.53
N THR B 34 -9.76 -3.42 -15.72
CA THR B 34 -11.17 -3.69 -15.99
C THR B 34 -11.38 -5.18 -16.24
N GLY B 35 -10.29 -5.91 -16.47
CA GLY B 35 -10.39 -7.34 -16.69
C GLY B 35 -10.21 -8.14 -15.41
N ASP B 36 -9.78 -9.38 -15.56
CA ASP B 36 -9.57 -10.26 -14.40
C ASP B 36 -8.43 -9.75 -13.53
N LEU B 37 -8.72 -9.50 -12.26
CA LEU B 37 -7.76 -8.88 -11.35
C LEU B 37 -6.52 -9.75 -11.18
N GLU B 38 -6.75 -11.05 -11.02
CA GLU B 38 -5.65 -11.99 -10.82
C GLU B 38 -4.67 -11.95 -11.99
N GLU B 39 -5.21 -11.93 -13.20
CA GLU B 39 -4.38 -11.87 -14.40
C GLU B 39 -3.53 -10.59 -14.42
N PHE B 40 -4.13 -9.49 -13.99
CA PHE B 40 -3.43 -8.22 -13.94
C PHE B 40 -2.22 -8.30 -13.02
N LEU B 41 -2.40 -8.88 -11.85
CA LEU B 41 -1.32 -9.01 -10.88
C LEU B 41 -0.22 -9.91 -11.42
N ARG B 42 -0.62 -11.02 -12.03
CA ARG B 42 0.34 -11.96 -12.61
C ARG B 42 1.18 -11.28 -13.68
N GLN B 43 0.54 -10.46 -14.50
CA GLN B 43 1.22 -9.75 -15.57
C GLN B 43 2.28 -8.80 -15.01
N LEU B 44 1.92 -8.09 -13.95
CA LEU B 44 2.86 -7.21 -13.25
C LEU B 44 4.03 -8.00 -12.69
N ILE B 45 3.72 -9.16 -12.11
CA ILE B 45 4.77 -10.03 -11.56
C ILE B 45 5.65 -10.60 -12.67
N GLU B 46 5.03 -11.00 -13.78
CA GLU B 46 5.75 -11.63 -14.87
C GLU B 46 6.77 -10.67 -15.48
N GLN B 47 6.37 -9.42 -15.64
CA GLN B 47 7.25 -8.41 -16.22
C GLN B 47 8.25 -7.90 -15.20
N ASP B 48 7.81 -7.79 -13.95
CA ASP B 48 8.70 -7.42 -12.86
C ASP B 48 8.41 -8.25 -11.61
N PRO B 49 9.13 -9.37 -11.47
CA PRO B 49 8.89 -10.34 -10.40
C PRO B 49 9.32 -9.81 -9.04
N LEU B 50 9.97 -8.65 -9.04
CA LEU B 50 10.57 -8.11 -7.82
C LEU B 50 9.58 -7.22 -7.08
N VAL B 51 8.44 -6.95 -7.71
CA VAL B 51 7.45 -6.04 -7.15
C VAL B 51 6.77 -6.66 -5.93
N THR B 52 6.34 -5.80 -5.01
CA THR B 52 5.30 -6.17 -4.06
C THR B 52 3.99 -5.46 -4.37
N ILE B 53 2.91 -6.23 -4.46
CA ILE B 53 1.58 -5.67 -4.71
C ILE B 53 0.65 -5.94 -3.54
N ASP B 54 0.03 -4.87 -3.01
CA ASP B 54 -0.97 -5.02 -1.96
C ASP B 54 -2.34 -4.58 -2.47
N ILE B 55 -3.35 -5.42 -2.22
CA ILE B 55 -4.69 -5.15 -2.71
C ILE B 55 -5.59 -4.61 -1.59
N ILE B 56 -6.15 -3.42 -1.81
CA ILE B 56 -6.82 -2.69 -0.75
C ILE B 56 -8.32 -2.62 -0.99
N THR B 57 -9.10 -3.00 0.02
CA THR B 57 -10.54 -3.06 -0.11
C THR B 57 -11.22 -2.12 0.88
N HIS B 58 -12.25 -1.42 0.40
CA HIS B 58 -13.07 -0.58 1.28
C HIS B 58 -14.55 -0.94 1.14
N ARG B 59 -15.23 -1.07 2.27
CA ARG B 59 -16.63 -1.49 2.28
C ARG B 59 -17.34 -0.98 3.52
N TYR B 60 -18.67 -0.92 3.46
CA TYR B 60 -19.47 -0.46 4.58
C TYR B 60 -19.16 -1.26 5.84
N TYR B 61 -18.93 -2.56 5.66
CA TYR B 61 -18.65 -3.44 6.79
C TYR B 61 -17.29 -4.10 6.66
N GLY B 62 -16.58 -4.21 7.77
CA GLY B 62 -15.25 -4.80 7.76
C GLY B 62 -14.51 -4.59 9.07
N VAL B 63 -13.19 -4.74 9.02
CA VAL B 63 -12.37 -4.65 10.22
C VAL B 63 -12.22 -3.21 10.69
N GLY B 64 -12.34 -2.27 9.76
CA GLY B 64 -12.08 -0.88 10.06
C GLY B 64 -12.28 0.02 8.86
N GLY B 65 -11.51 1.10 8.79
CA GLY B 65 -11.60 2.01 7.67
C GLY B 65 -11.30 1.34 6.34
N GLN B 66 -10.10 0.78 6.22
CA GLN B 66 -9.73 -0.01 5.05
C GLN B 66 -8.88 -1.20 5.46
N TRP B 67 -8.92 -2.26 4.64
CA TRP B 67 -8.11 -3.45 4.89
C TRP B 67 -7.49 -3.96 3.59
N VAL B 68 -6.37 -4.66 3.71
CA VAL B 68 -5.50 -4.92 2.57
C VAL B 68 -4.98 -6.35 2.59
N GLN B 69 -4.85 -6.95 1.41
CA GLN B 69 -4.30 -8.29 1.29
C GLN B 69 -3.17 -8.32 0.25
N ASP B 70 -2.09 -9.00 0.59
CA ASP B 70 -0.97 -9.17 -0.34
C ASP B 70 -1.43 -9.95 -1.57
N ALA B 71 -0.97 -9.51 -2.74
CA ALA B 71 -1.40 -10.12 -4.00
C ALA B 71 -1.05 -11.60 -4.05
N GLY B 72 0.03 -11.97 -3.36
CA GLY B 72 0.45 -13.36 -3.33
C GLY B 72 -0.59 -14.27 -2.70
N GLU B 73 -1.17 -13.82 -1.60
CA GLU B 73 -2.28 -14.53 -0.97
C GLU B 73 -3.51 -14.51 -1.88
N TYR B 74 -3.72 -13.39 -2.56
CA TYR B 74 -4.91 -13.19 -3.37
C TYR B 74 -4.97 -14.20 -4.52
N LEU B 75 -3.86 -14.33 -5.23
CA LEU B 75 -3.76 -15.32 -6.31
C LEU B 75 -3.90 -16.74 -5.76
N HIS B 76 -3.31 -16.97 -4.60
CA HIS B 76 -3.40 -18.28 -3.95
C HIS B 76 -4.82 -18.56 -3.47
N MET B 77 -5.54 -17.49 -3.13
CA MET B 77 -6.90 -17.62 -2.63
C MET B 77 -7.79 -18.30 -3.67
N MET B 78 -7.35 -18.28 -4.93
CA MET B 78 -8.12 -18.88 -6.01
C MET B 78 -8.36 -20.37 -5.77
N SER B 79 -7.47 -20.98 -4.99
CA SER B 79 -7.52 -22.42 -4.76
C SER B 79 -8.16 -22.74 -3.41
N ASP B 80 -8.73 -21.72 -2.77
CA ASP B 80 -9.35 -21.88 -1.47
C ASP B 80 -10.62 -22.73 -1.58
N ASN A 16 -4.33 13.02 4.29
CA ASN A 16 -5.43 12.40 5.04
C ASN A 16 -4.97 11.11 5.71
N GLN A 17 -5.82 10.59 6.59
CA GLN A 17 -5.49 9.37 7.33
C GLN A 17 -5.76 8.13 6.48
N PHE A 18 -4.89 7.85 5.53
CA PHE A 18 -5.06 6.72 4.64
C PHE A 18 -3.71 6.12 4.25
N LEU A 19 -3.02 5.52 5.21
CA LEU A 19 -1.71 4.93 4.97
C LEU A 19 -1.70 3.45 5.36
N VAL A 20 -1.00 2.64 4.57
CA VAL A 20 -0.98 1.21 4.77
C VAL A 20 0.41 0.73 5.21
N VAL A 21 0.45 0.00 6.32
CA VAL A 21 1.72 -0.39 6.92
C VAL A 21 1.90 -1.90 6.87
N ARG A 22 3.04 -2.34 6.31
CA ARG A 22 3.21 -3.74 5.93
C ARG A 22 4.19 -4.43 6.88
N HIS A 23 3.68 -5.36 7.68
CA HIS A 23 4.49 -6.06 8.67
C HIS A 23 4.95 -7.40 8.15
N PRO A 24 6.27 -7.58 8.06
CA PRO A 24 6.89 -8.84 7.61
C PRO A 24 6.38 -10.05 8.40
N GLY A 25 6.05 -11.12 7.69
CA GLY A 25 5.57 -12.33 8.34
C GLY A 25 4.10 -12.27 8.68
N LYS A 26 3.51 -11.10 8.52
CA LYS A 26 2.10 -10.90 8.84
C LYS A 26 1.34 -10.33 7.63
N THR A 27 0.14 -9.85 7.88
CA THR A 27 -0.65 -9.17 6.84
C THR A 27 -0.69 -7.67 7.08
N PRO A 28 -0.76 -6.90 5.98
CA PRO A 28 -0.76 -5.43 6.05
C PRO A 28 -2.05 -4.88 6.65
N VAL A 29 -1.94 -3.73 7.32
CA VAL A 29 -3.11 -3.02 7.81
C VAL A 29 -3.05 -1.54 7.45
N ILE A 30 -4.21 -0.89 7.43
CA ILE A 30 -4.28 0.55 7.18
C ILE A 30 -4.59 1.29 8.48
N LYS A 31 -3.75 2.28 8.79
CA LYS A 31 -3.64 2.79 10.16
C LYS A 31 -3.90 4.29 10.20
N HIS A 32 -4.57 4.74 11.26
CA HIS A 32 -4.71 6.17 11.53
C HIS A 32 -3.77 6.60 12.64
N CYS A 33 -3.23 7.82 12.52
CA CYS A 33 -2.30 8.34 13.51
C CYS A 33 -3.00 8.67 14.81
N THR A 34 -2.22 8.86 15.87
CA THR A 34 -2.78 9.23 17.17
C THR A 34 -2.83 10.74 17.34
N GLY A 35 -2.14 11.46 16.46
CA GLY A 35 -2.17 12.91 16.49
C GLY A 35 -1.24 13.53 15.47
N ASP A 36 0.06 13.44 15.72
CA ASP A 36 1.05 13.88 14.75
C ASP A 36 1.37 12.79 13.75
N LEU A 37 1.12 13.07 12.48
CA LEU A 37 1.21 12.05 11.44
C LEU A 37 2.65 11.59 11.26
N GLU A 38 3.57 12.54 11.18
CA GLU A 38 4.98 12.23 10.99
C GLU A 38 5.51 11.36 12.13
N GLU A 39 5.14 11.72 13.36
CA GLU A 39 5.56 10.95 14.53
C GLU A 39 5.03 9.53 14.46
N PHE A 40 3.81 9.37 13.99
CA PHE A 40 3.18 8.06 13.85
C PHE A 40 3.99 7.17 12.92
N LEU A 41 4.40 7.73 11.78
CA LEU A 41 5.20 7.00 10.81
C LEU A 41 6.56 6.62 11.39
N ARG A 42 7.17 7.56 12.09
CA ARG A 42 8.44 7.30 12.76
C ARG A 42 8.30 6.17 13.79
N GLN A 43 7.20 6.20 14.52
CA GLN A 43 6.96 5.21 15.57
C GLN A 43 6.86 3.81 14.99
N LEU A 44 6.16 3.68 13.87
CA LEU A 44 6.06 2.41 13.17
C LEU A 44 7.43 1.95 12.68
N ILE A 45 8.21 2.88 12.15
CA ILE A 45 9.55 2.57 11.66
C ILE A 45 10.48 2.16 12.79
N GLU A 46 10.42 2.90 13.90
CA GLU A 46 11.31 2.66 15.02
C GLU A 46 11.04 1.30 15.65
N GLN A 47 9.76 0.95 15.79
CA GLN A 47 9.38 -0.32 16.39
C GLN A 47 9.55 -1.47 15.40
N ASP A 48 9.31 -1.18 14.13
CA ASP A 48 9.51 -2.16 13.08
C ASP A 48 10.23 -1.56 11.87
N PRO A 49 11.56 -1.57 11.91
CA PRO A 49 12.39 -0.95 10.87
C PRO A 49 12.31 -1.69 9.55
N LEU A 50 11.67 -2.86 9.56
CA LEU A 50 11.49 -3.65 8.35
C LEU A 50 10.14 -3.35 7.70
N VAL A 51 9.36 -2.50 8.36
CA VAL A 51 7.99 -2.25 7.93
C VAL A 51 7.94 -1.28 6.77
N THR A 52 7.03 -1.53 5.83
CA THR A 52 6.83 -0.63 4.70
C THR A 52 5.51 0.11 4.82
N ILE A 53 5.58 1.44 4.67
CA ILE A 53 4.38 2.27 4.74
C ILE A 53 4.15 3.00 3.42
N ASP A 54 2.94 2.87 2.88
CA ASP A 54 2.51 3.71 1.77
C ASP A 54 1.42 4.68 2.21
N ILE A 55 1.59 5.95 1.85
CA ILE A 55 0.60 6.98 2.17
C ILE A 55 -0.23 7.35 0.95
N ILE A 56 -1.54 7.20 1.07
CA ILE A 56 -2.42 7.20 -0.09
C ILE A 56 -3.32 8.44 -0.11
N THR A 57 -3.34 9.13 -1.25
CA THR A 57 -4.13 10.34 -1.39
C THR A 57 -4.69 10.47 -2.80
N HIS A 58 -5.06 11.69 -3.17
CA HIS A 58 -5.57 11.96 -4.52
C HIS A 58 -5.15 13.34 -5.00
N ARG A 59 -4.65 13.42 -6.22
CA ARG A 59 -4.16 14.67 -6.78
C ARG A 59 -4.87 15.01 -8.09
N TYR A 60 -4.56 14.25 -9.13
CA TYR A 60 -5.17 14.45 -10.43
C TYR A 60 -5.03 13.21 -11.31
N TYR A 61 -5.63 13.25 -12.49
CA TYR A 61 -5.56 12.14 -13.42
C TYR A 61 -4.12 11.72 -13.67
N GLY A 62 -3.91 10.43 -13.91
CA GLY A 62 -2.59 9.95 -14.27
C GLY A 62 -2.24 8.63 -13.60
N VAL A 63 -2.65 8.50 -12.33
CA VAL A 63 -2.41 7.27 -11.59
C VAL A 63 -3.73 6.65 -11.12
N GLY A 64 -4.22 5.67 -11.89
CA GLY A 64 -5.53 5.10 -11.61
C GLY A 64 -6.54 6.16 -11.22
N GLY A 65 -7.21 5.93 -10.09
CA GLY A 65 -8.03 6.98 -9.49
C GLY A 65 -7.43 7.51 -8.19
N GLN A 66 -6.21 7.09 -7.89
CA GLN A 66 -5.61 7.37 -6.60
C GLN A 66 -4.11 7.65 -6.73
N TRP A 67 -3.56 8.38 -5.78
CA TRP A 67 -2.12 8.60 -5.73
C TRP A 67 -1.54 8.09 -4.41
N VAL A 68 -0.27 7.73 -4.43
CA VAL A 68 0.41 7.21 -3.24
C VAL A 68 1.84 7.74 -3.15
N GLN A 69 2.29 7.99 -1.92
CA GLN A 69 3.67 8.41 -1.68
C GLN A 69 4.36 7.48 -0.70
N ASP A 70 5.60 7.13 -1.00
CA ASP A 70 6.43 6.38 -0.07
C ASP A 70 6.66 7.17 1.22
N ALA A 71 6.35 6.55 2.35
CA ALA A 71 6.39 7.23 3.63
C ALA A 71 7.80 7.76 3.92
N GLY A 72 8.80 7.07 3.40
CA GLY A 72 10.17 7.55 3.51
C GLY A 72 10.38 8.86 2.76
N GLU A 73 9.81 8.94 1.56
CA GLU A 73 9.84 10.17 0.79
C GLU A 73 9.02 11.27 1.48
N TYR A 74 7.90 10.87 2.07
CA TYR A 74 7.03 11.82 2.77
C TYR A 74 7.75 12.44 3.96
N LEU A 75 8.30 11.59 4.82
CA LEU A 75 8.87 12.05 6.08
C LEU A 75 10.05 12.99 5.83
N HIS A 76 10.83 12.70 4.81
CA HIS A 76 12.09 13.42 4.57
C HIS A 76 11.82 14.85 4.14
N MET A 77 10.57 15.15 3.80
CA MET A 77 10.19 16.48 3.36
C MET A 77 10.47 17.52 4.44
N MET A 78 10.58 17.06 5.69
CA MET A 78 10.87 17.95 6.80
C MET A 78 12.31 18.45 6.73
N SER A 79 13.14 17.74 5.97
CA SER A 79 14.55 18.10 5.86
C SER A 79 14.84 18.73 4.51
N ASP A 80 14.19 18.23 3.46
CA ASP A 80 14.41 18.71 2.11
C ASP A 80 13.45 18.05 1.13
N ASN B 16 -12.34 -4.60 -5.77
CA ASN B 16 -12.39 -3.41 -6.61
C ASN B 16 -11.00 -3.04 -7.11
N GLN B 17 -10.94 -2.13 -8.07
CA GLN B 17 -9.67 -1.72 -8.66
C GLN B 17 -8.97 -0.69 -7.78
N PHE B 18 -8.37 -1.17 -6.70
CA PHE B 18 -7.68 -0.28 -5.76
C PHE B 18 -6.47 -0.99 -5.14
N LEU B 19 -5.46 -1.24 -5.96
CA LEU B 19 -4.25 -1.92 -5.49
C LEU B 19 -3.01 -1.08 -5.78
N VAL B 20 -2.06 -1.10 -4.84
CA VAL B 20 -0.87 -0.27 -4.93
C VAL B 20 0.37 -1.12 -5.14
N VAL B 21 1.14 -0.80 -6.18
CA VAL B 21 2.29 -1.63 -6.57
C VAL B 21 3.59 -0.87 -6.39
N ARG B 22 4.53 -1.48 -5.65
CA ARG B 22 5.69 -0.76 -5.16
C ARG B 22 6.95 -1.19 -5.90
N HIS B 23 7.50 -0.28 -6.70
CA HIS B 23 8.67 -0.59 -7.51
C HIS B 23 9.95 -0.12 -6.83
N PRO B 24 10.86 -1.06 -6.55
CA PRO B 24 12.15 -0.76 -5.93
C PRO B 24 12.93 0.30 -6.70
N GLY B 25 13.50 1.26 -5.96
CA GLY B 25 14.27 2.30 -6.59
C GLY B 25 13.41 3.43 -7.14
N LYS B 26 12.10 3.21 -7.15
CA LYS B 26 11.16 4.20 -7.67
C LYS B 26 10.12 4.55 -6.62
N THR B 27 9.05 5.21 -7.07
CA THR B 27 7.91 5.50 -6.20
C THR B 27 6.72 4.62 -6.55
N PRO B 28 5.90 4.30 -5.53
CA PRO B 28 4.74 3.43 -5.70
C PRO B 28 3.64 4.09 -6.52
N VAL B 29 2.87 3.26 -7.23
CA VAL B 29 1.69 3.74 -7.94
C VAL B 29 0.49 2.83 -7.67
N ILE B 30 -0.71 3.38 -7.86
CA ILE B 30 -1.93 2.60 -7.74
C ILE B 30 -2.54 2.30 -9.10
N LYS B 31 -2.79 1.02 -9.37
CA LYS B 31 -2.94 0.53 -10.74
C LYS B 31 -4.28 -0.16 -10.92
N HIS B 32 -4.88 0.03 -12.09
CA HIS B 32 -6.07 -0.72 -12.48
C HIS B 32 -5.71 -1.82 -13.48
N CYS B 33 -6.39 -2.96 -13.37
CA CYS B 33 -6.12 -4.09 -14.24
C CYS B 33 -6.62 -3.81 -15.66
N THR B 34 -6.17 -4.63 -16.62
CA THR B 34 -6.61 -4.50 -18.00
C THR B 34 -7.83 -5.36 -18.28
N GLY B 35 -8.12 -6.28 -17.36
CA GLY B 35 -9.29 -7.12 -17.51
C GLY B 35 -9.39 -8.16 -16.41
N ASP B 36 -8.52 -9.17 -16.46
CA ASP B 36 -8.43 -10.17 -15.41
C ASP B 36 -7.51 -9.69 -14.29
N LEU B 37 -8.05 -9.56 -13.08
CA LEU B 37 -7.33 -8.96 -11.98
C LEU B 37 -6.14 -9.82 -11.56
N GLU B 38 -6.38 -11.12 -11.43
CA GLU B 38 -5.33 -12.06 -11.03
C GLU B 38 -4.18 -12.04 -12.02
N GLU B 39 -4.51 -12.04 -13.30
CA GLU B 39 -3.49 -12.00 -14.34
C GLU B 39 -2.65 -10.73 -14.25
N PHE B 40 -3.33 -9.62 -13.94
CA PHE B 40 -2.65 -8.33 -13.81
C PHE B 40 -1.60 -8.38 -12.71
N LEU B 41 -1.97 -8.96 -11.57
CA LEU B 41 -1.05 -9.09 -10.44
C LEU B 41 0.13 -9.99 -10.80
N ARG B 42 -0.17 -11.09 -11.47
CA ARG B 42 0.87 -12.01 -11.94
C ARG B 42 1.82 -11.29 -12.90
N GLN B 43 1.27 -10.47 -13.78
CA GLN B 43 2.07 -9.77 -14.78
C GLN B 43 3.05 -8.82 -14.11
N LEU B 44 2.59 -8.09 -13.10
CA LEU B 44 3.45 -7.21 -12.33
C LEU B 44 4.54 -8.00 -11.63
N ILE B 45 4.18 -9.15 -11.06
CA ILE B 45 5.14 -9.99 -10.36
C ILE B 45 6.17 -10.57 -11.33
N GLU B 46 5.71 -11.03 -12.48
CA GLU B 46 6.57 -11.69 -13.45
C GLU B 46 7.59 -10.71 -14.01
N GLN B 47 7.14 -9.49 -14.30
CA GLN B 47 8.01 -8.46 -14.86
C GLN B 47 8.89 -7.84 -13.78
N ASP B 48 8.35 -7.74 -12.57
CA ASP B 48 9.11 -7.23 -11.43
C ASP B 48 8.87 -8.08 -10.20
N PRO B 49 9.66 -9.15 -10.04
CA PRO B 49 9.51 -10.11 -8.94
C PRO B 49 9.87 -9.51 -7.60
N LEU B 50 10.44 -8.31 -7.61
CA LEU B 50 10.80 -7.60 -6.39
C LEU B 50 9.68 -6.65 -5.96
N VAL B 51 8.63 -6.58 -6.78
CA VAL B 51 7.56 -5.59 -6.57
C VAL B 51 6.60 -6.06 -5.48
N THR B 52 6.14 -5.12 -4.66
CA THR B 52 5.15 -5.41 -3.64
C THR B 52 3.80 -4.82 -4.00
N ILE B 53 2.76 -5.65 -3.93
CA ILE B 53 1.41 -5.19 -4.23
C ILE B 53 0.50 -5.35 -3.01
N ASP B 54 -0.18 -4.26 -2.63
CA ASP B 54 -1.26 -4.33 -1.65
C ASP B 54 -2.60 -4.09 -2.32
N ILE B 55 -3.57 -4.94 -2.02
CA ILE B 55 -4.92 -4.79 -2.56
C ILE B 55 -5.88 -4.26 -1.49
N ILE B 56 -6.52 -3.13 -1.79
CA ILE B 56 -7.19 -2.35 -0.76
C ILE B 56 -8.70 -2.38 -0.94
N THR B 57 -9.42 -2.68 0.13
CA THR B 57 -10.87 -2.77 0.07
C THR B 57 -11.50 -2.30 1.37
N HIS B 58 -12.75 -2.70 1.62
CA HIS B 58 -13.45 -2.36 2.85
C HIS B 58 -14.38 -3.49 3.28
N ARG B 59 -14.32 -3.84 4.55
CA ARG B 59 -15.11 -4.94 5.08
C ARG B 59 -15.97 -4.49 6.25
N TYR B 60 -15.33 -4.21 7.38
CA TYR B 60 -16.04 -3.75 8.57
C TYR B 60 -15.07 -3.06 9.54
N TYR B 61 -15.62 -2.52 10.62
CA TYR B 61 -14.83 -1.85 11.63
C TYR B 61 -13.68 -2.74 12.10
N GLY B 62 -12.56 -2.12 12.46
CA GLY B 62 -11.45 -2.86 13.04
C GLY B 62 -10.11 -2.40 12.51
N VAL B 63 -10.06 -2.09 11.21
CA VAL B 63 -8.83 -1.60 10.59
C VAL B 63 -9.05 -0.20 10.00
N GLY B 64 -8.66 0.83 10.75
CA GLY B 64 -8.93 2.19 10.33
C GLY B 64 -10.31 2.35 9.73
N GLY B 65 -10.36 2.94 8.54
CA GLY B 65 -11.60 2.92 7.76
C GLY B 65 -11.49 2.05 6.53
N GLN B 66 -10.40 1.30 6.44
CA GLN B 66 -10.09 0.55 5.21
C GLN B 66 -9.46 -0.79 5.54
N TRP B 67 -9.59 -1.74 4.62
CA TRP B 67 -8.91 -3.03 4.76
C TRP B 67 -7.99 -3.28 3.57
N VAL B 68 -6.95 -4.09 3.80
CA VAL B 68 -5.97 -4.40 2.75
C VAL B 68 -5.55 -5.87 2.82
N GLN B 69 -5.32 -6.46 1.65
CA GLN B 69 -4.82 -7.83 1.58
C GLN B 69 -3.53 -7.90 0.77
N ASP B 70 -2.56 -8.67 1.27
CA ASP B 70 -1.35 -8.95 0.52
C ASP B 70 -1.67 -9.69 -0.77
N ALA B 71 -1.21 -9.14 -1.90
CA ALA B 71 -1.54 -9.68 -3.20
C ALA B 71 -1.11 -11.14 -3.33
N GLY B 72 -0.04 -11.50 -2.63
CA GLY B 72 0.38 -12.89 -2.58
C GLY B 72 -0.64 -13.77 -1.90
N GLU B 73 -1.20 -13.28 -0.80
CA GLU B 73 -2.29 -13.99 -0.12
C GLU B 73 -3.53 -14.05 -1.00
N TYR B 74 -3.79 -12.95 -1.71
CA TYR B 74 -4.95 -12.86 -2.59
C TYR B 74 -4.87 -13.89 -3.70
N LEU B 75 -3.75 -13.89 -4.42
CA LEU B 75 -3.60 -14.71 -5.62
C LEU B 75 -3.71 -16.20 -5.28
N HIS B 76 -3.16 -16.57 -4.13
CA HIS B 76 -3.03 -17.98 -3.78
C HIS B 76 -4.40 -18.60 -3.48
N MET B 77 -5.41 -17.75 -3.35
CA MET B 77 -6.76 -18.20 -3.06
C MET B 77 -7.28 -19.14 -4.16
N MET B 78 -6.68 -19.03 -5.34
CA MET B 78 -7.05 -19.87 -6.47
C MET B 78 -6.64 -21.32 -6.23
N SER B 79 -5.68 -21.51 -5.31
CA SER B 79 -5.16 -22.84 -5.03
C SER B 79 -5.68 -23.36 -3.70
N ASP B 80 -5.81 -22.46 -2.73
CA ASP B 80 -6.26 -22.83 -1.39
C ASP B 80 -6.42 -21.60 -0.52
N ASN A 16 -3.16 13.99 2.75
CA ASN A 16 -2.95 12.78 3.53
C ASN A 16 -4.28 12.16 3.96
N GLN A 17 -4.84 11.32 3.11
CA GLN A 17 -6.15 10.73 3.36
C GLN A 17 -6.01 9.48 4.23
N PHE A 18 -5.20 8.53 3.77
CA PHE A 18 -4.88 7.34 4.56
C PHE A 18 -3.54 6.75 4.14
N LEU A 19 -2.91 6.04 5.07
CA LEU A 19 -1.59 5.46 4.82
C LEU A 19 -1.59 3.97 5.10
N VAL A 20 -0.82 3.22 4.31
CA VAL A 20 -0.89 1.76 4.33
C VAL A 20 0.36 1.17 4.97
N VAL A 21 0.16 0.42 6.04
CA VAL A 21 1.28 -0.06 6.86
C VAL A 21 1.32 -1.58 6.90
N ARG A 22 2.47 -2.16 6.56
CA ARG A 22 2.64 -3.60 6.59
C ARG A 22 3.46 -4.03 7.81
N HIS A 23 2.82 -4.76 8.70
CA HIS A 23 3.50 -5.28 9.88
C HIS A 23 4.22 -6.60 9.56
N PRO A 24 5.38 -6.82 10.22
CA PRO A 24 6.12 -8.07 10.10
C PRO A 24 5.41 -9.24 10.79
N GLY A 25 4.25 -9.62 10.27
CA GLY A 25 3.46 -10.66 10.90
C GLY A 25 1.98 -10.50 10.64
N LYS A 26 1.26 -11.62 10.64
CA LYS A 26 -0.15 -11.62 10.28
C LYS A 26 -0.37 -10.94 8.94
N THR A 27 -1.27 -9.96 8.91
CA THR A 27 -1.61 -9.27 7.68
C THR A 27 -1.44 -7.77 7.82
N PRO A 28 -1.20 -7.08 6.69
CA PRO A 28 -1.07 -5.63 6.66
C PRO A 28 -2.39 -4.92 6.96
N VAL A 29 -2.29 -3.70 7.50
CA VAL A 29 -3.47 -2.99 7.97
C VAL A 29 -3.51 -1.57 7.41
N ILE A 30 -4.70 -0.97 7.42
CA ILE A 30 -4.85 0.41 6.99
C ILE A 30 -5.05 1.34 8.18
N LYS A 31 -4.26 2.42 8.21
CA LYS A 31 -4.27 3.34 9.35
C LYS A 31 -4.46 4.77 8.89
N HIS A 32 -5.16 5.56 9.70
CA HIS A 32 -5.26 7.00 9.47
C HIS A 32 -4.26 7.76 10.35
N CYS A 33 -3.71 8.84 9.82
CA CYS A 33 -2.80 9.68 10.59
C CYS A 33 -3.41 10.08 11.92
N THR A 34 -2.66 9.86 13.01
CA THR A 34 -3.11 10.25 14.33
C THR A 34 -2.17 11.29 14.94
N GLY A 35 -2.72 12.44 15.31
CA GLY A 35 -1.90 13.53 15.80
C GLY A 35 -0.90 14.01 14.76
N ASP A 36 0.35 14.16 15.18
CA ASP A 36 1.40 14.58 14.26
C ASP A 36 1.87 13.42 13.40
N LEU A 37 1.75 13.58 12.08
CA LEU A 37 2.01 12.49 11.14
C LEU A 37 3.42 11.97 11.29
N GLU A 38 4.37 12.89 11.45
CA GLU A 38 5.79 12.51 11.52
C GLU A 38 6.05 11.56 12.67
N GLU A 39 5.47 11.87 13.83
CA GLU A 39 5.61 11.01 15.01
C GLU A 39 5.00 9.63 14.75
N PHE A 40 3.85 9.62 14.08
CA PHE A 40 3.14 8.37 13.83
C PHE A 40 3.98 7.42 12.98
N LEU A 41 4.53 7.93 11.90
CA LEU A 41 5.40 7.14 11.03
C LEU A 41 6.66 6.72 11.77
N ARG A 42 7.26 7.65 12.50
CA ARG A 42 8.48 7.37 13.24
C ARG A 42 8.26 6.26 14.27
N GLN A 43 7.11 6.32 14.95
CA GLN A 43 6.78 5.34 15.97
C GLN A 43 6.66 3.94 15.37
N LEU A 44 5.98 3.85 14.23
CA LEU A 44 5.85 2.58 13.52
C LEU A 44 7.21 2.06 13.07
N ILE A 45 8.04 2.94 12.56
CA ILE A 45 9.37 2.56 12.09
C ILE A 45 10.26 2.15 13.25
N GLU A 46 10.23 2.93 14.32
CA GLU A 46 11.14 2.72 15.45
C GLU A 46 10.82 1.42 16.16
N GLN A 47 9.53 1.14 16.35
CA GLN A 47 9.10 -0.06 17.05
C GLN A 47 9.13 -1.27 16.13
N ASP A 48 8.81 -1.05 14.86
CA ASP A 48 8.77 -2.12 13.89
C ASP A 48 9.48 -1.72 12.61
N PRO A 49 10.83 -1.82 12.62
CA PRO A 49 11.67 -1.33 11.53
C PRO A 49 11.53 -2.15 10.26
N LEU A 50 10.77 -3.25 10.35
CA LEU A 50 10.49 -4.08 9.19
C LEU A 50 9.26 -3.58 8.44
N VAL A 51 8.66 -2.51 8.94
CA VAL A 51 7.44 -1.96 8.34
C VAL A 51 7.76 -1.09 7.14
N THR A 52 6.96 -1.23 6.09
CA THR A 52 6.90 -0.20 5.04
C THR A 52 5.57 0.54 5.08
N ILE A 53 5.63 1.86 4.96
CA ILE A 53 4.43 2.69 5.03
C ILE A 53 4.20 3.43 3.72
N ASP A 54 3.00 3.29 3.16
CA ASP A 54 2.61 4.06 1.98
C ASP A 54 1.65 5.18 2.37
N ILE A 55 1.91 6.38 1.86
CA ILE A 55 1.01 7.51 2.08
C ILE A 55 0.18 7.80 0.83
N ILE A 56 -1.13 7.69 0.95
CA ILE A 56 -2.01 7.78 -0.20
C ILE A 56 -2.90 9.02 -0.12
N THR A 57 -2.85 9.85 -1.15
CA THR A 57 -3.56 11.12 -1.14
C THR A 57 -3.46 11.82 -2.49
N HIS A 58 -3.78 13.11 -2.51
CA HIS A 58 -3.52 13.94 -3.68
C HIS A 58 -4.04 13.27 -4.96
N ARG A 59 -5.36 13.25 -5.11
CA ARG A 59 -5.97 12.63 -6.28
C ARG A 59 -5.95 13.57 -7.48
N TYR A 60 -5.40 13.09 -8.59
CA TYR A 60 -5.50 13.80 -9.86
C TYR A 60 -5.14 12.87 -11.02
N TYR A 61 -5.36 13.36 -12.24
CA TYR A 61 -5.21 12.53 -13.43
C TYR A 61 -3.81 11.94 -13.53
N GLY A 62 -3.70 10.79 -14.17
CA GLY A 62 -2.39 10.20 -14.41
C GLY A 62 -2.29 8.78 -13.89
N VAL A 63 -3.07 8.47 -12.86
CA VAL A 63 -3.11 7.13 -12.31
C VAL A 63 -4.55 6.64 -12.15
N GLY A 64 -4.72 5.51 -11.47
CA GLY A 64 -6.03 4.92 -11.34
C GLY A 64 -7.05 5.89 -10.75
N GLY A 65 -6.61 6.69 -9.78
CA GLY A 65 -7.50 7.62 -9.13
C GLY A 65 -6.82 8.39 -8.02
N GLN A 66 -5.82 7.77 -7.39
CA GLN A 66 -5.14 8.38 -6.25
C GLN A 66 -3.64 8.11 -6.31
N TRP A 67 -2.87 8.92 -5.61
CA TRP A 67 -1.41 8.88 -5.69
C TRP A 67 -0.80 8.49 -4.35
N VAL A 68 0.39 7.89 -4.40
CA VAL A 68 1.02 7.36 -3.20
C VAL A 68 2.52 7.67 -3.19
N GLN A 69 3.05 7.97 -2.01
CA GLN A 69 4.50 8.12 -1.85
C GLN A 69 5.00 7.23 -0.70
N ASP A 70 6.15 6.61 -0.91
CA ASP A 70 6.81 5.85 0.15
C ASP A 70 7.15 6.77 1.33
N ALA A 71 6.77 6.34 2.53
CA ALA A 71 6.88 7.19 3.71
C ALA A 71 8.32 7.62 3.95
N GLY A 72 9.26 6.78 3.52
CA GLY A 72 10.67 7.05 3.77
C GLY A 72 11.13 8.34 3.13
N GLU A 73 10.71 8.58 1.89
CA GLU A 73 10.96 9.84 1.22
C GLU A 73 10.19 10.98 1.89
N TYR A 74 8.95 10.69 2.28
CA TYR A 74 8.06 11.73 2.81
C TYR A 74 8.54 12.21 4.17
N LEU A 75 8.81 11.27 5.06
CA LEU A 75 9.26 11.59 6.42
C LEU A 75 10.60 12.31 6.39
N HIS A 76 11.48 11.87 5.50
CA HIS A 76 12.76 12.53 5.29
C HIS A 76 12.56 13.95 4.74
N MET A 77 11.74 14.05 3.71
CA MET A 77 11.46 15.35 3.09
C MET A 77 11.03 16.37 4.14
N MET A 78 10.18 15.93 5.07
CA MET A 78 9.68 16.82 6.13
C MET A 78 10.78 17.12 7.14
N SER A 79 11.58 16.10 7.46
CA SER A 79 12.53 16.20 8.55
C SER A 79 13.61 17.23 8.23
N ASP A 80 14.09 17.22 6.99
CA ASP A 80 15.15 18.13 6.57
C ASP A 80 15.40 18.02 5.07
N ASN B 16 -12.64 -6.02 -4.15
CA ASN B 16 -11.44 -5.50 -4.80
C ASN B 16 -11.67 -4.11 -5.37
N GLN B 17 -11.44 -3.10 -4.54
CA GLN B 17 -11.69 -1.72 -4.94
C GLN B 17 -10.49 -1.14 -5.69
N PHE B 18 -9.33 -1.20 -5.05
CA PHE B 18 -8.09 -0.79 -5.69
C PHE B 18 -6.89 -1.49 -5.06
N LEU B 19 -5.82 -1.63 -5.83
CA LEU B 19 -4.62 -2.33 -5.37
C LEU B 19 -3.38 -1.45 -5.54
N VAL B 20 -2.46 -1.56 -4.60
CA VAL B 20 -1.32 -0.64 -4.52
C VAL B 20 -0.03 -1.33 -4.93
N VAL B 21 0.61 -0.80 -5.98
CA VAL B 21 1.75 -1.47 -6.59
C VAL B 21 3.00 -0.59 -6.53
N ARG B 22 4.07 -1.15 -5.99
CA ARG B 22 5.34 -0.43 -5.88
C ARG B 22 6.33 -0.91 -6.94
N HIS B 23 6.67 -0.03 -7.88
CA HIS B 23 7.65 -0.34 -8.90
C HIS B 23 9.08 -0.11 -8.39
N PRO B 24 10.01 -0.94 -8.86
CA PRO B 24 11.43 -0.79 -8.55
C PRO B 24 12.06 0.42 -9.25
N GLY B 25 11.60 1.61 -8.87
CA GLY B 25 12.06 2.82 -9.54
C GLY B 25 11.04 3.93 -9.49
N LYS B 26 11.51 5.17 -9.52
CA LYS B 26 10.64 6.32 -9.36
C LYS B 26 9.77 6.20 -8.11
N THR B 27 8.47 6.34 -8.28
CA THR B 27 7.54 6.28 -7.15
C THR B 27 6.45 5.23 -7.38
N PRO B 28 5.90 4.71 -6.28
CA PRO B 28 4.80 3.74 -6.33
C PRO B 28 3.50 4.35 -6.87
N VAL B 29 2.67 3.52 -7.47
CA VAL B 29 1.48 4.00 -8.15
C VAL B 29 0.24 3.22 -7.70
N ILE B 30 -0.93 3.80 -7.91
CA ILE B 30 -2.19 3.14 -7.60
C ILE B 30 -2.88 2.65 -8.87
N LYS B 31 -3.28 1.39 -8.88
CA LYS B 31 -3.86 0.76 -10.06
C LYS B 31 -5.18 0.09 -9.74
N HIS B 32 -6.11 0.13 -10.69
CA HIS B 32 -7.35 -0.64 -10.59
C HIS B 32 -7.24 -1.95 -11.37
N CYS B 33 -7.86 -2.99 -10.85
CA CYS B 33 -7.90 -4.28 -11.53
C CYS B 33 -8.39 -4.12 -12.97
N THR B 34 -7.63 -4.67 -13.91
CA THR B 34 -8.01 -4.64 -15.31
C THR B 34 -8.21 -6.06 -15.85
N GLY B 35 -9.40 -6.32 -16.39
CA GLY B 35 -9.73 -7.67 -16.83
C GLY B 35 -9.68 -8.67 -15.70
N ASP B 36 -9.00 -9.79 -15.94
CA ASP B 36 -8.84 -10.82 -14.92
C ASP B 36 -7.77 -10.43 -13.91
N LEU B 37 -8.16 -10.35 -12.65
CA LEU B 37 -7.27 -9.83 -11.61
C LEU B 37 -5.99 -10.67 -11.52
N GLU B 38 -6.15 -11.99 -11.61
CA GLU B 38 -5.03 -12.90 -11.45
C GLU B 38 -3.94 -12.61 -12.49
N GLU B 39 -4.36 -12.42 -13.74
CA GLU B 39 -3.43 -12.11 -14.81
C GLU B 39 -2.73 -10.78 -14.55
N PHE B 40 -3.47 -9.81 -14.04
CA PHE B 40 -2.93 -8.47 -13.81
C PHE B 40 -1.80 -8.51 -12.80
N LEU B 41 -2.04 -9.20 -11.68
CA LEU B 41 -1.02 -9.35 -10.65
C LEU B 41 0.16 -10.16 -11.16
N ARG B 42 -0.13 -11.25 -11.88
CA ARG B 42 0.91 -12.11 -12.42
C ARG B 42 1.80 -11.34 -13.39
N GLN B 43 1.19 -10.51 -14.21
CA GLN B 43 1.92 -9.73 -15.21
C GLN B 43 2.88 -8.76 -14.54
N LEU B 44 2.40 -8.09 -13.48
CA LEU B 44 3.24 -7.17 -12.72
C LEU B 44 4.39 -7.91 -12.05
N ILE B 45 4.09 -9.08 -11.48
CA ILE B 45 5.11 -9.87 -10.82
C ILE B 45 6.13 -10.42 -11.81
N GLU B 46 5.63 -10.94 -12.93
CA GLU B 46 6.48 -11.62 -13.90
C GLU B 46 7.44 -10.64 -14.56
N GLN B 47 6.93 -9.46 -14.91
CA GLN B 47 7.74 -8.45 -15.58
C GLN B 47 8.59 -7.68 -14.57
N ASP B 48 8.05 -7.47 -13.38
CA ASP B 48 8.75 -6.72 -12.34
C ASP B 48 8.67 -7.46 -11.00
N PRO B 49 9.54 -8.45 -10.83
CA PRO B 49 9.48 -9.35 -9.67
C PRO B 49 9.88 -8.66 -8.37
N LEU B 50 10.32 -7.41 -8.49
CA LEU B 50 10.67 -6.60 -7.33
C LEU B 50 9.45 -5.86 -6.79
N VAL B 51 8.31 -6.05 -7.45
CA VAL B 51 7.08 -5.37 -7.07
C VAL B 51 6.40 -6.06 -5.90
N THR B 52 5.89 -5.27 -4.96
CA THR B 52 4.90 -5.75 -4.01
C THR B 52 3.53 -5.13 -4.27
N ILE B 53 2.50 -5.95 -4.24
CA ILE B 53 1.14 -5.49 -4.53
C ILE B 53 0.23 -5.67 -3.33
N ASP B 54 -0.43 -4.58 -2.93
CA ASP B 54 -1.45 -4.65 -1.88
C ASP B 54 -2.85 -4.58 -2.48
N ILE B 55 -3.73 -5.46 -2.02
CA ILE B 55 -5.12 -5.43 -2.44
C ILE B 55 -6.02 -4.87 -1.34
N ILE B 56 -6.68 -3.75 -1.64
CA ILE B 56 -7.43 -3.02 -0.63
C ILE B 56 -8.92 -3.04 -0.92
N THR B 57 -9.71 -3.51 0.05
CA THR B 57 -11.13 -3.71 -0.15
C THR B 57 -11.82 -4.10 1.15
N HIS B 58 -13.04 -4.62 1.04
CA HIS B 58 -13.72 -5.23 2.17
C HIS B 58 -13.66 -4.34 3.41
N ARG B 59 -14.44 -3.26 3.38
CA ARG B 59 -14.47 -2.31 4.48
C ARG B 59 -15.37 -2.81 5.60
N TYR B 60 -14.82 -2.89 6.81
CA TYR B 60 -15.61 -3.13 8.00
C TYR B 60 -14.83 -2.79 9.26
N TYR B 61 -15.51 -2.81 10.41
CA TYR B 61 -14.93 -2.35 11.65
C TYR B 61 -13.66 -3.12 11.98
N GLY B 62 -12.76 -2.48 12.73
CA GLY B 62 -11.56 -3.15 13.18
C GLY B 62 -10.29 -2.43 12.78
N VAL B 63 -10.36 -1.70 11.68
CA VAL B 63 -9.23 -0.89 11.22
C VAL B 63 -9.67 0.53 10.90
N GLY B 64 -8.76 1.29 10.29
CA GLY B 64 -9.04 2.69 10.01
C GLY B 64 -10.32 2.88 9.22
N GLY B 65 -10.57 1.98 8.27
CA GLY B 65 -11.75 2.09 7.43
C GLY B 65 -11.81 1.01 6.37
N GLN B 66 -10.64 0.55 5.93
CA GLN B 66 -10.58 -0.44 4.87
C GLN B 66 -9.50 -1.48 5.16
N TRP B 67 -9.59 -2.64 4.51
CA TRP B 67 -8.72 -3.77 4.80
C TRP B 67 -7.86 -4.11 3.59
N VAL B 68 -6.70 -4.69 3.84
CA VAL B 68 -5.73 -4.99 2.78
C VAL B 68 -5.11 -6.36 2.97
N GLN B 69 -4.87 -7.05 1.85
CA GLN B 69 -4.12 -8.30 1.88
C GLN B 69 -2.97 -8.27 0.88
N ASP B 70 -1.82 -8.79 1.29
CA ASP B 70 -0.68 -8.94 0.39
C ASP B 70 -1.05 -9.85 -0.79
N ALA B 71 -0.76 -9.38 -2.00
CA ALA B 71 -1.21 -10.05 -3.21
C ALA B 71 -0.68 -11.48 -3.28
N GLY B 72 0.48 -11.69 -2.67
CA GLY B 72 1.11 -13.00 -2.73
C GLY B 72 0.26 -14.10 -2.12
N GLU B 73 -0.34 -13.81 -0.98
CA GLU B 73 -1.29 -14.72 -0.37
C GLU B 73 -2.56 -14.83 -1.22
N TYR B 74 -3.00 -13.70 -1.75
CA TYR B 74 -4.27 -13.64 -2.47
C TYR B 74 -4.18 -14.41 -3.79
N LEU B 75 -3.16 -14.12 -4.57
CA LEU B 75 -2.97 -14.76 -5.87
C LEU B 75 -2.76 -16.26 -5.70
N HIS B 76 -2.02 -16.64 -4.66
CA HIS B 76 -1.83 -18.05 -4.33
C HIS B 76 -3.15 -18.69 -3.91
N MET B 77 -3.87 -18.03 -3.01
CA MET B 77 -5.16 -18.53 -2.54
C MET B 77 -6.07 -18.87 -3.71
N MET B 78 -6.09 -17.99 -4.70
CA MET B 78 -6.94 -18.19 -5.88
C MET B 78 -6.40 -19.33 -6.76
N SER B 79 -5.07 -19.38 -6.89
CA SER B 79 -4.44 -20.29 -7.83
C SER B 79 -4.68 -21.74 -7.44
N ASP B 80 -4.57 -22.03 -6.15
CA ASP B 80 -4.73 -23.38 -5.65
C ASP B 80 -4.70 -23.41 -4.13
N ASN A 16 -10.87 10.70 1.77
CA ASN A 16 -10.49 9.31 2.02
C ASN A 16 -8.98 9.15 1.94
N GLN A 17 -8.29 9.61 2.98
CA GLN A 17 -6.84 9.49 3.05
C GLN A 17 -6.41 8.53 4.14
N PHE A 18 -5.35 7.77 3.88
CA PHE A 18 -4.82 6.83 4.86
C PHE A 18 -3.43 6.35 4.46
N LEU A 19 -2.78 5.61 5.36
CA LEU A 19 -1.47 5.04 5.07
C LEU A 19 -1.46 3.53 5.33
N VAL A 20 -0.72 2.80 4.51
CA VAL A 20 -0.64 1.35 4.64
C VAL A 20 0.73 0.91 5.15
N VAL A 21 0.74 0.15 6.24
CA VAL A 21 1.99 -0.25 6.88
C VAL A 21 2.17 -1.75 6.83
N ARG A 22 3.33 -2.20 6.35
CA ARG A 22 3.57 -3.61 6.11
C ARG A 22 4.41 -4.22 7.23
N HIS A 23 3.77 -5.07 8.03
CA HIS A 23 4.49 -5.82 9.06
C HIS A 23 4.96 -7.17 8.53
N PRO A 24 6.14 -7.60 8.98
CA PRO A 24 6.70 -8.91 8.61
C PRO A 24 5.95 -10.06 9.26
N GLY A 25 4.68 -10.21 8.91
CA GLY A 25 3.86 -11.24 9.49
C GLY A 25 3.00 -11.96 8.47
N LYS A 26 1.69 -11.80 8.60
CA LYS A 26 0.74 -12.42 7.67
C LYS A 26 0.34 -11.45 6.57
N THR A 27 -0.47 -10.45 6.93
CA THR A 27 -0.90 -9.44 5.99
C THR A 27 -0.64 -8.04 6.53
N PRO A 28 -0.44 -7.07 5.62
CA PRO A 28 -0.30 -5.66 5.98
C PRO A 28 -1.60 -5.05 6.51
N VAL A 29 -1.49 -3.95 7.22
CA VAL A 29 -2.65 -3.24 7.74
C VAL A 29 -2.65 -1.78 7.32
N ILE A 30 -3.82 -1.16 7.33
CA ILE A 30 -3.94 0.25 6.97
C ILE A 30 -4.25 1.09 8.21
N LYS A 31 -3.55 2.21 8.34
CA LYS A 31 -3.53 2.95 9.60
C LYS A 31 -4.14 4.35 9.43
N HIS A 32 -4.95 4.75 10.40
CA HIS A 32 -5.46 6.12 10.44
C HIS A 32 -4.86 6.89 11.61
N CYS A 33 -4.58 8.17 11.38
CA CYS A 33 -4.14 9.06 12.46
C CYS A 33 -4.34 10.53 12.07
N THR A 34 -4.90 11.30 12.98
CA THR A 34 -4.99 12.75 12.81
C THR A 34 -3.71 13.43 13.27
N GLY A 35 -3.60 14.73 12.98
CA GLY A 35 -2.42 15.48 13.36
C GLY A 35 -1.24 15.23 12.43
N ASP A 36 -0.04 15.36 12.96
CA ASP A 36 1.17 15.29 12.14
C ASP A 36 1.52 13.84 11.82
N LEU A 37 1.60 13.54 10.52
CA LEU A 37 1.88 12.18 10.07
C LEU A 37 3.25 11.71 10.58
N GLU A 38 4.22 12.62 10.58
CA GLU A 38 5.60 12.24 10.85
C GLU A 38 5.73 11.56 12.21
N GLU A 39 5.05 12.11 13.21
CA GLU A 39 5.07 11.54 14.55
C GLU A 39 4.47 10.13 14.54
N PHE A 40 3.36 9.97 13.83
CA PHE A 40 2.73 8.67 13.70
C PHE A 40 3.65 7.69 12.96
N LEU A 41 4.21 8.14 11.85
CA LEU A 41 5.06 7.29 11.03
C LEU A 41 6.33 6.88 11.79
N ARG A 42 6.93 7.84 12.48
CA ARG A 42 8.13 7.58 13.27
C ARG A 42 7.85 6.53 14.35
N GLN A 43 6.69 6.65 14.99
CA GLN A 43 6.31 5.71 16.04
C GLN A 43 6.17 4.30 15.49
N LEU A 44 5.53 4.18 14.34
CA LEU A 44 5.37 2.88 13.69
C LEU A 44 6.72 2.29 13.30
N ILE A 45 7.60 3.13 12.77
CA ILE A 45 8.95 2.69 12.41
C ILE A 45 9.76 2.34 13.65
N GLU A 46 9.65 3.17 14.68
CA GLU A 46 10.47 3.01 15.87
C GLU A 46 10.17 1.69 16.57
N GLN A 47 8.88 1.35 16.64
CA GLN A 47 8.45 0.12 17.31
C GLN A 47 8.69 -1.09 16.44
N ASP A 48 8.53 -0.92 15.13
CA ASP A 48 8.86 -1.98 14.18
C ASP A 48 9.57 -1.39 12.95
N PRO A 49 10.91 -1.39 13.01
CA PRO A 49 11.73 -0.76 11.98
C PRO A 49 11.71 -1.51 10.65
N LEU A 50 11.06 -2.68 10.66
CA LEU A 50 11.07 -3.56 9.50
C LEU A 50 9.90 -3.25 8.56
N VAL A 51 9.02 -2.35 9.01
CA VAL A 51 7.79 -2.06 8.28
C VAL A 51 8.06 -1.10 7.12
N THR A 52 7.28 -1.23 6.05
CA THR A 52 7.19 -0.20 5.04
C THR A 52 5.86 0.54 5.10
N ILE A 53 5.91 1.86 5.07
CA ILE A 53 4.70 2.68 5.10
C ILE A 53 4.55 3.47 3.81
N ASP A 54 3.38 3.37 3.20
CA ASP A 54 3.03 4.22 2.07
C ASP A 54 1.82 5.10 2.40
N ILE A 55 1.87 6.35 1.96
CA ILE A 55 0.80 7.30 2.22
C ILE A 55 -0.11 7.45 1.01
N ILE A 56 -1.39 7.13 1.20
CA ILE A 56 -2.30 6.94 0.07
C ILE A 56 -3.37 8.03 0.05
N THR A 57 -3.53 8.67 -1.11
CA THR A 57 -4.51 9.74 -1.27
C THR A 57 -5.12 9.73 -2.66
N HIS A 58 -5.87 10.77 -2.98
CA HIS A 58 -6.53 10.86 -4.28
C HIS A 58 -6.20 12.18 -4.98
N ARG A 59 -4.91 12.38 -5.26
CA ARG A 59 -4.43 13.64 -5.80
C ARG A 59 -3.45 13.41 -6.95
N TYR A 60 -3.01 14.50 -7.57
CA TYR A 60 -1.98 14.42 -8.61
C TYR A 60 -2.54 13.76 -9.86
N TYR A 61 -1.69 13.01 -10.55
CA TYR A 61 -1.93 12.65 -11.94
C TYR A 61 -1.06 11.47 -12.37
N GLY A 62 -1.34 10.94 -13.56
CA GLY A 62 -0.42 10.00 -14.18
C GLY A 62 -0.65 8.57 -13.70
N VAL A 63 -0.55 8.36 -12.40
CA VAL A 63 -0.76 7.04 -11.81
C VAL A 63 -2.17 6.54 -12.09
N GLY A 64 -3.15 7.43 -11.97
CA GLY A 64 -4.54 7.04 -12.17
C GLY A 64 -5.49 7.81 -11.27
N GLY A 65 -6.56 7.14 -10.85
CA GLY A 65 -7.52 7.77 -9.95
C GLY A 65 -7.02 7.81 -8.52
N GLN A 66 -5.84 7.25 -8.28
CA GLN A 66 -5.25 7.24 -6.95
C GLN A 66 -3.76 7.56 -7.02
N TRP A 67 -3.22 8.09 -5.93
CA TRP A 67 -1.80 8.42 -5.85
C TRP A 67 -1.25 8.11 -4.46
N VAL A 68 0.04 7.79 -4.40
CA VAL A 68 0.66 7.36 -3.15
C VAL A 68 2.06 7.94 -3.00
N GLN A 69 2.43 8.26 -1.77
CA GLN A 69 3.79 8.71 -1.47
C GLN A 69 4.46 7.78 -0.48
N ASP A 70 5.71 7.41 -0.77
CA ASP A 70 6.51 6.60 0.15
C ASP A 70 6.80 7.36 1.44
N ALA A 71 6.45 6.76 2.56
CA ALA A 71 6.56 7.44 3.85
C ALA A 71 8.01 7.82 4.14
N GLY A 72 8.94 7.00 3.67
CA GLY A 72 10.35 7.29 3.85
C GLY A 72 10.78 8.56 3.15
N GLU A 73 10.32 8.73 1.90
CA GLU A 73 10.58 9.96 1.16
C GLU A 73 9.85 11.13 1.79
N TYR A 74 8.63 10.88 2.27
CA TYR A 74 7.84 11.91 2.94
C TYR A 74 8.52 12.36 4.24
N LEU A 75 8.86 11.39 5.08
CA LEU A 75 9.37 11.68 6.42
C LEU A 75 10.68 12.45 6.35
N HIS A 76 11.52 12.10 5.38
CA HIS A 76 12.86 12.68 5.27
C HIS A 76 12.79 14.20 5.17
N MET A 77 11.67 14.70 4.66
CA MET A 77 11.55 16.12 4.35
C MET A 77 11.83 16.97 5.59
N MET A 78 11.43 16.46 6.75
CA MET A 78 11.57 17.20 8.00
C MET A 78 12.45 16.45 8.99
N SER A 79 13.23 15.51 8.48
CA SER A 79 14.08 14.67 9.32
C SER A 79 15.55 14.87 8.97
N ASP A 80 15.84 14.99 7.68
CA ASP A 80 17.21 15.10 7.21
C ASP A 80 17.56 16.55 6.88
N ASN B 16 -14.66 2.20 -4.02
CA ASN B 16 -13.30 2.70 -4.11
C ASN B 16 -12.29 1.59 -3.81
N GLN B 17 -12.11 0.69 -4.77
CA GLN B 17 -11.16 -0.41 -4.64
C GLN B 17 -9.99 -0.24 -5.59
N PHE B 18 -8.80 -0.63 -5.13
CA PHE B 18 -7.59 -0.56 -5.96
C PHE B 18 -6.46 -1.36 -5.33
N LEU B 19 -5.36 -1.50 -6.07
CA LEU B 19 -4.18 -2.18 -5.57
C LEU B 19 -2.94 -1.31 -5.72
N VAL B 20 -2.04 -1.41 -4.75
CA VAL B 20 -0.80 -0.62 -4.78
C VAL B 20 0.42 -1.49 -5.05
N VAL B 21 1.17 -1.13 -6.07
CA VAL B 21 2.31 -1.93 -6.51
C VAL B 21 3.62 -1.17 -6.33
N ARG B 22 4.58 -1.81 -5.66
CA ARG B 22 5.82 -1.13 -5.28
C ARG B 22 6.96 -1.52 -6.23
N HIS B 23 7.38 -0.56 -7.05
CA HIS B 23 8.54 -0.76 -7.92
C HIS B 23 9.82 -0.29 -7.23
N PRO B 24 10.92 -1.01 -7.47
CA PRO B 24 12.24 -0.66 -6.93
C PRO B 24 12.81 0.59 -7.60
N GLY B 25 12.14 1.72 -7.42
CA GLY B 25 12.57 2.95 -8.05
C GLY B 25 12.49 4.14 -7.11
N LYS B 26 11.61 5.08 -7.43
CA LYS B 26 11.44 6.27 -6.60
C LYS B 26 10.26 6.09 -5.64
N THR B 27 9.05 6.12 -6.17
CA THR B 27 7.85 5.92 -5.37
C THR B 27 6.97 4.84 -5.97
N PRO B 28 6.18 4.18 -5.11
CA PRO B 28 5.18 3.19 -5.56
C PRO B 28 4.02 3.84 -6.29
N VAL B 29 3.30 3.04 -7.07
CA VAL B 29 2.13 3.52 -7.79
C VAL B 29 0.90 2.67 -7.47
N ILE B 30 -0.28 3.23 -7.68
CA ILE B 30 -1.53 2.51 -7.46
C ILE B 30 -2.21 2.17 -8.78
N LYS B 31 -2.68 0.93 -8.89
CA LYS B 31 -3.09 0.39 -10.18
C LYS B 31 -4.58 0.05 -10.19
N HIS B 32 -5.24 0.39 -11.30
CA HIS B 32 -6.63 -0.03 -11.50
C HIS B 32 -6.73 -1.05 -12.63
N CYS B 33 -7.63 -2.01 -12.46
CA CYS B 33 -7.93 -2.97 -13.52
C CYS B 33 -9.26 -3.66 -13.27
N THR B 34 -10.09 -3.74 -14.30
CA THR B 34 -11.32 -4.51 -14.25
C THR B 34 -11.06 -5.99 -14.58
N GLY B 35 -12.08 -6.82 -14.36
CA GLY B 35 -11.93 -8.23 -14.62
C GLY B 35 -11.18 -8.95 -13.52
N ASP B 36 -10.50 -10.05 -13.89
CA ASP B 36 -9.85 -10.91 -12.91
C ASP B 36 -8.54 -10.29 -12.43
N LEU B 37 -8.42 -10.09 -11.12
CA LEU B 37 -7.23 -9.48 -10.54
C LEU B 37 -5.99 -10.33 -10.83
N GLU B 38 -6.15 -11.64 -10.76
CA GLU B 38 -5.01 -12.54 -10.80
C GLU B 38 -4.19 -12.33 -12.07
N GLU B 39 -4.89 -12.20 -13.20
CA GLU B 39 -4.24 -11.96 -14.47
C GLU B 39 -3.47 -10.65 -14.46
N PHE B 40 -4.08 -9.61 -13.90
CA PHE B 40 -3.43 -8.32 -13.76
C PHE B 40 -2.21 -8.42 -12.84
N LEU B 41 -2.40 -9.06 -11.69
CA LEU B 41 -1.33 -9.18 -10.70
C LEU B 41 -0.16 -9.99 -11.25
N ARG B 42 -0.48 -11.09 -11.91
CA ARG B 42 0.54 -11.96 -12.51
C ARG B 42 1.36 -11.18 -13.54
N GLN B 43 0.68 -10.37 -14.34
CA GLN B 43 1.35 -9.58 -15.37
C GLN B 43 2.32 -8.59 -14.75
N LEU B 44 1.89 -7.92 -13.68
CA LEU B 44 2.74 -6.98 -12.97
C LEU B 44 3.95 -7.67 -12.37
N ILE B 45 3.72 -8.85 -11.78
CA ILE B 45 4.80 -9.63 -11.20
C ILE B 45 5.74 -10.17 -12.27
N GLU B 46 5.15 -10.64 -13.37
CA GLU B 46 5.92 -11.28 -14.43
C GLU B 46 6.89 -10.30 -15.06
N GLN B 47 6.43 -9.07 -15.30
CA GLN B 47 7.24 -8.06 -15.94
C GLN B 47 8.24 -7.46 -14.94
N ASP B 48 7.83 -7.34 -13.69
CA ASP B 48 8.73 -6.90 -12.63
C ASP B 48 8.51 -7.73 -11.36
N PRO B 49 9.30 -8.81 -11.22
CA PRO B 49 9.13 -9.77 -10.14
C PRO B 49 9.53 -9.20 -8.78
N LEU B 50 10.08 -7.99 -8.80
CA LEU B 50 10.63 -7.39 -7.58
C LEU B 50 9.57 -6.58 -6.85
N VAL B 51 8.40 -6.44 -7.48
CA VAL B 51 7.35 -5.58 -6.94
C VAL B 51 6.57 -6.29 -5.83
N THR B 52 6.08 -5.51 -4.88
CA THR B 52 5.06 -5.99 -3.96
C THR B 52 3.70 -5.37 -4.27
N ILE B 53 2.67 -6.19 -4.31
CA ILE B 53 1.32 -5.73 -4.57
C ILE B 53 0.40 -5.98 -3.38
N ASP B 54 -0.28 -4.93 -2.92
CA ASP B 54 -1.32 -5.08 -1.92
C ASP B 54 -2.68 -4.67 -2.47
N ILE B 55 -3.71 -5.43 -2.13
CA ILE B 55 -5.06 -5.15 -2.60
C ILE B 55 -5.88 -4.42 -1.53
N ILE B 56 -6.35 -3.23 -1.87
CA ILE B 56 -6.89 -2.31 -0.88
C ILE B 56 -8.38 -2.09 -1.08
N THR B 57 -9.15 -2.28 -0.01
CA THR B 57 -10.60 -2.11 -0.07
C THR B 57 -11.13 -1.52 1.23
N HIS B 58 -12.46 -1.52 1.37
CA HIS B 58 -13.10 -0.95 2.56
C HIS B 58 -14.04 -1.96 3.19
N ARG B 59 -13.49 -3.09 3.64
CA ARG B 59 -14.31 -4.18 4.15
C ARG B 59 -13.70 -4.75 5.43
N TYR B 60 -14.41 -5.71 6.03
CA TYR B 60 -13.89 -6.41 7.21
C TYR B 60 -13.85 -5.48 8.42
N TYR B 61 -12.86 -5.67 9.27
CA TYR B 61 -12.91 -5.16 10.64
C TYR B 61 -11.52 -5.11 11.25
N GLY B 62 -11.42 -4.51 12.43
CA GLY B 62 -10.21 -4.63 13.24
C GLY B 62 -9.15 -3.63 12.84
N VAL B 63 -8.74 -3.67 11.58
CA VAL B 63 -7.72 -2.76 11.07
C VAL B 63 -8.18 -1.31 11.19
N GLY B 64 -9.45 -1.07 10.85
CA GLY B 64 -9.98 0.29 10.89
C GLY B 64 -11.02 0.53 9.82
N GLY B 65 -11.06 1.75 9.30
CA GLY B 65 -11.99 2.07 8.23
C GLY B 65 -11.53 1.56 6.88
N GLN B 66 -10.36 0.93 6.86
CA GLN B 66 -9.83 0.36 5.63
C GLN B 66 -9.22 -1.01 5.88
N TRP B 67 -9.19 -1.84 4.83
CA TRP B 67 -8.59 -3.17 4.93
C TRP B 67 -7.83 -3.52 3.66
N VAL B 68 -6.82 -4.37 3.81
CA VAL B 68 -5.93 -4.69 2.69
C VAL B 68 -5.56 -6.17 2.69
N GLN B 69 -5.43 -6.75 1.50
CA GLN B 69 -4.96 -8.12 1.37
C GLN B 69 -3.68 -8.19 0.55
N ASP B 70 -2.70 -8.93 1.03
CA ASP B 70 -1.46 -9.14 0.30
C ASP B 70 -1.71 -9.93 -0.98
N ALA B 71 -1.29 -9.37 -2.11
CA ALA B 71 -1.58 -9.95 -3.42
C ALA B 71 -1.00 -11.36 -3.53
N GLY B 72 0.14 -11.58 -2.87
CA GLY B 72 0.75 -12.89 -2.87
C GLY B 72 -0.11 -13.94 -2.20
N GLU B 73 -0.69 -13.59 -1.05
CA GLU B 73 -1.63 -14.48 -0.37
C GLU B 73 -2.90 -14.64 -1.18
N TYR B 74 -3.34 -13.55 -1.81
CA TYR B 74 -4.53 -13.59 -2.65
C TYR B 74 -4.32 -14.48 -3.86
N LEU B 75 -3.22 -14.24 -4.59
CA LEU B 75 -2.97 -14.91 -5.85
C LEU B 75 -2.84 -16.42 -5.66
N HIS B 76 -2.20 -16.81 -4.56
CA HIS B 76 -1.89 -18.22 -4.31
C HIS B 76 -3.16 -19.06 -4.33
N MET B 77 -4.29 -18.44 -4.00
CA MET B 77 -5.55 -19.16 -3.82
C MET B 77 -5.89 -19.97 -5.06
N MET B 78 -5.54 -19.43 -6.23
CA MET B 78 -5.88 -20.06 -7.50
C MET B 78 -4.63 -20.40 -8.30
N SER B 79 -3.49 -20.42 -7.61
CA SER B 79 -2.21 -20.66 -8.27
C SER B 79 -1.56 -21.93 -7.74
N ASP B 80 -1.67 -22.14 -6.43
CA ASP B 80 -1.01 -23.27 -5.78
C ASP B 80 -2.02 -24.39 -5.52
N ASN A 16 -10.13 8.34 4.00
CA ASN A 16 -9.70 9.72 3.91
C ASN A 16 -8.18 9.83 3.96
N GLN A 17 -7.54 9.59 2.82
CA GLN A 17 -6.09 9.73 2.71
C GLN A 17 -5.38 8.88 3.77
N PHE A 18 -5.57 7.56 3.68
CA PHE A 18 -5.03 6.65 4.69
C PHE A 18 -3.61 6.21 4.31
N LEU A 19 -2.98 5.45 5.18
CA LEU A 19 -1.64 4.93 4.92
C LEU A 19 -1.59 3.41 5.07
N VAL A 20 -0.76 2.77 4.25
CA VAL A 20 -0.63 1.32 4.30
C VAL A 20 0.69 0.91 4.95
N VAL A 21 0.60 0.14 6.03
CA VAL A 21 1.77 -0.24 6.80
C VAL A 21 1.96 -1.76 6.79
N ARG A 22 3.15 -2.20 6.38
CA ARG A 22 3.35 -3.58 5.99
C ARG A 22 4.23 -4.32 7.01
N HIS A 23 3.67 -5.36 7.62
CA HIS A 23 4.39 -6.13 8.62
C HIS A 23 5.39 -7.09 7.95
N PRO A 24 6.56 -7.24 8.57
CA PRO A 24 7.66 -8.04 8.00
C PRO A 24 7.44 -9.53 8.19
N GLY A 25 6.53 -10.10 7.42
CA GLY A 25 6.30 -11.53 7.45
C GLY A 25 4.90 -11.89 7.90
N LYS A 26 4.13 -10.88 8.29
CA LYS A 26 2.75 -11.10 8.71
C LYS A 26 1.78 -10.46 7.71
N THR A 27 0.60 -10.10 8.19
CA THR A 27 -0.42 -9.50 7.33
C THR A 27 -0.43 -7.98 7.48
N PRO A 28 -0.44 -7.26 6.34
CA PRO A 28 -0.45 -5.80 6.32
C PRO A 28 -1.75 -5.22 6.86
N VAL A 29 -1.67 -4.04 7.45
CA VAL A 29 -2.85 -3.35 7.95
C VAL A 29 -2.90 -1.91 7.45
N ILE A 30 -4.10 -1.33 7.47
CA ILE A 30 -4.27 0.08 7.13
C ILE A 30 -4.54 0.92 8.38
N LYS A 31 -3.81 2.02 8.51
CA LYS A 31 -3.79 2.78 9.76
C LYS A 31 -4.18 4.24 9.51
N HIS A 32 -4.90 4.82 10.46
CA HIS A 32 -5.32 6.21 10.36
C HIS A 32 -4.38 7.12 11.17
N CYS A 33 -4.12 8.30 10.64
CA CYS A 33 -3.22 9.25 11.29
C CYS A 33 -3.72 9.59 12.70
N THR A 34 -2.84 9.46 13.68
CA THR A 34 -3.17 9.82 15.05
C THR A 34 -2.34 11.00 15.53
N GLY A 35 -3.00 12.13 15.76
CA GLY A 35 -2.29 13.35 16.13
C GLY A 35 -1.34 13.80 15.05
N ASP A 36 -0.09 14.06 15.43
CA ASP A 36 0.92 14.54 14.49
C ASP A 36 1.34 13.41 13.54
N LEU A 37 1.27 13.69 12.25
CA LEU A 37 1.54 12.66 11.24
C LEU A 37 2.96 12.15 11.34
N GLU A 38 3.92 13.07 11.46
CA GLU A 38 5.33 12.71 11.53
C GLU A 38 5.60 11.80 12.73
N GLU A 39 5.02 12.15 13.87
CA GLU A 39 5.18 11.36 15.09
C GLU A 39 4.61 9.96 14.91
N PHE A 40 3.46 9.88 14.25
CA PHE A 40 2.78 8.61 14.04
C PHE A 40 3.64 7.67 13.21
N LEU A 41 4.18 8.18 12.11
CA LEU A 41 5.06 7.40 11.25
C LEU A 41 6.35 7.04 11.99
N ARG A 42 6.90 8.02 12.69
CA ARG A 42 8.14 7.81 13.44
C ARG A 42 7.97 6.71 14.49
N GLN A 43 6.82 6.72 15.17
CA GLN A 43 6.54 5.73 16.19
C GLN A 43 6.45 4.33 15.59
N LEU A 44 5.79 4.23 14.44
CA LEU A 44 5.66 2.95 13.75
C LEU A 44 7.03 2.44 13.30
N ILE A 45 7.85 3.35 12.77
CA ILE A 45 9.20 3.00 12.36
C ILE A 45 10.08 2.66 13.54
N GLU A 46 9.97 3.46 14.61
CA GLU A 46 10.84 3.32 15.76
C GLU A 46 10.63 1.98 16.46
N GLN A 47 9.37 1.59 16.59
CA GLN A 47 9.02 0.37 17.31
C GLN A 47 9.26 -0.86 16.42
N ASP A 48 8.97 -0.71 15.13
CA ASP A 48 9.28 -1.76 14.15
C ASP A 48 9.80 -1.16 12.85
N PRO A 49 11.14 -1.02 12.76
CA PRO A 49 11.78 -0.36 11.63
C PRO A 49 11.71 -1.19 10.36
N LEU A 50 11.18 -2.40 10.48
CA LEU A 50 11.16 -3.34 9.36
C LEU A 50 9.87 -3.20 8.54
N VAL A 51 8.97 -2.36 9.03
CA VAL A 51 7.70 -2.13 8.34
C VAL A 51 7.88 -1.15 7.19
N THR A 52 7.07 -1.31 6.15
CA THR A 52 6.96 -0.31 5.10
C THR A 52 5.66 0.48 5.24
N ILE A 53 5.76 1.80 5.13
CA ILE A 53 4.59 2.66 5.19
C ILE A 53 4.37 3.38 3.86
N ASP A 54 3.18 3.23 3.30
CA ASP A 54 2.80 3.97 2.10
C ASP A 54 1.73 5.02 2.42
N ILE A 55 1.93 6.24 1.94
CA ILE A 55 0.98 7.31 2.15
C ILE A 55 0.13 7.55 0.90
N ILE A 56 -1.18 7.44 1.06
CA ILE A 56 -2.09 7.43 -0.07
C ILE A 56 -2.98 8.67 -0.07
N THR A 57 -3.00 9.38 -1.19
CA THR A 57 -3.74 10.64 -1.28
C THR A 57 -4.37 10.80 -2.67
N HIS A 58 -4.99 11.95 -2.89
CA HIS A 58 -5.62 12.25 -4.17
C HIS A 58 -5.04 13.52 -4.78
N ARG A 59 -4.27 14.25 -3.99
CA ARG A 59 -3.81 15.59 -4.38
C ARG A 59 -2.81 15.50 -5.53
N TYR A 60 -2.23 14.32 -5.71
CA TYR A 60 -1.27 14.12 -6.79
C TYR A 60 -1.91 13.35 -7.95
N TYR A 61 -1.51 13.70 -9.17
CA TYR A 61 -2.07 13.08 -10.36
C TYR A 61 -0.96 12.65 -11.32
N GLY A 62 -1.31 11.77 -12.27
CA GLY A 62 -0.34 11.32 -13.25
C GLY A 62 -0.31 9.81 -13.38
N VAL A 63 -0.94 9.12 -12.43
CA VAL A 63 -1.00 7.66 -12.46
C VAL A 63 -2.43 7.18 -12.71
N GLY A 64 -3.36 7.69 -11.90
CA GLY A 64 -4.73 7.21 -11.97
C GLY A 64 -5.68 8.01 -11.10
N GLY A 65 -6.68 7.34 -10.55
CA GLY A 65 -7.64 8.03 -9.69
C GLY A 65 -7.07 8.30 -8.31
N GLN A 66 -5.93 7.72 -8.00
CA GLN A 66 -5.32 7.85 -6.68
C GLN A 66 -3.81 7.69 -6.76
N TRP A 67 -3.10 8.29 -5.81
CA TRP A 67 -1.65 8.34 -5.85
C TRP A 67 -1.06 8.03 -4.47
N VAL A 68 0.16 7.52 -4.47
CA VAL A 68 0.77 7.02 -3.23
C VAL A 68 2.23 7.46 -3.13
N GLN A 69 2.67 7.73 -1.90
CA GLN A 69 4.04 8.17 -1.67
C GLN A 69 4.73 7.28 -0.63
N ASP A 70 5.99 6.97 -0.87
CA ASP A 70 6.81 6.28 0.13
C ASP A 70 7.02 7.16 1.36
N ALA A 71 6.63 6.64 2.52
CA ALA A 71 6.64 7.43 3.75
C ALA A 71 8.05 7.93 4.06
N GLY A 72 9.05 7.15 3.67
CA GLY A 72 10.43 7.52 3.96
C GLY A 72 10.84 8.81 3.30
N GLU A 73 10.44 9.00 2.05
CA GLU A 73 10.65 10.26 1.36
C GLU A 73 9.80 11.37 1.99
N TYR A 74 8.57 11.02 2.36
CA TYR A 74 7.63 12.00 2.89
C TYR A 74 8.10 12.56 4.22
N LEU A 75 8.50 11.68 5.12
CA LEU A 75 8.90 12.07 6.46
C LEU A 75 10.12 12.97 6.43
N HIS A 76 11.05 12.65 5.53
CA HIS A 76 12.27 13.43 5.38
C HIS A 76 12.02 14.70 4.57
N MET A 77 11.09 14.61 3.62
CA MET A 77 10.74 15.75 2.78
C MET A 77 10.35 16.95 3.64
N MET A 78 9.53 16.70 4.66
CA MET A 78 9.02 17.77 5.51
C MET A 78 10.10 18.30 6.44
N SER A 79 11.04 19.04 5.87
CA SER A 79 12.14 19.62 6.66
C SER A 79 12.02 21.14 6.73
N ASP A 80 11.85 21.77 5.57
CA ASP A 80 11.78 23.22 5.50
C ASP A 80 11.26 23.67 4.13
N ASN B 16 -12.02 2.84 -5.95
CA ASN B 16 -12.90 1.68 -5.90
C ASN B 16 -12.08 0.40 -5.74
N GLN B 17 -11.68 0.11 -4.51
CA GLN B 17 -10.96 -1.12 -4.21
C GLN B 17 -9.71 -1.25 -5.10
N PHE B 18 -8.79 -0.32 -4.95
CA PHE B 18 -7.60 -0.28 -5.80
C PHE B 18 -6.48 -1.13 -5.19
N LEU B 19 -5.37 -1.22 -5.92
CA LEU B 19 -4.22 -1.98 -5.44
C LEU B 19 -2.95 -1.12 -5.47
N VAL B 20 -2.07 -1.34 -4.50
CA VAL B 20 -0.82 -0.59 -4.43
C VAL B 20 0.37 -1.44 -4.85
N VAL B 21 1.07 -0.98 -5.88
CA VAL B 21 2.17 -1.74 -6.45
C VAL B 21 3.50 -1.01 -6.31
N ARG B 22 4.48 -1.65 -5.71
CA ARG B 22 5.66 -0.96 -5.21
C ARG B 22 6.89 -1.30 -6.03
N HIS B 23 7.49 -0.27 -6.63
CA HIS B 23 8.67 -0.46 -7.47
C HIS B 23 9.92 -0.64 -6.60
N PRO B 24 10.82 -1.53 -7.04
CA PRO B 24 12.02 -1.89 -6.28
C PRO B 24 13.11 -0.84 -6.39
N GLY B 25 12.91 0.29 -5.70
CA GLY B 25 13.94 1.32 -5.67
C GLY B 25 13.47 2.62 -6.28
N LYS B 26 12.28 2.61 -6.86
CA LYS B 26 11.70 3.81 -7.44
C LYS B 26 10.48 4.27 -6.63
N THR B 27 9.56 4.97 -7.29
CA THR B 27 8.37 5.47 -6.63
C THR B 27 7.18 4.57 -6.89
N PRO B 28 6.44 4.23 -5.81
CA PRO B 28 5.26 3.37 -5.90
C PRO B 28 4.11 4.03 -6.64
N VAL B 29 3.29 3.21 -7.30
CA VAL B 29 2.12 3.72 -8.01
C VAL B 29 0.86 2.93 -7.63
N ILE B 30 -0.29 3.54 -7.85
CA ILE B 30 -1.56 2.86 -7.64
C ILE B 30 -2.21 2.49 -8.97
N LYS B 31 -2.65 1.24 -9.08
CA LYS B 31 -3.08 0.69 -10.36
C LYS B 31 -4.50 0.15 -10.28
N HIS B 32 -5.26 0.31 -11.36
CA HIS B 32 -6.63 -0.19 -11.42
C HIS B 32 -6.70 -1.53 -12.15
N CYS B 33 -7.56 -2.41 -11.66
CA CYS B 33 -7.70 -3.74 -12.26
C CYS B 33 -8.07 -3.63 -13.73
N THR B 34 -7.32 -4.34 -14.58
CA THR B 34 -7.61 -4.38 -16.00
C THR B 34 -8.00 -5.79 -16.44
N GLY B 35 -9.26 -5.94 -16.85
CA GLY B 35 -9.76 -7.26 -17.19
C GLY B 35 -9.72 -8.22 -16.02
N ASP B 36 -9.15 -9.40 -16.25
CA ASP B 36 -9.07 -10.42 -15.21
C ASP B 36 -8.05 -10.03 -14.13
N LEU B 37 -8.49 -10.04 -12.88
CA LEU B 37 -7.66 -9.56 -11.78
C LEU B 37 -6.40 -10.42 -11.64
N GLU B 38 -6.57 -11.74 -11.69
CA GLU B 38 -5.44 -12.65 -11.55
C GLU B 38 -4.39 -12.40 -12.62
N GLU B 39 -4.85 -12.24 -13.86
CA GLU B 39 -3.95 -11.99 -14.98
C GLU B 39 -3.19 -10.67 -14.78
N PHE B 40 -3.89 -9.67 -14.29
CA PHE B 40 -3.30 -8.34 -14.09
C PHE B 40 -2.16 -8.41 -13.08
N LEU B 41 -2.41 -9.07 -11.95
CA LEU B 41 -1.39 -9.25 -10.93
C LEU B 41 -0.25 -10.12 -11.46
N ARG B 42 -0.61 -11.20 -12.14
CA ARG B 42 0.39 -12.11 -12.69
C ARG B 42 1.31 -11.40 -13.68
N GLN B 43 0.72 -10.54 -14.51
CA GLN B 43 1.49 -9.78 -15.48
C GLN B 43 2.48 -8.84 -14.80
N LEU B 44 2.01 -8.16 -13.76
CA LEU B 44 2.87 -7.26 -12.99
C LEU B 44 4.01 -8.02 -12.33
N ILE B 45 3.69 -9.17 -11.76
CA ILE B 45 4.69 -10.02 -11.13
C ILE B 45 5.65 -10.60 -12.16
N GLU B 46 5.09 -11.06 -13.29
CA GLU B 46 5.87 -11.76 -14.29
C GLU B 46 6.92 -10.84 -14.91
N GLN B 47 6.51 -9.61 -15.20
CA GLN B 47 7.39 -8.65 -15.86
C GLN B 47 8.37 -8.04 -14.87
N ASP B 48 7.92 -7.83 -13.64
CA ASP B 48 8.79 -7.38 -12.57
C ASP B 48 8.44 -8.05 -11.25
N PRO B 49 9.10 -9.19 -10.98
CA PRO B 49 8.79 -10.03 -9.82
C PRO B 49 9.24 -9.38 -8.51
N LEU B 50 9.91 -8.24 -8.62
CA LEU B 50 10.50 -7.59 -7.45
C LEU B 50 9.53 -6.59 -6.83
N VAL B 51 8.39 -6.39 -7.51
CA VAL B 51 7.37 -5.48 -7.02
C VAL B 51 6.52 -6.13 -5.92
N THR B 52 6.04 -5.31 -5.00
CA THR B 52 5.02 -5.74 -4.05
C THR B 52 3.65 -5.17 -4.42
N ILE B 53 2.63 -6.04 -4.39
CA ILE B 53 1.28 -5.62 -4.67
C ILE B 53 0.39 -5.78 -3.44
N ASP B 54 -0.27 -4.70 -3.04
CA ASP B 54 -1.25 -4.75 -1.97
C ASP B 54 -2.66 -4.54 -2.51
N ILE B 55 -3.58 -5.40 -2.09
CA ILE B 55 -4.97 -5.30 -2.50
C ILE B 55 -5.84 -4.68 -1.42
N ILE B 56 -6.48 -3.56 -1.74
CA ILE B 56 -7.17 -2.76 -0.74
C ILE B 56 -8.69 -2.78 -0.95
N THR B 57 -9.42 -3.11 0.10
CA THR B 57 -10.87 -3.26 0.00
C THR B 57 -11.56 -2.76 1.26
N HIS B 58 -12.88 -2.93 1.32
CA HIS B 58 -13.66 -2.52 2.48
C HIS B 58 -14.42 -3.70 3.07
N ARG B 59 -14.45 -4.81 2.34
CA ARG B 59 -15.30 -5.94 2.70
C ARG B 59 -14.81 -6.61 3.98
N TYR B 60 -13.55 -6.36 4.33
CA TYR B 60 -12.97 -6.92 5.54
C TYR B 60 -12.90 -5.87 6.65
N TYR B 61 -13.11 -6.32 7.88
CA TYR B 61 -13.12 -5.42 9.03
C TYR B 61 -12.25 -5.98 10.16
N GLY B 62 -11.89 -5.11 11.10
CA GLY B 62 -11.10 -5.54 12.25
C GLY B 62 -9.89 -4.66 12.48
N VAL B 63 -9.57 -3.82 11.50
CA VAL B 63 -8.45 -2.90 11.63
C VAL B 63 -8.94 -1.45 11.71
N GLY B 64 -9.77 -1.06 10.75
CA GLY B 64 -10.20 0.33 10.66
C GLY B 64 -11.27 0.54 9.61
N GLY B 65 -11.25 1.71 8.97
CA GLY B 65 -12.23 2.00 7.95
C GLY B 65 -11.94 1.29 6.64
N GLN B 66 -10.74 0.71 6.53
CA GLN B 66 -10.32 0.05 5.31
C GLN B 66 -9.31 -1.05 5.60
N TRP B 67 -9.26 -2.05 4.72
CA TRP B 67 -8.44 -3.24 4.96
C TRP B 67 -7.67 -3.63 3.71
N VAL B 68 -6.54 -4.30 3.90
CA VAL B 68 -5.61 -4.58 2.81
C VAL B 68 -5.10 -6.01 2.87
N GLN B 69 -4.89 -6.61 1.71
CA GLN B 69 -4.41 -7.98 1.64
C GLN B 69 -3.15 -8.07 0.77
N ASP B 70 -2.19 -8.88 1.20
CA ASP B 70 -1.03 -9.20 0.38
C ASP B 70 -1.43 -9.98 -0.87
N ALA B 71 -1.08 -9.44 -2.03
CA ALA B 71 -1.54 -10.01 -3.30
C ALA B 71 -1.07 -11.46 -3.45
N GLY B 72 0.08 -11.76 -2.87
CA GLY B 72 0.64 -13.09 -2.99
C GLY B 72 -0.26 -14.16 -2.37
N GLU B 73 -0.81 -13.86 -1.20
CA GLU B 73 -1.80 -14.72 -0.58
C GLU B 73 -3.09 -14.75 -1.40
N TYR B 74 -3.48 -13.59 -1.91
CA TYR B 74 -4.74 -13.45 -2.63
C TYR B 74 -4.73 -14.27 -3.92
N LEU B 75 -3.66 -14.11 -4.69
CA LEU B 75 -3.56 -14.77 -5.99
C LEU B 75 -3.56 -16.28 -5.85
N HIS B 76 -2.90 -16.77 -4.81
CA HIS B 76 -2.82 -18.21 -4.55
C HIS B 76 -4.10 -18.70 -3.86
N MET B 77 -4.71 -17.84 -3.06
CA MET B 77 -5.93 -18.17 -2.36
C MET B 77 -7.00 -18.63 -3.34
N MET B 78 -7.14 -17.91 -4.45
CA MET B 78 -8.18 -18.19 -5.43
C MET B 78 -7.83 -19.44 -6.24
N SER B 79 -7.96 -20.61 -5.61
CA SER B 79 -7.67 -21.87 -6.26
C SER B 79 -8.94 -22.69 -6.46
N ASP B 80 -9.70 -22.84 -5.39
CA ASP B 80 -10.92 -23.66 -5.43
C ASP B 80 -11.77 -23.40 -4.17
N ASN A 16 -9.23 14.28 3.71
CA ASN A 16 -9.01 13.01 4.38
C ASN A 16 -7.96 12.18 3.64
N GLN A 17 -7.30 11.29 4.37
CA GLN A 17 -6.30 10.41 3.78
C GLN A 17 -6.08 9.17 4.64
N PHE A 18 -5.34 8.21 4.10
CA PHE A 18 -5.01 6.99 4.84
C PHE A 18 -3.67 6.43 4.40
N LEU A 19 -3.03 5.69 5.30
CA LEU A 19 -1.71 5.13 5.01
C LEU A 19 -1.70 3.62 5.24
N VAL A 20 -0.95 2.90 4.40
CA VAL A 20 -0.87 1.45 4.50
C VAL A 20 0.50 1.01 5.02
N VAL A 21 0.51 0.26 6.11
CA VAL A 21 1.75 -0.09 6.79
C VAL A 21 1.95 -1.61 6.83
N ARG A 22 3.11 -2.05 6.38
CA ARG A 22 3.36 -3.47 6.18
C ARG A 22 4.21 -4.04 7.31
N HIS A 23 3.60 -4.90 8.12
CA HIS A 23 4.33 -5.64 9.14
C HIS A 23 4.79 -6.99 8.61
N PRO A 24 5.99 -7.42 9.04
CA PRO A 24 6.56 -8.71 8.65
C PRO A 24 5.82 -9.88 9.29
N GLY A 25 4.54 -10.04 8.93
CA GLY A 25 3.75 -11.11 9.50
C GLY A 25 2.92 -11.84 8.45
N LYS A 26 1.61 -11.73 8.56
CA LYS A 26 0.72 -12.36 7.59
C LYS A 26 0.33 -11.37 6.49
N THR A 27 -0.46 -10.37 6.84
CA THR A 27 -0.91 -9.36 5.89
C THR A 27 -0.68 -7.95 6.42
N PRO A 28 -0.50 -6.99 5.51
CA PRO A 28 -0.40 -5.57 5.86
C PRO A 28 -1.72 -5.01 6.36
N VAL A 29 -1.65 -3.90 7.08
CA VAL A 29 -2.84 -3.23 7.59
C VAL A 29 -2.87 -1.76 7.15
N ILE A 30 -4.07 -1.18 7.15
CA ILE A 30 -4.23 0.24 6.86
C ILE A 30 -4.58 1.01 8.12
N LYS A 31 -3.87 2.11 8.36
CA LYS A 31 -3.93 2.81 9.64
C LYS A 31 -4.33 4.26 9.45
N HIS A 32 -5.10 4.78 10.40
CA HIS A 32 -5.53 6.18 10.37
C HIS A 32 -4.74 7.02 11.38
N CYS A 33 -4.40 8.24 11.00
CA CYS A 33 -3.70 9.16 11.89
C CYS A 33 -4.48 10.46 12.05
N THR A 34 -4.79 10.79 13.31
CA THR A 34 -5.53 12.01 13.61
C THR A 34 -4.58 13.16 13.92
N GLY A 35 -3.31 12.84 14.18
CA GLY A 35 -2.33 13.86 14.49
C GLY A 35 -1.32 14.03 13.37
N ASP A 36 -0.09 14.38 13.75
CA ASP A 36 0.97 14.61 12.77
C ASP A 36 1.51 13.28 12.24
N LEU A 37 1.46 13.13 10.92
CA LEU A 37 1.87 11.89 10.28
C LEU A 37 3.32 11.56 10.62
N GLU A 38 4.17 12.59 10.65
CA GLU A 38 5.61 12.40 10.82
C GLU A 38 5.90 11.66 12.13
N GLU A 39 5.26 12.10 13.21
CA GLU A 39 5.42 11.43 14.50
C GLU A 39 4.87 10.01 14.45
N PHE A 40 3.71 9.85 13.82
CA PHE A 40 3.05 8.55 13.75
C PHE A 40 3.92 7.55 12.98
N LEU A 41 4.42 7.98 11.83
CA LEU A 41 5.23 7.10 10.98
C LEU A 41 6.53 6.73 11.67
N ARG A 42 7.17 7.71 12.30
CA ARG A 42 8.41 7.48 13.02
C ARG A 42 8.20 6.48 14.15
N GLN A 43 7.08 6.61 14.85
CA GLN A 43 6.76 5.72 15.96
C GLN A 43 6.60 4.28 15.48
N LEU A 44 5.91 4.11 14.36
CA LEU A 44 5.74 2.80 13.75
C LEU A 44 7.08 2.21 13.34
N ILE A 45 7.94 3.05 12.75
CA ILE A 45 9.26 2.61 12.34
C ILE A 45 10.12 2.27 13.55
N GLU A 46 10.05 3.10 14.59
CA GLU A 46 10.88 2.94 15.76
C GLU A 46 10.58 1.63 16.47
N GLN A 47 9.30 1.30 16.58
CA GLN A 47 8.87 0.08 17.25
C GLN A 47 9.05 -1.13 16.35
N ASP A 48 8.82 -0.93 15.04
CA ASP A 48 9.05 -1.98 14.05
C ASP A 48 9.72 -1.42 12.81
N PRO A 49 11.06 -1.45 12.80
CA PRO A 49 11.85 -0.83 11.72
C PRO A 49 11.74 -1.60 10.41
N LEU A 50 11.08 -2.74 10.45
CA LEU A 50 11.02 -3.63 9.30
C LEU A 50 9.82 -3.29 8.41
N VAL A 51 8.99 -2.37 8.87
CA VAL A 51 7.75 -2.05 8.19
C VAL A 51 8.00 -1.11 7.00
N THR A 52 7.18 -1.25 5.96
CA THR A 52 7.07 -0.21 4.95
C THR A 52 5.74 0.53 5.05
N ILE A 53 5.80 1.85 5.05
CA ILE A 53 4.60 2.68 5.13
C ILE A 53 4.45 3.54 3.88
N ASP A 54 3.27 3.45 3.26
CA ASP A 54 2.94 4.31 2.14
C ASP A 54 1.74 5.20 2.48
N ILE A 55 1.82 6.46 2.08
CA ILE A 55 0.74 7.41 2.34
C ILE A 55 -0.15 7.59 1.10
N ILE A 56 -1.44 7.31 1.27
CA ILE A 56 -2.35 7.26 0.13
C ILE A 56 -3.37 8.39 0.20
N THR A 57 -3.45 9.16 -0.88
CA THR A 57 -4.36 10.29 -0.94
C THR A 57 -5.17 10.28 -2.24
N HIS A 58 -6.25 11.06 -2.25
CA HIS A 58 -7.09 11.18 -3.44
C HIS A 58 -7.38 12.64 -3.76
N ARG A 59 -7.33 12.99 -5.04
CA ARG A 59 -7.79 14.30 -5.49
C ARG A 59 -8.78 14.16 -6.65
N TYR A 60 -8.27 13.79 -7.81
CA TYR A 60 -9.12 13.55 -8.98
C TYR A 60 -8.74 12.25 -9.67
N TYR A 61 -7.52 12.22 -10.21
CA TYR A 61 -7.05 11.07 -10.98
C TYR A 61 -5.57 11.19 -11.30
N GLY A 62 -5.00 10.13 -11.85
CA GLY A 62 -3.70 10.23 -12.48
C GLY A 62 -3.12 8.87 -12.86
N VAL A 63 -2.92 8.02 -11.86
CA VAL A 63 -2.29 6.73 -12.07
C VAL A 63 -3.29 5.59 -11.92
N GLY A 64 -4.30 5.81 -11.08
CA GLY A 64 -5.26 4.76 -10.80
C GLY A 64 -6.50 5.30 -10.11
N GLY A 65 -6.68 6.61 -10.14
CA GLY A 65 -7.72 7.24 -9.35
C GLY A 65 -7.21 7.74 -8.01
N GLN A 66 -6.03 7.26 -7.62
CA GLN A 66 -5.42 7.68 -6.36
C GLN A 66 -3.91 7.82 -6.51
N TRP A 67 -3.30 8.60 -5.62
CA TRP A 67 -1.85 8.75 -5.60
C TRP A 67 -1.29 8.34 -4.25
N VAL A 68 -0.03 7.89 -4.25
CA VAL A 68 0.62 7.43 -3.01
C VAL A 68 2.05 7.94 -2.92
N GLN A 69 2.48 8.25 -1.70
CA GLN A 69 3.86 8.66 -1.47
C GLN A 69 4.50 7.81 -0.37
N ASP A 70 5.74 7.39 -0.61
CA ASP A 70 6.48 6.59 0.36
C ASP A 70 6.74 7.38 1.64
N ALA A 71 6.46 6.77 2.78
CA ALA A 71 6.63 7.43 4.06
C ALA A 71 8.09 7.84 4.28
N GLY A 72 9.00 7.05 3.73
CA GLY A 72 10.41 7.34 3.88
C GLY A 72 10.80 8.66 3.24
N GLU A 73 10.27 8.93 2.05
CA GLU A 73 10.44 10.22 1.42
C GLU A 73 9.74 11.33 2.21
N TYR A 74 8.58 11.00 2.76
CA TYR A 74 7.75 11.98 3.45
C TYR A 74 8.47 12.54 4.67
N LEU A 75 8.98 11.64 5.51
CA LEU A 75 9.80 12.03 6.65
C LEU A 75 11.08 12.72 6.19
N HIS A 76 11.66 12.21 5.12
CA HIS A 76 12.93 12.74 4.60
C HIS A 76 12.80 14.22 4.29
N MET A 77 11.71 14.59 3.63
CA MET A 77 11.50 15.97 3.22
C MET A 77 11.48 16.91 4.43
N MET A 78 11.11 16.35 5.58
CA MET A 78 10.96 17.16 6.80
C MET A 78 12.14 16.96 7.74
N SER A 79 12.90 15.89 7.52
CA SER A 79 14.02 15.56 8.39
C SER A 79 15.11 16.62 8.31
N ASP A 80 15.33 17.13 7.10
CA ASP A 80 16.42 18.06 6.86
C ASP A 80 16.09 19.02 5.72
N ASN B 16 -16.29 -1.40 -5.95
CA ASN B 16 -15.05 -0.86 -6.50
C ASN B 16 -13.89 -1.15 -5.57
N GLN B 17 -12.68 -1.20 -6.13
CA GLN B 17 -11.48 -1.44 -5.34
C GLN B 17 -10.24 -0.93 -6.08
N PHE B 18 -9.11 -0.91 -5.37
CA PHE B 18 -7.84 -0.49 -5.97
C PHE B 18 -6.67 -1.21 -5.31
N LEU B 19 -5.57 -1.35 -6.05
CA LEU B 19 -4.40 -2.04 -5.55
C LEU B 19 -3.16 -1.16 -5.67
N VAL B 20 -2.26 -1.28 -4.69
CA VAL B 20 -1.04 -0.49 -4.67
C VAL B 20 0.18 -1.36 -4.96
N VAL B 21 0.94 -0.99 -5.98
CA VAL B 21 2.04 -1.82 -6.46
C VAL B 21 3.37 -1.08 -6.37
N ARG B 22 4.34 -1.72 -5.73
CA ARG B 22 5.60 -1.05 -5.39
C ARG B 22 6.71 -1.46 -6.35
N HIS B 23 7.15 -0.52 -7.18
CA HIS B 23 8.32 -0.74 -8.03
C HIS B 23 9.58 -0.27 -7.34
N PRO B 24 10.69 -1.00 -7.57
CA PRO B 24 12.00 -0.65 -7.02
C PRO B 24 12.60 0.58 -7.67
N GLY B 25 11.93 1.72 -7.49
CA GLY B 25 12.40 2.96 -8.08
C GLY B 25 12.36 4.12 -7.11
N LYS B 26 11.51 5.11 -7.41
CA LYS B 26 11.35 6.26 -6.53
C LYS B 26 10.19 6.05 -5.56
N THR B 27 8.98 6.07 -6.10
CA THR B 27 7.78 5.89 -5.28
C THR B 27 6.86 4.83 -5.87
N PRO B 28 6.07 4.18 -5.02
CA PRO B 28 5.04 3.24 -5.45
C PRO B 28 3.89 3.92 -6.17
N VAL B 29 3.14 3.14 -6.94
CA VAL B 29 1.97 3.66 -7.66
C VAL B 29 0.73 2.84 -7.35
N ILE B 30 -0.43 3.45 -7.54
CA ILE B 30 -1.70 2.75 -7.39
C ILE B 30 -2.35 2.49 -8.74
N LYS B 31 -2.78 1.24 -8.95
CA LYS B 31 -3.19 0.80 -10.27
C LYS B 31 -4.63 0.26 -10.24
N HIS B 32 -5.36 0.50 -11.33
CA HIS B 32 -6.73 0.00 -11.44
C HIS B 32 -6.79 -1.20 -12.39
N CYS B 33 -7.63 -2.16 -12.06
CA CYS B 33 -7.82 -3.33 -12.91
C CYS B 33 -9.30 -3.50 -13.27
N THR B 34 -9.57 -3.54 -14.57
CA THR B 34 -10.94 -3.70 -15.06
C THR B 34 -11.26 -5.17 -15.31
N GLY B 35 -10.23 -6.00 -15.37
CA GLY B 35 -10.43 -7.42 -15.61
C GLY B 35 -10.12 -8.26 -14.38
N ASP B 36 -9.63 -9.47 -14.61
CA ASP B 36 -9.33 -10.39 -13.51
C ASP B 36 -8.04 -9.99 -12.81
N LEU B 37 -8.12 -9.76 -11.51
CA LEU B 37 -6.97 -9.31 -10.73
C LEU B 37 -5.82 -10.30 -10.84
N GLU B 38 -6.14 -11.59 -10.83
CA GLU B 38 -5.13 -12.64 -10.78
C GLU B 38 -4.18 -12.52 -11.97
N GLU B 39 -4.76 -12.35 -13.16
CA GLU B 39 -3.96 -12.17 -14.37
C GLU B 39 -3.14 -10.88 -14.31
N PHE B 40 -3.79 -9.82 -13.83
CA PHE B 40 -3.14 -8.51 -13.75
C PHE B 40 -1.94 -8.55 -12.81
N LEU B 41 -2.15 -9.12 -11.62
CA LEU B 41 -1.10 -9.19 -10.62
C LEU B 41 0.07 -10.06 -11.09
N ARG B 42 -0.27 -11.20 -11.69
CA ARG B 42 0.75 -12.11 -12.21
C ARG B 42 1.58 -11.42 -13.28
N GLN B 43 0.92 -10.65 -14.14
CA GLN B 43 1.61 -9.95 -15.22
C GLN B 43 2.59 -8.92 -14.67
N LEU B 44 2.16 -8.19 -13.65
CA LEU B 44 3.03 -7.22 -12.98
C LEU B 44 4.23 -7.92 -12.34
N ILE B 45 3.97 -9.06 -11.70
CA ILE B 45 5.05 -9.84 -11.09
C ILE B 45 5.99 -10.40 -12.14
N GLU B 46 5.42 -10.91 -13.23
CA GLU B 46 6.20 -11.57 -14.27
C GLU B 46 7.17 -10.59 -14.92
N GLN B 47 6.70 -9.38 -15.18
CA GLN B 47 7.52 -8.36 -15.81
C GLN B 47 8.47 -7.71 -14.80
N ASP B 48 7.99 -7.56 -13.57
CA ASP B 48 8.83 -7.04 -12.49
C ASP B 48 8.60 -7.83 -11.20
N PRO B 49 9.40 -8.88 -10.99
CA PRO B 49 9.22 -9.81 -9.87
C PRO B 49 9.58 -9.18 -8.53
N LEU B 50 10.12 -7.96 -8.58
CA LEU B 50 10.63 -7.30 -7.39
C LEU B 50 9.55 -6.48 -6.70
N VAL B 51 8.38 -6.41 -7.34
CA VAL B 51 7.30 -5.55 -6.86
C VAL B 51 6.54 -6.23 -5.73
N THR B 52 6.02 -5.42 -4.81
CA THR B 52 4.99 -5.87 -3.88
C THR B 52 3.64 -5.26 -4.23
N ILE B 53 2.61 -6.10 -4.32
CA ILE B 53 1.27 -5.65 -4.62
C ILE B 53 0.31 -5.94 -3.47
N ASP B 54 -0.39 -4.91 -3.00
CA ASP B 54 -1.43 -5.08 -2.01
C ASP B 54 -2.79 -4.66 -2.56
N ILE B 55 -3.82 -5.45 -2.25
CA ILE B 55 -5.17 -5.17 -2.73
C ILE B 55 -6.00 -4.49 -1.65
N ILE B 56 -6.51 -3.30 -1.97
CA ILE B 56 -7.15 -2.45 -0.97
C ILE B 56 -8.65 -2.32 -1.26
N THR B 57 -9.47 -2.64 -0.25
CA THR B 57 -10.91 -2.58 -0.41
C THR B 57 -11.56 -1.84 0.76
N HIS B 58 -12.81 -1.44 0.58
CA HIS B 58 -13.56 -0.76 1.63
C HIS B 58 -14.95 -1.37 1.79
N ARG B 59 -15.37 -1.53 3.05
CA ARG B 59 -16.75 -1.91 3.33
C ARG B 59 -17.38 -0.95 4.35
N TYR B 60 -16.95 -1.06 5.60
CA TYR B 60 -17.41 -0.15 6.65
C TYR B 60 -16.25 0.36 7.47
N TYR B 61 -15.58 -0.56 8.18
CA TYR B 61 -14.50 -0.19 9.08
C TYR B 61 -13.78 -1.43 9.59
N GLY B 62 -12.67 -1.21 10.29
CA GLY B 62 -12.08 -2.27 11.10
C GLY B 62 -10.71 -1.90 11.64
N VAL B 63 -9.78 -1.61 10.74
CA VAL B 63 -8.40 -1.34 11.12
C VAL B 63 -8.05 0.13 10.92
N GLY B 64 -8.70 0.75 9.94
CA GLY B 64 -8.39 2.12 9.60
C GLY B 64 -9.44 2.75 8.70
N GLY B 65 -10.61 2.12 8.63
CA GLY B 65 -11.60 2.52 7.65
C GLY B 65 -11.51 1.72 6.36
N GLN B 66 -10.39 1.02 6.18
CA GLN B 66 -10.19 0.20 4.99
C GLN B 66 -9.44 -1.09 5.34
N TRP B 67 -9.59 -2.09 4.49
CA TRP B 67 -8.85 -3.34 4.65
C TRP B 67 -8.01 -3.64 3.43
N VAL B 68 -6.93 -4.39 3.63
CA VAL B 68 -6.00 -4.72 2.55
C VAL B 68 -5.55 -6.17 2.62
N GLN B 69 -5.39 -6.78 1.45
CA GLN B 69 -4.87 -8.15 1.37
C GLN B 69 -3.66 -8.23 0.45
N ASP B 70 -2.65 -8.96 0.88
CA ASP B 70 -1.43 -9.13 0.08
C ASP B 70 -1.73 -9.91 -1.20
N ALA B 71 -1.25 -9.39 -2.32
CA ALA B 71 -1.51 -10.01 -3.61
C ALA B 71 -0.95 -11.44 -3.65
N GLY B 72 0.14 -11.66 -2.92
CA GLY B 72 0.75 -12.98 -2.89
C GLY B 72 -0.17 -14.03 -2.31
N GLU B 73 -0.86 -13.68 -1.23
CA GLU B 73 -1.88 -14.55 -0.66
C GLU B 73 -3.06 -14.70 -1.61
N TYR B 74 -3.40 -13.61 -2.30
CA TYR B 74 -4.57 -13.58 -3.16
C TYR B 74 -4.42 -14.58 -4.32
N LEU B 75 -3.29 -14.51 -5.01
CA LEU B 75 -2.97 -15.48 -6.05
C LEU B 75 -2.84 -16.88 -5.46
N HIS B 76 -2.23 -16.97 -4.28
CA HIS B 76 -2.00 -18.25 -3.64
C HIS B 76 -3.30 -19.02 -3.45
N MET B 77 -4.32 -18.32 -2.98
CA MET B 77 -5.62 -18.94 -2.70
C MET B 77 -6.20 -19.57 -3.96
N MET B 78 -5.81 -19.03 -5.12
CA MET B 78 -6.37 -19.47 -6.40
C MET B 78 -5.40 -20.37 -7.14
N SER B 79 -4.12 -20.32 -6.75
CA SER B 79 -3.08 -21.08 -7.43
C SER B 79 -3.30 -22.58 -7.26
N ASP B 80 -3.75 -22.98 -6.08
CA ASP B 80 -3.90 -24.39 -5.77
C ASP B 80 -5.02 -24.61 -4.75
N ASN A 16 -11.40 7.25 1.63
CA ASN A 16 -10.77 8.21 2.53
C ASN A 16 -9.27 8.29 2.28
N GLN A 17 -8.62 9.27 2.91
CA GLN A 17 -7.17 9.34 2.93
C GLN A 17 -6.59 8.52 4.07
N PHE A 18 -5.52 7.79 3.80
CA PHE A 18 -4.94 6.87 4.79
C PHE A 18 -3.55 6.44 4.37
N LEU A 19 -2.84 5.80 5.30
CA LEU A 19 -1.55 5.18 4.99
C LEU A 19 -1.56 3.70 5.36
N VAL A 20 -0.92 2.88 4.53
CA VAL A 20 -0.93 1.44 4.72
C VAL A 20 0.45 0.91 5.08
N VAL A 21 0.54 0.14 6.15
CA VAL A 21 1.81 -0.33 6.67
C VAL A 21 1.89 -1.85 6.64
N ARG A 22 2.96 -2.37 6.04
CA ARG A 22 3.07 -3.79 5.76
C ARG A 22 4.00 -4.48 6.75
N HIS A 23 3.44 -5.41 7.52
CA HIS A 23 4.24 -6.20 8.46
C HIS A 23 4.59 -7.56 7.86
N PRO A 24 5.88 -7.93 7.98
CA PRO A 24 6.39 -9.21 7.44
C PRO A 24 5.85 -10.41 8.22
N GLY A 25 5.58 -11.49 7.50
CA GLY A 25 5.03 -12.67 8.12
C GLY A 25 3.54 -12.58 8.36
N LYS A 26 2.99 -11.39 8.15
CA LYS A 26 1.57 -11.16 8.39
C LYS A 26 0.91 -10.54 7.16
N THR A 27 -0.32 -10.06 7.33
CA THR A 27 -0.98 -9.26 6.31
C THR A 27 -0.97 -7.77 6.67
N PRO A 28 -0.99 -6.91 5.64
CA PRO A 28 -0.88 -5.46 5.82
C PRO A 28 -2.09 -4.88 6.53
N VAL A 29 -1.88 -3.78 7.24
CA VAL A 29 -2.97 -3.04 7.86
C VAL A 29 -2.93 -1.56 7.50
N ILE A 30 -4.07 -0.90 7.60
CA ILE A 30 -4.15 0.54 7.34
C ILE A 30 -4.31 1.32 8.65
N LYS A 31 -3.48 2.34 8.82
CA LYS A 31 -3.27 2.94 10.14
C LYS A 31 -3.50 4.44 10.09
N HIS A 32 -4.15 4.97 11.13
CA HIS A 32 -4.28 6.41 11.30
C HIS A 32 -3.60 6.86 12.59
N CYS A 33 -2.96 8.02 12.55
CA CYS A 33 -2.31 8.59 13.72
C CYS A 33 -3.35 9.23 14.65
N THR A 34 -2.98 9.37 15.91
CA THR A 34 -3.76 10.17 16.85
C THR A 34 -2.98 11.39 17.31
N GLY A 35 -1.66 11.35 17.10
CA GLY A 35 -0.82 12.47 17.49
C GLY A 35 -0.03 13.04 16.33
N ASP A 36 1.24 13.33 16.55
CA ASP A 36 2.10 13.89 15.53
C ASP A 36 2.33 12.89 14.40
N LEU A 37 2.02 13.30 13.17
CA LEU A 37 2.04 12.39 12.03
C LEU A 37 3.44 11.89 11.75
N GLU A 38 4.41 12.81 11.79
CA GLU A 38 5.81 12.46 11.55
C GLU A 38 6.27 11.42 12.56
N GLU A 39 5.92 11.62 13.83
CA GLU A 39 6.26 10.66 14.88
C GLU A 39 5.60 9.31 14.61
N PHE A 40 4.36 9.34 14.13
CA PHE A 40 3.59 8.13 13.93
C PHE A 40 4.26 7.22 12.90
N LEU A 41 4.68 7.80 11.78
CA LEU A 41 5.38 7.06 10.74
C LEU A 41 6.73 6.55 11.26
N ARG A 42 7.44 7.42 11.97
CA ARG A 42 8.72 7.05 12.57
C ARG A 42 8.54 5.89 13.56
N GLN A 43 7.47 5.96 14.34
CA GLN A 43 7.23 4.95 15.37
C GLN A 43 7.01 3.59 14.75
N LEU A 44 6.24 3.54 13.67
CA LEU A 44 6.01 2.30 12.94
C LEU A 44 7.32 1.74 12.39
N ILE A 45 8.15 2.62 11.85
CA ILE A 45 9.45 2.22 11.32
C ILE A 45 10.38 1.75 12.43
N GLU A 46 10.40 2.49 13.53
CA GLU A 46 11.33 2.23 14.62
C GLU A 46 11.00 0.90 15.30
N GLN A 47 9.71 0.64 15.49
CA GLN A 47 9.28 -0.56 16.20
C GLN A 47 9.36 -1.79 15.28
N ASP A 48 9.08 -1.58 14.00
CA ASP A 48 9.27 -2.62 13.01
C ASP A 48 9.89 -2.06 11.73
N PRO A 49 11.24 -2.08 11.67
CA PRO A 49 11.99 -1.46 10.57
C PRO A 49 11.82 -2.21 9.26
N LEU A 50 11.13 -3.34 9.30
CA LEU A 50 10.99 -4.21 8.13
C LEU A 50 9.75 -3.82 7.33
N VAL A 51 8.94 -2.92 7.88
CA VAL A 51 7.72 -2.50 7.22
C VAL A 51 7.99 -1.43 6.18
N THR A 52 7.22 -1.44 5.10
CA THR A 52 7.11 -0.29 4.22
C THR A 52 5.76 0.41 4.40
N ILE A 53 5.78 1.74 4.36
CA ILE A 53 4.56 2.52 4.51
C ILE A 53 4.25 3.30 3.24
N ASP A 54 3.04 3.12 2.72
CA ASP A 54 2.57 3.91 1.60
C ASP A 54 1.44 4.84 2.02
N ILE A 55 1.58 6.12 1.68
CA ILE A 55 0.61 7.12 2.07
C ILE A 55 -0.29 7.51 0.88
N ILE A 56 -1.59 7.29 1.04
CA ILE A 56 -2.50 7.29 -0.10
C ILE A 56 -3.50 8.43 -0.01
N THR A 57 -3.65 9.17 -1.10
CA THR A 57 -4.55 10.33 -1.13
C THR A 57 -5.45 10.30 -2.35
N HIS A 58 -6.55 11.04 -2.29
CA HIS A 58 -7.43 11.23 -3.44
C HIS A 58 -7.83 12.69 -3.58
N ARG A 59 -6.99 13.58 -3.09
CA ARG A 59 -7.23 15.01 -3.21
C ARG A 59 -7.29 15.44 -4.67
N TYR A 60 -6.66 14.64 -5.54
CA TYR A 60 -6.66 14.93 -6.97
C TYR A 60 -6.56 13.64 -7.77
N TYR A 61 -6.89 13.73 -9.06
CA TYR A 61 -6.84 12.56 -9.94
C TYR A 61 -5.43 11.98 -9.99
N GLY A 62 -5.30 10.75 -9.53
CA GLY A 62 -3.99 10.12 -9.45
C GLY A 62 -3.73 9.15 -10.57
N VAL A 63 -3.20 7.99 -10.24
CA VAL A 63 -2.73 7.04 -11.25
C VAL A 63 -3.89 6.26 -11.83
N GLY A 64 -4.73 6.93 -12.62
CA GLY A 64 -5.96 6.33 -13.08
C GLY A 64 -7.12 6.63 -12.14
N GLY A 65 -6.82 7.21 -10.99
CA GLY A 65 -7.86 7.53 -10.02
C GLY A 65 -7.30 8.13 -8.74
N GLN A 66 -6.35 7.42 -8.13
CA GLN A 66 -5.84 7.82 -6.82
C GLN A 66 -4.32 7.74 -6.80
N TRP A 67 -3.71 8.48 -5.87
CA TRP A 67 -2.26 8.67 -5.89
C TRP A 67 -1.65 8.32 -4.54
N VAL A 68 -0.38 7.92 -4.55
CA VAL A 68 0.26 7.41 -3.35
C VAL A 68 1.71 7.89 -3.26
N GLN A 69 2.17 8.17 -2.04
CA GLN A 69 3.51 8.66 -1.83
C GLN A 69 4.29 7.75 -0.88
N ASP A 70 5.56 7.51 -1.21
CA ASP A 70 6.45 6.77 -0.32
C ASP A 70 6.67 7.54 0.98
N ALA A 71 6.39 6.88 2.11
CA ALA A 71 6.47 7.53 3.40
C ALA A 71 7.88 8.07 3.67
N GLY A 72 8.88 7.41 3.10
CA GLY A 72 10.25 7.86 3.25
C GLY A 72 10.49 9.20 2.60
N GLU A 73 9.96 9.38 1.40
CA GLU A 73 9.94 10.69 0.75
C GLU A 73 9.05 11.66 1.51
N TYR A 74 7.92 11.16 1.99
CA TYR A 74 6.94 12.00 2.68
C TYR A 74 7.52 12.58 3.96
N LEU A 75 8.13 11.73 4.77
CA LEU A 75 8.71 12.15 6.04
C LEU A 75 9.85 13.14 5.81
N HIS A 76 10.64 12.90 4.77
CA HIS A 76 11.71 13.81 4.39
C HIS A 76 11.16 15.18 4.02
N MET A 77 10.15 15.19 3.14
CA MET A 77 9.51 16.43 2.72
C MET A 77 9.15 17.29 3.93
N MET A 78 8.63 16.65 4.97
CA MET A 78 8.13 17.38 6.13
C MET A 78 9.27 17.76 7.07
N SER A 79 10.11 16.79 7.40
CA SER A 79 11.07 16.94 8.50
C SER A 79 12.22 17.83 8.09
N ASP A 80 12.69 17.67 6.85
CA ASP A 80 13.94 18.28 6.42
C ASP A 80 13.68 19.54 5.61
N ASN B 16 -12.23 4.68 -3.71
CA ASN B 16 -12.51 3.54 -4.58
C ASN B 16 -11.73 2.30 -4.12
N GLN B 17 -12.04 1.16 -4.73
CA GLN B 17 -11.24 -0.04 -4.54
C GLN B 17 -10.09 -0.10 -5.55
N PHE B 18 -8.91 -0.50 -5.07
CA PHE B 18 -7.71 -0.48 -5.90
C PHE B 18 -6.61 -1.31 -5.27
N LEU B 19 -5.56 -1.57 -6.04
CA LEU B 19 -4.35 -2.20 -5.50
C LEU B 19 -3.13 -1.33 -5.77
N VAL B 20 -2.20 -1.30 -4.81
CA VAL B 20 -1.03 -0.44 -4.90
C VAL B 20 0.24 -1.26 -5.01
N VAL B 21 1.06 -0.94 -6.02
CA VAL B 21 2.26 -1.72 -6.31
C VAL B 21 3.52 -0.87 -6.16
N ARG B 22 4.47 -1.38 -5.39
CA ARG B 22 5.64 -0.59 -4.99
C ARG B 22 6.86 -1.00 -5.80
N HIS B 23 7.39 -0.05 -6.57
CA HIS B 23 8.62 -0.29 -7.33
C HIS B 23 9.82 0.28 -6.59
N PRO B 24 10.89 -0.53 -6.49
CA PRO B 24 12.13 -0.14 -5.81
C PRO B 24 12.89 0.95 -6.56
N GLY B 25 13.49 1.86 -5.82
CA GLY B 25 14.21 2.97 -6.43
C GLY B 25 13.29 4.08 -6.88
N LYS B 26 11.99 3.83 -6.83
CA LYS B 26 11.00 4.81 -7.28
C LYS B 26 9.96 5.06 -6.20
N THR B 27 8.88 5.74 -6.59
CA THR B 27 7.71 5.86 -5.71
C THR B 27 6.58 4.94 -6.17
N PRO B 28 5.74 4.51 -5.22
CA PRO B 28 4.67 3.55 -5.48
C PRO B 28 3.58 4.12 -6.39
N VAL B 29 2.92 3.24 -7.14
CA VAL B 29 1.79 3.63 -7.97
C VAL B 29 0.58 2.75 -7.70
N ILE B 30 -0.60 3.25 -8.02
CA ILE B 30 -1.83 2.48 -7.87
C ILE B 30 -2.37 2.05 -9.23
N LYS B 31 -2.67 0.77 -9.36
CA LYS B 31 -2.84 0.15 -10.67
C LYS B 31 -4.19 -0.56 -10.78
N HIS B 32 -4.84 -0.42 -11.92
CA HIS B 32 -6.04 -1.20 -12.21
C HIS B 32 -5.82 -2.11 -13.42
N CYS B 33 -6.39 -3.30 -13.37
CA CYS B 33 -6.31 -4.24 -14.48
C CYS B 33 -7.30 -3.86 -15.58
N THR B 34 -7.02 -4.32 -16.80
CA THR B 34 -7.99 -4.25 -17.89
C THR B 34 -8.44 -5.63 -18.31
N GLY B 35 -7.67 -6.64 -17.93
CA GLY B 35 -8.02 -8.02 -18.27
C GLY B 35 -8.17 -8.90 -17.06
N ASP B 36 -7.62 -10.10 -17.12
CA ASP B 36 -7.72 -11.05 -16.01
C ASP B 36 -6.94 -10.55 -14.80
N LEU B 37 -7.62 -10.47 -13.67
CA LEU B 37 -7.05 -9.86 -12.47
C LEU B 37 -5.86 -10.67 -11.96
N GLU B 38 -6.03 -12.00 -11.93
CA GLU B 38 -4.96 -12.89 -11.49
C GLU B 38 -3.71 -12.71 -12.33
N GLU B 39 -3.90 -12.65 -13.64
CA GLU B 39 -2.80 -12.41 -14.57
C GLU B 39 -2.14 -11.07 -14.29
N PHE B 40 -2.95 -10.06 -14.01
CA PHE B 40 -2.46 -8.70 -13.83
C PHE B 40 -1.48 -8.63 -12.66
N LEU B 41 -1.87 -9.22 -11.54
CA LEU B 41 -1.00 -9.27 -10.36
C LEU B 41 0.25 -10.08 -10.64
N ARG B 42 0.08 -11.22 -11.31
CA ARG B 42 1.22 -12.05 -11.69
C ARG B 42 2.17 -11.30 -12.61
N GLN B 43 1.60 -10.55 -13.54
CA GLN B 43 2.40 -9.81 -14.53
C GLN B 43 3.29 -8.78 -13.84
N LEU B 44 2.72 -8.07 -12.89
CA LEU B 44 3.48 -7.09 -12.10
C LEU B 44 4.61 -7.76 -11.34
N ILE B 45 4.32 -8.91 -10.75
CA ILE B 45 5.32 -9.67 -10.02
C ILE B 45 6.39 -10.22 -10.96
N GLU B 46 5.96 -10.75 -12.09
CA GLU B 46 6.87 -11.41 -13.02
C GLU B 46 7.85 -10.41 -13.64
N GLN B 47 7.32 -9.24 -14.00
CA GLN B 47 8.13 -8.22 -14.66
C GLN B 47 9.02 -7.50 -13.66
N ASP B 48 8.52 -7.31 -12.45
CA ASP B 48 9.32 -6.77 -11.37
C ASP B 48 9.06 -7.51 -10.06
N PRO B 49 9.85 -8.56 -9.81
CA PRO B 49 9.65 -9.46 -8.67
C PRO B 49 9.96 -8.78 -7.34
N LEU B 50 10.47 -7.56 -7.40
CA LEU B 50 10.92 -6.85 -6.21
C LEU B 50 9.78 -6.03 -5.61
N VAL B 51 8.66 -5.96 -6.33
CA VAL B 51 7.51 -5.19 -5.88
C VAL B 51 6.67 -5.98 -4.89
N THR B 52 6.07 -5.26 -3.93
CA THR B 52 4.97 -5.81 -3.16
C THR B 52 3.65 -5.16 -3.57
N ILE B 53 2.59 -5.97 -3.63
CA ILE B 53 1.27 -5.47 -4.00
C ILE B 53 0.29 -5.60 -2.84
N ASP B 54 -0.33 -4.49 -2.48
CA ASP B 54 -1.40 -4.50 -1.49
C ASP B 54 -2.75 -4.18 -2.13
N ILE B 55 -3.73 -5.03 -1.87
CA ILE B 55 -5.06 -4.88 -2.45
C ILE B 55 -6.05 -4.31 -1.44
N ILE B 56 -6.61 -3.15 -1.76
CA ILE B 56 -7.30 -2.35 -0.75
C ILE B 56 -8.79 -2.23 -1.07
N THR B 57 -9.62 -2.47 -0.07
CA THR B 57 -11.07 -2.44 -0.25
C THR B 57 -11.74 -1.62 0.84
N HIS B 58 -12.97 -1.18 0.57
CA HIS B 58 -13.78 -0.51 1.57
C HIS B 58 -15.21 -1.05 1.56
N ARG B 59 -15.37 -2.30 1.12
CA ARG B 59 -16.68 -2.94 1.11
C ARG B 59 -17.25 -3.04 2.51
N TYR B 60 -16.38 -3.02 3.51
CA TYR B 60 -16.80 -3.09 4.90
C TYR B 60 -15.82 -2.34 5.81
N TYR B 61 -16.27 -2.03 7.02
CA TYR B 61 -15.43 -1.33 7.98
C TYR B 61 -14.15 -2.10 8.26
N GLY B 62 -13.01 -1.50 7.92
CA GLY B 62 -11.74 -2.19 8.06
C GLY B 62 -10.97 -1.73 9.27
N VAL B 63 -9.68 -1.49 9.11
CA VAL B 63 -8.79 -1.23 10.24
C VAL B 63 -8.92 0.22 10.71
N GLY B 64 -10.06 0.54 11.32
CA GLY B 64 -10.37 1.92 11.64
C GLY B 64 -11.16 2.60 10.54
N GLY B 65 -11.29 1.93 9.40
CA GLY B 65 -12.00 2.50 8.28
C GLY B 65 -11.98 1.61 7.05
N GLN B 66 -10.78 1.23 6.62
CA GLN B 66 -10.62 0.49 5.37
C GLN B 66 -9.66 -0.68 5.56
N TRP B 67 -9.76 -1.68 4.69
CA TRP B 67 -9.07 -2.95 4.90
C TRP B 67 -8.25 -3.32 3.67
N VAL B 68 -7.19 -4.09 3.88
CA VAL B 68 -6.23 -4.40 2.83
C VAL B 68 -5.76 -5.84 2.91
N GLN B 69 -5.55 -6.46 1.75
CA GLN B 69 -5.13 -7.85 1.69
C GLN B 69 -3.82 -8.00 0.92
N ASP B 70 -2.92 -8.83 1.44
CA ASP B 70 -1.70 -9.17 0.74
C ASP B 70 -2.00 -9.90 -0.57
N ALA B 71 -1.47 -9.37 -1.67
CA ALA B 71 -1.76 -9.91 -3.00
C ALA B 71 -1.34 -11.37 -3.10
N GLY B 72 -0.31 -11.73 -2.35
CA GLY B 72 0.15 -13.11 -2.33
C GLY B 72 -0.87 -14.06 -1.75
N GLU B 73 -1.50 -13.65 -0.65
CA GLU B 73 -2.63 -14.39 -0.10
C GLU B 73 -3.83 -14.30 -1.05
N TYR B 74 -4.03 -13.13 -1.65
CA TYR B 74 -5.17 -12.90 -2.52
C TYR B 74 -5.12 -13.80 -3.75
N LEU B 75 -3.96 -13.83 -4.40
CA LEU B 75 -3.78 -14.64 -5.60
C LEU B 75 -3.95 -16.12 -5.29
N HIS B 76 -3.43 -16.54 -4.13
CA HIS B 76 -3.59 -17.91 -3.68
C HIS B 76 -5.07 -18.26 -3.48
N MET B 77 -5.78 -17.39 -2.76
CA MET B 77 -7.20 -17.59 -2.53
C MET B 77 -7.93 -17.91 -3.82
N MET B 78 -7.59 -17.18 -4.88
CA MET B 78 -8.30 -17.29 -6.15
C MET B 78 -7.80 -18.50 -6.94
N SER B 79 -6.49 -18.62 -7.08
CA SER B 79 -5.90 -19.54 -8.04
C SER B 79 -5.99 -20.98 -7.54
N ASP B 80 -5.76 -21.17 -6.24
CA ASP B 80 -5.58 -22.51 -5.69
C ASP B 80 -6.86 -22.99 -5.00
N ASN A 16 -10.47 11.06 2.30
CA ASN A 16 -10.18 9.81 2.98
C ASN A 16 -8.71 9.42 2.80
N GLN A 17 -7.82 10.22 3.37
CA GLN A 17 -6.40 9.90 3.35
C GLN A 17 -6.05 8.87 4.41
N PHE A 18 -5.19 7.91 4.03
CA PHE A 18 -4.73 6.88 4.97
C PHE A 18 -3.38 6.33 4.54
N LEU A 19 -2.78 5.51 5.39
CA LEU A 19 -1.48 4.92 5.10
C LEU A 19 -1.53 3.40 5.26
N VAL A 20 -0.79 2.70 4.41
CA VAL A 20 -0.68 1.25 4.51
C VAL A 20 0.71 0.84 5.01
N VAL A 21 0.72 0.08 6.11
CA VAL A 21 1.97 -0.25 6.78
C VAL A 21 2.20 -1.76 6.82
N ARG A 22 3.38 -2.19 6.36
CA ARG A 22 3.64 -3.60 6.13
C ARG A 22 4.48 -4.19 7.26
N HIS A 23 3.87 -5.04 8.07
CA HIS A 23 4.58 -5.75 9.13
C HIS A 23 5.10 -7.10 8.63
N PRO A 24 6.29 -7.50 9.10
CA PRO A 24 6.88 -8.79 8.77
C PRO A 24 6.14 -9.95 9.43
N GLY A 25 4.87 -10.12 9.04
CA GLY A 25 4.06 -11.16 9.64
C GLY A 25 3.24 -11.92 8.61
N LYS A 26 1.92 -11.76 8.68
CA LYS A 26 1.01 -12.41 7.74
C LYS A 26 0.61 -11.47 6.62
N THR A 27 -0.24 -10.50 6.95
CA THR A 27 -0.68 -9.50 5.98
C THR A 27 -0.46 -8.09 6.49
N PRO A 28 -0.28 -7.14 5.57
CA PRO A 28 -0.20 -5.72 5.90
C PRO A 28 -1.51 -5.15 6.41
N VAL A 29 -1.43 -4.03 7.13
CA VAL A 29 -2.62 -3.37 7.65
C VAL A 29 -2.66 -1.91 7.23
N ILE A 30 -3.85 -1.32 7.23
CA ILE A 30 -4.01 0.10 6.96
C ILE A 30 -4.32 0.87 8.25
N LYS A 31 -3.60 1.97 8.46
CA LYS A 31 -3.60 2.63 9.76
C LYS A 31 -4.00 4.10 9.63
N HIS A 32 -4.71 4.60 10.63
CA HIS A 32 -5.21 5.98 10.60
C HIS A 32 -4.28 6.90 11.37
N CYS A 33 -4.10 8.12 10.87
CA CYS A 33 -3.34 9.14 11.58
C CYS A 33 -4.01 9.51 12.89
N THR A 34 -3.22 9.58 13.96
CA THR A 34 -3.74 9.92 15.28
C THR A 34 -3.76 11.43 15.50
N GLY A 35 -3.00 12.14 14.68
CA GLY A 35 -3.01 13.59 14.73
C GLY A 35 -1.97 14.22 13.84
N ASP A 36 -0.70 14.16 14.27
CA ASP A 36 0.41 14.54 13.42
C ASP A 36 0.90 13.34 12.62
N LEU A 37 0.87 13.47 11.29
CA LEU A 37 1.15 12.35 10.40
C LEU A 37 2.60 11.90 10.55
N GLU A 38 3.53 12.86 10.57
CA GLU A 38 4.94 12.57 10.69
C GLU A 38 5.23 11.79 11.99
N GLU A 39 4.63 12.26 13.08
CA GLU A 39 4.82 11.61 14.37
C GLU A 39 4.31 10.18 14.35
N PHE A 40 3.18 9.96 13.69
CA PHE A 40 2.60 8.62 13.56
C PHE A 40 3.55 7.69 12.83
N LEU A 41 4.09 8.17 11.71
CA LEU A 41 5.05 7.38 10.93
C LEU A 41 6.31 7.11 11.72
N ARG A 42 6.81 8.14 12.40
CA ARG A 42 8.02 8.01 13.21
C ARG A 42 7.83 6.97 14.31
N GLN A 43 6.66 6.99 14.94
CA GLN A 43 6.35 6.06 16.02
C GLN A 43 6.33 4.62 15.50
N LEU A 44 5.70 4.42 14.35
CA LEU A 44 5.62 3.09 13.74
C LEU A 44 7.01 2.57 13.38
N ILE A 45 7.84 3.45 12.82
CA ILE A 45 9.19 3.08 12.42
C ILE A 45 10.06 2.76 13.64
N GLU A 46 9.94 3.60 14.68
CA GLU A 46 10.76 3.44 15.87
C GLU A 46 10.44 2.14 16.59
N GLN A 47 9.15 1.81 16.67
CA GLN A 47 8.70 0.63 17.39
C GLN A 47 8.90 -0.62 16.55
N ASP A 48 8.71 -0.50 15.24
CA ASP A 48 8.99 -1.59 14.32
C ASP A 48 9.67 -1.07 13.05
N PRO A 49 11.01 -1.06 13.08
CA PRO A 49 11.81 -0.49 11.99
C PRO A 49 11.76 -1.33 10.73
N LEU A 50 11.12 -2.49 10.81
CA LEU A 50 11.12 -3.46 9.72
C LEU A 50 9.95 -3.20 8.77
N VAL A 51 9.07 -2.29 9.17
CA VAL A 51 7.85 -2.03 8.40
C VAL A 51 8.13 -1.09 7.23
N THR A 52 7.36 -1.24 6.16
CA THR A 52 7.27 -0.22 5.13
C THR A 52 5.93 0.52 5.21
N ILE A 53 5.98 1.84 5.17
CA ILE A 53 4.78 2.66 5.18
C ILE A 53 4.63 3.45 3.88
N ASP A 54 3.46 3.34 3.26
CA ASP A 54 3.12 4.19 2.13
C ASP A 54 1.90 5.06 2.45
N ILE A 55 1.96 6.32 2.03
CA ILE A 55 0.89 7.27 2.30
C ILE A 55 -0.05 7.39 1.10
N ILE A 56 -1.33 7.09 1.32
CA ILE A 56 -2.27 6.93 0.23
C ILE A 56 -3.33 8.01 0.25
N THR A 57 -3.53 8.68 -0.89
CA THR A 57 -4.57 9.70 -1.01
C THR A 57 -5.26 9.60 -2.37
N HIS A 58 -6.20 10.50 -2.61
CA HIS A 58 -7.02 10.45 -3.81
C HIS A 58 -7.41 11.86 -4.26
N ARG A 59 -6.56 12.83 -3.96
CA ARG A 59 -6.83 14.22 -4.30
C ARG A 59 -6.54 14.49 -5.78
N TYR A 60 -5.27 14.41 -6.15
CA TYR A 60 -4.87 14.53 -7.55
C TYR A 60 -3.38 14.21 -7.72
N TYR A 61 -3.06 13.56 -8.83
CA TYR A 61 -1.67 13.45 -9.28
C TYR A 61 -1.59 13.47 -10.80
N GLY A 62 -2.37 12.59 -11.44
CA GLY A 62 -2.39 12.54 -12.89
C GLY A 62 -2.00 11.18 -13.42
N VAL A 63 -1.76 10.23 -12.53
CA VAL A 63 -1.38 8.88 -12.91
C VAL A 63 -2.35 7.85 -12.34
N GLY A 64 -3.63 8.16 -12.40
CA GLY A 64 -4.64 7.25 -11.89
C GLY A 64 -5.64 7.95 -10.98
N GLY A 65 -6.65 7.20 -10.53
CA GLY A 65 -7.65 7.78 -9.65
C GLY A 65 -7.16 7.90 -8.22
N GLN A 66 -6.01 7.30 -7.94
CA GLN A 66 -5.40 7.41 -6.61
C GLN A 66 -3.89 7.56 -6.72
N TRP A 67 -3.28 8.14 -5.69
CA TRP A 67 -1.83 8.32 -5.66
C TRP A 67 -1.27 7.95 -4.29
N VAL A 68 0.00 7.56 -4.27
CA VAL A 68 0.65 7.14 -3.04
C VAL A 68 2.06 7.71 -2.94
N GLN A 69 2.46 8.06 -1.71
CA GLN A 69 3.80 8.59 -1.47
C GLN A 69 4.54 7.74 -0.45
N ASP A 70 5.80 7.43 -0.76
CA ASP A 70 6.62 6.63 0.14
C ASP A 70 6.88 7.38 1.44
N ALA A 71 6.59 6.74 2.57
CA ALA A 71 6.71 7.37 3.88
C ALA A 71 8.14 7.82 4.14
N GLY A 72 9.10 7.03 3.65
CA GLY A 72 10.50 7.36 3.85
C GLY A 72 10.90 8.63 3.12
N GLU A 73 10.45 8.77 1.88
CA GLU A 73 10.69 9.99 1.12
C GLU A 73 9.96 11.18 1.74
N TYR A 74 8.75 10.94 2.22
CA TYR A 74 7.95 11.98 2.85
C TYR A 74 8.58 12.43 4.16
N LEU A 75 8.83 11.48 5.05
CA LEU A 75 9.22 11.80 6.42
C LEU A 75 10.55 12.54 6.46
N HIS A 76 11.47 12.14 5.57
CA HIS A 76 12.84 12.63 5.62
C HIS A 76 12.91 14.09 5.17
N MET A 77 11.77 14.64 4.76
CA MET A 77 11.69 16.04 4.36
C MET A 77 12.06 16.96 5.51
N MET A 78 11.97 16.43 6.74
CA MET A 78 12.27 17.22 7.93
C MET A 78 13.78 17.22 8.21
N SER A 79 14.52 16.44 7.43
CA SER A 79 15.95 16.29 7.66
C SER A 79 16.75 16.82 6.46
N ASP A 80 16.42 16.31 5.27
CA ASP A 80 17.26 16.52 4.10
C ASP A 80 16.55 17.43 3.10
N ASN B 16 -14.64 1.61 -4.51
CA ASN B 16 -13.37 2.08 -5.06
C ASN B 16 -12.24 1.16 -4.64
N GLN B 17 -12.26 -0.08 -5.14
CA GLN B 17 -11.19 -1.03 -4.89
C GLN B 17 -10.00 -0.76 -5.82
N PHE B 18 -8.79 -0.84 -5.26
CA PHE B 18 -7.58 -0.67 -6.06
C PHE B 18 -6.41 -1.40 -5.40
N LEU B 19 -5.28 -1.44 -6.10
CA LEU B 19 -4.08 -2.11 -5.60
C LEU B 19 -2.88 -1.17 -5.65
N VAL B 20 -2.00 -1.29 -4.66
CA VAL B 20 -0.76 -0.53 -4.64
C VAL B 20 0.44 -1.42 -4.91
N VAL B 21 1.21 -1.05 -5.93
CA VAL B 21 2.30 -1.90 -6.40
C VAL B 21 3.64 -1.19 -6.30
N ARG B 22 4.61 -1.84 -5.66
CA ARG B 22 5.86 -1.19 -5.30
C ARG B 22 6.98 -1.60 -6.26
N HIS B 23 7.41 -0.65 -7.08
CA HIS B 23 8.55 -0.88 -7.97
C HIS B 23 9.86 -0.45 -7.31
N PRO B 24 10.93 -1.20 -7.58
CA PRO B 24 12.27 -0.88 -7.09
C PRO B 24 12.86 0.36 -7.75
N GLY B 25 12.21 1.51 -7.54
CA GLY B 25 12.64 2.73 -8.16
C GLY B 25 12.62 3.91 -7.21
N LYS B 26 11.74 4.87 -7.48
CA LYS B 26 11.60 6.05 -6.63
C LYS B 26 10.44 5.88 -5.65
N THR B 27 9.22 5.96 -6.16
CA THR B 27 8.03 5.79 -5.33
C THR B 27 7.11 4.73 -5.91
N PRO B 28 6.32 4.09 -5.03
CA PRO B 28 5.28 3.15 -5.45
C PRO B 28 4.13 3.83 -6.18
N VAL B 29 3.38 3.05 -6.97
CA VAL B 29 2.23 3.57 -7.69
C VAL B 29 0.98 2.75 -7.37
N ILE B 30 -0.18 3.36 -7.59
CA ILE B 30 -1.45 2.65 -7.44
C ILE B 30 -2.08 2.36 -8.81
N LYS B 31 -2.50 1.12 -9.00
CA LYS B 31 -2.84 0.63 -10.33
C LYS B 31 -4.27 0.09 -10.35
N HIS B 32 -4.95 0.28 -11.48
CA HIS B 32 -6.34 -0.15 -11.61
C HIS B 32 -6.43 -1.50 -12.32
N CYS B 33 -7.37 -2.33 -11.88
CA CYS B 33 -7.64 -3.60 -12.55
C CYS B 33 -8.15 -3.37 -13.97
N THR B 34 -7.60 -4.12 -14.91
CA THR B 34 -7.98 -3.99 -16.31
C THR B 34 -9.17 -4.90 -16.64
N GLY B 35 -9.42 -5.88 -15.77
CA GLY B 35 -10.58 -6.73 -15.93
C GLY B 35 -10.59 -7.89 -14.94
N ASP B 36 -9.75 -8.89 -15.20
CA ASP B 36 -9.51 -9.94 -14.23
C ASP B 36 -8.38 -9.57 -13.27
N LEU B 37 -8.69 -9.53 -11.98
CA LEU B 37 -7.74 -9.02 -10.98
C LEU B 37 -6.52 -9.93 -10.89
N GLU B 38 -6.75 -11.23 -10.86
CA GLU B 38 -5.67 -12.19 -10.76
C GLU B 38 -4.71 -12.06 -11.94
N GLU B 39 -5.27 -11.93 -13.14
CA GLU B 39 -4.47 -11.79 -14.34
C GLU B 39 -3.61 -10.52 -14.28
N PHE B 40 -4.20 -9.44 -13.78
CA PHE B 40 -3.49 -8.18 -13.64
C PHE B 40 -2.29 -8.33 -12.71
N LEU B 41 -2.51 -8.97 -11.57
CA LEU B 41 -1.44 -9.20 -10.60
C LEU B 41 -0.36 -10.12 -11.19
N ARG B 42 -0.80 -11.18 -11.87
CA ARG B 42 0.12 -12.11 -12.49
C ARG B 42 1.00 -11.42 -13.53
N GLN B 43 0.38 -10.54 -14.32
CA GLN B 43 1.10 -9.82 -15.35
C GLN B 43 2.16 -8.90 -14.75
N LEU B 44 1.80 -8.20 -13.69
CA LEU B 44 2.72 -7.31 -13.01
C LEU B 44 3.90 -8.09 -12.42
N ILE B 45 3.60 -9.23 -11.81
CA ILE B 45 4.64 -10.06 -11.20
C ILE B 45 5.56 -10.64 -12.27
N GLU B 46 4.98 -11.12 -13.36
CA GLU B 46 5.74 -11.78 -14.42
C GLU B 46 6.70 -10.78 -15.08
N GLN B 47 6.21 -9.58 -15.32
CA GLN B 47 7.00 -8.56 -16.01
C GLN B 47 8.01 -7.91 -15.06
N ASP B 48 7.61 -7.74 -13.81
CA ASP B 48 8.51 -7.25 -12.78
C ASP B 48 8.33 -8.01 -11.48
N PRO B 49 9.10 -9.09 -11.30
CA PRO B 49 8.95 -10.00 -10.16
C PRO B 49 9.44 -9.36 -8.86
N LEU B 50 10.00 -8.17 -8.95
CA LEU B 50 10.62 -7.51 -7.81
C LEU B 50 9.59 -6.66 -7.05
N VAL B 51 8.41 -6.53 -7.63
CA VAL B 51 7.38 -5.66 -7.06
C VAL B 51 6.62 -6.36 -5.94
N THR B 52 6.15 -5.58 -4.97
CA THR B 52 5.13 -6.04 -4.04
C THR B 52 3.77 -5.42 -4.35
N ILE B 53 2.74 -6.25 -4.40
CA ILE B 53 1.38 -5.77 -4.64
C ILE B 53 0.49 -6.03 -3.43
N ASP B 54 -0.20 -4.98 -2.97
CA ASP B 54 -1.23 -5.13 -1.96
C ASP B 54 -2.59 -4.71 -2.51
N ILE B 55 -3.62 -5.48 -2.17
CA ILE B 55 -4.97 -5.20 -2.66
C ILE B 55 -5.78 -4.44 -1.61
N ILE B 56 -6.25 -3.26 -1.99
CA ILE B 56 -6.83 -2.32 -1.03
C ILE B 56 -8.33 -2.12 -1.28
N THR B 57 -9.12 -2.29 -0.23
CA THR B 57 -10.56 -2.06 -0.32
C THR B 57 -11.08 -1.35 0.93
N HIS B 58 -12.38 -1.12 0.97
CA HIS B 58 -13.00 -0.35 2.04
C HIS B 58 -14.41 -0.85 2.34
N ARG B 59 -14.64 -2.14 2.10
CA ARG B 59 -15.96 -2.72 2.30
C ARG B 59 -16.21 -3.01 3.78
N TYR B 60 -15.46 -3.95 4.32
CA TYR B 60 -15.52 -4.25 5.76
C TYR B 60 -14.42 -5.22 6.15
N TYR B 61 -13.86 -5.01 7.35
CA TYR B 61 -13.03 -6.03 7.99
C TYR B 61 -13.20 -6.00 9.51
N GLY B 62 -13.05 -4.81 10.08
CA GLY B 62 -13.22 -4.66 11.52
C GLY B 62 -11.97 -4.13 12.20
N VAL B 63 -10.95 -3.82 11.40
CA VAL B 63 -9.71 -3.28 11.94
C VAL B 63 -9.37 -1.94 11.31
N GLY B 64 -10.38 -1.09 11.17
CA GLY B 64 -10.17 0.22 10.59
C GLY B 64 -11.18 0.54 9.50
N GLY B 65 -11.12 1.76 8.97
CA GLY B 65 -12.03 2.16 7.91
C GLY B 65 -11.65 1.59 6.57
N GLN B 66 -10.46 1.01 6.48
CA GLN B 66 -10.00 0.37 5.26
C GLN B 66 -9.26 -0.92 5.57
N TRP B 67 -9.22 -1.83 4.59
CA TRP B 67 -8.52 -3.10 4.74
C TRP B 67 -7.70 -3.42 3.50
N VAL B 68 -6.64 -4.20 3.69
CA VAL B 68 -5.75 -4.56 2.59
C VAL B 68 -5.38 -6.04 2.64
N GLN B 69 -5.25 -6.65 1.47
CA GLN B 69 -4.85 -8.05 1.38
C GLN B 69 -3.60 -8.21 0.54
N ASP B 70 -2.65 -9.01 1.03
CA ASP B 70 -1.41 -9.27 0.32
C ASP B 70 -1.69 -10.01 -0.99
N ALA B 71 -1.18 -9.46 -2.09
CA ALA B 71 -1.44 -10.03 -3.41
C ALA B 71 -0.92 -11.46 -3.50
N GLY B 72 0.20 -11.72 -2.84
CA GLY B 72 0.78 -13.05 -2.85
C GLY B 72 -0.10 -14.09 -2.18
N GLU B 73 -0.66 -13.72 -1.02
CA GLU B 73 -1.59 -14.58 -0.32
C GLU B 73 -2.89 -14.75 -1.11
N TYR B 74 -3.32 -13.67 -1.74
CA TYR B 74 -4.54 -13.70 -2.55
C TYR B 74 -4.35 -14.57 -3.78
N LEU B 75 -3.32 -14.26 -4.56
CA LEU B 75 -3.16 -14.85 -5.89
C LEU B 75 -2.97 -16.36 -5.79
N HIS B 76 -2.24 -16.80 -4.76
CA HIS B 76 -1.82 -18.19 -4.65
C HIS B 76 -3.01 -19.09 -4.30
N MET B 77 -4.17 -18.47 -4.09
CA MET B 77 -5.39 -19.22 -3.81
C MET B 77 -5.75 -20.14 -4.96
N MET B 78 -5.21 -19.84 -6.14
CA MET B 78 -5.49 -20.64 -7.33
C MET B 78 -4.58 -21.86 -7.40
N SER B 79 -3.63 -21.94 -6.47
CA SER B 79 -2.65 -23.01 -6.48
C SER B 79 -2.77 -23.87 -5.23
N ASP B 80 -2.72 -23.22 -4.07
CA ASP B 80 -2.56 -23.93 -2.80
C ASP B 80 -3.84 -23.86 -1.98
N ASN A 16 -9.48 13.06 1.17
CA ASN A 16 -9.34 11.84 1.94
C ASN A 16 -7.86 11.48 2.13
N GLN A 17 -7.55 10.89 3.27
CA GLN A 17 -6.17 10.50 3.58
C GLN A 17 -6.14 9.20 4.37
N PHE A 18 -5.31 8.26 3.93
CA PHE A 18 -5.06 7.04 4.70
C PHE A 18 -3.73 6.42 4.29
N LEU A 19 -3.13 5.68 5.23
CA LEU A 19 -1.82 5.09 4.99
C LEU A 19 -1.85 3.59 5.25
N VAL A 20 -1.12 2.84 4.43
CA VAL A 20 -1.05 1.38 4.56
C VAL A 20 0.35 0.94 4.98
N VAL A 21 0.42 0.16 6.05
CA VAL A 21 1.69 -0.23 6.64
C VAL A 21 1.91 -1.73 6.54
N ARG A 22 3.03 -2.13 5.96
CA ARG A 22 3.27 -3.53 5.63
C ARG A 22 4.38 -4.12 6.49
N HIS A 23 4.03 -5.09 7.32
CA HIS A 23 5.02 -5.76 8.17
C HIS A 23 5.53 -7.04 7.52
N PRO A 24 6.86 -7.13 7.37
CA PRO A 24 7.50 -8.31 6.78
C PRO A 24 7.08 -9.61 7.47
N GLY A 25 6.79 -10.63 6.67
CA GLY A 25 6.38 -11.91 7.22
C GLY A 25 4.89 -11.97 7.53
N LYS A 26 4.24 -10.81 7.46
CA LYS A 26 2.82 -10.72 7.78
C LYS A 26 2.04 -10.14 6.61
N THR A 27 0.76 -9.86 6.84
CA THR A 27 -0.06 -9.18 5.83
C THR A 27 -0.27 -7.72 6.19
N PRO A 28 -0.47 -6.89 5.15
CA PRO A 28 -0.56 -5.43 5.31
C PRO A 28 -1.82 -5.00 6.06
N VAL A 29 -1.73 -3.90 6.80
CA VAL A 29 -2.91 -3.28 7.38
C VAL A 29 -2.94 -1.79 7.09
N ILE A 30 -4.13 -1.19 7.17
CA ILE A 30 -4.28 0.24 7.00
C ILE A 30 -4.59 0.91 8.34
N LYS A 31 -3.82 1.95 8.66
CA LYS A 31 -3.78 2.47 10.03
C LYS A 31 -4.17 3.95 10.06
N HIS A 32 -4.95 4.31 11.06
CA HIS A 32 -5.37 5.71 11.24
C HIS A 32 -4.96 6.23 12.61
N CYS A 33 -4.61 7.52 12.67
CA CYS A 33 -4.38 8.19 13.94
C CYS A 33 -4.93 9.61 13.90
N THR A 34 -5.06 10.23 15.07
CA THR A 34 -5.58 11.57 15.18
C THR A 34 -4.48 12.58 15.49
N GLY A 35 -3.30 12.07 15.83
CA GLY A 35 -2.17 12.94 16.12
C GLY A 35 -1.34 13.23 14.89
N ASP A 36 -0.14 13.78 15.10
CA ASP A 36 0.75 14.13 14.01
C ASP A 36 1.26 12.87 13.31
N LEU A 37 1.08 12.82 12.00
CA LEU A 37 1.45 11.64 11.22
C LEU A 37 2.94 11.34 11.37
N GLU A 38 3.75 12.39 11.38
CA GLU A 38 5.20 12.24 11.37
C GLU A 38 5.67 11.41 12.56
N GLU A 39 5.14 11.72 13.74
CA GLU A 39 5.49 10.99 14.95
C GLU A 39 5.05 9.54 14.85
N PHE A 40 3.83 9.32 14.36
CA PHE A 40 3.29 7.97 14.21
C PHE A 40 4.11 7.17 13.21
N LEU A 41 4.35 7.76 12.05
CA LEU A 41 5.13 7.11 11.00
C LEU A 41 6.57 6.90 11.45
N ARG A 42 7.15 7.92 12.08
CA ARG A 42 8.53 7.86 12.53
C ARG A 42 8.72 6.73 13.53
N GLN A 43 7.77 6.59 14.44
CA GLN A 43 7.83 5.55 15.47
C GLN A 43 7.81 4.16 14.86
N LEU A 44 6.94 3.97 13.87
CA LEU A 44 6.88 2.71 13.14
C LEU A 44 8.19 2.43 12.41
N ILE A 45 8.73 3.47 11.78
CA ILE A 45 9.98 3.34 11.03
C ILE A 45 11.15 3.04 11.96
N GLU A 46 11.23 3.77 13.06
CA GLU A 46 12.37 3.67 13.97
C GLU A 46 12.37 2.33 14.70
N GLN A 47 11.18 1.90 15.13
CA GLN A 47 11.05 0.68 15.90
C GLN A 47 11.09 -0.55 14.99
N ASP A 48 10.55 -0.40 13.79
CA ASP A 48 10.52 -1.49 12.82
C ASP A 48 11.03 -1.03 11.46
N PRO A 49 12.36 -0.95 11.32
CA PRO A 49 12.99 -0.34 10.15
C PRO A 49 12.83 -1.19 8.90
N LEU A 50 12.29 -2.39 9.07
CA LEU A 50 12.02 -3.29 7.95
C LEU A 50 10.62 -3.06 7.39
N VAL A 51 9.87 -2.17 8.03
CA VAL A 51 8.50 -1.87 7.61
C VAL A 51 8.47 -0.79 6.55
N THR A 52 7.61 -0.96 5.55
CA THR A 52 7.33 0.09 4.59
C THR A 52 5.92 0.64 4.77
N ILE A 53 5.81 1.97 4.78
CA ILE A 53 4.51 2.63 4.89
C ILE A 53 4.23 3.49 3.67
N ASP A 54 3.07 3.27 3.05
CA ASP A 54 2.63 4.09 1.92
C ASP A 54 1.45 4.96 2.33
N ILE A 55 1.57 6.27 2.06
CA ILE A 55 0.52 7.21 2.42
C ILE A 55 -0.30 7.61 1.19
N ILE A 56 -1.61 7.35 1.25
CA ILE A 56 -2.47 7.48 0.09
C ILE A 56 -3.46 8.62 0.26
N THR A 57 -3.49 9.53 -0.70
CA THR A 57 -4.38 10.69 -0.65
C THR A 57 -5.10 10.89 -1.97
N HIS A 58 -6.25 11.54 -1.91
CA HIS A 58 -6.92 12.05 -3.11
C HIS A 58 -7.93 13.12 -2.76
N ARG A 59 -8.17 14.04 -3.70
CA ARG A 59 -9.26 14.99 -3.57
C ARG A 59 -9.81 15.38 -4.95
N TYR A 60 -8.89 15.62 -5.88
CA TYR A 60 -9.27 16.13 -7.20
C TYR A 60 -8.81 15.18 -8.31
N TYR A 61 -7.53 14.83 -8.27
CA TYR A 61 -6.93 14.06 -9.36
C TYR A 61 -5.73 13.26 -8.85
N GLY A 62 -5.22 12.36 -9.70
CA GLY A 62 -4.07 11.57 -9.32
C GLY A 62 -3.89 10.35 -10.21
N VAL A 63 -3.01 9.45 -9.81
CA VAL A 63 -2.73 8.24 -10.59
C VAL A 63 -3.86 7.23 -10.45
N GLY A 64 -4.78 7.24 -11.42
CA GLY A 64 -6.05 6.56 -11.24
C GLY A 64 -7.03 7.37 -10.42
N GLY A 65 -6.77 8.67 -10.31
CA GLY A 65 -7.60 9.52 -9.48
C GLY A 65 -7.06 9.68 -8.07
N GLN A 66 -6.00 8.93 -7.76
CA GLN A 66 -5.41 8.96 -6.44
C GLN A 66 -3.88 8.83 -6.51
N TRP A 67 -3.20 9.33 -5.49
CA TRP A 67 -1.74 9.34 -5.49
C TRP A 67 -1.20 8.95 -4.11
N VAL A 68 0.01 8.41 -4.09
CA VAL A 68 0.56 7.79 -2.89
C VAL A 68 2.01 8.21 -2.67
N GLN A 69 2.38 8.38 -1.40
CA GLN A 69 3.70 8.88 -1.06
C GLN A 69 4.42 7.91 -0.12
N ASP A 70 5.70 7.68 -0.38
CA ASP A 70 6.56 6.97 0.56
C ASP A 70 6.68 7.74 1.87
N ALA A 71 6.45 7.05 2.98
CA ALA A 71 6.44 7.68 4.30
C ALA A 71 7.78 8.34 4.59
N GLY A 72 8.85 7.76 4.06
CA GLY A 72 10.17 8.35 4.19
C GLY A 72 10.27 9.69 3.49
N GLU A 73 9.70 9.76 2.29
CA GLU A 73 9.61 11.03 1.57
C GLU A 73 8.71 12.02 2.31
N TYR A 74 7.64 11.51 2.89
CA TYR A 74 6.73 12.33 3.68
C TYR A 74 7.43 12.90 4.91
N LEU A 75 8.11 12.03 5.65
CA LEU A 75 8.67 12.40 6.93
C LEU A 75 9.73 13.50 6.77
N HIS A 76 10.50 13.41 5.69
CA HIS A 76 11.70 14.24 5.54
C HIS A 76 11.36 15.58 4.91
N MET A 77 10.06 15.85 4.78
CA MET A 77 9.60 17.14 4.26
C MET A 77 9.80 18.24 5.29
N MET A 78 9.80 17.86 6.57
CA MET A 78 9.64 18.82 7.65
C MET A 78 10.84 19.76 7.71
N SER A 79 10.57 21.07 7.66
CA SER A 79 11.62 22.07 7.76
C SER A 79 12.69 21.84 6.71
N ASP A 80 12.28 21.40 5.52
CA ASP A 80 13.17 21.29 4.38
C ASP A 80 13.00 22.49 3.44
N ASN B 16 -15.83 -0.29 -3.40
CA ASN B 16 -14.64 0.27 -4.05
C ASN B 16 -13.48 -0.72 -4.01
N GLN B 17 -12.66 -0.70 -5.05
CA GLN B 17 -11.50 -1.58 -5.14
C GLN B 17 -10.33 -0.88 -5.82
N PHE B 18 -9.16 -0.95 -5.21
CA PHE B 18 -7.93 -0.48 -5.84
C PHE B 18 -6.71 -1.14 -5.21
N LEU B 19 -5.64 -1.25 -6.00
CA LEU B 19 -4.43 -1.93 -5.55
C LEU B 19 -3.21 -1.02 -5.69
N VAL B 20 -2.31 -1.11 -4.72
CA VAL B 20 -1.08 -0.31 -4.75
C VAL B 20 0.14 -1.19 -4.94
N VAL B 21 0.96 -0.85 -5.93
CA VAL B 21 2.10 -1.69 -6.30
C VAL B 21 3.42 -0.96 -6.08
N ARG B 22 4.31 -1.57 -5.31
CA ARG B 22 5.52 -0.90 -4.85
C ARG B 22 6.76 -1.51 -5.51
N HIS B 23 7.46 -0.70 -6.30
CA HIS B 23 8.67 -1.15 -6.97
C HIS B 23 9.91 -0.76 -6.16
N PRO B 24 10.74 -1.75 -5.82
CA PRO B 24 11.97 -1.52 -5.06
C PRO B 24 12.86 -0.46 -5.71
N GLY B 25 13.39 0.44 -4.90
CA GLY B 25 14.26 1.48 -5.40
C GLY B 25 13.48 2.68 -5.90
N LYS B 26 12.16 2.53 -6.02
CA LYS B 26 11.30 3.59 -6.53
C LYS B 26 10.22 3.96 -5.52
N THR B 27 9.28 4.78 -5.95
CA THR B 27 8.12 5.12 -5.13
C THR B 27 6.88 4.38 -5.61
N PRO B 28 5.95 4.11 -4.67
CA PRO B 28 4.76 3.31 -4.94
C PRO B 28 3.78 4.02 -5.89
N VAL B 29 3.06 3.24 -6.68
CA VAL B 29 1.96 3.76 -7.47
C VAL B 29 0.70 2.91 -7.29
N ILE B 30 -0.45 3.51 -7.57
CA ILE B 30 -1.71 2.79 -7.54
C ILE B 30 -2.25 2.53 -8.94
N LYS B 31 -2.59 1.29 -9.23
CA LYS B 31 -2.78 0.84 -10.61
C LYS B 31 -4.18 0.27 -10.80
N HIS B 32 -4.81 0.61 -11.92
CA HIS B 32 -6.14 0.10 -12.24
C HIS B 32 -6.12 -0.64 -13.58
N CYS B 33 -6.93 -1.68 -13.68
CA CYS B 33 -7.17 -2.35 -14.95
C CYS B 33 -8.63 -2.76 -15.09
N THR B 34 -9.03 -3.12 -16.31
CA THR B 34 -10.40 -3.51 -16.58
C THR B 34 -10.52 -5.01 -16.80
N GLY B 35 -9.37 -5.67 -16.95
CA GLY B 35 -9.37 -7.11 -17.14
C GLY B 35 -9.28 -7.87 -15.83
N ASP B 36 -9.00 -9.16 -15.91
CA ASP B 36 -8.91 -10.01 -14.73
C ASP B 36 -7.70 -9.62 -13.87
N LEU B 37 -7.95 -9.34 -12.60
CA LEU B 37 -6.89 -8.89 -11.70
C LEU B 37 -5.77 -9.91 -11.62
N GLU B 38 -6.13 -11.18 -11.59
CA GLU B 38 -5.17 -12.25 -11.36
C GLU B 38 -4.06 -12.23 -12.42
N GLU B 39 -4.46 -12.07 -13.67
CA GLU B 39 -3.50 -11.99 -14.78
C GLU B 39 -2.61 -10.76 -14.65
N PHE B 40 -3.21 -9.63 -14.31
CA PHE B 40 -2.47 -8.38 -14.14
C PHE B 40 -1.49 -8.50 -12.97
N LEU B 41 -1.99 -8.96 -11.84
CA LEU B 41 -1.16 -9.12 -10.65
C LEU B 41 -0.08 -10.18 -10.88
N ARG B 42 -0.47 -11.29 -11.49
CA ARG B 42 0.44 -12.39 -11.74
C ARG B 42 1.60 -11.94 -12.63
N GLN B 43 1.29 -11.16 -13.65
CA GLN B 43 2.29 -10.67 -14.58
C GLN B 43 3.31 -9.77 -13.87
N LEU B 44 2.82 -8.90 -13.02
CA LEU B 44 3.68 -8.04 -12.21
C LEU B 44 4.56 -8.87 -11.29
N ILE B 45 3.97 -9.89 -10.67
CA ILE B 45 4.69 -10.75 -9.74
C ILE B 45 5.74 -11.58 -10.46
N GLU B 46 5.37 -12.15 -11.61
CA GLU B 46 6.24 -13.06 -12.34
C GLU B 46 7.41 -12.30 -12.95
N GLN B 47 7.12 -11.14 -13.52
CA GLN B 47 8.13 -10.35 -14.22
C GLN B 47 9.01 -9.59 -13.23
N ASP B 48 8.40 -9.17 -12.12
CA ASP B 48 9.12 -8.43 -11.09
C ASP B 48 8.86 -9.01 -9.71
N PRO B 49 9.55 -10.12 -9.39
CA PRO B 49 9.29 -10.90 -8.19
C PRO B 49 9.69 -10.17 -6.91
N LEU B 50 10.36 -9.04 -7.08
CA LEU B 50 10.76 -8.22 -5.94
C LEU B 50 9.69 -7.19 -5.60
N VAL B 51 8.62 -7.17 -6.40
CA VAL B 51 7.53 -6.22 -6.20
C VAL B 51 6.50 -6.77 -5.23
N THR B 52 5.99 -5.90 -4.36
CA THR B 52 4.85 -6.24 -3.52
C THR B 52 3.61 -5.45 -3.94
N ILE B 53 2.49 -6.15 -4.05
CA ILE B 53 1.22 -5.51 -4.39
C ILE B 53 0.19 -5.71 -3.27
N ASP B 54 -0.40 -4.62 -2.82
CA ASP B 54 -1.47 -4.68 -1.82
C ASP B 54 -2.81 -4.29 -2.44
N ILE B 55 -3.80 -5.14 -2.26
CA ILE B 55 -5.13 -4.89 -2.82
C ILE B 55 -6.10 -4.38 -1.76
N ILE B 56 -6.65 -3.19 -1.98
CA ILE B 56 -7.41 -2.49 -0.96
C ILE B 56 -8.88 -2.39 -1.35
N THR B 57 -9.76 -2.85 -0.46
CA THR B 57 -11.19 -2.83 -0.73
C THR B 57 -11.96 -2.27 0.47
N HIS B 58 -13.15 -1.75 0.20
CA HIS B 58 -14.11 -1.43 1.26
C HIS B 58 -15.51 -1.29 0.69
N ARG B 59 -16.51 -1.58 1.52
CA ARG B 59 -17.90 -1.28 1.18
C ARG B 59 -18.72 -0.99 2.44
N TYR B 60 -18.51 -1.79 3.47
CA TYR B 60 -19.32 -1.70 4.68
C TYR B 60 -18.44 -1.42 5.90
N TYR B 61 -17.41 -2.24 6.07
CA TYR B 61 -16.59 -2.19 7.29
C TYR B 61 -15.19 -2.71 7.01
N GLY B 62 -14.29 -2.51 7.97
CA GLY B 62 -12.93 -2.98 7.82
C GLY B 62 -11.98 -2.34 8.81
N VAL B 63 -10.68 -2.54 8.61
CA VAL B 63 -9.66 -1.98 9.49
C VAL B 63 -9.50 -0.48 9.27
N GLY B 64 -10.17 0.31 10.11
CA GLY B 64 -10.35 1.71 9.80
C GLY B 64 -11.45 1.96 8.79
N GLY B 65 -12.33 0.97 8.62
CA GLY B 65 -13.38 1.07 7.63
C GLY B 65 -12.98 0.44 6.31
N GLN B 66 -11.73 0.02 6.21
CA GLN B 66 -11.22 -0.57 4.98
C GLN B 66 -10.24 -1.70 5.27
N TRP B 67 -10.09 -2.62 4.33
CA TRP B 67 -9.25 -3.80 4.52
C TRP B 67 -8.42 -4.09 3.27
N VAL B 68 -7.29 -4.74 3.46
CA VAL B 68 -6.30 -4.89 2.39
C VAL B 68 -5.77 -6.32 2.34
N GLN B 69 -5.51 -6.80 1.13
CA GLN B 69 -5.08 -8.18 0.94
C GLN B 69 -3.77 -8.25 0.17
N ASP B 70 -2.87 -9.12 0.63
CA ASP B 70 -1.66 -9.44 -0.13
C ASP B 70 -2.02 -10.09 -1.47
N ALA B 71 -1.46 -9.57 -2.55
CA ALA B 71 -1.79 -10.03 -3.89
C ALA B 71 -1.48 -11.51 -4.04
N GLY B 72 -0.46 -11.98 -3.32
CA GLY B 72 -0.15 -13.41 -3.31
C GLY B 72 -1.26 -14.24 -2.69
N GLU B 73 -1.83 -13.74 -1.60
CA GLU B 73 -2.99 -14.38 -0.99
C GLU B 73 -4.20 -14.31 -1.91
N TYR B 74 -4.34 -13.17 -2.60
CA TYR B 74 -5.42 -12.99 -3.56
C TYR B 74 -5.29 -13.98 -4.72
N LEU B 75 -4.10 -14.06 -5.30
CA LEU B 75 -3.88 -14.82 -6.52
C LEU B 75 -4.17 -16.30 -6.28
N HIS B 76 -3.79 -16.79 -5.10
CA HIS B 76 -3.78 -18.23 -4.84
C HIS B 76 -5.14 -18.71 -4.36
N MET B 77 -6.13 -17.83 -4.43
CA MET B 77 -7.50 -18.20 -4.08
C MET B 77 -8.12 -19.09 -5.14
N MET B 78 -7.64 -18.95 -6.37
CA MET B 78 -8.35 -19.47 -7.53
C MET B 78 -8.40 -21.00 -7.49
N SER B 79 -9.61 -21.56 -7.58
CA SER B 79 -9.78 -23.00 -7.59
C SER B 79 -9.11 -23.65 -6.38
N ASP B 80 -9.18 -22.96 -5.25
CA ASP B 80 -8.73 -23.54 -3.98
C ASP B 80 -9.92 -24.05 -3.17
N ASN A 16 -10.60 10.67 3.24
CA ASN A 16 -10.14 10.18 1.95
C ASN A 16 -8.62 10.04 1.93
N GLN A 17 -8.04 9.77 3.10
CA GLN A 17 -6.60 9.63 3.21
C GLN A 17 -6.24 8.60 4.28
N PHE A 18 -5.30 7.72 3.95
CA PHE A 18 -4.83 6.71 4.90
C PHE A 18 -3.46 6.17 4.49
N LEU A 19 -2.80 5.48 5.41
CA LEU A 19 -1.49 4.90 5.14
C LEU A 19 -1.50 3.40 5.44
N VAL A 20 -0.78 2.65 4.61
CA VAL A 20 -0.71 1.19 4.78
C VAL A 20 0.70 0.75 5.13
N VAL A 21 0.81 -0.04 6.20
CA VAL A 21 2.12 -0.43 6.73
C VAL A 21 2.31 -1.94 6.66
N ARG A 22 3.42 -2.37 6.06
CA ARG A 22 3.60 -3.77 5.70
C ARG A 22 4.69 -4.42 6.55
N HIS A 23 4.32 -5.45 7.28
CA HIS A 23 5.28 -6.20 8.08
C HIS A 23 5.95 -7.29 7.25
N PRO A 24 7.27 -7.42 7.41
CA PRO A 24 8.08 -8.34 6.60
C PRO A 24 7.92 -9.79 7.03
N GLY A 25 6.85 -10.43 6.55
CA GLY A 25 6.60 -11.82 6.90
C GLY A 25 5.15 -12.07 7.27
N LYS A 26 4.37 -10.99 7.35
CA LYS A 26 2.94 -11.10 7.65
C LYS A 26 2.10 -10.49 6.53
N THR A 27 0.87 -10.11 6.87
CA THR A 27 0.02 -9.39 5.93
C THR A 27 -0.05 -7.91 6.29
N PRO A 28 -0.24 -7.06 5.27
CA PRO A 28 -0.28 -5.60 5.44
C PRO A 28 -1.51 -5.15 6.22
N VAL A 29 -1.37 -4.06 6.97
CA VAL A 29 -2.51 -3.44 7.63
C VAL A 29 -2.56 -1.95 7.34
N ILE A 30 -3.75 -1.37 7.47
CA ILE A 30 -3.93 0.07 7.30
C ILE A 30 -4.18 0.76 8.64
N LYS A 31 -3.41 1.82 8.90
CA LYS A 31 -3.29 2.36 10.25
C LYS A 31 -3.71 3.83 10.29
N HIS A 32 -4.44 4.21 11.34
CA HIS A 32 -5.07 5.51 11.39
C HIS A 32 -4.59 6.30 12.62
N CYS A 33 -4.47 7.60 12.47
CA CYS A 33 -4.26 8.49 13.61
C CYS A 33 -4.93 9.84 13.38
N THR A 34 -5.04 10.63 14.45
CA THR A 34 -5.65 11.95 14.36
C THR A 34 -4.62 13.05 14.60
N GLY A 35 -3.41 12.65 14.99
CA GLY A 35 -2.36 13.61 15.27
C GLY A 35 -1.43 13.82 14.09
N ASP A 36 -0.21 14.26 14.38
CA ASP A 36 0.77 14.51 13.33
C ASP A 36 1.30 13.21 12.74
N LEU A 37 1.18 13.07 11.42
CA LEU A 37 1.54 11.83 10.74
C LEU A 37 3.00 11.48 11.01
N GLU A 38 3.86 12.49 11.05
CA GLU A 38 5.29 12.28 11.19
C GLU A 38 5.60 11.50 12.46
N GLU A 39 4.99 11.91 13.56
CA GLU A 39 5.16 11.22 14.83
C GLU A 39 4.63 9.79 14.76
N PHE A 40 3.47 9.63 14.14
CA PHE A 40 2.86 8.31 14.00
C PHE A 40 3.73 7.39 13.15
N LEU A 41 4.18 7.91 12.01
CA LEU A 41 5.00 7.14 11.09
C LEU A 41 6.33 6.77 11.72
N ARG A 42 6.94 7.74 12.40
CA ARG A 42 8.21 7.51 13.08
C ARG A 42 8.08 6.41 14.12
N GLN A 43 6.97 6.43 14.86
CA GLN A 43 6.72 5.45 15.90
C GLN A 43 6.62 4.05 15.31
N LEU A 44 5.92 3.93 14.19
CA LEU A 44 5.82 2.66 13.48
C LEU A 44 7.19 2.19 13.02
N ILE A 45 7.99 3.12 12.50
CA ILE A 45 9.34 2.80 12.05
C ILE A 45 10.23 2.41 13.24
N GLU A 46 10.09 3.14 14.34
CA GLU A 46 10.94 2.93 15.50
C GLU A 46 10.72 1.53 16.09
N GLN A 47 9.47 1.12 16.16
CA GLN A 47 9.11 -0.17 16.74
C GLN A 47 9.39 -1.30 15.77
N ASP A 48 9.16 -1.05 14.49
CA ASP A 48 9.52 -2.01 13.45
C ASP A 48 10.07 -1.30 12.21
N PRO A 49 11.40 -1.09 12.20
CA PRO A 49 12.07 -0.36 11.12
C PRO A 49 12.08 -1.15 9.81
N LEU A 50 11.63 -2.40 9.87
CA LEU A 50 11.72 -3.30 8.73
C LEU A 50 10.44 -3.24 7.89
N VAL A 51 9.45 -2.50 8.38
CA VAL A 51 8.23 -2.27 7.63
C VAL A 51 8.40 -1.15 6.62
N THR A 52 7.65 -1.23 5.51
CA THR A 52 7.47 -0.09 4.63
C THR A 52 6.08 0.51 4.77
N ILE A 53 6.01 1.84 4.79
CA ILE A 53 4.74 2.54 4.92
C ILE A 53 4.43 3.36 3.66
N ASP A 54 3.26 3.12 3.08
CA ASP A 54 2.78 3.92 1.96
C ASP A 54 1.64 4.83 2.39
N ILE A 55 1.74 6.10 2.06
CA ILE A 55 0.70 7.07 2.37
C ILE A 55 -0.15 7.37 1.14
N ILE A 56 -1.45 7.11 1.24
CA ILE A 56 -2.34 7.15 0.09
C ILE A 56 -3.35 8.29 0.20
N THR A 57 -3.37 9.15 -0.80
CA THR A 57 -4.16 10.38 -0.74
C THR A 57 -4.52 10.88 -2.14
N HIS A 58 -5.03 12.09 -2.21
CA HIS A 58 -5.39 12.71 -3.49
C HIS A 58 -4.78 14.11 -3.61
N ARG A 59 -3.49 14.22 -3.34
CA ARG A 59 -2.87 15.51 -3.10
C ARG A 59 -1.54 15.63 -3.84
N TYR A 60 -1.02 16.85 -3.92
CA TYR A 60 0.32 17.07 -4.46
C TYR A 60 0.35 16.74 -5.96
N TYR A 61 1.55 16.76 -6.53
CA TYR A 61 1.72 16.49 -7.96
C TYR A 61 1.72 14.99 -8.24
N GLY A 62 0.55 14.37 -8.10
CA GLY A 62 0.46 12.93 -8.23
C GLY A 62 0.13 12.50 -9.64
N VAL A 63 -0.18 11.21 -9.81
CA VAL A 63 -0.48 10.67 -11.14
C VAL A 63 -1.81 9.92 -11.13
N GLY A 64 -2.71 10.32 -12.01
CA GLY A 64 -4.01 9.69 -12.07
C GLY A 64 -4.96 10.22 -11.02
N GLY A 65 -6.04 9.48 -10.76
CA GLY A 65 -7.07 9.95 -9.87
C GLY A 65 -6.67 9.87 -8.41
N GLN A 66 -5.68 9.04 -8.12
CA GLN A 66 -5.20 8.87 -6.76
C GLN A 66 -3.70 8.62 -6.74
N TRP A 67 -3.06 8.99 -5.63
CA TRP A 67 -1.60 9.00 -5.55
C TRP A 67 -1.12 8.42 -4.22
N VAL A 68 0.10 7.89 -4.22
CA VAL A 68 0.68 7.33 -3.01
C VAL A 68 2.13 7.77 -2.84
N GLN A 69 2.53 8.00 -1.59
CA GLN A 69 3.85 8.55 -1.30
C GLN A 69 4.59 7.66 -0.30
N ASP A 70 5.88 7.45 -0.55
CA ASP A 70 6.74 6.81 0.44
C ASP A 70 6.84 7.64 1.71
N ALA A 71 6.60 7.01 2.85
CA ALA A 71 6.58 7.70 4.13
C ALA A 71 7.91 8.39 4.41
N GLY A 72 8.99 7.76 3.95
CA GLY A 72 10.30 8.37 4.08
C GLY A 72 10.42 9.65 3.27
N GLU A 73 9.89 9.64 2.06
CA GLU A 73 9.81 10.84 1.25
C GLU A 73 8.88 11.87 1.89
N TYR A 74 7.81 11.40 2.52
CA TYR A 74 6.81 12.27 3.11
C TYR A 74 7.41 13.14 4.20
N LEU A 75 8.14 12.50 5.11
CA LEU A 75 8.82 13.21 6.18
C LEU A 75 9.88 14.16 5.63
N HIS A 76 10.59 13.72 4.59
CA HIS A 76 11.62 14.53 3.98
C HIS A 76 11.02 15.69 3.20
N MET A 77 9.81 15.48 2.67
CA MET A 77 9.11 16.54 1.93
C MET A 77 8.91 17.77 2.80
N MET A 78 8.97 17.58 4.12
CA MET A 78 8.73 18.67 5.05
C MET A 78 9.97 19.54 5.23
N SER A 79 11.09 19.07 4.69
CA SER A 79 12.38 19.74 4.88
C SER A 79 12.90 20.27 3.55
N ASP A 80 12.98 19.40 2.56
CA ASP A 80 13.69 19.71 1.32
C ASP A 80 12.86 19.29 0.11
N ASN B 16 -14.28 1.89 -5.43
CA ASN B 16 -13.79 1.90 -4.06
C ASN B 16 -12.80 0.77 -3.82
N GLN B 17 -12.08 0.38 -4.87
CA GLN B 17 -11.11 -0.69 -4.77
C GLN B 17 -9.92 -0.44 -5.71
N PHE B 18 -8.72 -0.65 -5.19
CA PHE B 18 -7.50 -0.49 -5.98
C PHE B 18 -6.33 -1.23 -5.35
N LEU B 19 -5.26 -1.41 -6.12
CA LEU B 19 -4.07 -2.09 -5.63
C LEU B 19 -2.83 -1.22 -5.82
N VAL B 20 -1.92 -1.28 -4.85
CA VAL B 20 -0.70 -0.49 -4.90
C VAL B 20 0.53 -1.37 -5.02
N VAL B 21 1.38 -1.07 -6.01
CA VAL B 21 2.52 -1.91 -6.32
C VAL B 21 3.83 -1.15 -6.12
N ARG B 22 4.73 -1.74 -5.35
CA ARG B 22 5.92 -1.03 -4.86
C ARG B 22 7.18 -1.58 -5.50
N HIS B 23 7.90 -0.72 -6.21
CA HIS B 23 9.17 -1.09 -6.82
C HIS B 23 10.32 -0.92 -5.83
N PRO B 24 11.22 -1.91 -5.79
CA PRO B 24 12.31 -1.95 -4.81
C PRO B 24 13.43 -0.99 -5.15
N GLY B 25 13.26 0.28 -4.78
CA GLY B 25 14.26 1.29 -5.07
C GLY B 25 13.67 2.56 -5.61
N LYS B 26 12.37 2.54 -5.87
CA LYS B 26 11.67 3.72 -6.36
C LYS B 26 10.53 4.12 -5.43
N THR B 27 9.56 4.85 -5.95
CA THR B 27 8.34 5.17 -5.20
C THR B 27 7.18 4.31 -5.67
N PRO B 28 6.24 4.03 -4.74
CA PRO B 28 5.08 3.18 -5.02
C PRO B 28 4.10 3.84 -5.99
N VAL B 29 3.41 3.03 -6.79
CA VAL B 29 2.35 3.52 -7.65
C VAL B 29 1.08 2.70 -7.46
N ILE B 30 -0.06 3.30 -7.81
CA ILE B 30 -1.33 2.58 -7.77
C ILE B 30 -1.84 2.28 -9.17
N LYS B 31 -2.21 1.03 -9.39
CA LYS B 31 -2.38 0.51 -10.75
C LYS B 31 -3.79 -0.04 -10.95
N HIS B 32 -4.38 0.25 -12.11
CA HIS B 32 -5.79 -0.03 -12.35
C HIS B 32 -5.95 -0.97 -13.55
N CYS B 33 -6.96 -1.84 -13.48
CA CYS B 33 -7.39 -2.61 -14.64
C CYS B 33 -8.89 -2.86 -14.60
N THR B 34 -9.44 -3.33 -15.72
CA THR B 34 -10.85 -3.62 -15.81
C THR B 34 -11.09 -5.12 -15.99
N GLY B 35 -10.01 -5.87 -16.17
CA GLY B 35 -10.13 -7.30 -16.37
C GLY B 35 -9.92 -8.09 -15.09
N ASP B 36 -9.52 -9.35 -15.23
CA ASP B 36 -9.30 -10.21 -14.08
C ASP B 36 -8.03 -9.81 -13.33
N LEU B 37 -8.17 -9.54 -12.04
CA LEU B 37 -7.06 -9.06 -11.23
C LEU B 37 -5.89 -10.02 -11.26
N GLU B 38 -6.20 -11.31 -11.25
CA GLU B 38 -5.17 -12.35 -11.18
C GLU B 38 -4.19 -12.22 -12.33
N GLU B 39 -4.72 -12.04 -13.54
CA GLU B 39 -3.89 -11.86 -14.72
C GLU B 39 -3.07 -10.59 -14.62
N PHE B 40 -3.70 -9.51 -14.16
CA PHE B 40 -3.03 -8.22 -14.02
C PHE B 40 -1.91 -8.31 -12.98
N LEU B 41 -2.21 -8.90 -11.82
CA LEU B 41 -1.24 -9.03 -10.75
C LEU B 41 -0.08 -9.93 -11.17
N ARG B 42 -0.40 -11.04 -11.81
CA ARG B 42 0.62 -11.97 -12.30
C ARG B 42 1.56 -11.28 -13.28
N GLN B 43 1.00 -10.46 -14.16
CA GLN B 43 1.79 -9.74 -15.15
C GLN B 43 2.77 -8.78 -14.48
N LEU B 44 2.30 -8.07 -13.47
CA LEU B 44 3.15 -7.18 -12.69
C LEU B 44 4.26 -7.97 -12.00
N ILE B 45 3.91 -9.12 -11.45
CA ILE B 45 4.90 -9.98 -10.81
C ILE B 45 5.89 -10.54 -11.82
N GLU B 46 5.38 -10.95 -12.98
CA GLU B 46 6.21 -11.58 -14.00
C GLU B 46 7.28 -10.62 -14.51
N GLN B 47 6.88 -9.37 -14.71
CA GLN B 47 7.78 -8.36 -15.26
C GLN B 47 8.74 -7.85 -14.18
N ASP B 48 8.21 -7.72 -12.95
CA ASP B 48 9.04 -7.36 -11.81
C ASP B 48 8.63 -8.14 -10.57
N PRO B 49 9.23 -9.32 -10.39
CA PRO B 49 8.88 -10.22 -9.28
C PRO B 49 9.35 -9.67 -7.93
N LEU B 50 10.09 -8.57 -7.96
CA LEU B 50 10.69 -8.02 -6.76
C LEU B 50 9.79 -6.97 -6.12
N VAL B 51 8.69 -6.66 -6.79
CA VAL B 51 7.68 -5.76 -6.24
C VAL B 51 6.75 -6.50 -5.28
N THR B 52 6.21 -5.77 -4.30
CA THR B 52 5.08 -6.25 -3.53
C THR B 52 3.80 -5.51 -3.90
N ILE B 53 2.71 -6.25 -4.02
CA ILE B 53 1.42 -5.66 -4.37
C ILE B 53 0.42 -5.80 -3.24
N ASP B 54 -0.16 -4.69 -2.81
CA ASP B 54 -1.24 -4.70 -1.82
C ASP B 54 -2.57 -4.36 -2.48
N ILE B 55 -3.58 -5.18 -2.22
CA ILE B 55 -4.92 -4.94 -2.75
C ILE B 55 -5.83 -4.35 -1.66
N ILE B 56 -6.36 -3.17 -1.93
CA ILE B 56 -7.07 -2.40 -0.92
C ILE B 56 -8.56 -2.28 -1.25
N THR B 57 -9.40 -2.71 -0.32
CA THR B 57 -10.84 -2.81 -0.58
C THR B 57 -11.64 -2.72 0.71
N HIS B 58 -12.92 -3.03 0.63
CA HIS B 58 -13.79 -3.03 1.81
C HIS B 58 -14.58 -4.33 1.91
N ARG B 59 -13.87 -5.45 1.81
CA ARG B 59 -14.51 -6.73 1.56
C ARG B 59 -13.93 -7.81 2.48
N TYR B 60 -14.61 -8.96 2.53
CA TYR B 60 -14.09 -10.12 3.25
C TYR B 60 -14.00 -9.84 4.75
N TYR B 61 -13.40 -10.77 5.49
CA TYR B 61 -13.29 -10.64 6.94
C TYR B 61 -12.14 -9.73 7.33
N GLY B 62 -12.30 -8.45 7.06
CA GLY B 62 -11.22 -7.50 7.28
C GLY B 62 -11.26 -6.88 8.66
N VAL B 63 -10.44 -5.86 8.88
CA VAL B 63 -10.36 -5.20 10.18
C VAL B 63 -10.54 -3.69 10.04
N GLY B 64 -11.52 -3.15 10.77
CA GLY B 64 -11.79 -1.72 10.69
C GLY B 64 -12.61 -1.36 9.47
N GLY B 65 -12.61 -0.07 9.12
CA GLY B 65 -13.47 0.42 8.06
C GLY B 65 -12.97 0.05 6.69
N GLN B 66 -11.68 -0.27 6.60
CA GLN B 66 -11.07 -0.66 5.33
C GLN B 66 -9.99 -1.71 5.53
N TRP B 67 -9.76 -2.52 4.50
CA TRP B 67 -8.91 -3.69 4.63
C TRP B 67 -7.97 -3.83 3.43
N VAL B 68 -6.85 -4.48 3.63
CA VAL B 68 -5.88 -4.70 2.56
C VAL B 68 -5.36 -6.14 2.56
N GLN B 69 -5.14 -6.68 1.36
CA GLN B 69 -4.77 -8.08 1.22
C GLN B 69 -3.48 -8.22 0.39
N ASP B 70 -2.60 -9.10 0.83
CA ASP B 70 -1.44 -9.48 0.03
C ASP B 70 -1.87 -10.15 -1.28
N ALA B 71 -1.35 -9.66 -2.39
CA ALA B 71 -1.74 -10.15 -3.70
C ALA B 71 -1.47 -11.64 -3.85
N GLY B 72 -0.41 -12.09 -3.20
CA GLY B 72 -0.11 -13.52 -3.19
C GLY B 72 -1.17 -14.32 -2.46
N GLU B 73 -1.64 -13.80 -1.34
CA GLU B 73 -2.77 -14.40 -0.63
C GLU B 73 -4.04 -14.32 -1.47
N TYR B 74 -4.19 -13.21 -2.19
CA TYR B 74 -5.40 -12.98 -2.98
C TYR B 74 -5.59 -14.06 -4.04
N LEU B 75 -4.53 -14.33 -4.79
CA LEU B 75 -4.55 -15.37 -5.81
C LEU B 75 -4.78 -16.74 -5.17
N HIS B 76 -4.15 -16.97 -4.03
CA HIS B 76 -4.28 -18.23 -3.33
C HIS B 76 -5.67 -18.40 -2.74
N MET B 77 -6.28 -17.27 -2.37
CA MET B 77 -7.63 -17.29 -1.80
C MET B 77 -8.62 -17.92 -2.78
N MET B 78 -8.24 -17.96 -4.05
CA MET B 78 -9.13 -18.47 -5.09
C MET B 78 -9.07 -19.99 -5.15
N SER B 79 -8.11 -20.56 -4.43
CA SER B 79 -7.88 -22.01 -4.49
C SER B 79 -8.18 -22.66 -3.14
N ASP B 80 -7.57 -22.13 -2.09
CA ASP B 80 -7.58 -22.79 -0.79
C ASP B 80 -7.90 -21.80 0.33
N ASN A 16 -11.46 10.57 1.78
CA ASN A 16 -11.11 9.17 1.95
C ASN A 16 -9.60 8.95 1.83
N GLN A 17 -8.85 9.58 2.73
CA GLN A 17 -7.40 9.48 2.73
C GLN A 17 -6.91 8.63 3.90
N PHE A 18 -5.85 7.87 3.66
CA PHE A 18 -5.32 6.96 4.67
C PHE A 18 -3.92 6.47 4.30
N LEU A 19 -3.26 5.82 5.24
CA LEU A 19 -1.98 5.18 4.97
C LEU A 19 -2.01 3.70 5.34
N VAL A 20 -1.33 2.88 4.55
CA VAL A 20 -1.37 1.43 4.73
C VAL A 20 -0.01 0.90 5.17
N VAL A 21 0.00 0.15 6.27
CA VAL A 21 1.25 -0.30 6.87
C VAL A 21 1.36 -1.82 6.83
N ARG A 22 2.46 -2.32 6.30
CA ARG A 22 2.58 -3.72 5.91
C ARG A 22 3.31 -4.52 6.97
N HIS A 23 2.65 -5.52 7.53
CA HIS A 23 3.25 -6.34 8.58
C HIS A 23 4.19 -7.39 7.99
N PRO A 24 5.36 -7.56 8.61
CA PRO A 24 6.41 -8.44 8.10
C PRO A 24 6.15 -9.90 8.43
N GLY A 25 5.19 -10.50 7.74
CA GLY A 25 4.90 -11.91 7.94
C GLY A 25 3.47 -12.15 8.37
N LYS A 26 2.82 -11.12 8.90
CA LYS A 26 1.41 -11.20 9.25
C LYS A 26 0.56 -10.52 8.18
N THR A 27 -0.68 -10.18 8.55
CA THR A 27 -1.60 -9.53 7.63
C THR A 27 -1.52 -8.01 7.75
N PRO A 28 -1.41 -7.33 6.59
CA PRO A 28 -1.26 -5.88 6.55
C PRO A 28 -2.53 -5.16 7.01
N VAL A 29 -2.36 -3.98 7.58
CA VAL A 29 -3.47 -3.19 8.08
C VAL A 29 -3.41 -1.75 7.58
N ILE A 30 -4.56 -1.08 7.57
CA ILE A 30 -4.62 0.33 7.22
C ILE A 30 -4.87 1.19 8.45
N LYS A 31 -4.05 2.24 8.61
CA LYS A 31 -3.99 2.98 9.86
C LYS A 31 -4.25 4.46 9.62
N HIS A 32 -4.90 5.11 10.60
CA HIS A 32 -5.08 6.55 10.56
C HIS A 32 -4.23 7.23 11.64
N CYS A 33 -3.67 8.38 11.30
CA CYS A 33 -2.90 9.17 12.26
C CYS A 33 -3.74 10.28 12.86
N THR A 34 -3.72 10.39 14.18
CA THR A 34 -4.46 11.44 14.88
C THR A 34 -3.53 12.55 15.36
N GLY A 35 -2.23 12.27 15.35
CA GLY A 35 -1.25 13.24 15.79
C GLY A 35 -0.33 13.68 14.67
N ASP A 36 0.94 13.87 14.99
CA ASP A 36 1.93 14.24 14.00
C ASP A 36 2.26 13.07 13.07
N LEU A 37 2.10 13.29 11.77
CA LEU A 37 2.22 12.21 10.80
C LEU A 37 3.64 11.64 10.80
N GLU A 38 4.63 12.53 10.78
CA GLU A 38 6.03 12.11 10.74
C GLU A 38 6.36 11.22 11.94
N GLU A 39 5.93 11.65 13.12
CA GLU A 39 6.18 10.88 14.34
C GLU A 39 5.52 9.51 14.27
N PHE A 40 4.29 9.48 13.75
CA PHE A 40 3.52 8.24 13.68
C PHE A 40 4.23 7.20 12.81
N LEU A 41 4.68 7.63 11.64
CA LEU A 41 5.41 6.76 10.73
C LEU A 41 6.74 6.33 11.34
N ARG A 42 7.44 7.28 11.94
CA ARG A 42 8.72 7.00 12.57
C ARG A 42 8.56 5.99 13.70
N GLN A 43 7.49 6.14 14.47
CA GLN A 43 7.21 5.23 15.59
C GLN A 43 6.98 3.81 15.09
N LEU A 44 6.21 3.69 14.01
CA LEU A 44 5.96 2.39 13.40
C LEU A 44 7.26 1.78 12.89
N ILE A 45 8.10 2.60 12.26
CA ILE A 45 9.38 2.15 11.75
C ILE A 45 10.32 1.77 12.90
N GLU A 46 10.34 2.60 13.94
CA GLU A 46 11.27 2.41 15.04
C GLU A 46 11.00 1.10 15.77
N GLN A 47 9.72 0.80 16.00
CA GLN A 47 9.32 -0.40 16.71
C GLN A 47 9.39 -1.62 15.78
N ASP A 48 9.03 -1.42 14.52
CA ASP A 48 9.14 -2.47 13.52
C ASP A 48 9.65 -1.92 12.20
N PRO A 49 10.98 -1.96 12.02
CA PRO A 49 11.64 -1.36 10.85
C PRO A 49 11.36 -2.14 9.57
N LEU A 50 10.69 -3.29 9.70
CA LEU A 50 10.48 -4.18 8.58
C LEU A 50 9.19 -3.87 7.86
N VAL A 51 8.40 -2.95 8.43
CA VAL A 51 7.12 -2.57 7.85
C VAL A 51 7.31 -1.70 6.61
N THR A 52 6.39 -1.83 5.65
CA THR A 52 6.29 -0.88 4.57
C THR A 52 5.04 -0.01 4.70
N ILE A 53 5.23 1.30 4.61
CA ILE A 53 4.11 2.23 4.72
C ILE A 53 3.92 3.03 3.44
N ASP A 54 2.71 2.97 2.90
CA ASP A 54 2.33 3.85 1.80
C ASP A 54 1.31 4.89 2.26
N ILE A 55 1.51 6.14 1.83
CA ILE A 55 0.56 7.20 2.13
C ILE A 55 -0.35 7.48 0.94
N ILE A 56 -1.65 7.25 1.14
CA ILE A 56 -2.59 7.25 0.04
C ILE A 56 -3.59 8.40 0.15
N THR A 57 -3.64 9.24 -0.87
CA THR A 57 -4.49 10.42 -0.85
C THR A 57 -5.23 10.59 -2.18
N HIS A 58 -6.20 11.50 -2.20
CA HIS A 58 -6.87 11.87 -3.44
C HIS A 58 -7.25 13.35 -3.43
N ARG A 59 -7.27 13.96 -4.62
CA ARG A 59 -7.78 15.31 -4.78
C ARG A 59 -8.44 15.49 -6.15
N TYR A 60 -8.61 14.38 -6.85
CA TYR A 60 -9.25 14.42 -8.16
C TYR A 60 -8.34 15.05 -9.20
N TYR A 61 -7.11 15.34 -8.80
CA TYR A 61 -6.08 15.80 -9.74
C TYR A 61 -4.76 15.10 -9.48
N GLY A 62 -4.20 14.48 -10.53
CA GLY A 62 -2.96 13.76 -10.38
C GLY A 62 -2.84 12.61 -11.36
N VAL A 63 -2.14 11.56 -10.96
CA VAL A 63 -1.92 10.39 -11.81
C VAL A 63 -3.25 9.74 -12.18
N GLY A 64 -4.26 9.91 -11.32
CA GLY A 64 -5.55 9.32 -11.56
C GLY A 64 -6.48 9.47 -10.38
N GLY A 65 -7.39 8.51 -10.21
CA GLY A 65 -8.34 8.56 -9.11
C GLY A 65 -7.66 8.61 -7.76
N GLN A 66 -6.50 7.98 -7.66
CA GLN A 66 -5.76 7.93 -6.40
C GLN A 66 -4.28 8.16 -6.62
N TRP A 67 -3.60 8.68 -5.61
CA TRP A 67 -2.15 8.85 -5.65
C TRP A 67 -1.52 8.49 -4.32
N VAL A 68 -0.26 8.07 -4.35
CA VAL A 68 0.38 7.48 -3.18
C VAL A 68 1.80 8.00 -3.02
N GLN A 69 2.22 8.18 -1.77
CA GLN A 69 3.59 8.62 -1.48
C GLN A 69 4.33 7.60 -0.63
N ASP A 70 5.56 7.30 -1.01
CA ASP A 70 6.42 6.43 -0.22
C ASP A 70 6.76 7.08 1.12
N ALA A 71 6.43 6.40 2.21
CA ALA A 71 6.57 6.96 3.54
C ALA A 71 8.02 7.33 3.83
N GLY A 72 8.95 6.57 3.25
CA GLY A 72 10.37 6.81 3.48
C GLY A 72 10.82 8.15 2.90
N GLU A 73 10.35 8.46 1.71
CA GLU A 73 10.61 9.76 1.11
C GLU A 73 9.91 10.87 1.89
N TYR A 74 8.71 10.56 2.39
CA TYR A 74 7.87 11.56 3.04
C TYR A 74 8.53 12.07 4.32
N LEU A 75 9.04 11.15 5.12
CA LEU A 75 9.80 11.51 6.32
C LEU A 75 11.07 12.27 5.95
N HIS A 76 11.71 11.85 4.86
CA HIS A 76 12.89 12.54 4.35
C HIS A 76 12.56 13.97 3.97
N MET A 77 11.51 14.13 3.16
CA MET A 77 11.18 15.43 2.60
C MET A 77 10.84 16.43 3.70
N MET A 78 10.21 15.95 4.76
CA MET A 78 9.73 16.82 5.83
C MET A 78 10.87 17.21 6.76
N SER A 79 12.07 16.73 6.46
CA SER A 79 13.25 17.05 7.26
C SER A 79 13.82 18.41 6.86
N ASP A 80 13.31 18.95 5.76
CA ASP A 80 13.76 20.25 5.28
C ASP A 80 12.74 21.34 5.61
N ASN B 16 -14.90 2.73 -4.10
CA ASN B 16 -13.55 3.28 -4.12
C ASN B 16 -12.51 2.21 -3.79
N GLN B 17 -12.45 1.18 -4.61
CA GLN B 17 -11.52 0.08 -4.39
C GLN B 17 -10.40 0.11 -5.42
N PHE B 18 -9.20 -0.28 -4.99
CA PHE B 18 -8.02 -0.22 -5.86
C PHE B 18 -6.87 -1.02 -5.25
N LEU B 19 -5.83 -1.23 -6.05
CA LEU B 19 -4.60 -1.86 -5.55
C LEU B 19 -3.40 -0.97 -5.82
N VAL B 20 -2.45 -0.97 -4.88
CA VAL B 20 -1.29 -0.09 -4.97
C VAL B 20 -0.01 -0.89 -5.18
N VAL B 21 0.75 -0.53 -6.21
CA VAL B 21 1.93 -1.30 -6.59
C VAL B 21 3.20 -0.48 -6.43
N ARG B 22 4.17 -1.03 -5.71
CA ARG B 22 5.30 -0.25 -5.22
C ARG B 22 6.52 -0.45 -6.10
N HIS B 23 7.01 0.64 -6.69
CA HIS B 23 8.16 0.59 -7.58
C HIS B 23 9.46 0.50 -6.78
N PRO B 24 10.37 -0.39 -7.22
CA PRO B 24 11.62 -0.66 -6.51
C PRO B 24 12.69 0.39 -6.79
N GLY B 25 12.51 1.57 -6.19
CA GLY B 25 13.50 2.62 -6.32
C GLY B 25 12.92 3.88 -6.93
N LYS B 26 11.79 3.75 -7.61
CA LYS B 26 11.07 4.89 -8.14
C LYS B 26 9.87 5.25 -7.27
N THR B 27 8.94 6.01 -7.82
CA THR B 27 7.76 6.43 -7.08
C THR B 27 6.60 5.45 -7.30
N PRO B 28 5.97 5.04 -6.19
CA PRO B 28 4.87 4.05 -6.23
C PRO B 28 3.63 4.61 -6.90
N VAL B 29 2.87 3.72 -7.54
CA VAL B 29 1.65 4.11 -8.24
C VAL B 29 0.47 3.24 -7.83
N ILE B 30 -0.74 3.75 -8.04
CA ILE B 30 -1.95 2.98 -7.80
C ILE B 30 -2.62 2.59 -9.10
N LYS B 31 -2.96 1.30 -9.22
CA LYS B 31 -3.34 0.72 -10.50
C LYS B 31 -4.72 0.06 -10.41
N HIS B 32 -5.47 0.12 -11.51
CA HIS B 32 -6.73 -0.59 -11.61
C HIS B 32 -6.63 -1.75 -12.59
N CYS B 33 -7.28 -2.86 -12.26
CA CYS B 33 -7.31 -4.01 -13.15
C CYS B 33 -8.62 -4.05 -13.94
N THR B 34 -8.50 -4.22 -15.25
CA THR B 34 -9.68 -4.30 -16.12
C THR B 34 -9.95 -5.73 -16.54
N GLY B 35 -8.97 -6.61 -16.34
CA GLY B 35 -9.13 -8.01 -16.70
C GLY B 35 -9.09 -8.93 -15.50
N ASP B 36 -8.45 -10.08 -15.66
CA ASP B 36 -8.31 -11.03 -14.55
C ASP B 36 -7.31 -10.52 -13.52
N LEU B 37 -7.76 -10.43 -12.27
CA LEU B 37 -6.96 -9.82 -11.21
C LEU B 37 -5.68 -10.61 -10.98
N GLU B 38 -5.80 -11.93 -10.89
CA GLU B 38 -4.67 -12.79 -10.62
C GLU B 38 -3.59 -12.62 -11.70
N GLU B 39 -4.01 -12.61 -12.96
CA GLU B 39 -3.09 -12.44 -14.06
C GLU B 39 -2.40 -11.08 -14.00
N PHE B 40 -3.16 -10.05 -13.65
CA PHE B 40 -2.62 -8.70 -13.60
C PHE B 40 -1.50 -8.58 -12.57
N LEU B 41 -1.75 -9.11 -11.38
CA LEU B 41 -0.74 -9.11 -10.32
C LEU B 41 0.46 -9.96 -10.71
N ARG B 42 0.19 -11.13 -11.27
CA ARG B 42 1.25 -12.04 -11.70
C ARG B 42 2.12 -11.38 -12.76
N GLN B 43 1.48 -10.67 -13.69
CA GLN B 43 2.21 -9.99 -14.76
C GLN B 43 3.13 -8.92 -14.20
N LEU B 44 2.63 -8.15 -13.24
CA LEU B 44 3.44 -7.14 -12.57
C LEU B 44 4.61 -7.77 -11.84
N ILE B 45 4.36 -8.89 -11.16
CA ILE B 45 5.41 -9.61 -10.46
C ILE B 45 6.41 -10.21 -11.43
N GLU B 46 5.91 -10.79 -12.51
CA GLU B 46 6.75 -11.51 -13.46
C GLU B 46 7.74 -10.56 -14.12
N GLN B 47 7.27 -9.38 -14.50
CA GLN B 47 8.10 -8.40 -15.17
C GLN B 47 8.98 -7.66 -14.17
N ASP B 48 8.44 -7.40 -12.99
CA ASP B 48 9.20 -6.78 -11.91
C ASP B 48 8.88 -7.43 -10.57
N PRO B 49 9.66 -8.45 -10.20
CA PRO B 49 9.40 -9.25 -9.00
C PRO B 49 9.68 -8.48 -7.71
N LEU B 50 10.23 -7.28 -7.87
CA LEU B 50 10.67 -6.50 -6.72
C LEU B 50 9.55 -5.59 -6.21
N VAL B 51 8.45 -5.55 -6.95
CA VAL B 51 7.31 -4.72 -6.58
C VAL B 51 6.56 -5.29 -5.39
N THR B 52 5.99 -4.42 -4.56
CA THR B 52 5.01 -4.83 -3.57
C THR B 52 3.61 -4.36 -3.94
N ILE B 53 2.66 -5.28 -3.92
CA ILE B 53 1.28 -4.95 -4.25
C ILE B 53 0.35 -5.18 -3.05
N ASP B 54 -0.39 -4.14 -2.69
CA ASP B 54 -1.47 -4.29 -1.71
C ASP B 54 -2.83 -4.13 -2.38
N ILE B 55 -3.77 -4.99 -2.03
CA ILE B 55 -5.13 -4.89 -2.53
C ILE B 55 -6.06 -4.24 -1.51
N ILE B 56 -6.61 -3.09 -1.87
CA ILE B 56 -7.31 -2.25 -0.91
C ILE B 56 -8.79 -2.15 -1.24
N THR B 57 -9.64 -2.54 -0.29
CA THR B 57 -11.08 -2.56 -0.52
C THR B 57 -11.82 -1.98 0.68
N HIS B 58 -13.12 -1.75 0.50
CA HIS B 58 -13.99 -1.35 1.60
C HIS B 58 -15.38 -1.92 1.45
N ARG B 59 -16.05 -2.19 2.57
CA ARG B 59 -17.45 -2.57 2.55
C ARG B 59 -18.17 -2.06 3.80
N TYR B 60 -17.50 -1.21 4.56
CA TYR B 60 -18.08 -0.62 5.76
C TYR B 60 -18.19 -1.66 6.87
N TYR B 61 -17.65 -2.85 6.63
CA TYR B 61 -17.54 -3.87 7.66
C TYR B 61 -16.18 -4.53 7.64
N GLY B 62 -15.51 -4.53 8.79
CA GLY B 62 -14.18 -5.11 8.88
C GLY B 62 -13.33 -4.44 9.94
N VAL B 63 -12.02 -4.41 9.71
CA VAL B 63 -11.09 -3.83 10.67
C VAL B 63 -11.38 -2.35 10.89
N GLY B 64 -12.00 -1.72 9.89
CA GLY B 64 -12.30 -0.30 9.99
C GLY B 64 -12.81 0.27 8.67
N GLY B 65 -12.54 1.56 8.45
CA GLY B 65 -12.99 2.20 7.24
C GLY B 65 -12.44 1.54 5.99
N GLN B 66 -11.24 0.98 6.10
CA GLN B 66 -10.59 0.33 4.96
C GLN B 66 -9.95 -0.99 5.38
N TRP B 67 -9.83 -1.91 4.43
CA TRP B 67 -9.12 -3.16 4.66
C TRP B 67 -8.28 -3.54 3.45
N VAL B 68 -7.21 -4.29 3.69
CA VAL B 68 -6.20 -4.54 2.66
C VAL B 68 -5.76 -6.01 2.67
N GLN B 69 -5.48 -6.54 1.49
CA GLN B 69 -5.01 -7.90 1.36
C GLN B 69 -3.64 -7.94 0.70
N ASP B 70 -2.73 -8.73 1.27
CA ASP B 70 -1.42 -8.95 0.66
C ASP B 70 -1.56 -9.71 -0.66
N ALA B 71 -1.05 -9.11 -1.73
CA ALA B 71 -1.23 -9.66 -3.08
C ALA B 71 -0.64 -11.06 -3.17
N GLY B 72 0.43 -11.30 -2.43
CA GLY B 72 1.09 -12.60 -2.47
C GLY B 72 0.21 -13.71 -1.94
N GLU B 73 -0.48 -13.44 -0.84
CA GLU B 73 -1.46 -14.39 -0.30
C GLU B 73 -2.65 -14.53 -1.25
N TYR B 74 -3.03 -13.42 -1.89
CA TYR B 74 -4.22 -13.41 -2.72
C TYR B 74 -4.07 -14.33 -3.93
N LEU B 75 -2.92 -14.24 -4.58
CA LEU B 75 -2.60 -15.14 -5.68
C LEU B 75 -2.51 -16.58 -5.19
N HIS B 76 -1.95 -16.77 -4.00
CA HIS B 76 -1.88 -18.09 -3.38
C HIS B 76 -3.28 -18.65 -3.15
N MET B 77 -4.13 -17.85 -2.52
CA MET B 77 -5.45 -18.32 -2.10
C MET B 77 -6.30 -18.73 -3.30
N MET B 78 -6.12 -18.01 -4.40
CA MET B 78 -6.96 -18.22 -5.59
C MET B 78 -6.47 -19.43 -6.38
N SER B 79 -5.42 -20.08 -5.88
CA SER B 79 -4.89 -21.27 -6.53
C SER B 79 -5.69 -22.51 -6.14
N ASP B 80 -6.58 -22.35 -5.16
CA ASP B 80 -7.42 -23.45 -4.71
C ASP B 80 -8.84 -23.30 -5.26
N ASN A 16 -8.85 12.17 7.58
CA ASN A 16 -7.67 11.48 8.08
C ASN A 16 -6.79 11.00 6.91
N GLN A 17 -5.51 10.78 7.19
CA GLN A 17 -4.57 10.38 6.16
C GLN A 17 -4.56 8.87 5.99
N PHE A 18 -4.85 8.42 4.77
CA PHE A 18 -4.89 7.00 4.46
C PHE A 18 -3.51 6.49 4.07
N LEU A 19 -2.86 5.78 4.99
CA LEU A 19 -1.51 5.28 4.76
C LEU A 19 -1.43 3.78 5.04
N VAL A 20 -0.63 3.07 4.26
CA VAL A 20 -0.58 1.61 4.32
C VAL A 20 0.74 1.13 4.92
N VAL A 21 0.64 0.34 5.98
CA VAL A 21 1.83 -0.11 6.70
C VAL A 21 1.99 -1.62 6.61
N ARG A 22 3.14 -2.05 6.10
CA ARG A 22 3.33 -3.44 5.69
C ARG A 22 4.26 -4.18 6.65
N HIS A 23 3.72 -5.19 7.33
CA HIS A 23 4.51 -5.99 8.26
C HIS A 23 5.06 -7.23 7.58
N PRO A 24 6.40 -7.35 7.56
CA PRO A 24 7.08 -8.50 6.94
C PRO A 24 6.95 -9.77 7.76
N GLY A 25 6.64 -10.88 7.09
CA GLY A 25 6.41 -12.12 7.80
C GLY A 25 5.01 -12.21 8.38
N LYS A 26 4.27 -11.11 8.30
CA LYS A 26 2.92 -11.06 8.85
C LYS A 26 1.92 -10.59 7.79
N THR A 27 0.80 -10.05 8.24
CA THR A 27 -0.20 -9.48 7.34
C THR A 27 -0.25 -7.97 7.47
N PRO A 28 -0.27 -7.27 6.33
CA PRO A 28 -0.31 -5.80 6.30
C PRO A 28 -1.64 -5.26 6.79
N VAL A 29 -1.60 -4.04 7.34
CA VAL A 29 -2.80 -3.40 7.86
C VAL A 29 -2.94 -1.98 7.33
N ILE A 30 -4.16 -1.45 7.36
CA ILE A 30 -4.41 -0.08 6.94
C ILE A 30 -4.61 0.84 8.15
N LYS A 31 -3.91 1.95 8.17
CA LYS A 31 -3.89 2.84 9.33
C LYS A 31 -4.21 4.27 8.92
N HIS A 32 -4.94 4.98 9.78
CA HIS A 32 -5.25 6.39 9.54
C HIS A 32 -4.53 7.27 10.56
N CYS A 33 -4.06 8.42 10.10
CA CYS A 33 -3.50 9.43 11.00
C CYS A 33 -4.48 10.58 11.20
N THR A 34 -4.76 10.89 12.45
CA THR A 34 -5.66 11.98 12.80
C THR A 34 -4.90 13.25 13.14
N GLY A 35 -3.61 13.10 13.42
CA GLY A 35 -2.80 14.24 13.84
C GLY A 35 -1.62 14.47 12.91
N ASP A 36 -0.47 14.81 13.50
CA ASP A 36 0.73 15.07 12.72
C ASP A 36 1.38 13.78 12.24
N LEU A 37 1.55 13.66 10.94
CA LEU A 37 2.07 12.44 10.34
C LEU A 37 3.44 12.09 10.90
N GLU A 38 4.26 13.12 11.12
CA GLU A 38 5.65 12.92 11.49
C GLU A 38 5.76 12.08 12.77
N GLU A 39 4.97 12.44 13.77
CA GLU A 39 4.92 11.68 15.01
C GLU A 39 4.38 10.28 14.78
N PHE A 40 3.32 10.18 13.98
CA PHE A 40 2.66 8.90 13.74
C PHE A 40 3.59 7.93 13.01
N LEU A 41 4.23 8.42 11.96
CA LEU A 41 5.13 7.59 11.16
C LEU A 41 6.34 7.16 11.98
N ARG A 42 6.91 8.10 12.74
CA ARG A 42 8.05 7.81 13.59
C ARG A 42 7.71 6.74 14.62
N GLN A 43 6.51 6.86 15.20
CA GLN A 43 6.06 5.91 16.22
C GLN A 43 5.95 4.51 15.65
N LEU A 44 5.39 4.41 14.44
CA LEU A 44 5.28 3.13 13.74
C LEU A 44 6.68 2.57 13.45
N ILE A 45 7.59 3.43 13.02
CA ILE A 45 8.94 3.01 12.69
C ILE A 45 9.69 2.57 13.94
N GLU A 46 9.55 3.34 15.02
CA GLU A 46 10.29 3.09 16.25
C GLU A 46 9.84 1.76 16.87
N GLN A 47 8.53 1.52 16.88
CA GLN A 47 7.99 0.30 17.45
C GLN A 47 8.09 -0.85 16.46
N ASP A 48 7.93 -0.55 15.17
CA ASP A 48 7.97 -1.57 14.14
C ASP A 48 8.86 -1.13 12.99
N PRO A 49 10.19 -1.27 13.17
CA PRO A 49 11.17 -0.71 12.23
C PRO A 49 11.24 -1.50 10.94
N LEU A 50 10.58 -2.64 10.90
CA LEU A 50 10.72 -3.59 9.80
C LEU A 50 9.70 -3.30 8.70
N VAL A 51 8.79 -2.36 8.96
CA VAL A 51 7.67 -2.11 8.07
C VAL A 51 8.02 -1.01 7.06
N THR A 52 7.33 -1.02 5.92
CA THR A 52 7.28 0.15 5.04
C THR A 52 5.92 0.84 5.13
N ILE A 53 5.94 2.16 5.08
CA ILE A 53 4.70 2.94 5.14
C ILE A 53 4.45 3.67 3.83
N ASP A 54 3.26 3.45 3.27
CA ASP A 54 2.85 4.15 2.06
C ASP A 54 1.81 5.21 2.37
N ILE A 55 2.06 6.43 1.89
CA ILE A 55 1.10 7.53 2.07
C ILE A 55 0.31 7.79 0.79
N ILE A 56 -1.00 7.64 0.88
CA ILE A 56 -1.85 7.67 -0.30
C ILE A 56 -2.78 8.88 -0.28
N THR A 57 -2.77 9.64 -1.37
CA THR A 57 -3.63 10.80 -1.49
C THR A 57 -4.21 10.92 -2.91
N HIS A 58 -4.97 11.98 -3.15
CA HIS A 58 -5.71 12.11 -4.39
C HIS A 58 -5.61 13.53 -4.93
N ARG A 59 -4.52 14.21 -4.58
CA ARG A 59 -4.27 15.57 -5.08
C ARG A 59 -3.53 15.53 -6.41
N TYR A 60 -3.19 14.32 -6.84
CA TYR A 60 -2.43 14.16 -8.08
C TYR A 60 -3.35 13.75 -9.23
N TYR A 61 -3.02 14.22 -10.43
CA TYR A 61 -3.79 13.89 -11.62
C TYR A 61 -2.90 13.29 -12.71
N GLY A 62 -3.48 12.42 -13.52
CA GLY A 62 -2.74 11.83 -14.62
C GLY A 62 -1.93 10.63 -14.19
N VAL A 63 -2.02 10.28 -12.91
CA VAL A 63 -1.23 9.18 -12.36
C VAL A 63 -1.98 7.86 -12.46
N GLY A 64 -3.30 7.95 -12.64
CA GLY A 64 -4.14 6.78 -12.52
C GLY A 64 -5.35 7.00 -11.64
N GLY A 65 -5.37 8.16 -10.95
CA GLY A 65 -6.49 8.49 -10.10
C GLY A 65 -6.07 8.78 -8.67
N GLN A 66 -5.07 8.06 -8.20
CA GLN A 66 -4.49 8.32 -6.89
C GLN A 66 -2.97 8.10 -6.91
N TRP A 67 -2.28 8.75 -5.98
CA TRP A 67 -0.82 8.70 -5.95
C TRP A 67 -0.31 8.48 -4.53
N VAL A 68 0.88 7.90 -4.42
CA VAL A 68 1.37 7.37 -3.16
C VAL A 68 2.82 7.77 -2.91
N GLN A 69 3.15 8.06 -1.65
CA GLN A 69 4.48 8.52 -1.30
C GLN A 69 5.11 7.62 -0.24
N ASP A 70 6.36 7.25 -0.46
CA ASP A 70 7.13 6.50 0.54
C ASP A 70 7.41 7.37 1.76
N ALA A 71 6.99 6.89 2.93
CA ALA A 71 7.04 7.69 4.15
C ALA A 71 8.47 8.09 4.47
N GLY A 72 9.42 7.24 4.11
CA GLY A 72 10.82 7.50 4.41
C GLY A 72 11.33 8.75 3.72
N GLU A 73 10.99 8.91 2.45
CA GLU A 73 11.24 10.16 1.74
C GLU A 73 10.39 11.29 2.32
N TYR A 74 9.15 10.97 2.67
CA TYR A 74 8.21 11.99 3.11
C TYR A 74 8.67 12.66 4.40
N LEU A 75 9.07 11.85 5.37
CA LEU A 75 9.57 12.37 6.64
C LEU A 75 10.85 13.16 6.43
N HIS A 76 11.69 12.71 5.50
CA HIS A 76 12.92 13.42 5.17
C HIS A 76 12.61 14.77 4.55
N MET A 77 11.74 14.77 3.54
CA MET A 77 11.44 15.98 2.79
C MET A 77 10.93 17.08 3.70
N MET A 78 10.11 16.71 4.67
CA MET A 78 9.55 17.67 5.62
C MET A 78 10.62 18.16 6.59
N SER A 79 11.52 17.27 6.98
CA SER A 79 12.54 17.59 7.97
C SER A 79 13.52 18.63 7.42
N ASP A 80 14.08 18.33 6.25
CA ASP A 80 15.19 19.11 5.71
C ASP A 80 14.97 19.44 4.23
N ASN B 16 -13.84 -0.71 -9.59
CA ASN B 16 -12.53 -1.29 -9.85
C ASN B 16 -11.80 -1.61 -8.56
N GLN B 17 -10.83 -2.52 -8.64
CA GLN B 17 -10.11 -2.98 -7.46
C GLN B 17 -8.92 -2.06 -7.17
N PHE B 18 -8.90 -1.48 -5.98
CA PHE B 18 -7.83 -0.57 -5.59
C PHE B 18 -6.67 -1.35 -4.97
N LEU B 19 -5.59 -1.52 -5.74
CA LEU B 19 -4.44 -2.27 -5.28
C LEU B 19 -3.16 -1.46 -5.45
N VAL B 20 -2.23 -1.63 -4.51
CA VAL B 20 -1.03 -0.80 -4.47
C VAL B 20 0.21 -1.60 -4.83
N VAL B 21 0.93 -1.14 -5.85
CA VAL B 21 2.09 -1.87 -6.36
C VAL B 21 3.39 -1.09 -6.12
N ARG B 22 4.33 -1.72 -5.44
CA ARG B 22 5.49 -1.01 -4.92
C ARG B 22 6.75 -1.38 -5.68
N HIS B 23 7.35 -0.39 -6.36
CA HIS B 23 8.57 -0.62 -7.11
C HIS B 23 9.79 -0.27 -6.27
N PRO B 24 10.67 -1.26 -6.06
CA PRO B 24 11.89 -1.09 -5.27
C PRO B 24 12.95 -0.29 -6.02
N GLY B 25 13.56 0.67 -5.31
CA GLY B 25 14.52 1.56 -5.96
C GLY B 25 13.86 2.68 -6.71
N LYS B 26 12.53 2.62 -6.82
CA LYS B 26 11.78 3.64 -7.56
C LYS B 26 10.68 4.23 -6.68
N THR B 27 9.66 4.78 -7.32
CA THR B 27 8.49 5.29 -6.61
C THR B 27 7.26 4.43 -6.86
N PRO B 28 6.54 4.10 -5.77
CA PRO B 28 5.34 3.27 -5.84
C PRO B 28 4.19 3.97 -6.58
N VAL B 29 3.32 3.18 -7.19
CA VAL B 29 2.18 3.72 -7.91
C VAL B 29 0.89 3.02 -7.51
N ILE B 30 -0.24 3.67 -7.75
CA ILE B 30 -1.54 3.08 -7.47
C ILE B 30 -2.22 2.62 -8.75
N LYS B 31 -2.70 1.38 -8.75
CA LYS B 31 -3.24 0.76 -9.95
C LYS B 31 -4.63 0.19 -9.70
N HIS B 32 -5.50 0.29 -10.69
CA HIS B 32 -6.84 -0.28 -10.61
C HIS B 32 -6.99 -1.45 -11.57
N CYS B 33 -7.70 -2.49 -11.13
CA CYS B 33 -8.05 -3.60 -12.01
C CYS B 33 -9.52 -3.52 -12.43
N THR B 34 -9.75 -3.56 -13.74
CA THR B 34 -11.10 -3.52 -14.27
C THR B 34 -11.63 -4.91 -14.60
N GLY B 35 -10.71 -5.87 -14.67
CA GLY B 35 -11.08 -7.22 -15.05
C GLY B 35 -10.71 -8.24 -13.99
N ASP B 36 -10.22 -9.40 -14.44
CA ASP B 36 -9.85 -10.47 -13.53
C ASP B 36 -8.50 -10.18 -12.88
N LEU B 37 -8.50 -10.16 -11.55
CA LEU B 37 -7.29 -9.80 -10.80
C LEU B 37 -6.13 -10.73 -11.14
N GLU B 38 -6.45 -12.01 -11.32
CA GLU B 38 -5.42 -13.03 -11.47
C GLU B 38 -4.51 -12.72 -12.66
N GLU B 39 -5.12 -12.35 -13.78
CA GLU B 39 -4.38 -11.96 -14.97
C GLU B 39 -3.60 -10.67 -14.71
N PHE B 40 -4.25 -9.71 -14.06
CA PHE B 40 -3.65 -8.40 -13.83
C PHE B 40 -2.43 -8.52 -12.91
N LEU B 41 -2.59 -9.24 -11.81
CA LEU B 41 -1.52 -9.41 -10.84
C LEU B 41 -0.36 -10.18 -11.46
N ARG B 42 -0.67 -11.25 -12.18
CA ARG B 42 0.35 -12.05 -12.84
C ARG B 42 1.15 -11.21 -13.85
N GLN B 43 0.44 -10.36 -14.58
CA GLN B 43 1.08 -9.52 -15.59
C GLN B 43 2.05 -8.55 -14.94
N LEU B 44 1.63 -7.95 -13.83
CA LEU B 44 2.50 -7.06 -13.06
C LEU B 44 3.73 -7.81 -12.54
N ILE B 45 3.50 -9.03 -12.04
CA ILE B 45 4.59 -9.83 -11.50
C ILE B 45 5.55 -10.26 -12.60
N GLU B 46 5.00 -10.69 -13.73
CA GLU B 46 5.80 -11.21 -14.82
C GLU B 46 6.69 -10.11 -15.42
N GLN B 47 6.12 -8.92 -15.59
CA GLN B 47 6.85 -7.79 -16.14
C GLN B 47 7.71 -7.13 -15.07
N ASP B 48 7.19 -7.08 -13.85
CA ASP B 48 7.88 -6.43 -12.75
C ASP B 48 7.89 -7.33 -11.50
N PRO B 49 8.79 -8.32 -11.49
CA PRO B 49 8.80 -9.37 -10.47
C PRO B 49 9.30 -8.87 -9.13
N LEU B 50 9.81 -7.64 -9.10
CA LEU B 50 10.49 -7.12 -7.93
C LEU B 50 9.51 -6.41 -7.00
N VAL B 51 8.27 -6.25 -7.46
CA VAL B 51 7.29 -5.45 -6.75
C VAL B 51 6.48 -6.30 -5.78
N THR B 52 5.93 -5.67 -4.76
CA THR B 52 4.84 -6.26 -3.98
C THR B 52 3.50 -5.59 -4.30
N ILE B 53 2.45 -6.40 -4.34
CA ILE B 53 1.12 -5.88 -4.63
C ILE B 53 0.20 -6.01 -3.42
N ASP B 54 -0.39 -4.89 -3.02
CA ASP B 54 -1.36 -4.90 -1.92
C ASP B 54 -2.79 -4.72 -2.45
N ILE B 55 -3.68 -5.61 -2.03
CA ILE B 55 -5.08 -5.52 -2.42
C ILE B 55 -5.94 -4.95 -1.29
N ILE B 56 -6.57 -3.81 -1.55
CA ILE B 56 -7.25 -3.07 -0.50
C ILE B 56 -8.76 -3.05 -0.74
N THR B 57 -9.51 -3.44 0.29
CA THR B 57 -10.97 -3.43 0.21
C THR B 57 -11.59 -2.94 1.51
N HIS B 58 -12.91 -2.94 1.57
CA HIS B 58 -13.63 -2.34 2.70
C HIS B 58 -14.78 -3.24 3.15
N ARG B 59 -14.65 -4.53 2.89
CA ARG B 59 -15.66 -5.50 3.32
C ARG B 59 -15.38 -5.98 4.74
N TYR B 60 -14.27 -5.52 5.31
CA TYR B 60 -13.86 -5.93 6.64
C TYR B 60 -14.24 -4.88 7.69
N TYR B 61 -14.59 -5.33 8.88
CA TYR B 61 -14.95 -4.43 9.97
C TYR B 61 -14.09 -4.71 11.21
N GLY B 62 -13.85 -3.67 12.00
CA GLY B 62 -13.10 -3.83 13.23
C GLY B 62 -11.60 -3.81 13.00
N VAL B 63 -11.20 -3.61 11.75
CA VAL B 63 -9.79 -3.62 11.39
C VAL B 63 -9.18 -2.22 11.47
N GLY B 64 -10.05 -1.21 11.47
CA GLY B 64 -9.58 0.16 11.32
C GLY B 64 -10.36 0.92 10.25
N GLY B 65 -11.18 0.20 9.50
CA GLY B 65 -11.99 0.84 8.48
C GLY B 65 -11.77 0.24 7.10
N GLN B 66 -10.54 -0.17 6.83
CA GLN B 66 -10.24 -0.89 5.59
C GLN B 66 -9.17 -1.96 5.83
N TRP B 67 -9.16 -2.97 4.97
CA TRP B 67 -8.27 -4.11 5.15
C TRP B 67 -7.59 -4.49 3.84
N VAL B 68 -6.42 -5.11 3.93
CA VAL B 68 -5.54 -5.27 2.79
C VAL B 68 -4.97 -6.68 2.72
N GLN B 69 -4.83 -7.20 1.50
CA GLN B 69 -4.38 -8.58 1.31
C GLN B 69 -3.14 -8.61 0.41
N ASP B 70 -2.15 -9.38 0.83
CA ASP B 70 -0.96 -9.61 0.00
C ASP B 70 -1.31 -10.44 -1.23
N ALA B 71 -1.02 -9.90 -2.40
CA ALA B 71 -1.46 -10.50 -3.66
C ALA B 71 -0.90 -11.92 -3.81
N GLY B 72 0.28 -12.14 -3.25
CA GLY B 72 0.94 -13.43 -3.37
C GLY B 72 0.14 -14.55 -2.71
N GLU B 73 -0.37 -14.28 -1.51
CA GLU B 73 -1.31 -15.18 -0.87
C GLU B 73 -2.63 -15.21 -1.64
N TYR B 74 -3.05 -14.06 -2.14
CA TYR B 74 -4.37 -13.93 -2.77
C TYR B 74 -4.45 -14.79 -4.03
N LEU B 75 -3.43 -14.69 -4.87
CA LEU B 75 -3.37 -15.49 -6.09
C LEU B 75 -3.30 -16.98 -5.77
N HIS B 76 -2.57 -17.31 -4.71
CA HIS B 76 -2.46 -18.70 -4.25
C HIS B 76 -3.81 -19.22 -3.77
N MET B 77 -4.46 -18.44 -2.90
CA MET B 77 -5.71 -18.88 -2.29
C MET B 77 -6.75 -19.19 -3.33
N MET B 78 -6.81 -18.37 -4.38
CA MET B 78 -7.78 -18.57 -5.46
C MET B 78 -7.41 -19.79 -6.31
N SER B 79 -6.11 -20.00 -6.50
CA SER B 79 -5.63 -21.08 -7.36
C SER B 79 -5.95 -22.44 -6.75
N ASP B 80 -5.56 -22.63 -5.50
CA ASP B 80 -5.62 -23.94 -4.87
C ASP B 80 -6.21 -23.85 -3.47
N ASN A 16 -10.41 8.51 -0.39
CA ASN A 16 -9.17 7.75 -0.49
C ASN A 16 -8.06 8.40 0.33
N GLN A 17 -8.32 8.60 1.61
CA GLN A 17 -7.37 9.26 2.49
C GLN A 17 -6.96 8.36 3.65
N PHE A 18 -5.79 7.74 3.52
CA PHE A 18 -5.26 6.91 4.58
C PHE A 18 -3.82 6.47 4.27
N LEU A 19 -3.18 5.84 5.25
CA LEU A 19 -1.82 5.34 5.06
C LEU A 19 -1.76 3.83 5.28
N VAL A 20 -0.92 3.15 4.50
CA VAL A 20 -0.91 1.70 4.48
C VAL A 20 0.40 1.15 5.05
N VAL A 21 0.29 0.34 6.10
CA VAL A 21 1.46 -0.13 6.81
C VAL A 21 1.59 -1.65 6.71
N ARG A 22 2.75 -2.11 6.24
CA ARG A 22 2.91 -3.49 5.83
C ARG A 22 3.89 -4.23 6.75
N HIS A 23 3.37 -5.18 7.51
CA HIS A 23 4.19 -5.94 8.45
C HIS A 23 4.72 -7.22 7.81
N PRO A 24 6.02 -7.46 7.97
CA PRO A 24 6.68 -8.64 7.41
C PRO A 24 6.24 -9.94 8.08
N GLY A 25 6.03 -10.98 7.28
CA GLY A 25 5.55 -12.24 7.81
C GLY A 25 4.06 -12.23 8.06
N LYS A 26 3.43 -11.07 7.90
CA LYS A 26 2.00 -10.93 8.16
C LYS A 26 1.30 -10.31 6.96
N THR A 27 0.06 -9.86 7.18
CA THR A 27 -0.68 -9.13 6.16
C THR A 27 -0.79 -7.65 6.52
N PRO A 28 -0.91 -6.80 5.48
CA PRO A 28 -0.96 -5.34 5.66
C PRO A 28 -2.23 -4.89 6.36
N VAL A 29 -2.14 -3.77 7.07
CA VAL A 29 -3.32 -3.15 7.67
C VAL A 29 -3.40 -1.67 7.33
N ILE A 30 -4.60 -1.11 7.45
CA ILE A 30 -4.79 0.33 7.21
C ILE A 30 -4.97 1.07 8.53
N LYS A 31 -4.21 2.14 8.71
CA LYS A 31 -4.08 2.78 10.01
C LYS A 31 -4.43 4.26 9.92
N HIS A 32 -5.16 4.76 10.91
CA HIS A 32 -5.44 6.19 11.03
C HIS A 32 -4.80 6.76 12.29
N CYS A 33 -4.34 8.00 12.21
CA CYS A 33 -3.70 8.65 13.35
C CYS A 33 -4.07 10.12 13.41
N THR A 34 -3.76 10.75 14.54
CA THR A 34 -3.97 12.19 14.70
C THR A 34 -2.66 12.89 15.06
N GLY A 35 -2.70 14.21 15.13
CA GLY A 35 -1.50 14.99 15.39
C GLY A 35 -0.56 14.98 14.20
N ASP A 36 0.75 14.97 14.48
CA ASP A 36 1.75 15.03 13.43
C ASP A 36 1.90 13.67 12.74
N LEU A 37 1.69 13.67 11.43
CA LEU A 37 1.80 12.44 10.65
C LEU A 37 3.20 11.85 10.75
N GLU A 38 4.21 12.72 10.72
CA GLU A 38 5.60 12.28 10.74
C GLU A 38 5.88 11.44 11.99
N GLU A 39 5.38 11.91 13.13
CA GLU A 39 5.62 11.23 14.41
C GLU A 39 5.05 9.82 14.38
N PHE A 40 3.88 9.66 13.78
CA PHE A 40 3.25 8.35 13.64
C PHE A 40 4.13 7.41 12.81
N LEU A 41 4.62 7.93 11.68
CA LEU A 41 5.45 7.13 10.79
C LEU A 41 6.75 6.72 11.47
N ARG A 42 7.37 7.65 12.17
CA ARG A 42 8.61 7.39 12.90
C ARG A 42 8.40 6.29 13.94
N GLN A 43 7.26 6.35 14.63
CA GLN A 43 6.96 5.38 15.68
C GLN A 43 6.83 3.98 15.09
N LEU A 44 6.14 3.87 13.96
CA LEU A 44 6.01 2.59 13.26
C LEU A 44 7.38 2.07 12.81
N ILE A 45 8.20 2.97 12.29
CA ILE A 45 9.53 2.60 11.80
C ILE A 45 10.42 2.15 12.95
N GLU A 46 10.38 2.89 14.06
CA GLU A 46 11.23 2.61 15.21
C GLU A 46 10.88 1.26 15.81
N GLN A 47 9.59 0.97 15.91
CA GLN A 47 9.12 -0.28 16.49
C GLN A 47 9.24 -1.43 15.47
N ASP A 48 9.03 -1.11 14.21
CA ASP A 48 9.16 -2.10 13.13
C ASP A 48 9.87 -1.51 11.92
N PRO A 49 11.21 -1.53 11.96
CA PRO A 49 12.05 -0.93 10.91
C PRO A 49 11.95 -1.69 9.59
N LEU A 50 11.34 -2.87 9.63
CA LEU A 50 11.15 -3.68 8.43
C LEU A 50 9.80 -3.39 7.79
N VAL A 51 9.03 -2.51 8.43
CA VAL A 51 7.67 -2.21 7.98
C VAL A 51 7.68 -1.23 6.82
N THR A 52 6.78 -1.45 5.85
CA THR A 52 6.62 -0.53 4.74
C THR A 52 5.36 0.31 4.90
N ILE A 53 5.51 1.62 4.73
CA ILE A 53 4.38 2.53 4.86
C ILE A 53 4.12 3.28 3.55
N ASP A 54 2.88 3.24 3.08
CA ASP A 54 2.44 4.10 2.00
C ASP A 54 1.50 5.19 2.51
N ILE A 55 1.68 6.41 2.00
CA ILE A 55 0.73 7.49 2.25
C ILE A 55 -0.17 7.72 1.05
N ILE A 56 -1.46 7.52 1.23
CA ILE A 56 -2.42 7.61 0.14
C ILE A 56 -3.40 8.75 0.35
N THR A 57 -3.51 9.61 -0.65
CA THR A 57 -4.36 10.80 -0.55
C THR A 57 -5.07 11.08 -1.88
N HIS A 58 -5.71 12.24 -1.97
CA HIS A 58 -6.47 12.60 -3.15
C HIS A 58 -6.19 14.05 -3.56
N ARG A 59 -5.72 14.23 -4.79
CA ARG A 59 -5.45 15.56 -5.32
C ARG A 59 -5.42 15.56 -6.84
N TYR A 60 -5.40 16.74 -7.44
CA TYR A 60 -5.40 16.87 -8.89
C TYR A 60 -4.25 16.09 -9.51
N TYR A 61 -3.05 16.25 -8.94
CA TYR A 61 -1.85 15.62 -9.48
C TYR A 61 -1.63 14.26 -8.84
N GLY A 62 -1.76 13.21 -9.65
CA GLY A 62 -1.68 11.86 -9.12
C GLY A 62 -1.58 10.81 -10.21
N VAL A 63 -1.88 9.56 -9.87
CA VAL A 63 -1.77 8.46 -10.81
C VAL A 63 -3.13 8.13 -11.43
N GLY A 64 -4.15 8.04 -10.58
CA GLY A 64 -5.49 7.82 -11.07
C GLY A 64 -6.51 8.73 -10.40
N GLY A 65 -7.50 8.13 -9.74
CA GLY A 65 -8.36 8.89 -8.85
C GLY A 65 -7.71 9.14 -7.50
N GLN A 66 -6.49 8.63 -7.32
CA GLN A 66 -5.79 8.77 -6.05
C GLN A 66 -4.29 8.83 -6.27
N TRP A 67 -3.56 9.32 -5.27
CA TRP A 67 -2.10 9.37 -5.33
C TRP A 67 -1.49 8.80 -4.05
N VAL A 68 -0.27 8.30 -4.16
CA VAL A 68 0.41 7.69 -3.03
C VAL A 68 1.88 8.13 -2.97
N GLN A 69 2.38 8.31 -1.74
CA GLN A 69 3.77 8.70 -1.56
C GLN A 69 4.48 7.72 -0.64
N ASP A 70 5.72 7.36 -1.00
CA ASP A 70 6.55 6.53 -0.15
C ASP A 70 6.89 7.24 1.15
N ALA A 71 6.48 6.64 2.27
CA ALA A 71 6.61 7.29 3.57
C ALA A 71 8.07 7.61 3.89
N GLY A 72 8.98 6.77 3.39
CA GLY A 72 10.39 6.99 3.61
C GLY A 72 10.89 8.26 2.94
N GLU A 73 10.45 8.49 1.71
CA GLU A 73 10.76 9.74 1.01
C GLU A 73 10.08 10.92 1.69
N TYR A 74 8.86 10.70 2.17
CA TYR A 74 8.09 11.76 2.82
C TYR A 74 8.77 12.18 4.12
N LEU A 75 9.07 11.21 4.97
CA LEU A 75 9.58 11.50 6.31
C LEU A 75 10.93 12.20 6.24
N HIS A 76 11.75 11.81 5.26
CA HIS A 76 13.13 12.27 5.19
C HIS A 76 13.21 13.71 4.70
N MET A 77 12.06 14.27 4.35
CA MET A 77 11.98 15.67 3.95
C MET A 77 12.40 16.59 5.09
N MET A 78 12.44 16.05 6.30
CA MET A 78 12.85 16.81 7.47
C MET A 78 14.36 16.86 7.58
N SER A 79 15.04 16.14 6.69
CA SER A 79 16.50 16.09 6.69
C SER A 79 17.06 16.76 5.43
N ASP A 80 16.44 16.48 4.30
CA ASP A 80 16.90 17.01 3.02
C ASP A 80 15.93 16.64 1.90
N ASN B 16 -12.94 3.28 -1.67
CA ASN B 16 -11.62 2.75 -1.33
C ASN B 16 -11.38 1.41 -2.04
N GLN B 17 -11.51 1.41 -3.36
CA GLN B 17 -11.37 0.19 -4.14
C GLN B 17 -10.24 0.33 -5.16
N PHE B 18 -9.08 -0.24 -4.84
CA PHE B 18 -7.94 -0.24 -5.75
C PHE B 18 -6.81 -1.10 -5.21
N LEU B 19 -5.79 -1.31 -6.04
CA LEU B 19 -4.62 -2.09 -5.62
C LEU B 19 -3.36 -1.25 -5.73
N VAL B 20 -2.43 -1.46 -4.80
CA VAL B 20 -1.26 -0.60 -4.67
C VAL B 20 0.02 -1.36 -5.01
N VAL B 21 0.74 -0.86 -6.00
CA VAL B 21 1.92 -1.57 -6.52
C VAL B 21 3.19 -0.76 -6.28
N ARG B 22 4.16 -1.38 -5.62
CA ARG B 22 5.31 -0.65 -5.10
C ARG B 22 6.59 -1.07 -5.83
N HIS B 23 7.17 -0.14 -6.59
CA HIS B 23 8.37 -0.41 -7.34
C HIS B 23 9.62 -0.02 -6.55
N PRO B 24 10.60 -0.92 -6.50
CA PRO B 24 11.85 -0.71 -5.77
C PRO B 24 12.71 0.37 -6.41
N GLY B 25 13.31 1.22 -5.57
CA GLY B 25 14.11 2.31 -6.08
C GLY B 25 13.28 3.49 -6.53
N LYS B 26 11.96 3.30 -6.54
CA LYS B 26 11.05 4.34 -7.01
C LYS B 26 9.97 4.63 -5.98
N THR B 27 8.92 5.32 -6.39
CA THR B 27 7.76 5.54 -5.53
C THR B 27 6.56 4.73 -6.01
N PRO B 28 5.67 4.40 -5.06
CA PRO B 28 4.50 3.56 -5.34
C PRO B 28 3.49 4.25 -6.25
N VAL B 29 2.75 3.46 -7.02
CA VAL B 29 1.65 4.00 -7.82
C VAL B 29 0.37 3.20 -7.60
N ILE B 30 -0.76 3.81 -7.92
CA ILE B 30 -2.05 3.14 -7.82
C ILE B 30 -2.57 2.74 -9.20
N LYS B 31 -2.95 1.48 -9.35
CA LYS B 31 -3.21 0.90 -10.66
C LYS B 31 -4.61 0.30 -10.72
N HIS B 32 -5.30 0.53 -11.84
CA HIS B 32 -6.58 -0.12 -12.09
C HIS B 32 -6.49 -1.05 -13.29
N CYS B 33 -7.23 -2.16 -13.22
CA CYS B 33 -7.21 -3.14 -14.30
C CYS B 33 -8.60 -3.73 -14.53
N THR B 34 -8.77 -4.43 -15.65
CA THR B 34 -10.01 -5.13 -15.92
C THR B 34 -9.76 -6.62 -16.15
N GLY B 35 -10.83 -7.38 -16.33
CA GLY B 35 -10.72 -8.81 -16.46
C GLY B 35 -10.32 -9.48 -15.16
N ASP B 36 -9.51 -10.54 -15.25
CA ASP B 36 -9.11 -11.31 -14.08
C ASP B 36 -8.05 -10.57 -13.28
N LEU B 37 -8.35 -10.30 -12.02
CA LEU B 37 -7.41 -9.61 -11.13
C LEU B 37 -6.11 -10.39 -11.01
N GLU B 38 -6.22 -11.70 -10.90
CA GLU B 38 -5.05 -12.56 -10.70
C GLU B 38 -4.04 -12.37 -11.83
N GLU B 39 -4.55 -12.33 -13.06
CA GLU B 39 -3.70 -12.20 -14.23
C GLU B 39 -2.89 -10.90 -14.20
N PHE B 40 -3.54 -9.83 -13.75
CA PHE B 40 -2.87 -8.54 -13.61
C PHE B 40 -1.74 -8.62 -12.60
N LEU B 41 -2.01 -9.25 -11.46
CA LEU B 41 -1.01 -9.37 -10.40
C LEU B 41 0.17 -10.21 -10.86
N ARG B 42 -0.13 -11.32 -11.53
CA ARG B 42 0.91 -12.19 -12.06
C ARG B 42 1.82 -11.45 -13.04
N GLN B 43 1.20 -10.63 -13.89
CA GLN B 43 1.94 -9.87 -14.89
C GLN B 43 2.91 -8.89 -14.23
N LEU B 44 2.44 -8.20 -13.20
CA LEU B 44 3.28 -7.29 -12.44
C LEU B 44 4.43 -8.03 -11.78
N ILE B 45 4.14 -9.20 -11.21
CA ILE B 45 5.14 -9.99 -10.51
C ILE B 45 6.17 -10.54 -11.49
N GLU B 46 5.71 -11.02 -12.64
CA GLU B 46 6.59 -11.60 -13.64
C GLU B 46 7.56 -10.56 -14.19
N GLN B 47 7.04 -9.36 -14.44
CA GLN B 47 7.85 -8.29 -14.99
C GLN B 47 8.70 -7.64 -13.89
N ASP B 48 8.15 -7.56 -12.68
CA ASP B 48 8.86 -7.00 -11.55
C ASP B 48 8.63 -7.84 -10.30
N PRO B 49 9.44 -8.90 -10.14
CA PRO B 49 9.30 -9.85 -9.04
C PRO B 49 9.67 -9.22 -7.69
N LEU B 50 10.26 -8.04 -7.74
CA LEU B 50 10.63 -7.32 -6.52
C LEU B 50 9.51 -6.37 -6.10
N VAL B 51 8.46 -6.31 -6.89
CA VAL B 51 7.36 -5.37 -6.66
C VAL B 51 6.43 -5.88 -5.57
N THR B 52 5.94 -4.97 -4.73
CA THR B 52 4.95 -5.31 -3.71
C THR B 52 3.56 -4.81 -4.11
N ILE B 53 2.58 -5.71 -4.03
CA ILE B 53 1.21 -5.35 -4.36
C ILE B 53 0.28 -5.50 -3.16
N ASP B 54 -0.48 -4.45 -2.88
CA ASP B 54 -1.58 -4.54 -1.92
C ASP B 54 -2.92 -4.47 -2.64
N ILE B 55 -3.87 -5.30 -2.20
CA ILE B 55 -5.24 -5.21 -2.65
C ILE B 55 -6.12 -4.55 -1.60
N ILE B 56 -6.70 -3.40 -1.95
CA ILE B 56 -7.47 -2.61 -1.00
C ILE B 56 -8.94 -2.53 -1.44
N THR B 57 -9.83 -2.88 -0.52
CA THR B 57 -11.26 -2.91 -0.82
C THR B 57 -12.08 -2.42 0.37
N HIS B 58 -13.39 -2.59 0.28
CA HIS B 58 -14.30 -2.12 1.33
C HIS B 58 -15.34 -3.18 1.66
N ARG B 59 -15.39 -3.58 2.93
CA ARG B 59 -16.37 -4.55 3.39
C ARG B 59 -16.56 -4.46 4.90
N TYR B 60 -17.58 -5.15 5.41
CA TYR B 60 -17.88 -5.12 6.83
C TYR B 60 -16.66 -5.53 7.66
N TYR B 61 -16.03 -6.62 7.26
CA TYR B 61 -14.90 -7.17 8.00
C TYR B 61 -13.59 -6.58 7.50
N GLY B 62 -12.93 -5.78 8.35
CA GLY B 62 -11.73 -5.08 7.94
C GLY B 62 -10.98 -4.47 9.10
N VAL B 63 -10.12 -3.51 8.81
CA VAL B 63 -9.31 -2.87 9.84
C VAL B 63 -9.92 -1.54 10.28
N GLY B 64 -10.32 -0.73 9.30
CA GLY B 64 -11.01 0.51 9.61
C GLY B 64 -12.23 0.73 8.75
N GLY B 65 -12.24 1.84 8.01
CA GLY B 65 -13.22 2.01 6.95
C GLY B 65 -12.86 1.24 5.69
N GLN B 66 -11.72 0.57 5.72
CA GLN B 66 -11.24 -0.17 4.55
C GLN B 66 -10.43 -1.40 4.97
N TRP B 67 -10.27 -2.34 4.06
CA TRP B 67 -9.46 -3.53 4.31
C TRP B 67 -8.47 -3.77 3.18
N VAL B 68 -7.37 -4.45 3.49
CA VAL B 68 -6.34 -4.71 2.51
C VAL B 68 -5.82 -6.14 2.62
N GLN B 69 -5.50 -6.73 1.47
CA GLN B 69 -4.97 -8.10 1.45
C GLN B 69 -3.64 -8.15 0.72
N ASP B 70 -2.69 -8.90 1.27
CA ASP B 70 -1.41 -9.12 0.61
C ASP B 70 -1.60 -9.91 -0.68
N ALA B 71 -1.21 -9.31 -1.80
CA ALA B 71 -1.47 -9.89 -3.12
C ALA B 71 -0.83 -11.27 -3.25
N GLY B 72 0.30 -11.45 -2.58
CA GLY B 72 0.98 -12.73 -2.60
C GLY B 72 0.16 -13.84 -1.98
N GLU B 73 -0.45 -13.55 -0.83
CA GLU B 73 -1.36 -14.48 -0.19
C GLU B 73 -2.62 -14.69 -1.04
N TYR B 74 -3.08 -13.62 -1.65
CA TYR B 74 -4.28 -13.68 -2.49
C TYR B 74 -4.05 -14.56 -3.71
N LEU B 75 -2.98 -14.29 -4.44
CA LEU B 75 -2.72 -14.96 -5.71
C LEU B 75 -2.51 -16.46 -5.49
N HIS B 76 -1.85 -16.80 -4.39
CA HIS B 76 -1.41 -18.18 -4.16
C HIS B 76 -2.59 -19.07 -3.77
N MET B 77 -3.76 -18.46 -3.63
CA MET B 77 -4.98 -19.20 -3.33
C MET B 77 -5.31 -20.17 -4.47
N MET B 78 -4.69 -19.96 -5.62
CA MET B 78 -4.90 -20.82 -6.77
C MET B 78 -4.03 -22.08 -6.67
N SER B 79 -3.19 -22.13 -5.65
CA SER B 79 -2.30 -23.26 -5.44
C SER B 79 -2.68 -24.02 -4.17
N ASP B 80 -2.99 -23.27 -3.12
CA ASP B 80 -3.31 -23.87 -1.83
C ASP B 80 -3.74 -22.80 -0.83
N ASN A 16 -4.28 11.45 3.45
CA ASN A 16 -3.29 11.72 4.49
C ASN A 16 -3.26 10.59 5.52
N GLN A 17 -4.32 10.46 6.29
CA GLN A 17 -4.38 9.49 7.38
C GLN A 17 -4.67 8.09 6.84
N PHE A 18 -4.71 7.97 5.51
CA PHE A 18 -4.88 6.67 4.87
C PHE A 18 -3.54 6.11 4.41
N LEU A 19 -2.94 5.27 5.25
CA LEU A 19 -1.60 4.77 4.99
C LEU A 19 -1.55 3.25 5.10
N VAL A 20 -0.75 2.62 4.25
CA VAL A 20 -0.59 1.17 4.28
C VAL A 20 0.74 0.77 4.89
N VAL A 21 0.69 0.02 5.99
CA VAL A 21 1.89 -0.31 6.76
C VAL A 21 2.11 -1.81 6.82
N ARG A 22 3.30 -2.25 6.44
CA ARG A 22 3.63 -3.66 6.44
C ARG A 22 4.58 -4.00 7.57
N HIS A 23 4.14 -4.89 8.47
CA HIS A 23 4.98 -5.35 9.57
C HIS A 23 5.88 -6.49 9.12
N PRO A 24 7.11 -6.52 9.66
CA PRO A 24 8.11 -7.53 9.28
C PRO A 24 7.72 -8.93 9.75
N GLY A 25 6.98 -9.63 8.91
CA GLY A 25 6.65 -11.03 9.20
C GLY A 25 5.15 -11.26 9.29
N LYS A 26 4.38 -10.19 9.13
CA LYS A 26 2.93 -10.28 9.22
C LYS A 26 2.28 -9.82 7.91
N THR A 27 0.96 -9.64 7.94
CA THR A 27 0.23 -9.10 6.80
C THR A 27 0.02 -7.60 6.93
N PRO A 28 -0.10 -6.91 5.79
CA PRO A 28 -0.22 -5.44 5.76
C PRO A 28 -1.55 -4.97 6.33
N VAL A 29 -1.52 -3.83 7.01
CA VAL A 29 -2.73 -3.22 7.55
C VAL A 29 -2.80 -1.74 7.22
N ILE A 30 -4.01 -1.18 7.26
CA ILE A 30 -4.19 0.25 7.08
C ILE A 30 -4.51 0.95 8.40
N LYS A 31 -3.76 1.99 8.72
CA LYS A 31 -3.77 2.56 10.05
C LYS A 31 -4.12 4.04 10.01
N HIS A 32 -4.88 4.49 11.01
CA HIS A 32 -5.10 5.92 11.22
C HIS A 32 -4.41 6.39 12.50
N CYS A 33 -3.88 7.61 12.45
CA CYS A 33 -3.30 8.22 13.64
C CYS A 33 -4.37 8.94 14.47
N THR A 34 -4.05 9.20 15.73
CA THR A 34 -4.91 10.01 16.59
C THR A 34 -4.28 11.36 16.90
N GLY A 35 -2.96 11.44 16.75
CA GLY A 35 -2.27 12.69 16.95
C GLY A 35 -1.63 13.22 15.68
N ASP A 36 -0.38 13.67 15.79
CA ASP A 36 0.37 14.12 14.63
C ASP A 36 0.77 12.93 13.75
N LEU A 37 0.40 12.98 12.48
CA LEU A 37 0.63 11.88 11.57
C LEU A 37 2.13 11.56 11.48
N GLU A 38 2.94 12.60 11.42
CA GLU A 38 4.40 12.44 11.35
C GLU A 38 4.91 11.65 12.55
N GLU A 39 4.40 11.99 13.73
CA GLU A 39 4.78 11.28 14.95
C GLU A 39 4.41 9.80 14.86
N PHE A 40 3.25 9.53 14.26
CA PHE A 40 2.79 8.15 14.09
C PHE A 40 3.77 7.36 13.23
N LEU A 41 4.19 7.95 12.12
CA LEU A 41 5.14 7.31 11.21
C LEU A 41 6.49 7.11 11.91
N ARG A 42 6.94 8.13 12.63
CA ARG A 42 8.21 8.06 13.34
C ARG A 42 8.19 6.93 14.37
N GLN A 43 7.07 6.79 15.07
CA GLN A 43 6.95 5.80 16.12
C GLN A 43 7.06 4.38 15.55
N LEU A 44 6.40 4.16 14.42
CA LEU A 44 6.50 2.87 13.72
C LEU A 44 7.94 2.60 13.28
N ILE A 45 8.59 3.63 12.75
CA ILE A 45 9.96 3.49 12.26
C ILE A 45 10.92 3.22 13.41
N GLU A 46 10.75 3.98 14.50
CA GLU A 46 11.68 3.90 15.63
C GLU A 46 11.59 2.55 16.33
N GLN A 47 10.37 2.07 16.51
CA GLN A 47 10.14 0.80 17.20
C GLN A 47 10.34 -0.37 16.26
N ASP A 48 9.93 -0.19 15.00
CA ASP A 48 9.98 -1.26 14.02
C ASP A 48 10.57 -0.76 12.70
N PRO A 49 11.89 -0.64 12.64
CA PRO A 49 12.58 0.02 11.51
C PRO A 49 12.52 -0.82 10.24
N LEU A 50 11.99 -2.04 10.36
CA LEU A 50 11.84 -2.92 9.21
C LEU A 50 10.49 -2.70 8.53
N VAL A 51 9.71 -1.78 9.07
CA VAL A 51 8.39 -1.48 8.53
C VAL A 51 8.49 -0.55 7.32
N THR A 52 7.69 -0.82 6.30
CA THR A 52 7.48 0.12 5.21
C THR A 52 6.07 0.68 5.22
N ILE A 53 5.95 1.99 5.13
CA ILE A 53 4.65 2.65 5.18
C ILE A 53 4.37 3.42 3.89
N ASP A 54 3.21 3.16 3.31
CA ASP A 54 2.75 3.91 2.13
C ASP A 54 1.64 4.88 2.50
N ILE A 55 1.81 6.14 2.14
CA ILE A 55 0.81 7.16 2.44
C ILE A 55 0.00 7.53 1.20
N ILE A 56 -1.31 7.38 1.29
CA ILE A 56 -2.16 7.41 0.11
C ILE A 56 -3.10 8.62 0.14
N THR A 57 -3.15 9.35 -0.98
CA THR A 57 -3.97 10.55 -1.07
C THR A 57 -4.71 10.61 -2.40
N HIS A 58 -5.32 11.75 -2.68
CA HIS A 58 -6.18 11.89 -3.85
C HIS A 58 -5.68 13.01 -4.77
N ARG A 59 -4.40 12.96 -5.09
CA ARG A 59 -3.79 13.96 -5.96
C ARG A 59 -2.90 13.31 -7.01
N TYR A 60 -2.29 14.13 -7.85
CA TYR A 60 -1.33 13.65 -8.83
C TYR A 60 -1.96 12.61 -9.75
N TYR A 61 -3.05 12.99 -10.41
CA TYR A 61 -3.80 12.07 -11.25
C TYR A 61 -3.09 11.83 -12.57
N GLY A 62 -3.37 10.68 -13.19
CA GLY A 62 -2.74 10.34 -14.45
C GLY A 62 -2.31 8.89 -14.51
N VAL A 63 -2.11 8.28 -13.34
CA VAL A 63 -1.84 6.86 -13.26
C VAL A 63 -3.08 6.09 -12.82
N GLY A 64 -3.76 6.61 -11.80
CA GLY A 64 -4.99 5.99 -11.34
C GLY A 64 -5.87 6.95 -10.58
N GLY A 65 -6.91 6.42 -9.92
CA GLY A 65 -7.82 7.26 -9.17
C GLY A 65 -7.24 7.72 -7.86
N GLN A 66 -6.09 7.15 -7.48
CA GLN A 66 -5.43 7.52 -6.23
C GLN A 66 -3.91 7.52 -6.40
N TRP A 67 -3.22 8.25 -5.54
CA TRP A 67 -1.77 8.35 -5.62
C TRP A 67 -1.14 8.14 -4.24
N VAL A 68 0.10 7.67 -4.22
CA VAL A 68 0.71 7.19 -2.99
C VAL A 68 2.17 7.65 -2.89
N GLN A 69 2.60 7.97 -1.68
CA GLN A 69 3.99 8.33 -1.43
C GLN A 69 4.60 7.46 -0.34
N ASP A 70 5.83 7.02 -0.55
CA ASP A 70 6.59 6.34 0.49
C ASP A 70 6.79 7.25 1.71
N ALA A 71 6.54 6.71 2.89
CA ALA A 71 6.57 7.51 4.11
C ALA A 71 7.93 8.16 4.32
N GLY A 72 8.97 7.51 3.80
CA GLY A 72 10.31 8.06 3.92
C GLY A 72 10.47 9.39 3.21
N GLU A 73 9.91 9.48 2.01
CA GLU A 73 9.87 10.74 1.28
C GLU A 73 8.98 11.75 2.00
N TYR A 74 7.87 11.27 2.55
CA TYR A 74 6.91 12.15 3.22
C TYR A 74 7.53 12.77 4.46
N LEU A 75 8.05 11.93 5.35
CA LEU A 75 8.50 12.37 6.65
C LEU A 75 9.66 13.36 6.52
N HIS A 76 10.53 13.11 5.54
CA HIS A 76 11.68 13.99 5.30
C HIS A 76 11.23 15.44 5.21
N MET A 77 10.06 15.67 4.62
CA MET A 77 9.58 17.02 4.38
C MET A 77 9.42 17.79 5.69
N MET A 78 9.08 17.06 6.76
CA MET A 78 8.86 17.68 8.06
C MET A 78 10.06 17.48 8.97
N SER A 79 11.21 18.01 8.56
CA SER A 79 12.44 17.87 9.32
C SER A 79 13.09 19.23 9.56
N ASP A 80 12.36 20.29 9.25
CA ASP A 80 12.88 21.64 9.41
C ASP A 80 11.75 22.64 9.65
N ASN B 16 -11.17 -3.65 -4.81
CA ASN B 16 -10.66 -4.67 -5.73
C ASN B 16 -9.60 -4.10 -6.65
N GLN B 17 -10.02 -3.22 -7.56
CA GLN B 17 -9.11 -2.67 -8.56
C GLN B 17 -8.25 -1.57 -7.97
N PHE B 18 -8.35 -1.37 -6.66
CA PHE B 18 -7.51 -0.41 -5.97
C PHE B 18 -6.34 -1.12 -5.28
N LEU B 19 -5.20 -1.16 -5.96
CA LEU B 19 -4.05 -1.92 -5.49
C LEU B 19 -2.79 -1.05 -5.48
N VAL B 20 -1.93 -1.26 -4.49
CA VAL B 20 -0.68 -0.52 -4.39
C VAL B 20 0.50 -1.40 -4.79
N VAL B 21 1.22 -0.99 -5.82
CA VAL B 21 2.28 -1.80 -6.39
C VAL B 21 3.63 -1.09 -6.32
N ARG B 22 4.61 -1.75 -5.74
CA ARG B 22 5.95 -1.16 -5.59
C ARG B 22 6.93 -1.81 -6.56
N HIS B 23 7.51 -0.99 -7.44
CA HIS B 23 8.52 -1.47 -8.38
C HIS B 23 9.89 -1.47 -7.73
N PRO B 24 10.72 -2.47 -8.09
CA PRO B 24 12.05 -2.64 -7.51
C PRO B 24 13.01 -1.53 -7.92
N GLY B 25 13.03 -0.45 -7.14
CA GLY B 25 13.98 0.61 -7.37
C GLY B 25 13.30 1.94 -7.67
N LYS B 26 11.98 1.93 -7.70
CA LYS B 26 11.21 3.14 -7.97
C LYS B 26 10.29 3.48 -6.81
N THR B 27 9.38 4.42 -7.03
CA THR B 27 8.36 4.76 -6.04
C THR B 27 7.05 4.03 -6.32
N PRO B 28 6.28 3.79 -5.25
CA PRO B 28 5.03 3.02 -5.33
C PRO B 28 3.95 3.75 -6.12
N VAL B 29 3.15 3.00 -6.87
CA VAL B 29 2.04 3.57 -7.61
C VAL B 29 0.76 2.76 -7.40
N ILE B 30 -0.38 3.39 -7.65
CA ILE B 30 -1.66 2.70 -7.59
C ILE B 30 -2.22 2.46 -8.99
N LYS B 31 -2.57 1.21 -9.27
CA LYS B 31 -2.85 0.78 -10.64
C LYS B 31 -4.25 0.18 -10.75
N HIS B 32 -4.91 0.45 -11.87
CA HIS B 32 -6.15 -0.24 -12.21
C HIS B 32 -5.96 -1.16 -13.41
N CYS B 33 -6.61 -2.31 -13.39
CA CYS B 33 -6.60 -3.23 -14.52
C CYS B 33 -7.68 -2.86 -15.53
N THR B 34 -7.53 -3.37 -16.76
CA THR B 34 -8.55 -3.21 -17.77
C THR B 34 -9.23 -4.54 -18.09
N GLY B 35 -8.54 -5.62 -17.76
CA GLY B 35 -9.11 -6.95 -17.96
C GLY B 35 -9.34 -7.68 -16.65
N ASP B 36 -8.96 -8.95 -16.62
CA ASP B 36 -9.03 -9.75 -15.39
C ASP B 36 -7.97 -9.30 -14.39
N LEU B 37 -8.42 -8.94 -13.19
CA LEU B 37 -7.51 -8.41 -12.17
C LEU B 37 -6.40 -9.41 -11.85
N GLU B 38 -6.77 -10.68 -11.75
CA GLU B 38 -5.81 -11.73 -11.47
C GLU B 38 -4.70 -11.76 -12.53
N GLU B 39 -5.10 -11.63 -13.79
CA GLU B 39 -4.14 -11.60 -14.89
C GLU B 39 -3.19 -10.42 -14.75
N PHE B 40 -3.73 -9.28 -14.32
CA PHE B 40 -2.93 -8.08 -14.10
C PHE B 40 -1.84 -8.33 -13.06
N LEU B 41 -2.22 -8.94 -11.94
CA LEU B 41 -1.28 -9.26 -10.88
C LEU B 41 -0.24 -10.26 -11.36
N ARG B 42 -0.69 -11.28 -12.08
CA ARG B 42 0.21 -12.31 -12.60
C ARG B 42 1.25 -11.69 -13.53
N GLN B 43 0.79 -10.77 -14.38
CA GLN B 43 1.67 -10.15 -15.36
C GLN B 43 2.79 -9.36 -14.68
N LEU B 44 2.43 -8.61 -13.64
CA LEU B 44 3.41 -7.88 -12.85
C LEU B 44 4.41 -8.82 -12.19
N ILE B 45 3.89 -9.92 -11.65
CA ILE B 45 4.73 -10.91 -10.97
C ILE B 45 5.67 -11.60 -11.95
N GLU B 46 5.12 -11.99 -13.11
CA GLU B 46 5.88 -12.77 -14.07
C GLU B 46 7.01 -11.94 -14.69
N GLN B 47 6.71 -10.69 -15.01
CA GLN B 47 7.68 -9.80 -15.64
C GLN B 47 8.61 -9.19 -14.58
N ASP B 48 8.04 -8.88 -13.42
CA ASP B 48 8.80 -8.22 -12.36
C ASP B 48 8.54 -8.89 -11.02
N PRO B 49 9.21 -10.03 -10.78
CA PRO B 49 8.94 -10.88 -9.62
C PRO B 49 9.40 -10.24 -8.32
N LEU B 50 10.07 -9.10 -8.42
CA LEU B 50 10.53 -8.37 -7.24
C LEU B 50 9.47 -7.38 -6.77
N VAL B 51 8.35 -7.35 -7.49
CA VAL B 51 7.26 -6.43 -7.15
C VAL B 51 6.41 -6.98 -6.01
N THR B 52 6.03 -6.10 -5.10
CA THR B 52 5.00 -6.42 -4.11
C THR B 52 3.73 -5.62 -4.35
N ILE B 53 2.59 -6.30 -4.37
CA ILE B 53 1.32 -5.66 -4.65
C ILE B 53 0.36 -5.81 -3.48
N ASP B 54 -0.19 -4.68 -3.03
CA ASP B 54 -1.22 -4.69 -2.00
C ASP B 54 -2.59 -4.40 -2.60
N ILE B 55 -3.55 -5.26 -2.29
CA ILE B 55 -4.91 -5.09 -2.79
C ILE B 55 -5.86 -4.58 -1.71
N ILE B 56 -6.49 -3.45 -1.97
CA ILE B 56 -7.18 -2.70 -0.93
C ILE B 56 -8.69 -2.68 -1.18
N THR B 57 -9.45 -2.99 -0.14
CA THR B 57 -10.91 -3.04 -0.24
C THR B 57 -11.57 -2.40 0.97
N HIS B 58 -12.88 -2.57 1.08
CA HIS B 58 -13.66 -1.87 2.10
C HIS B 58 -14.38 -2.88 3.00
N ARG B 59 -13.64 -3.85 3.50
CA ARG B 59 -14.21 -4.87 4.37
C ARG B 59 -13.32 -5.12 5.58
N TYR B 60 -13.73 -6.04 6.45
CA TYR B 60 -12.91 -6.45 7.58
C TYR B 60 -12.59 -5.27 8.48
N TYR B 61 -13.63 -4.57 8.94
CA TYR B 61 -13.44 -3.36 9.73
C TYR B 61 -13.02 -3.70 11.15
N GLY B 62 -12.35 -2.74 11.80
CA GLY B 62 -11.88 -2.97 13.16
C GLY B 62 -10.48 -2.43 13.39
N VAL B 63 -9.72 -2.32 12.30
CA VAL B 63 -8.41 -1.68 12.36
C VAL B 63 -8.45 -0.26 11.80
N GLY B 64 -9.13 -0.10 10.67
CA GLY B 64 -9.28 1.21 10.08
C GLY B 64 -10.47 1.30 9.15
N GLY B 65 -10.56 2.38 8.38
CA GLY B 65 -11.65 2.56 7.46
C GLY B 65 -11.49 1.74 6.20
N GLN B 66 -10.33 1.14 6.03
CA GLN B 66 -10.06 0.30 4.87
C GLN B 66 -9.20 -0.90 5.25
N TRP B 67 -9.25 -1.95 4.44
CA TRP B 67 -8.50 -3.16 4.71
C TRP B 67 -7.77 -3.65 3.45
N VAL B 68 -6.67 -4.35 3.64
CA VAL B 68 -5.75 -4.65 2.55
C VAL B 68 -5.25 -6.09 2.62
N GLN B 69 -5.09 -6.72 1.46
CA GLN B 69 -4.53 -8.06 1.38
C GLN B 69 -3.33 -8.09 0.44
N ASP B 70 -2.29 -8.81 0.86
CA ASP B 70 -1.16 -9.08 -0.01
C ASP B 70 -1.59 -9.87 -1.24
N ALA B 71 -1.14 -9.44 -2.41
CA ALA B 71 -1.60 -10.01 -3.67
C ALA B 71 -1.29 -11.51 -3.73
N GLY B 72 -0.24 -11.93 -3.04
CA GLY B 72 0.13 -13.32 -3.00
C GLY B 72 -0.94 -14.19 -2.37
N GLU B 73 -1.51 -13.71 -1.28
CA GLU B 73 -2.64 -14.38 -0.64
C GLU B 73 -3.87 -14.33 -1.55
N TYR B 74 -4.06 -13.20 -2.20
CA TYR B 74 -5.23 -12.99 -3.07
C TYR B 74 -5.20 -13.95 -4.26
N LEU B 75 -4.09 -13.92 -4.99
CA LEU B 75 -4.00 -14.65 -6.25
C LEU B 75 -4.13 -16.15 -6.03
N HIS B 76 -3.57 -16.64 -4.93
CA HIS B 76 -3.63 -18.06 -4.59
C HIS B 76 -5.06 -18.56 -4.68
N MET B 77 -6.01 -17.72 -4.27
CA MET B 77 -7.41 -18.12 -4.20
C MET B 77 -7.93 -18.54 -5.57
N MET B 78 -7.40 -17.92 -6.61
CA MET B 78 -7.85 -18.19 -7.97
C MET B 78 -6.85 -19.10 -8.69
N SER B 79 -6.67 -20.30 -8.16
CA SER B 79 -5.72 -21.25 -8.74
C SER B 79 -6.39 -22.61 -8.97
N ASP B 80 -7.71 -22.63 -8.85
CA ASP B 80 -8.47 -23.86 -9.02
C ASP B 80 -9.89 -23.57 -9.49
N ASN A 16 -3.40 11.03 2.50
CA ASN A 16 -3.36 11.99 3.59
C ASN A 16 -3.77 11.35 4.91
N GLN A 17 -5.00 10.84 4.96
CA GLN A 17 -5.50 10.16 6.15
C GLN A 17 -5.60 8.67 5.94
N PHE A 18 -4.93 8.18 4.89
CA PHE A 18 -4.86 6.75 4.62
C PHE A 18 -3.43 6.30 4.37
N LEU A 19 -2.87 5.54 5.30
CA LEU A 19 -1.57 4.91 5.09
C LEU A 19 -1.63 3.41 5.39
N VAL A 20 -0.90 2.63 4.60
CA VAL A 20 -0.82 1.19 4.81
C VAL A 20 0.57 0.78 5.28
N VAL A 21 0.62 0.05 6.39
CA VAL A 21 1.89 -0.25 7.03
C VAL A 21 2.19 -1.75 6.98
N ARG A 22 3.38 -2.08 6.49
CA ARG A 22 3.69 -3.46 6.13
C ARG A 22 4.60 -4.11 7.17
N HIS A 23 4.06 -5.07 7.91
CA HIS A 23 4.82 -5.74 8.97
C HIS A 23 5.52 -6.97 8.43
N PRO A 24 6.74 -7.24 8.95
CA PRO A 24 7.51 -8.42 8.59
C PRO A 24 6.93 -9.70 9.22
N GLY A 25 5.72 -10.05 8.80
CA GLY A 25 5.03 -11.18 9.40
C GLY A 25 3.53 -10.97 9.46
N LYS A 26 2.78 -12.07 9.56
CA LYS A 26 1.33 -12.02 9.52
C LYS A 26 0.84 -11.25 8.30
N THR A 27 -0.02 -10.26 8.53
CA THR A 27 -0.59 -9.47 7.44
C THR A 27 -0.36 -7.98 7.68
N PRO A 28 -0.27 -7.22 6.59
CA PRO A 28 -0.23 -5.75 6.65
C PRO A 28 -1.55 -5.14 7.09
N VAL A 29 -1.48 -3.96 7.71
CA VAL A 29 -2.67 -3.28 8.20
C VAL A 29 -2.72 -1.84 7.71
N ILE A 30 -3.92 -1.27 7.72
CA ILE A 30 -4.11 0.11 7.28
C ILE A 30 -4.35 1.03 8.47
N LYS A 31 -3.65 2.15 8.49
CA LYS A 31 -3.59 3.00 9.68
C LYS A 31 -4.16 4.39 9.39
N HIS A 32 -4.94 4.91 10.33
CA HIS A 32 -5.57 6.21 10.15
C HIS A 32 -5.26 7.13 11.33
N CYS A 33 -5.09 8.42 11.04
CA CYS A 33 -4.96 9.42 12.08
C CYS A 33 -5.45 10.78 11.60
N THR A 34 -5.68 11.70 12.53
CA THR A 34 -6.03 13.07 12.20
C THR A 34 -4.95 14.05 12.68
N GLY A 35 -3.93 13.51 13.33
CA GLY A 35 -2.84 14.34 13.81
C GLY A 35 -1.68 14.39 12.84
N ASP A 36 -0.50 14.73 13.36
CA ASP A 36 0.68 14.87 12.52
C ASP A 36 1.22 13.50 12.10
N LEU A 37 1.36 13.31 10.78
CA LEU A 37 1.82 12.03 10.25
C LEU A 37 3.21 11.69 10.78
N GLU A 38 4.08 12.69 10.84
CA GLU A 38 5.49 12.46 11.10
C GLU A 38 5.68 11.74 12.44
N GLU A 39 4.98 12.20 13.46
CA GLU A 39 5.02 11.56 14.78
C GLU A 39 4.47 10.14 14.71
N PHE A 40 3.38 9.97 13.99
CA PHE A 40 2.74 8.67 13.85
C PHE A 40 3.66 7.69 13.13
N LEU A 41 4.22 8.13 12.01
CA LEU A 41 5.09 7.28 11.20
C LEU A 41 6.35 6.91 11.97
N ARG A 42 6.95 7.90 12.64
CA ARG A 42 8.16 7.67 13.42
C ARG A 42 7.93 6.63 14.50
N GLN A 43 6.77 6.71 15.16
CA GLN A 43 6.42 5.76 16.21
C GLN A 43 6.29 4.36 15.66
N LEU A 44 5.64 4.23 14.50
CA LEU A 44 5.52 2.95 13.82
C LEU A 44 6.88 2.42 13.42
N ILE A 45 7.74 3.30 12.91
CA ILE A 45 9.08 2.91 12.51
C ILE A 45 9.92 2.52 13.72
N GLU A 46 9.80 3.29 14.80
CA GLU A 46 10.60 3.06 16.00
C GLU A 46 10.30 1.70 16.60
N GLN A 47 9.02 1.33 16.63
CA GLN A 47 8.60 0.05 17.17
C GLN A 47 8.87 -1.07 16.18
N ASP A 48 8.78 -0.76 14.90
CA ASP A 48 9.06 -1.74 13.84
C ASP A 48 9.90 -1.11 12.74
N PRO A 49 11.23 -1.18 12.92
CA PRO A 49 12.18 -0.55 12.00
C PRO A 49 12.24 -1.25 10.65
N LEU A 50 11.58 -2.40 10.55
CA LEU A 50 11.53 -3.15 9.30
C LEU A 50 10.26 -2.80 8.52
N VAL A 51 9.41 -1.99 9.11
CA VAL A 51 8.07 -1.75 8.58
C VAL A 51 8.10 -0.75 7.43
N THR A 52 7.28 -1.01 6.41
CA THR A 52 7.12 -0.06 5.32
C THR A 52 5.76 0.63 5.39
N ILE A 53 5.76 1.94 5.27
CA ILE A 53 4.52 2.72 5.26
C ILE A 53 4.35 3.46 3.93
N ASP A 54 3.21 3.24 3.29
CA ASP A 54 2.85 4.00 2.10
C ASP A 54 1.69 4.95 2.39
N ILE A 55 1.84 6.20 1.98
CA ILE A 55 0.82 7.22 2.22
C ILE A 55 -0.03 7.43 0.98
N ILE A 56 -1.35 7.33 1.14
CA ILE A 56 -2.27 7.38 0.01
C ILE A 56 -3.09 8.67 0.04
N THR A 57 -3.10 9.37 -1.09
CA THR A 57 -3.89 10.60 -1.21
C THR A 57 -4.77 10.56 -2.47
N HIS A 58 -6.05 10.84 -2.29
CA HIS A 58 -6.96 10.94 -3.42
C HIS A 58 -6.82 12.28 -4.13
N ARG A 59 -6.76 12.25 -5.45
CA ARG A 59 -6.58 13.46 -6.25
C ARG A 59 -7.62 13.55 -7.36
N TYR A 60 -7.56 14.62 -8.13
CA TYR A 60 -8.34 14.72 -9.36
C TYR A 60 -7.47 14.49 -10.59
N TYR A 61 -6.25 14.03 -10.36
CA TYR A 61 -5.27 13.89 -11.43
C TYR A 61 -4.16 12.91 -11.03
N GLY A 62 -3.33 12.55 -12.00
CA GLY A 62 -2.20 11.68 -11.72
C GLY A 62 -2.53 10.22 -11.94
N VAL A 63 -1.81 9.34 -11.24
CA VAL A 63 -1.88 7.91 -11.50
C VAL A 63 -3.26 7.35 -11.16
N GLY A 64 -4.15 7.36 -12.14
CA GLY A 64 -5.50 6.87 -11.92
C GLY A 64 -6.34 7.83 -11.10
N GLY A 65 -5.84 9.05 -10.92
CA GLY A 65 -6.53 10.02 -10.09
C GLY A 65 -6.15 9.89 -8.62
N GLN A 66 -5.21 8.99 -8.34
CA GLN A 66 -4.78 8.76 -6.96
C GLN A 66 -3.27 8.58 -6.90
N TRP A 67 -2.68 8.89 -5.75
CA TRP A 67 -1.23 8.96 -5.62
C TRP A 67 -0.78 8.28 -4.32
N VAL A 68 0.47 7.82 -4.30
CA VAL A 68 1.05 7.24 -3.10
C VAL A 68 2.45 7.81 -2.84
N GLN A 69 2.77 8.02 -1.57
CA GLN A 69 4.08 8.53 -1.19
C GLN A 69 4.73 7.62 -0.15
N ASP A 70 5.99 7.29 -0.37
CA ASP A 70 6.77 6.54 0.61
C ASP A 70 7.00 7.36 1.87
N ALA A 71 6.79 6.75 3.02
CA ALA A 71 6.89 7.45 4.30
C ALA A 71 8.29 8.02 4.49
N GLY A 72 9.29 7.33 3.95
CA GLY A 72 10.66 7.81 4.02
C GLY A 72 10.85 9.08 3.22
N GLU A 73 10.25 9.14 2.03
CA GLU A 73 10.29 10.34 1.21
C GLU A 73 9.51 11.47 1.88
N TYR A 74 8.38 11.13 2.48
CA TYR A 74 7.53 12.11 3.15
C TYR A 74 8.22 12.69 4.38
N LEU A 75 8.73 11.80 5.23
CA LEU A 75 9.15 12.18 6.57
C LEU A 75 10.31 13.19 6.52
N HIS A 76 11.20 13.00 5.55
CA HIS A 76 12.44 13.76 5.51
C HIS A 76 12.27 15.03 4.66
N MET A 77 11.03 15.50 4.55
CA MET A 77 10.73 16.74 3.84
C MET A 77 10.81 17.93 4.79
N MET A 78 10.96 17.65 6.08
CA MET A 78 10.85 18.68 7.10
C MET A 78 11.86 19.79 6.87
N SER A 79 11.38 21.03 6.81
CA SER A 79 12.25 22.18 6.63
C SER A 79 13.17 21.98 5.43
N ASP A 80 12.64 21.38 4.37
CA ASP A 80 13.37 21.24 3.12
C ASP A 80 12.62 21.89 1.97
N ASN B 16 -10.46 -4.03 -3.73
CA ASN B 16 -11.06 -4.71 -4.86
C ASN B 16 -10.59 -4.09 -6.18
N GLN B 17 -10.89 -2.81 -6.36
CA GLN B 17 -10.49 -2.10 -7.57
C GLN B 17 -9.37 -1.10 -7.24
N PHE B 18 -8.74 -1.27 -6.10
CA PHE B 18 -7.59 -0.46 -5.72
C PHE B 18 -6.43 -1.33 -5.23
N LEU B 19 -5.36 -1.38 -6.02
CA LEU B 19 -4.13 -2.03 -5.60
C LEU B 19 -2.93 -1.12 -5.79
N VAL B 20 -1.99 -1.18 -4.86
CA VAL B 20 -0.77 -0.39 -4.96
C VAL B 20 0.45 -1.28 -5.18
N VAL B 21 1.21 -0.98 -6.23
CA VAL B 21 2.28 -1.85 -6.67
C VAL B 21 3.65 -1.21 -6.47
N ARG B 22 4.54 -1.92 -5.79
CA ARG B 22 5.78 -1.32 -5.30
C ARG B 22 6.97 -1.74 -6.15
N HIS B 23 7.54 -0.78 -6.88
CA HIS B 23 8.65 -1.05 -7.78
C HIS B 23 9.98 -0.85 -7.07
N PRO B 24 10.97 -1.70 -7.39
CA PRO B 24 12.32 -1.58 -6.85
C PRO B 24 13.09 -0.41 -7.46
N GLY B 25 12.61 0.80 -7.19
CA GLY B 25 13.19 1.98 -7.80
C GLY B 25 12.16 3.06 -8.08
N LYS B 26 12.62 4.29 -8.21
CA LYS B 26 11.72 5.44 -8.37
C LYS B 26 10.64 5.44 -7.29
N THR B 27 9.38 5.53 -7.71
CA THR B 27 8.27 5.59 -6.78
C THR B 27 7.24 4.51 -7.07
N PRO B 28 6.53 4.06 -6.04
CA PRO B 28 5.39 3.14 -6.19
C PRO B 28 4.19 3.81 -6.86
N VAL B 29 3.39 3.01 -7.55
CA VAL B 29 2.21 3.52 -8.25
C VAL B 29 0.96 2.74 -7.87
N ILE B 30 -0.20 3.36 -8.08
CA ILE B 30 -1.47 2.71 -7.76
C ILE B 30 -2.18 2.27 -9.04
N LYS B 31 -2.67 1.03 -9.04
CA LYS B 31 -3.14 0.40 -10.26
C LYS B 31 -4.63 0.04 -10.16
N HIS B 32 -5.37 0.29 -11.23
CA HIS B 32 -6.81 0.03 -11.24
C HIS B 32 -7.20 -0.85 -12.41
N CYS B 33 -8.16 -1.72 -12.20
CA CYS B 33 -8.75 -2.51 -13.29
C CYS B 33 -10.19 -2.88 -12.97
N THR B 34 -10.92 -3.31 -14.00
CA THR B 34 -12.28 -3.83 -13.81
C THR B 34 -12.36 -5.30 -14.20
N GLY B 35 -11.24 -5.86 -14.67
CA GLY B 35 -11.20 -7.25 -15.05
C GLY B 35 -10.69 -8.14 -13.93
N ASP B 36 -10.21 -9.32 -14.30
CA ASP B 36 -9.74 -10.30 -13.32
C ASP B 36 -8.40 -9.88 -12.73
N LEU B 37 -8.35 -9.78 -11.40
CA LEU B 37 -7.13 -9.35 -10.72
C LEU B 37 -5.97 -10.29 -11.02
N GLU B 38 -6.26 -11.59 -11.04
CA GLU B 38 -5.21 -12.60 -11.08
C GLU B 38 -4.34 -12.43 -12.32
N GLU B 39 -4.97 -12.21 -13.46
CA GLU B 39 -4.26 -11.96 -14.71
C GLU B 39 -3.44 -10.67 -14.62
N PHE B 40 -4.06 -9.63 -14.05
CA PHE B 40 -3.40 -8.34 -13.91
C PHE B 40 -2.18 -8.44 -13.00
N LEU B 41 -2.36 -9.07 -11.84
CA LEU B 41 -1.29 -9.20 -10.87
C LEU B 41 -0.15 -10.04 -11.42
N ARG B 42 -0.50 -11.15 -12.07
CA ARG B 42 0.50 -12.04 -12.66
C ARG B 42 1.35 -11.31 -13.69
N GLN B 43 0.69 -10.48 -14.50
CA GLN B 43 1.39 -9.71 -15.53
C GLN B 43 2.38 -8.73 -14.89
N LEU B 44 1.93 -8.05 -13.84
CA LEU B 44 2.79 -7.15 -13.09
C LEU B 44 3.97 -7.89 -12.46
N ILE B 45 3.68 -9.06 -11.90
CA ILE B 45 4.72 -9.88 -11.29
C ILE B 45 5.69 -10.40 -12.35
N GLU B 46 5.15 -10.84 -13.48
CA GLU B 46 5.98 -11.43 -14.53
C GLU B 46 6.98 -10.42 -15.08
N GLN B 47 6.52 -9.18 -15.26
CA GLN B 47 7.38 -8.11 -15.77
C GLN B 47 8.30 -7.59 -14.67
N ASP B 48 7.81 -7.61 -13.43
CA ASP B 48 8.61 -7.19 -12.29
C ASP B 48 8.46 -8.15 -11.13
N PRO B 49 9.31 -9.19 -11.10
CA PRO B 49 9.22 -10.27 -10.11
C PRO B 49 9.63 -9.80 -8.71
N LEU B 50 10.15 -8.57 -8.64
CA LEU B 50 10.55 -7.99 -7.36
C LEU B 50 9.43 -7.14 -6.78
N VAL B 51 8.35 -6.98 -7.55
CA VAL B 51 7.31 -6.01 -7.23
C VAL B 51 6.37 -6.55 -6.16
N THR B 52 5.96 -5.67 -5.24
CA THR B 52 4.95 -6.02 -4.25
C THR B 52 3.62 -5.35 -4.56
N ILE B 53 2.55 -6.14 -4.55
CA ILE B 53 1.20 -5.61 -4.76
C ILE B 53 0.33 -5.82 -3.53
N ASP B 54 -0.26 -4.73 -3.04
CA ASP B 54 -1.24 -4.81 -1.97
C ASP B 54 -2.64 -4.47 -2.47
N ILE B 55 -3.61 -5.31 -2.14
CA ILE B 55 -4.99 -5.11 -2.58
C ILE B 55 -5.83 -4.47 -1.49
N ILE B 56 -6.49 -3.37 -1.83
CA ILE B 56 -7.23 -2.59 -0.85
C ILE B 56 -8.73 -2.70 -1.07
N THR B 57 -9.46 -3.03 -0.02
CA THR B 57 -10.91 -3.12 -0.09
C THR B 57 -11.57 -2.32 1.03
N HIS B 58 -12.52 -1.46 0.66
CA HIS B 58 -13.30 -0.71 1.64
C HIS B 58 -14.38 -1.58 2.26
N ARG B 59 -14.50 -1.52 3.59
CA ARG B 59 -15.47 -2.33 4.31
C ARG B 59 -16.30 -1.47 5.26
N TYR B 60 -17.24 -2.10 5.96
CA TYR B 60 -17.95 -1.45 7.04
C TYR B 60 -17.43 -1.92 8.39
N TYR B 61 -16.31 -2.65 8.37
CA TYR B 61 -15.78 -3.27 9.58
C TYR B 61 -14.30 -3.60 9.41
N GLY B 62 -13.65 -3.97 10.51
CA GLY B 62 -12.26 -4.38 10.45
C GLY B 62 -11.31 -3.23 10.72
N VAL B 63 -10.10 -3.33 10.19
CA VAL B 63 -9.03 -2.40 10.55
C VAL B 63 -9.33 -0.99 10.05
N GLY B 64 -10.01 -0.21 10.89
CA GLY B 64 -10.37 1.14 10.52
C GLY B 64 -11.51 1.18 9.52
N GLY B 65 -12.18 0.04 9.34
CA GLY B 65 -13.23 -0.05 8.35
C GLY B 65 -12.70 -0.38 6.96
N GLN B 66 -11.40 -0.61 6.88
CA GLN B 66 -10.76 -0.92 5.60
C GLN B 66 -9.73 -2.02 5.75
N TRP B 67 -9.48 -2.76 4.68
CA TRP B 67 -8.66 -3.96 4.74
C TRP B 67 -7.68 -4.01 3.58
N VAL B 68 -6.58 -4.73 3.77
CA VAL B 68 -5.61 -4.94 2.70
C VAL B 68 -5.21 -6.41 2.60
N GLN B 69 -5.02 -6.89 1.37
CA GLN B 69 -4.60 -8.26 1.14
C GLN B 69 -3.35 -8.32 0.27
N ASP B 70 -2.38 -9.11 0.69
CA ASP B 70 -1.19 -9.35 -0.11
C ASP B 70 -1.53 -10.13 -1.38
N ALA B 71 -1.01 -9.66 -2.51
CA ALA B 71 -1.33 -10.26 -3.81
C ALA B 71 -0.94 -11.73 -3.84
N GLY B 72 0.12 -12.08 -3.13
CA GLY B 72 0.54 -13.46 -3.03
C GLY B 72 -0.48 -14.32 -2.31
N GLU B 73 -1.04 -13.80 -1.21
CA GLU B 73 -2.09 -14.47 -0.49
C GLU B 73 -3.36 -14.58 -1.34
N TYR B 74 -3.65 -13.51 -2.07
CA TYR B 74 -4.84 -13.47 -2.92
C TYR B 74 -4.73 -14.45 -4.07
N LEU B 75 -3.60 -14.39 -4.78
CA LEU B 75 -3.48 -15.04 -6.07
C LEU B 75 -3.61 -16.56 -5.93
N HIS B 76 -3.08 -17.10 -4.83
CA HIS B 76 -2.98 -18.54 -4.67
C HIS B 76 -4.21 -19.10 -3.95
N MET B 77 -5.31 -18.37 -4.04
CA MET B 77 -6.57 -18.84 -3.47
C MET B 77 -7.35 -19.67 -4.48
N MET B 78 -6.87 -19.72 -5.72
CA MET B 78 -7.61 -20.32 -6.82
C MET B 78 -7.95 -21.77 -6.53
N SER B 79 -9.22 -22.12 -6.62
CA SER B 79 -9.66 -23.49 -6.40
C SER B 79 -9.13 -24.02 -5.07
N ASP B 80 -9.11 -23.16 -4.05
CA ASP B 80 -8.74 -23.57 -2.71
C ASP B 80 -9.87 -23.28 -1.73
#